data_5UR2
#
_entry.id   5UR2
#
_cell.length_a   144.330
_cell.length_b   158.649
_cell.length_c   221.152
_cell.angle_alpha   90.00
_cell.angle_beta   90.00
_cell.angle_gamma   90.00
#
_symmetry.space_group_name_H-M   'P 21 2 21'
#
loop_
_entity.id
_entity.type
_entity.pdbx_description
1 polymer 'Bifunctional protein PutA'
2 non-polymer 'N-propargylglycine-modified flavin adenine dinucleotide'
3 water water
#
_entity_poly.entity_id   1
_entity_poly.type   'polypeptide(L)'
_entity_poly.pdbx_seq_one_letter_code
;GHMNDIQSQIVSRGEEILKRMESQSKASIFSKDFWYGSIMEWSMKNEKFKTNMFRFVDVLPSINSGDEVARHLKEYFSED
GGTLPPVFNVGLGLGSLAPGLMAGAIKKNVMGMAKMFITGESPDEALPVLKKARKNKMTFTVDILGEATLSEKEAQDYSN
KYMELVTWLAKDAEKWDEVPQIDRDHEGALPKVNVSVKMTALYSQIKDAAWDESKKILKDRLRPVFRLGMEKGVFVNLDM
EQYSVKHLTLEVFTELINEPEFKNYKFFGIVIQAYLRDSFEDVKSLTEFAQKRGTPFWVRLVKGAYWDYETIEAEQRGWP
VPVYTNKAESDANYELCAKYLLENIKFIRPAFASHNVRTLAACMLYAEKLNIPKEALEFQMLYGMAEPIKKTIVDMGYRM
REYAPVGELIPGMAYLVRRLLENTSNESWLRGKFADNKSMAELLKDPAQGLTPTSPVIPKKPGKFYNEPLLDFAVKADRE
KMLKALAEAKASLPVNVNIVINNKELQSGKIFDRVNPSQSDQIVGKIQMATTEQAEQAMQAAQTAYKTWKNVPCEQRAAL
VDKLADIMTRDRFKLIATQVLEVGKPWAEADGDIGEAIDFCRYYARHMRELQKPLRVGGLPGELSHYIYKSRGVTAVIAP
WNFPLAILAGMVTAAAVAGNTVVMKPAEQSTVVAWGLMKMIQEAGFPQGVINFLPGYGEEVGEYIVNHKYTTTIAFTGSK
AVGLHIMNRAAVVQPGQQHVKRCIIEMGGKNAVIIDNDADLDEAVDGVIYSAFGFSGQKCSAASRVIVLDEVYDRFVDRL
VETAKSIEIHPAENPKAYMGPVVDKEAYDRILGTIAEAEKNHKLLFKGSVPGGGFFAPPTIFGDVPGDAKLAQAEIFGPV
VAVIRAKNLDQALDIANSTEYALTGGVFSRSPANINRVKEELEVGNLYVNRGITGAMVDRHPFGGFKMSGIGSKTGGPDY
LKQYMEPACVTENTLRRGFAPAEE
;
_entity_poly.pdbx_strand_id   A,B,C,D
#
# COMPACT_ATOMS: atom_id res chain seq x y z
N ASP A 5 19.09 28.51 56.04
CA ASP A 5 18.10 28.76 57.08
C ASP A 5 16.69 28.43 56.58
N ILE A 6 16.00 29.41 55.98
CA ILE A 6 14.67 29.09 55.48
C ILE A 6 14.76 28.07 54.36
N GLN A 7 15.82 28.12 53.54
CA GLN A 7 15.99 27.15 52.47
C GLN A 7 16.05 25.71 53.00
N SER A 8 16.74 25.49 54.12
CA SER A 8 16.78 24.13 54.65
C SER A 8 15.40 23.68 55.14
N GLN A 9 14.58 24.61 55.65
CA GLN A 9 13.24 24.25 56.09
C GLN A 9 12.32 23.93 54.91
N ILE A 10 12.49 24.59 53.78
CA ILE A 10 11.69 24.25 52.59
C ILE A 10 11.98 22.82 52.18
N VAL A 11 13.27 22.46 52.09
CA VAL A 11 13.65 21.09 51.76
C VAL A 11 13.02 20.10 52.74
N SER A 12 13.05 20.44 54.04
CA SER A 12 12.47 19.55 55.04
C SER A 12 10.98 19.32 54.80
N ARG A 13 10.23 20.39 54.51
CA ARG A 13 8.80 20.23 54.25
C ARG A 13 8.56 19.38 53.01
N GLY A 14 9.38 19.57 51.98
CA GLY A 14 9.25 18.74 50.79
C GLY A 14 9.47 17.28 51.12
N GLU A 15 10.39 17.00 52.04
CA GLU A 15 10.65 15.63 52.44
C GLU A 15 9.45 15.04 53.18
N GLU A 16 8.80 15.86 54.02
CA GLU A 16 7.57 15.40 54.69
C GLU A 16 6.47 15.08 53.68
N ILE A 17 6.32 15.92 52.65
CA ILE A 17 5.27 15.68 51.65
C ILE A 17 5.53 14.41 50.87
N LEU A 18 6.78 14.20 50.43
CA LEU A 18 7.08 12.98 49.67
C LEU A 18 6.89 11.72 50.50
N LYS A 19 7.21 11.77 51.80
CA LYS A 19 6.98 10.60 52.64
C LYS A 19 5.49 10.25 52.70
N ARG A 20 4.65 11.27 52.90
CA ARG A 20 3.21 11.05 52.90
C ARG A 20 2.72 10.49 51.58
N MET A 21 3.28 10.95 50.47
CA MET A 21 2.84 10.47 49.17
C MET A 21 3.10 8.98 49.02
N GLU A 22 4.13 8.46 49.72
CA GLU A 22 4.43 7.03 49.69
C GLU A 22 3.33 6.21 50.32
N SER A 23 2.50 6.81 51.17
CA SER A 23 1.41 6.13 51.84
C SER A 23 0.09 6.17 51.09
N GLN A 24 0.00 6.88 49.97
CA GLN A 24 -1.21 6.92 49.18
C GLN A 24 -1.39 5.66 48.33
N SER A 25 -2.65 5.44 47.93
CA SER A 25 -3.04 4.36 47.04
C SER A 25 -3.45 4.90 45.68
N ALA A 27 -2.29 4.90 42.08
CA ALA A 27 -1.12 4.86 41.21
C ALA A 27 -0.89 6.21 40.51
N SER A 28 0.19 6.29 39.75
CA SER A 28 0.61 7.52 39.11
C SER A 28 0.24 7.50 37.62
N ILE A 29 -0.05 8.70 37.08
CA ILE A 29 -0.46 8.85 35.69
C ILE A 29 0.61 8.36 34.72
N PHE A 30 1.84 8.21 35.18
CA PHE A 30 2.91 7.72 34.34
C PHE A 30 2.93 6.19 34.27
N SER A 31 2.07 5.53 35.05
CA SER A 31 1.99 4.07 35.06
C SER A 31 1.83 3.53 33.64
N LYS A 32 2.76 2.63 33.25
CA LYS A 32 2.78 2.02 31.93
C LYS A 32 1.80 0.85 31.82
N ASP A 33 0.97 0.62 32.84
CA ASP A 33 -0.08 -0.40 32.82
C ASP A 33 -1.41 0.11 32.26
N PHE A 34 -1.46 1.36 31.81
CA PHE A 34 -2.62 1.98 31.18
C PHE A 34 -2.19 2.53 29.82
N TRP A 35 -3.17 2.87 28.99
CA TRP A 35 -2.83 3.41 27.67
C TRP A 35 -2.07 4.73 27.78
N TYR A 36 -2.46 5.60 28.71
CA TYR A 36 -1.82 6.92 28.82
C TYR A 36 -0.34 6.79 29.15
N GLY A 37 0.01 5.93 30.11
CA GLY A 37 1.41 5.78 30.47
C GLY A 37 2.25 5.15 29.38
N SER A 38 1.70 4.16 28.68
CA SER A 38 2.45 3.52 27.60
C SER A 38 2.67 4.46 26.44
N ILE A 39 1.64 5.24 26.08
CA ILE A 39 1.80 6.28 25.07
C ILE A 39 2.97 7.19 25.44
N MET A 40 3.01 7.65 26.68
CA MET A 40 4.02 8.62 27.08
C MET A 40 5.43 8.00 27.03
N GLU A 41 5.56 6.78 27.56
CA GLU A 41 6.87 6.12 27.56
C GLU A 41 7.40 5.96 26.15
N TRP A 42 6.56 5.47 25.23
CA TRP A 42 7.01 5.31 23.86
C TRP A 42 7.36 6.67 23.26
N SER A 43 6.59 7.71 23.59
CA SER A 43 6.88 9.04 23.07
C SER A 43 8.20 9.57 23.63
N MET A 44 8.46 9.35 24.92
CA MET A 44 9.69 9.84 25.52
C MET A 44 10.91 9.09 25.00
N LYS A 45 10.73 7.91 24.42
CA LYS A 45 11.86 7.15 23.93
C LYS A 45 12.28 7.57 22.53
N ASN A 46 11.37 8.14 21.74
CA ASN A 46 11.61 8.37 20.32
C ASN A 46 10.94 9.67 19.89
N GLU A 47 11.76 10.64 19.41
CA GLU A 47 11.21 11.94 19.04
C GLU A 47 10.29 11.88 17.81
N LYS A 48 10.58 11.00 16.85
CA LYS A 48 9.67 10.85 15.72
C LYS A 48 8.35 10.25 16.18
N PHE A 49 8.40 9.28 17.08
CA PHE A 49 7.17 8.69 17.59
C PHE A 49 6.35 9.72 18.35
N LYS A 50 7.02 10.56 19.14
CA LYS A 50 6.31 11.61 19.90
C LYS A 50 5.55 12.53 18.94
N THR A 51 6.23 12.99 17.89
CA THR A 51 5.60 13.86 16.92
C THR A 51 4.42 13.18 16.23
N ASN A 52 4.63 11.95 15.75
CA ASN A 52 3.56 11.27 15.02
C ASN A 52 2.39 10.92 15.91
N MET A 53 2.67 10.49 17.14
CA MET A 53 1.61 10.11 18.08
C MET A 53 0.78 11.32 18.49
N PHE A 54 1.44 12.43 18.82
CA PHE A 54 0.67 13.59 19.28
C PHE A 54 -0.10 14.25 18.13
N ARG A 55 0.44 14.22 16.89
CA ARG A 55 -0.31 14.72 15.74
C ARG A 55 -1.51 13.83 15.43
N PHE A 56 -1.34 12.50 15.50
CA PHE A 56 -2.46 11.59 15.26
C PHE A 56 -3.59 11.83 16.26
N VAL A 57 -3.26 11.95 17.55
CA VAL A 57 -4.27 12.25 18.57
C VAL A 57 -4.95 13.58 18.26
N ASP A 58 -4.16 14.57 17.83
CA ASP A 58 -4.69 15.91 17.53
C ASP A 58 -5.80 15.85 16.48
N VAL A 59 -5.59 15.09 15.39
CA VAL A 59 -6.53 15.06 14.27
C VAL A 59 -7.69 14.09 14.51
N LEU A 60 -7.51 13.12 15.40
CA LEU A 60 -8.46 12.01 15.54
C LEU A 60 -9.93 12.44 15.65
N PRO A 61 -10.32 13.41 16.49
CA PRO A 61 -11.75 13.75 16.59
C PRO A 61 -12.30 14.47 15.36
N SER A 62 -11.45 14.87 14.42
CA SER A 62 -11.90 15.47 13.18
C SER A 62 -12.11 14.44 12.06
N ILE A 63 -11.86 13.16 12.32
CA ILE A 63 -12.00 12.08 11.34
C ILE A 63 -13.33 11.36 11.57
N ASN A 64 -14.11 11.19 10.51
CA ASN A 64 -15.49 10.74 10.65
C ASN A 64 -15.78 9.42 9.93
N SER A 65 -14.81 8.52 9.85
CA SER A 65 -15.07 7.21 9.28
C SER A 65 -13.94 6.27 9.70
N GLY A 66 -14.29 5.01 9.88
CA GLY A 66 -13.30 4.04 10.30
C GLY A 66 -12.20 3.85 9.29
N ASP A 67 -12.54 3.86 7.99
CA ASP A 67 -11.52 3.74 6.97
C ASP A 67 -10.54 4.91 7.04
N GLU A 68 -11.05 6.11 7.31
CA GLU A 68 -10.17 7.27 7.36
C GLU A 68 -9.29 7.26 8.60
N VAL A 69 -9.77 6.69 9.71
CA VAL A 69 -8.92 6.53 10.88
C VAL A 69 -7.79 5.55 10.58
N ALA A 70 -8.13 4.43 9.94
CA ALA A 70 -7.11 3.46 9.58
C ALA A 70 -6.10 4.04 8.61
N ARG A 71 -6.57 4.86 7.65
CA ARG A 71 -5.66 5.51 6.71
C ARG A 71 -4.71 6.46 7.45
N HIS A 72 -5.25 7.32 8.34
CA HIS A 72 -4.39 8.22 9.09
C HIS A 72 -3.40 7.45 9.96
N LEU A 73 -3.85 6.33 10.54
CA LEU A 73 -2.97 5.46 11.33
C LEU A 73 -1.79 4.96 10.51
N LYS A 74 -2.06 4.40 9.33
CA LYS A 74 -1.00 3.90 8.46
C LYS A 74 -0.05 5.02 8.07
N GLU A 75 -0.59 6.20 7.73
CA GLU A 75 0.28 7.28 7.29
C GLU A 75 1.14 7.81 8.43
N TYR A 76 0.59 7.88 9.63
CA TYR A 76 1.39 8.40 10.74
C TYR A 76 2.38 7.40 11.28
N PHE A 77 2.07 6.10 11.20
CA PHE A 77 2.96 5.03 11.69
C PHE A 77 3.17 3.96 10.60
N GLY A 100 -11.86 -0.03 9.85
CA GLY A 100 -13.15 0.35 10.41
C GLY A 100 -13.42 -0.07 11.84
N LEU A 101 -12.89 -1.24 12.24
CA LEU A 101 -12.94 -1.62 13.64
C LEU A 101 -11.68 -1.21 14.41
N MET A 102 -10.56 -0.95 13.71
CA MET A 102 -9.45 -0.23 14.35
C MET A 102 -9.83 1.18 14.73
N ALA A 103 -10.91 1.72 14.16
CA ALA A 103 -11.36 3.04 14.57
C ALA A 103 -12.07 2.96 15.90
N GLY A 104 -12.99 2.00 16.02
CA GLY A 104 -13.58 1.78 17.32
C GLY A 104 -12.53 1.54 18.37
N ALA A 105 -11.55 0.68 18.07
CA ALA A 105 -10.54 0.35 19.07
C ALA A 105 -9.69 1.56 19.42
N ILE A 106 -8.99 2.11 18.42
CA ILE A 106 -8.06 3.20 18.69
C ILE A 106 -8.80 4.41 19.25
N LYS A 107 -9.89 4.83 18.61
CA LYS A 107 -10.56 6.05 19.07
C LYS A 107 -11.14 5.87 20.47
N LYS A 108 -11.66 4.68 20.80
CA LYS A 108 -12.16 4.48 22.15
C LYS A 108 -11.03 4.65 23.16
N ASN A 109 -9.88 4.03 22.90
CA ASN A 109 -8.77 4.16 23.83
C ASN A 109 -8.31 5.61 23.94
N VAL A 110 -8.16 6.29 22.80
CA VAL A 110 -7.63 7.64 22.86
C VAL A 110 -8.65 8.61 23.45
N MET A 111 -9.90 8.55 23.00
CA MET A 111 -10.94 9.35 23.65
C MET A 111 -11.09 8.95 25.10
N GLY A 112 -10.80 7.70 25.45
CA GLY A 112 -10.83 7.29 26.84
C GLY A 112 -9.81 8.01 27.68
N MET A 113 -8.63 8.29 27.12
CA MET A 113 -7.62 9.06 27.83
C MET A 113 -8.12 10.46 28.13
N ALA A 114 -8.93 11.02 27.23
CA ALA A 114 -9.43 12.37 27.44
C ALA A 114 -10.33 12.43 28.67
N LYS A 115 -11.07 11.36 28.96
CA LYS A 115 -11.96 11.38 30.11
C LYS A 115 -11.19 11.52 31.42
N MET A 116 -9.89 11.19 31.44
CA MET A 116 -9.06 11.40 32.63
C MET A 116 -8.95 12.88 32.99
N PHE A 117 -8.98 13.77 32.00
CA PHE A 117 -8.67 15.17 32.25
C PHE A 117 -9.85 16.11 32.01
N ILE A 118 -10.97 15.62 31.51
CA ILE A 118 -12.14 16.44 31.28
C ILE A 118 -13.26 15.90 32.15
N THR A 119 -13.83 16.78 32.98
CA THR A 119 -14.80 16.33 33.98
C THR A 119 -16.10 15.88 33.33
N GLY A 120 -16.43 16.42 32.17
CA GLY A 120 -17.65 16.05 31.47
C GLY A 120 -17.73 16.76 30.14
N GLU A 121 -18.54 16.20 29.24
CA GLU A 121 -18.73 16.81 27.93
C GLU A 121 -19.62 18.03 27.98
N SER A 122 -20.43 18.15 29.03
CA SER A 122 -21.35 19.26 29.21
C SER A 122 -21.44 19.54 30.70
N PRO A 123 -21.98 20.70 31.09
CA PRO A 123 -22.20 20.94 32.53
C PRO A 123 -23.04 19.85 33.19
N ASP A 124 -24.01 19.30 32.49
CA ASP A 124 -24.86 18.24 33.05
C ASP A 124 -24.05 17.01 33.43
N GLU A 125 -23.16 16.56 32.54
CA GLU A 125 -22.36 15.38 32.85
C GLU A 125 -21.33 15.67 33.95
N ALA A 126 -20.81 16.89 34.00
CA ALA A 126 -19.74 17.22 34.94
C ALA A 126 -20.24 17.39 36.37
N LEU A 127 -21.49 17.81 36.55
CA LEU A 127 -22.00 18.16 37.88
C LEU A 127 -21.79 17.06 38.93
N PRO A 128 -22.20 15.81 38.71
CA PRO A 128 -21.94 14.78 39.73
C PRO A 128 -20.45 14.54 39.98
N VAL A 129 -19.59 14.74 38.97
CA VAL A 129 -18.15 14.65 39.20
C VAL A 129 -17.69 15.74 40.15
N LEU A 130 -18.16 16.99 39.93
CA LEU A 130 -17.81 18.08 40.82
C LEU A 130 -18.29 17.81 42.24
N LYS A 131 -19.49 17.25 42.37
CA LYS A 131 -20.01 16.99 43.71
C LYS A 131 -19.26 15.85 44.38
N LYS A 132 -18.86 14.83 43.62
CA LYS A 132 -18.07 13.76 44.21
C LYS A 132 -16.76 14.29 44.77
N ALA A 133 -16.09 15.19 44.04
CA ALA A 133 -14.86 15.79 44.56
C ALA A 133 -15.12 16.58 45.83
N ARG A 134 -16.24 17.30 45.91
CA ARG A 134 -16.57 18.02 47.14
C ARG A 134 -16.67 17.06 48.30
N LYS A 135 -17.28 15.89 48.06
CA LYS A 135 -17.34 14.86 49.10
C LYS A 135 -15.95 14.41 49.51
N ASN A 136 -14.95 14.58 48.65
CA ASN A 136 -13.58 14.24 48.99
C ASN A 136 -12.75 15.46 49.39
N LYS A 137 -13.39 16.56 49.81
CA LYS A 137 -12.66 17.73 50.30
C LYS A 137 -11.80 18.39 49.21
N MET A 138 -12.33 18.45 48.00
CA MET A 138 -11.73 19.24 46.93
C MET A 138 -12.83 20.07 46.27
N THR A 139 -12.54 21.33 45.98
CA THR A 139 -13.47 22.15 45.24
C THR A 139 -12.97 22.26 43.79
N PHE A 140 -13.47 23.22 43.03
CA PHE A 140 -13.26 23.22 41.59
C PHE A 140 -13.25 24.65 41.07
N THR A 141 -12.75 24.81 39.84
CA THR A 141 -13.04 25.97 39.01
C THR A 141 -13.38 25.43 37.63
N VAL A 142 -14.56 25.79 37.10
CA VAL A 142 -15.02 25.22 35.84
C VAL A 142 -14.55 26.07 34.67
N ASP A 143 -14.04 25.42 33.62
CA ASP A 143 -13.66 26.12 32.41
C ASP A 143 -14.29 25.42 31.22
N ILE A 144 -15.00 26.18 30.39
CA ILE A 144 -15.69 25.63 29.22
C ILE A 144 -14.68 25.65 28.06
N LEU A 145 -14.24 24.46 27.63
CA LEU A 145 -13.33 24.35 26.51
C LEU A 145 -14.03 24.76 25.22
N GLY A 146 -13.27 25.37 24.31
CA GLY A 146 -13.85 25.75 23.04
C GLY A 146 -12.77 25.89 22.00
N GLU A 147 -13.18 25.95 20.74
CA GLU A 147 -12.23 26.25 19.67
C GLU A 147 -11.91 27.74 19.69
N ALA A 148 -11.00 28.17 18.83
CA ALA A 148 -10.66 29.58 18.78
C ALA A 148 -11.89 30.39 18.37
N THR A 149 -12.09 31.51 19.03
CA THR A 149 -13.15 32.46 18.68
C THR A 149 -12.64 33.28 17.49
N LEU A 150 -13.11 32.94 16.30
CA LEU A 150 -12.73 33.66 15.08
C LEU A 150 -13.80 34.62 14.57
N SER A 151 -15.05 34.47 14.97
CA SER A 151 -16.14 35.30 14.47
C SER A 151 -16.91 35.88 15.65
N GLU A 152 -17.72 36.91 15.36
CA GLU A 152 -18.54 37.50 16.41
C GLU A 152 -19.67 36.58 16.83
N LYS A 153 -20.18 35.74 15.92
CA LYS A 153 -21.15 34.74 16.32
C LYS A 153 -20.57 33.82 17.40
N GLU A 154 -19.32 33.38 17.19
CA GLU A 154 -18.70 32.50 18.18
C GLU A 154 -18.45 33.21 19.50
N ALA A 155 -18.07 34.49 19.45
CA ALA A 155 -17.87 35.23 20.69
C ALA A 155 -19.18 35.33 21.48
N GLN A 156 -20.27 35.63 20.80
CA GLN A 156 -21.55 35.75 21.49
C GLN A 156 -21.97 34.40 22.06
N ASP A 157 -21.76 33.30 21.32
CA ASP A 157 -22.12 31.99 21.85
C ASP A 157 -21.31 31.66 23.09
N TYR A 158 -20.01 31.99 23.10
CA TYR A 158 -19.19 31.74 24.27
C TYR A 158 -19.68 32.55 25.46
N SER A 159 -20.02 33.81 25.23
CA SER A 159 -20.58 34.63 26.31
C SER A 159 -21.89 34.04 26.83
N ASN A 160 -22.75 33.59 25.93
CA ASN A 160 -24.01 32.99 26.39
C ASN A 160 -23.75 31.71 27.19
N LYS A 161 -22.80 30.89 26.76
CA LYS A 161 -22.48 29.68 27.53
C LYS A 161 -22.10 30.03 28.96
N TYR A 162 -21.30 31.08 29.13
CA TYR A 162 -20.85 31.44 30.47
C TYR A 162 -21.98 31.99 31.32
N MET A 163 -22.84 32.82 30.72
CA MET A 163 -23.98 33.34 31.47
C MET A 163 -24.85 32.20 31.97
N GLU A 164 -25.11 31.20 31.12
CA GLU A 164 -25.95 30.08 31.52
C GLU A 164 -25.25 29.22 32.57
N LEU A 165 -23.95 28.97 32.40
CA LEU A 165 -23.22 28.14 33.34
C LEU A 165 -23.26 28.74 34.74
N VAL A 166 -22.98 30.04 34.84
CA VAL A 166 -22.94 30.71 36.14
C VAL A 166 -24.31 30.63 36.80
N THR A 167 -25.37 30.92 36.03
CA THR A 167 -26.72 30.87 36.60
C THR A 167 -27.08 29.46 37.08
N TRP A 168 -26.84 28.46 36.22
CA TRP A 168 -27.30 27.12 36.52
C TRP A 168 -26.50 26.48 37.65
N LEU A 169 -25.17 26.68 37.67
CA LEU A 169 -24.35 26.12 38.75
C LEU A 169 -24.63 26.81 40.08
N ALA A 170 -24.78 28.13 40.07
CA ALA A 170 -25.16 28.84 41.29
C ALA A 170 -26.49 28.32 41.81
N LYS A 171 -27.44 28.05 40.91
CA LYS A 171 -28.74 27.55 41.35
C LYS A 171 -28.63 26.21 42.05
N ASP A 172 -27.90 25.27 41.45
CA ASP A 172 -27.78 23.97 42.07
C ASP A 172 -27.05 24.05 43.42
N ALA A 173 -26.05 24.93 43.52
CA ALA A 173 -25.25 25.05 44.72
C ALA A 173 -26.02 25.62 45.90
N GLU A 174 -27.23 26.15 45.69
CA GLU A 174 -28.07 26.59 46.80
C GLU A 174 -28.37 25.43 47.74
N LYS A 175 -28.38 24.20 47.23
CA LYS A 175 -28.68 23.05 48.06
C LYS A 175 -27.43 22.39 48.65
N TRP A 176 -26.23 22.91 48.38
CA TRP A 176 -25.02 22.25 48.84
C TRP A 176 -24.76 22.50 50.32
N ASP A 177 -24.41 21.44 51.04
CA ASP A 177 -23.96 21.60 52.41
C ASP A 177 -22.58 22.24 52.41
N GLU A 178 -22.27 22.95 53.47
CA GLU A 178 -20.98 23.61 53.53
C GLU A 178 -19.91 22.61 53.92
N VAL A 179 -18.79 22.63 53.20
CA VAL A 179 -17.62 21.82 53.49
C VAL A 179 -16.50 22.77 53.88
N PRO A 180 -16.28 23.02 55.17
CA PRO A 180 -15.43 24.15 55.58
C PRO A 180 -14.01 24.12 55.01
N GLN A 181 -13.38 22.94 54.89
CA GLN A 181 -12.03 22.88 54.37
C GLN A 181 -11.94 23.51 52.96
N ILE A 182 -13.01 23.45 52.20
CA ILE A 182 -13.01 24.01 50.85
C ILE A 182 -13.91 25.23 50.71
N ASP A 183 -14.89 25.43 51.61
CA ASP A 183 -15.89 26.47 51.45
C ASP A 183 -15.68 27.68 52.36
N ARG A 184 -14.61 27.70 53.14
CA ARG A 184 -14.33 28.79 54.07
C ARG A 184 -12.83 29.03 54.11
N ASP A 185 -12.45 30.28 54.32
CA ASP A 185 -11.05 30.58 54.63
C ASP A 185 -10.94 31.18 56.02
N HIS A 186 -9.86 31.92 56.30
CA HIS A 186 -9.69 32.50 57.63
C HIS A 186 -10.56 33.73 57.86
N GLU A 187 -11.20 34.27 56.82
CA GLU A 187 -12.00 35.48 56.93
C GLU A 187 -13.51 35.21 56.94
N GLY A 188 -13.96 34.11 56.35
CA GLY A 188 -15.37 33.78 56.35
C GLY A 188 -15.68 32.78 55.24
N ALA A 189 -16.92 32.81 54.80
CA ALA A 189 -17.35 31.93 53.73
C ALA A 189 -16.70 32.32 52.41
N LEU A 190 -16.48 31.32 51.55
CA LEU A 190 -16.00 31.47 50.18
C LEU A 190 -17.10 31.07 49.22
N PRO A 191 -17.10 31.58 47.99
CA PRO A 191 -18.05 31.08 46.99
C PRO A 191 -17.87 29.57 46.81
N LYS A 192 -18.99 28.86 46.73
CA LYS A 192 -18.92 27.42 46.46
C LYS A 192 -18.76 27.11 44.99
N VAL A 193 -18.97 28.10 44.13
CA VAL A 193 -18.93 27.96 42.69
C VAL A 193 -17.90 28.93 42.15
N ASN A 194 -17.02 28.45 41.27
CA ASN A 194 -15.85 29.19 40.81
C ASN A 194 -15.72 28.89 39.32
N VAL A 195 -15.71 29.92 38.46
CA VAL A 195 -15.59 29.70 37.02
C VAL A 195 -14.41 30.50 36.48
N SER A 196 -13.74 29.93 35.49
CA SER A 196 -12.61 30.57 34.83
C SER A 196 -12.99 30.93 33.40
N VAL A 197 -12.59 32.13 32.98
CA VAL A 197 -12.97 32.70 31.68
C VAL A 197 -11.77 33.09 30.83
N LYS A 198 -11.82 32.73 29.55
CA LYS A 198 -10.74 32.99 28.60
C LYS A 198 -11.11 34.27 27.89
N MET A 199 -10.33 35.32 28.10
CA MET A 199 -10.66 36.64 27.58
C MET A 199 -10.82 36.69 26.05
N THR A 200 -9.86 36.13 25.29
CA THR A 200 -9.98 36.26 23.84
C THR A 200 -11.16 35.47 23.27
N ALA A 201 -11.77 34.58 24.05
CA ALA A 201 -12.94 33.91 23.52
C ALA A 201 -14.14 34.83 23.43
N LEU A 202 -14.09 36.02 24.06
CA LEU A 202 -15.23 36.91 24.16
C LEU A 202 -15.27 37.96 23.05
N TYR A 203 -14.24 38.07 22.22
CA TYR A 203 -14.20 39.05 21.14
C TYR A 203 -13.19 38.58 20.10
N SER A 204 -13.60 38.61 18.84
CA SER A 204 -12.80 38.02 17.78
C SER A 204 -11.91 39.02 17.03
N GLN A 205 -12.08 40.33 17.27
CA GLN A 205 -11.34 41.33 16.51
C GLN A 205 -10.44 42.20 17.38
N ILE A 206 -9.74 41.58 18.34
CA ILE A 206 -8.75 42.33 19.10
C ILE A 206 -7.71 42.89 18.15
N LYS A 207 -7.37 44.16 18.32
CA LYS A 207 -6.38 44.80 17.44
C LYS A 207 -5.53 45.74 18.31
N ASP A 208 -4.27 45.37 18.50
CA ASP A 208 -3.45 46.11 19.47
C ASP A 208 -3.20 47.54 19.03
N ALA A 209 -3.08 47.78 17.73
CA ALA A 209 -2.89 49.15 17.25
C ALA A 209 -4.06 50.03 17.64
N ALA A 210 -5.23 49.44 17.79
CA ALA A 210 -6.40 50.16 18.30
C ALA A 210 -6.63 49.78 19.76
N TRP A 211 -5.61 50.09 20.58
CA TRP A 211 -5.53 49.57 21.95
C TRP A 211 -6.76 49.94 22.78
N ASP A 212 -7.05 51.23 22.93
CA ASP A 212 -8.15 51.65 23.80
C ASP A 212 -9.49 51.14 23.30
N GLU A 213 -9.69 51.14 21.98
CA GLU A 213 -10.95 50.63 21.42
C GLU A 213 -11.09 49.14 21.69
N SER A 214 -10.03 48.37 21.44
CA SER A 214 -10.04 46.95 21.78
C SER A 214 -10.25 46.75 23.28
N LYS A 215 -9.57 47.56 24.10
CA LYS A 215 -9.69 47.43 25.56
C LYS A 215 -11.11 47.72 26.02
N LYS A 216 -11.73 48.77 25.48
CA LYS A 216 -13.10 49.10 25.86
C LYS A 216 -14.05 47.96 25.53
N ILE A 217 -13.88 47.33 24.35
CA ILE A 217 -14.78 46.26 23.92
C ILE A 217 -14.61 45.04 24.82
N LEU A 218 -13.38 44.67 25.12
CA LEU A 218 -13.15 43.51 25.99
C LEU A 218 -13.79 43.74 27.34
N LYS A 219 -13.62 44.94 27.92
CA LYS A 219 -14.29 45.25 29.18
C LYS A 219 -15.81 45.15 29.03
N ASP A 220 -16.34 45.66 27.92
CA ASP A 220 -17.78 45.60 27.69
C ASP A 220 -18.28 44.15 27.61
N ARG A 221 -17.48 43.26 27.03
CA ARG A 221 -17.90 41.85 26.95
C ARG A 221 -17.71 41.13 28.28
N LEU A 222 -16.66 41.48 29.03
CA LEU A 222 -16.44 40.82 30.32
C LEU A 222 -17.42 41.28 31.38
N ARG A 223 -17.83 42.56 31.33
CA ARG A 223 -18.65 43.16 32.40
C ARG A 223 -19.91 42.37 32.74
N PRO A 224 -20.74 41.93 31.78
CA PRO A 224 -21.94 41.18 32.18
C PRO A 224 -21.61 39.87 32.87
N VAL A 225 -20.50 39.23 32.51
CA VAL A 225 -20.15 37.98 33.16
C VAL A 225 -19.70 38.24 34.60
N PHE A 226 -18.79 39.19 34.80
CA PHE A 226 -18.36 39.54 36.15
C PHE A 226 -19.54 40.00 37.00
N ARG A 227 -20.48 40.75 36.39
CA ARG A 227 -21.65 41.24 37.11
C ARG A 227 -22.57 40.09 37.51
N LEU A 228 -22.88 39.19 36.56
CA LEU A 228 -23.71 38.05 36.91
C LEU A 228 -23.04 37.22 38.00
N GLY A 229 -21.74 36.99 37.88
CA GLY A 229 -21.03 36.22 38.90
C GLY A 229 -21.13 36.88 40.28
N MET A 230 -20.89 38.19 40.34
CA MET A 230 -20.97 38.92 41.60
C MET A 230 -22.36 38.78 42.21
N GLU A 231 -23.40 38.95 41.39
CA GLU A 231 -24.76 38.88 41.88
C GLU A 231 -25.10 37.50 42.44
N LYS A 232 -24.50 36.44 41.91
CA LYS A 232 -24.82 35.12 42.40
C LYS A 232 -23.86 34.64 43.47
N GLY A 233 -22.92 35.47 43.91
CA GLY A 233 -21.93 34.99 44.87
C GLY A 233 -20.95 33.99 44.28
N VAL A 234 -20.70 34.08 42.98
CA VAL A 234 -19.81 33.16 42.26
C VAL A 234 -18.44 33.80 42.15
N PHE A 235 -17.40 32.97 42.25
CA PHE A 235 -16.04 33.41 41.97
C PHE A 235 -15.80 33.37 40.45
N VAL A 236 -15.29 34.47 39.90
CA VAL A 236 -14.96 34.54 38.48
C VAL A 236 -13.46 34.78 38.33
N ASN A 237 -12.78 33.86 37.68
CA ASN A 237 -11.35 33.96 37.44
C ASN A 237 -11.11 34.21 35.95
N LEU A 238 -10.29 35.20 35.65
CA LEU A 238 -9.90 35.48 34.28
C LEU A 238 -8.57 34.79 34.05
N ASP A 239 -8.54 33.86 33.11
CA ASP A 239 -7.33 33.11 32.77
C ASP A 239 -6.33 34.06 32.09
N MET A 240 -5.10 33.60 31.93
CA MET A 240 -4.09 34.33 31.17
C MET A 240 -3.66 33.50 29.97
N GLU A 241 -3.76 34.10 28.79
CA GLU A 241 -3.40 33.40 27.56
C GLU A 241 -1.98 33.75 27.10
N GLN A 242 -1.75 33.70 25.80
CA GLN A 242 -0.41 33.88 25.25
C GLN A 242 0.09 35.31 25.47
N TYR A 243 1.41 35.49 25.33
CA TYR A 243 2.02 36.75 25.72
C TYR A 243 1.47 37.93 24.92
N SER A 244 1.05 37.70 23.67
CA SER A 244 0.61 38.80 22.83
C SER A 244 -0.64 39.50 23.37
N VAL A 245 -1.36 38.88 24.30
CA VAL A 245 -2.49 39.55 24.94
C VAL A 245 -2.29 39.70 26.44
N LYS A 246 -1.07 39.48 26.95
CA LYS A 246 -0.90 39.50 28.40
C LYS A 246 -1.11 40.92 28.96
N HIS A 247 -0.42 41.92 28.41
CA HIS A 247 -0.56 43.29 28.94
C HIS A 247 -2.01 43.77 28.82
N LEU A 248 -2.66 43.44 27.70
CA LEU A 248 -4.04 43.87 27.49
C LEU A 248 -4.98 43.23 28.50
N THR A 249 -4.79 41.94 28.78
CA THR A 249 -5.62 41.26 29.78
C THR A 249 -5.52 41.95 31.14
N LEU A 250 -4.30 42.33 31.55
CA LEU A 250 -4.15 42.93 32.87
C LEU A 250 -4.82 44.29 32.95
N GLU A 251 -4.72 45.09 31.88
CA GLU A 251 -5.42 46.38 31.86
C GLU A 251 -6.93 46.17 31.91
N VAL A 252 -7.44 45.21 31.12
CA VAL A 252 -8.87 44.91 31.13
C VAL A 252 -9.33 44.54 32.53
N PHE A 253 -8.62 43.60 33.16
CA PHE A 253 -9.02 43.07 34.45
C PHE A 253 -9.01 44.15 35.53
N THR A 254 -7.90 44.87 35.67
CA THR A 254 -7.82 45.83 36.77
C THR A 254 -8.77 47.01 36.54
N GLU A 255 -8.90 47.50 35.31
CA GLU A 255 -9.83 48.60 35.10
C GLU A 255 -11.26 48.14 35.38
N LEU A 256 -11.59 46.91 34.98
CA LEU A 256 -12.94 46.40 35.20
C LEU A 256 -13.27 46.27 36.69
N ILE A 257 -12.42 45.58 37.45
CA ILE A 257 -12.73 45.31 38.85
C ILE A 257 -12.50 46.53 39.73
N ASN A 258 -12.02 47.63 39.15
CA ASN A 258 -11.98 48.89 39.88
C ASN A 258 -13.23 49.74 39.66
N GLU A 259 -14.14 49.32 38.78
CA GLU A 259 -15.36 50.08 38.58
C GLU A 259 -16.23 50.00 39.85
N PRO A 260 -16.96 51.06 40.15
CA PRO A 260 -17.74 51.09 41.40
C PRO A 260 -18.59 49.86 41.66
N GLU A 261 -19.28 49.31 40.66
CA GLU A 261 -20.16 48.18 40.95
C GLU A 261 -19.37 46.94 41.35
N PHE A 262 -18.07 46.90 41.04
CA PHE A 262 -17.23 45.76 41.33
C PHE A 262 -16.25 46.02 42.45
N LYS A 263 -16.09 47.28 42.85
CA LYS A 263 -14.96 47.69 43.68
C LYS A 263 -14.94 47.01 45.04
N ASN A 264 -16.07 46.49 45.51
CA ASN A 264 -16.15 45.89 46.84
C ASN A 264 -16.22 44.38 46.81
N TYR A 265 -16.09 43.76 45.63
CA TYR A 265 -16.18 42.30 45.56
C TYR A 265 -14.78 41.71 45.61
N LYS A 266 -14.57 40.77 46.53
CA LYS A 266 -13.27 40.14 46.69
C LYS A 266 -13.05 38.97 45.73
N PHE A 267 -14.12 38.42 45.16
CA PHE A 267 -14.01 37.11 44.51
C PHE A 267 -13.91 37.21 42.99
N PHE A 268 -13.02 38.08 42.56
CA PHE A 268 -12.51 38.14 41.19
C PHE A 268 -11.05 37.76 41.21
N GLY A 269 -10.59 37.04 40.17
CA GLY A 269 -9.20 36.60 40.13
C GLY A 269 -8.57 36.75 38.76
N ILE A 270 -7.24 36.84 38.76
CA ILE A 270 -6.45 36.97 37.54
C ILE A 270 -5.28 35.99 37.62
N VAL A 271 -4.85 35.49 36.46
CA VAL A 271 -3.71 34.58 36.37
C VAL A 271 -2.42 35.37 36.11
N ILE A 272 -1.34 35.00 36.80
CA ILE A 272 -0.01 35.50 36.49
C ILE A 272 0.91 34.30 36.23
N GLN A 273 1.70 34.37 35.16
CA GLN A 273 2.55 33.27 34.72
C GLN A 273 3.99 33.55 35.12
N ALA A 274 4.49 32.79 36.09
CA ALA A 274 5.82 33.04 36.60
C ALA A 274 6.92 32.71 35.61
N TYR A 275 6.61 32.03 34.50
CA TYR A 275 7.68 31.79 33.52
C TYR A 275 7.97 33.03 32.67
N LEU A 276 7.25 34.12 32.88
CA LEU A 276 7.49 35.36 32.16
C LEU A 276 8.51 36.24 32.88
N ARG A 277 9.41 36.83 32.10
CA ARG A 277 10.42 37.73 32.65
C ARG A 277 9.82 38.97 33.30
N ASP A 278 8.64 39.42 32.87
CA ASP A 278 8.07 40.61 33.49
C ASP A 278 7.01 40.29 34.55
N SER A 279 6.90 39.03 34.99
CA SER A 279 5.79 38.63 35.86
C SER A 279 5.95 39.16 37.27
N PHE A 280 7.19 39.21 37.79
CA PHE A 280 7.35 39.76 39.13
C PHE A 280 6.96 41.24 39.16
N GLU A 281 7.29 41.97 38.09
CA GLU A 281 6.87 43.36 38.00
C GLU A 281 5.34 43.47 38.01
N ASP A 282 4.65 42.55 37.32
CA ASP A 282 3.19 42.56 37.36
C ASP A 282 2.67 42.26 38.76
N VAL A 283 3.30 41.31 39.47
CA VAL A 283 2.88 41.00 40.83
C VAL A 283 2.97 42.23 41.73
N LYS A 284 4.08 42.99 41.63
CA LYS A 284 4.23 44.21 42.42
C LYS A 284 3.18 45.24 42.02
N SER A 285 2.92 45.36 40.72
CA SER A 285 1.94 46.31 40.22
C SER A 285 0.53 45.91 40.65
N LEU A 286 0.20 44.62 40.58
CA LEU A 286 -1.12 44.18 41.04
C LEU A 286 -1.28 44.39 42.54
N THR A 287 -0.20 44.24 43.31
CA THR A 287 -0.27 44.47 44.74
C THR A 287 -0.50 45.95 45.06
N GLU A 288 0.25 46.85 44.40
CA GLU A 288 -0.01 48.28 44.57
C GLU A 288 -1.43 48.63 44.17
N PHE A 289 -1.92 48.06 43.06
CA PHE A 289 -3.29 48.32 42.63
C PHE A 289 -4.30 47.79 43.64
N ALA A 290 -4.05 46.62 44.24
CA ALA A 290 -4.98 46.10 45.24
C ALA A 290 -5.10 47.06 46.41
N GLN A 291 -4.00 47.67 46.79
CA GLN A 291 -4.03 48.62 47.90
C GLN A 291 -4.85 49.85 47.54
N LYS A 292 -4.61 50.43 46.36
CA LYS A 292 -5.39 51.58 45.93
C LYS A 292 -6.86 51.22 45.76
N ARG A 293 -7.16 50.02 45.27
CA ARG A 293 -8.56 49.60 45.13
C ARG A 293 -9.28 49.56 46.48
N GLY A 294 -8.57 49.16 47.55
CA GLY A 294 -9.15 49.10 48.87
C GLY A 294 -9.96 47.87 49.17
N THR A 295 -9.97 46.89 48.26
CA THR A 295 -10.67 45.63 48.44
C THR A 295 -9.76 44.57 47.80
N PRO A 296 -9.50 43.46 48.48
CA PRO A 296 -8.66 42.42 47.87
C PRO A 296 -9.32 41.79 46.65
N PHE A 297 -8.47 41.24 45.79
CA PHE A 297 -8.86 40.28 44.77
C PHE A 297 -7.80 39.19 44.76
N TRP A 298 -7.95 38.20 43.90
CA TRP A 298 -7.09 37.03 43.92
C TRP A 298 -6.14 36.98 42.73
N VAL A 299 -4.95 36.42 42.98
CA VAL A 299 -3.99 36.10 41.92
C VAL A 299 -3.78 34.58 41.93
N ARG A 300 -4.10 33.94 40.82
CA ARG A 300 -3.78 32.53 40.61
C ARG A 300 -2.41 32.47 39.93
N LEU A 301 -1.41 32.02 40.68
CA LEU A 301 -0.03 32.02 40.23
C LEU A 301 0.30 30.69 39.55
N VAL A 302 0.60 30.73 38.27
CA VAL A 302 0.96 29.53 37.52
C VAL A 302 2.38 29.72 37.00
N LYS A 303 2.93 28.68 36.40
CA LYS A 303 4.20 28.88 35.72
C LYS A 303 3.97 29.34 34.28
N GLY A 304 3.18 28.59 33.50
CA GLY A 304 2.80 29.04 32.16
C GLY A 304 2.62 27.90 31.18
N ALA A 305 1.63 28.01 30.27
CA ALA A 305 1.22 26.91 29.38
C ALA A 305 1.75 27.01 27.94
N TYR A 306 2.42 28.11 27.55
CA TYR A 306 2.72 28.34 26.15
C TYR A 306 4.21 28.43 25.87
N TRP A 307 5.04 27.69 26.62
CA TRP A 307 6.48 27.93 26.59
C TRP A 307 7.08 27.72 25.20
N ASP A 308 6.91 26.52 24.62
CA ASP A 308 7.44 26.28 23.28
C ASP A 308 6.90 27.31 22.30
N TYR A 309 5.58 27.56 22.35
CA TYR A 309 4.97 28.56 21.49
C TYR A 309 5.66 29.92 21.61
N GLU A 310 5.93 30.36 22.84
CA GLU A 310 6.51 31.69 22.99
C GLU A 310 7.92 31.76 22.43
N THR A 311 8.73 30.71 22.63
CA THR A 311 10.07 30.79 22.08
C THR A 311 10.03 30.80 20.56
N ILE A 312 9.09 30.04 19.97
CA ILE A 312 9.02 29.97 18.52
C ILE A 312 8.54 31.29 17.93
N GLU A 313 7.47 31.85 18.50
CA GLU A 313 6.91 33.11 18.02
C GLU A 313 7.96 34.21 18.06
N ALA A 314 8.65 34.36 19.19
CA ALA A 314 9.61 35.44 19.32
C ALA A 314 10.76 35.29 18.33
N GLU A 315 11.23 34.06 18.12
CA GLU A 315 12.32 33.89 17.17
C GLU A 315 11.84 34.19 15.75
N GLN A 316 10.64 33.73 15.40
CA GLN A 316 10.12 34.00 14.05
C GLN A 316 9.97 35.50 13.81
N ARG A 317 9.62 36.25 14.86
CA ARG A 317 9.41 37.69 14.71
C ARG A 317 10.69 38.49 14.90
N GLY A 318 11.79 37.85 15.29
CA GLY A 318 12.97 38.59 15.69
C GLY A 318 12.73 39.48 16.89
N TRP A 319 11.88 39.07 17.83
CA TRP A 319 11.58 39.83 19.03
C TRP A 319 12.24 39.20 20.26
N PRO A 320 12.42 39.96 21.34
CA PRO A 320 12.94 39.35 22.58
C PRO A 320 12.05 38.21 23.07
N VAL A 321 12.67 37.15 23.60
CA VAL A 321 11.93 36.00 24.11
C VAL A 321 11.29 36.34 25.46
N PRO A 322 9.96 36.35 25.58
CA PRO A 322 9.34 36.84 26.83
C PRO A 322 9.41 35.86 27.99
N VAL A 323 9.68 34.60 27.74
CA VAL A 323 9.79 33.60 28.81
C VAL A 323 11.25 33.43 29.20
N TYR A 324 11.49 33.05 30.46
CA TYR A 324 12.78 32.45 30.80
C TYR A 324 12.98 31.19 29.96
N THR A 325 14.24 30.89 29.63
CA THR A 325 14.52 29.67 28.88
C THR A 325 15.36 28.69 29.67
N ASN A 326 15.65 28.99 30.93
CA ASN A 326 16.17 28.03 31.89
C ASN A 326 15.06 27.78 32.91
N LYS A 327 14.68 26.51 33.07
CA LYS A 327 13.49 26.22 33.87
C LYS A 327 13.70 26.60 35.34
N ALA A 328 14.93 26.53 35.84
CA ALA A 328 15.18 26.96 37.21
C ALA A 328 14.85 28.43 37.40
N GLU A 329 15.00 29.25 36.36
CA GLU A 329 14.58 30.64 36.47
C GLU A 329 13.08 30.73 36.74
N SER A 330 12.30 29.93 36.02
CA SER A 330 10.86 29.94 36.23
C SER A 330 10.50 29.50 37.66
N ASP A 331 11.12 28.41 38.13
CA ASP A 331 10.86 27.95 39.50
C ASP A 331 11.24 29.02 40.51
N ALA A 332 12.42 29.62 40.35
CA ALA A 332 12.86 30.61 41.32
C ALA A 332 11.96 31.84 41.32
N ASN A 333 11.59 32.31 40.13
CA ASN A 333 10.69 33.46 40.06
C ASN A 333 9.31 33.12 40.61
N TYR A 334 8.82 31.90 40.39
CA TYR A 334 7.55 31.51 41.01
C TYR A 334 7.62 31.65 42.53
N GLU A 335 8.69 31.12 43.14
CA GLU A 335 8.83 31.16 44.59
C GLU A 335 8.96 32.60 45.09
N LEU A 336 9.71 33.43 44.37
CA LEU A 336 9.79 34.85 44.74
C LEU A 336 8.45 35.54 44.63
N CYS A 337 7.71 35.29 43.53
CA CYS A 337 6.38 35.86 43.40
C CYS A 337 5.46 35.39 44.53
N ALA A 338 5.54 34.09 44.87
CA ALA A 338 4.74 33.55 45.97
C ALA A 338 5.06 34.28 47.27
N LYS A 339 6.34 34.43 47.57
CA LYS A 339 6.76 35.10 48.80
C LYS A 339 6.24 36.54 48.83
N TYR A 340 6.33 37.26 47.73
CA TYR A 340 5.88 38.64 47.73
C TYR A 340 4.38 38.73 47.99
N LEU A 341 3.58 37.92 47.29
CA LEU A 341 2.13 37.97 47.50
C LEU A 341 1.76 37.62 48.94
N LEU A 342 2.40 36.58 49.51
CA LEU A 342 2.14 36.23 50.90
C LEU A 342 2.48 37.37 51.85
N GLU A 343 3.59 38.06 51.58
CA GLU A 343 3.94 39.25 52.35
C GLU A 343 2.85 40.31 52.29
N ASN A 344 1.99 40.28 51.28
CA ASN A 344 0.97 41.30 51.11
C ASN A 344 -0.43 40.70 51.16
N ILE A 345 -0.57 39.60 51.89
CA ILE A 345 -1.82 38.85 51.88
C ILE A 345 -2.96 39.67 52.47
N LYS A 346 -2.64 40.70 53.26
CA LYS A 346 -3.68 41.60 53.74
C LYS A 346 -4.41 42.28 52.60
N PHE A 347 -3.72 42.56 51.49
CA PHE A 347 -4.29 43.31 50.38
C PHE A 347 -4.65 42.47 49.17
N ILE A 348 -3.96 41.35 48.96
CA ILE A 348 -4.11 40.58 47.74
C ILE A 348 -3.96 39.11 48.11
N ARG A 349 -4.73 38.24 47.44
CA ARG A 349 -4.81 36.84 47.85
C ARG A 349 -4.19 35.92 46.81
N PRO A 350 -3.08 35.24 47.12
CA PRO A 350 -2.53 34.26 46.18
C PRO A 350 -3.25 32.92 46.28
N ALA A 351 -3.36 32.26 45.13
CA ALA A 351 -3.63 30.82 45.06
C ALA A 351 -2.51 30.18 44.24
N PHE A 352 -1.96 29.07 44.72
CA PHE A 352 -0.76 28.48 44.15
C PHE A 352 -1.12 27.26 43.29
N ALA A 353 -1.04 27.43 41.97
CA ALA A 353 -1.35 26.37 41.00
C ALA A 353 -0.04 25.76 40.52
N SER A 354 0.25 24.52 40.97
CA SER A 354 1.47 23.78 40.66
C SER A 354 1.32 22.35 41.17
N HIS A 355 1.87 21.40 40.42
CA HIS A 355 1.97 20.01 40.87
C HIS A 355 3.36 19.66 41.37
N ASN A 356 4.23 20.67 41.48
CA ASN A 356 5.64 20.48 41.82
C ASN A 356 5.78 20.53 43.34
N VAL A 357 6.24 19.44 43.94
CA VAL A 357 6.29 19.36 45.40
C VAL A 357 7.28 20.37 45.98
N ARG A 358 8.40 20.61 45.29
CA ARG A 358 9.32 21.67 45.72
C ARG A 358 8.60 23.00 45.79
N THR A 359 7.93 23.37 44.70
CA THR A 359 7.18 24.61 44.65
C THR A 359 6.18 24.69 45.81
N LEU A 360 5.39 23.62 45.98
CA LEU A 360 4.37 23.63 47.02
C LEU A 360 4.97 23.83 48.40
N ALA A 361 6.07 23.12 48.68
CA ALA A 361 6.69 23.21 49.99
C ALA A 361 7.25 24.61 50.22
N ALA A 362 7.82 25.22 49.18
CA ALA A 362 8.32 26.59 49.33
C ALA A 362 7.19 27.54 49.70
N CYS A 363 6.03 27.41 49.04
CA CYS A 363 4.90 28.28 49.37
C CYS A 363 4.48 28.12 50.81
N MET A 364 4.43 26.88 51.30
CA MET A 364 4.02 26.64 52.69
C MET A 364 4.93 27.35 53.66
N LEU A 365 6.26 27.25 53.44
CA LEU A 365 7.21 27.83 54.38
C LEU A 365 7.19 29.34 54.35
N TYR A 366 7.12 29.95 53.16
CA TYR A 366 6.98 31.39 53.11
C TYR A 366 5.73 31.86 53.86
N ALA A 367 4.63 31.09 53.79
CA ALA A 367 3.43 31.42 54.55
C ALA A 367 3.69 31.32 56.05
N GLU A 368 4.34 30.24 56.48
CA GLU A 368 4.51 30.02 57.92
C GLU A 368 5.48 31.03 58.52
N LYS A 369 6.55 31.35 57.81
CA LYS A 369 7.43 32.46 58.22
C LYS A 369 6.64 33.71 58.55
N LEU A 370 5.51 33.93 57.88
CA LEU A 370 4.69 35.11 58.10
C LEU A 370 3.55 34.85 59.08
N ASN A 371 3.49 33.68 59.70
CA ASN A 371 2.40 33.30 60.61
C ASN A 371 1.03 33.41 59.93
N ILE A 372 1.00 33.13 58.63
CA ILE A 372 -0.27 33.08 57.91
C ILE A 372 -0.95 31.75 58.19
N PRO A 373 -2.22 31.74 58.58
CA PRO A 373 -2.87 30.47 58.90
C PRO A 373 -3.08 29.63 57.64
N LYS A 374 -3.17 28.32 57.86
CA LYS A 374 -3.32 27.39 56.77
C LYS A 374 -4.57 27.68 55.94
N GLU A 375 -5.66 28.06 56.59
CA GLU A 375 -6.92 28.30 55.91
C GLU A 375 -6.88 29.49 54.98
N ALA A 376 -5.88 30.36 55.07
CA ALA A 376 -5.77 31.48 54.15
C ALA A 376 -5.27 31.03 52.78
N LEU A 377 -4.50 29.95 52.72
CA LEU A 377 -3.89 29.51 51.48
C LEU A 377 -4.88 28.75 50.61
N GLU A 378 -4.52 28.57 49.34
CA GLU A 378 -5.29 27.73 48.44
C GLU A 378 -4.36 27.15 47.39
N PHE A 379 -4.48 25.85 47.16
CA PHE A 379 -3.68 25.19 46.13
C PHE A 379 -4.60 24.69 45.03
N GLN A 380 -4.07 24.64 43.80
CA GLN A 380 -4.84 24.29 42.64
C GLN A 380 -4.04 23.34 41.77
N MET A 381 -4.73 22.35 41.22
CA MET A 381 -4.13 21.35 40.36
C MET A 381 -5.15 21.00 39.30
N LEU A 382 -4.66 20.42 38.21
CA LEU A 382 -5.54 20.03 37.13
C LEU A 382 -6.28 18.75 37.51
N TYR A 383 -7.56 18.71 37.17
CA TYR A 383 -8.34 17.49 37.34
C TYR A 383 -7.62 16.35 36.64
N GLY A 384 -7.57 15.21 37.33
CA GLY A 384 -6.93 14.01 36.80
C GLY A 384 -5.42 13.96 36.93
N MET A 385 -4.78 15.04 37.36
CA MET A 385 -3.33 15.15 37.43
C MET A 385 -2.86 15.01 38.88
N ALA A 386 -1.74 14.31 39.07
CA ALA A 386 -0.97 14.33 40.31
C ALA A 386 -1.82 13.93 41.51
N GLU A 387 -2.66 12.92 41.29
CA GLU A 387 -3.57 12.40 42.31
C GLU A 387 -2.90 12.14 43.66
N PRO A 388 -1.75 11.46 43.75
CA PRO A 388 -1.17 11.23 45.10
C PRO A 388 -0.73 12.51 45.79
N ILE A 389 -0.26 13.49 45.03
CA ILE A 389 0.12 14.77 45.62
C ILE A 389 -1.14 15.50 46.07
N LYS A 390 -2.14 15.53 45.19
CA LYS A 390 -3.42 16.17 45.49
C LYS A 390 -3.99 15.67 46.82
N LYS A 391 -4.06 14.34 47.00
CA LYS A 391 -4.61 13.80 48.24
C LYS A 391 -3.75 14.20 49.44
N THR A 392 -2.43 14.19 49.29
CA THR A 392 -1.56 14.55 50.42
C THR A 392 -1.79 15.98 50.86
N ILE A 393 -1.90 16.92 49.91
CA ILE A 393 -2.17 18.30 50.29
C ILE A 393 -3.46 18.39 51.07
N VAL A 394 -4.49 17.65 50.63
CA VAL A 394 -5.77 17.66 51.32
C VAL A 394 -5.63 17.07 52.71
N ASP A 395 -4.93 15.92 52.81
CA ASP A 395 -4.72 15.30 54.12
C ASP A 395 -4.03 16.25 55.08
N MET A 396 -3.16 17.10 54.57
CA MET A 396 -2.44 18.03 55.42
C MET A 396 -3.28 19.22 55.86
N GLY A 397 -4.54 19.29 55.43
CA GLY A 397 -5.45 20.31 55.89
C GLY A 397 -5.59 21.53 54.99
N TYR A 398 -4.97 21.52 53.81
CA TYR A 398 -5.01 22.68 52.95
C TYR A 398 -6.22 22.61 52.02
N ARG A 399 -6.65 23.79 51.56
CA ARG A 399 -7.73 23.91 50.60
C ARG A 399 -7.23 23.59 49.20
N MET A 400 -7.87 22.64 48.54
CA MET A 400 -7.47 22.18 47.21
C MET A 400 -8.60 22.41 46.22
N ARG A 401 -8.28 23.08 45.12
CA ARG A 401 -9.23 23.38 44.06
C ARG A 401 -8.75 22.74 42.77
N GLU A 402 -9.63 22.00 42.11
CA GLU A 402 -9.30 21.33 40.86
C GLU A 402 -9.71 22.18 39.67
N TYR A 403 -8.79 22.38 38.73
CA TYR A 403 -9.17 22.95 37.44
C TYR A 403 -10.03 21.94 36.69
N ALA A 404 -11.28 22.30 36.39
CA ALA A 404 -12.29 21.35 35.94
C ALA A 404 -12.77 21.68 34.53
N PRO A 405 -12.11 21.14 33.50
CA PRO A 405 -12.53 21.42 32.14
C PRO A 405 -13.84 20.74 31.79
N VAL A 406 -14.66 21.43 31.01
CA VAL A 406 -15.93 20.92 30.49
C VAL A 406 -15.97 21.28 29.01
N GLY A 407 -16.36 20.34 28.16
CA GLY A 407 -16.50 20.69 26.76
C GLY A 407 -16.55 19.51 25.82
N GLU A 408 -16.68 19.86 24.53
CA GLU A 408 -16.89 18.95 23.42
C GLU A 408 -15.61 18.16 23.10
N LEU A 409 -15.78 17.12 22.28
CA LEU A 409 -14.70 16.18 22.00
C LEU A 409 -13.50 16.87 21.32
N ILE A 410 -13.76 17.77 20.39
CA ILE A 410 -12.68 18.38 19.61
C ILE A 410 -11.78 19.27 20.47
N PRO A 411 -12.31 20.26 21.20
CA PRO A 411 -11.45 20.97 22.17
C PRO A 411 -10.91 20.09 23.28
N GLY A 412 -11.65 19.07 23.68
CA GLY A 412 -11.14 18.20 24.70
C GLY A 412 -9.91 17.42 24.27
N MET A 413 -9.82 17.08 22.99
CA MET A 413 -8.63 16.38 22.50
C MET A 413 -7.45 17.32 22.33
N ALA A 414 -7.71 18.59 22.03
CA ALA A 414 -6.64 19.58 22.04
C ALA A 414 -6.08 19.70 23.46
N TYR A 415 -6.96 19.77 24.46
CA TYR A 415 -6.52 19.85 25.84
C TYR A 415 -5.68 18.64 26.23
N LEU A 416 -6.14 17.42 25.85
CA LEU A 416 -5.39 16.20 26.11
C LEU A 416 -3.99 16.25 25.52
N VAL A 417 -3.83 16.88 24.35
CA VAL A 417 -2.50 16.93 23.74
C VAL A 417 -1.59 17.83 24.56
N ARG A 418 -2.13 18.93 25.09
CA ARG A 418 -1.32 19.81 25.92
C ARG A 418 -0.83 19.10 27.17
N ARG A 419 -1.68 18.24 27.76
CA ARG A 419 -1.28 17.41 28.90
C ARG A 419 -0.17 16.44 28.50
N LEU A 420 -0.33 15.80 27.35
CA LEU A 420 0.70 14.91 26.84
C LEU A 420 2.01 15.66 26.66
N LEU A 421 1.94 16.87 26.10
CA LEU A 421 3.14 17.66 25.86
C LEU A 421 3.83 18.06 27.16
N GLU A 422 3.05 18.56 28.13
CA GLU A 422 3.63 18.97 29.41
C GLU A 422 4.23 17.80 30.16
N ASN A 423 3.49 16.69 30.25
CA ASN A 423 3.94 15.57 31.08
C ASN A 423 5.14 14.86 30.49
N THR A 424 5.34 14.94 29.17
CA THR A 424 6.52 14.32 28.56
C THR A 424 7.65 15.31 28.38
N SER A 425 7.51 16.52 28.88
CA SER A 425 8.57 17.51 28.76
C SER A 425 9.81 17.07 29.53
N ASN A 426 10.98 17.38 28.99
CA ASN A 426 12.23 17.06 29.67
C ASN A 426 12.34 17.81 30.99
N GLU A 427 11.69 18.97 31.09
CA GLU A 427 11.76 19.78 32.30
C GLU A 427 10.63 19.47 33.29
N SER A 428 9.76 18.52 32.97
CA SER A 428 8.60 18.25 33.81
C SER A 428 9.04 17.71 35.17
N TRP A 429 8.62 18.39 36.26
CA TRP A 429 8.96 17.90 37.59
C TRP A 429 8.32 16.56 37.84
N LEU A 430 7.06 16.41 37.43
CA LEU A 430 6.35 15.14 37.60
C LEU A 430 7.06 14.02 36.84
N ARG A 431 7.55 14.31 35.63
CA ARG A 431 8.30 13.31 34.89
C ARG A 431 9.57 12.91 35.64
N GLY A 432 10.26 13.88 36.23
CA GLY A 432 11.45 13.57 37.00
C GLY A 432 11.14 12.68 38.20
N LYS A 433 9.98 12.89 38.83
CA LYS A 433 9.62 12.10 40.00
C LYS A 433 9.20 10.68 39.60
N PHE A 434 8.24 10.57 38.68
CA PHE A 434 7.54 9.31 38.43
C PHE A 434 8.09 8.52 37.25
N ALA A 435 9.06 9.06 36.51
CA ALA A 435 9.55 8.33 35.34
C ALA A 435 11.08 8.26 35.29
N ASP A 436 11.75 9.37 35.56
CA ASP A 436 13.21 9.43 35.45
C ASP A 436 13.94 9.03 36.74
N ASN A 437 13.21 8.68 37.80
CA ASN A 437 13.80 8.23 39.08
C ASN A 437 14.89 9.18 39.56
N LYS A 438 14.58 10.47 39.60
CA LYS A 438 15.51 11.44 40.15
C LYS A 438 15.54 11.35 41.67
N SER A 439 16.67 11.72 42.25
CA SER A 439 16.83 11.65 43.69
C SER A 439 15.96 12.69 44.39
N MET A 440 15.69 12.46 45.67
CA MET A 440 14.90 13.43 46.43
C MET A 440 15.62 14.76 46.51
N ALA A 441 16.95 14.71 46.64
CA ALA A 441 17.74 15.94 46.73
C ALA A 441 17.66 16.76 45.45
N GLU A 442 17.71 16.09 44.30
CA GLU A 442 17.56 16.80 43.03
C GLU A 442 16.15 17.36 42.89
N LEU A 443 15.14 16.59 43.31
CA LEU A 443 13.76 17.05 43.15
C LEU A 443 13.47 18.24 44.04
N LEU A 444 14.12 18.34 45.21
CA LEU A 444 13.76 19.33 46.21
C LEU A 444 14.74 20.49 46.30
N LYS A 445 15.70 20.58 45.39
CA LYS A 445 16.74 21.59 45.57
C LYS A 445 16.19 23.00 45.28
N ASP A 446 16.86 23.96 45.88
CA ASP A 446 16.59 25.37 45.67
C ASP A 446 16.88 25.73 44.21
N PRO A 447 15.89 26.16 43.44
CA PRO A 447 16.18 26.57 42.06
C PRO A 447 17.15 27.73 41.97
N ALA A 448 17.26 28.54 43.03
CA ALA A 448 18.25 29.62 43.02
C ALA A 448 19.68 29.11 43.11
N GLN A 449 19.90 27.87 43.54
CA GLN A 449 21.24 27.32 43.68
C GLN A 449 21.82 26.94 42.32
N GLY A 450 23.02 27.42 42.04
CA GLY A 450 23.62 27.14 40.74
C GLY A 450 22.88 27.74 39.57
N LEU A 451 22.15 28.82 39.80
CA LEU A 451 21.26 29.39 38.80
C LEU A 451 22.07 30.08 37.70
N THR A 452 21.92 29.63 36.45
CA THR A 452 22.52 30.35 35.35
C THR A 452 21.47 31.20 34.67
N PRO A 453 21.60 32.51 34.67
CA PRO A 453 20.59 33.35 34.00
C PRO A 453 20.63 33.22 32.48
N THR A 454 19.47 33.42 31.86
CA THR A 454 19.32 33.51 30.41
C THR A 454 18.92 34.92 30.01
N SER A 455 19.19 35.25 28.77
CA SER A 455 18.88 36.53 28.18
C SER A 455 17.68 36.42 27.23
N PRO A 456 16.84 37.45 27.14
CA PRO A 456 15.78 37.44 26.11
C PRO A 456 16.31 37.66 24.68
N VAL A 457 17.56 38.02 24.48
CA VAL A 457 18.05 38.32 23.15
C VAL A 457 18.67 37.05 22.57
N ILE A 458 18.10 36.55 21.48
CA ILE A 458 18.65 35.40 20.77
C ILE A 458 19.88 35.85 20.00
N PRO A 459 21.04 35.25 20.25
CA PRO A 459 22.25 35.68 19.53
C PRO A 459 22.16 35.40 18.03
N LYS A 460 22.62 36.37 17.25
CA LYS A 460 22.69 36.21 15.80
C LYS A 460 23.93 35.41 15.40
N LYS A 461 23.72 34.33 14.62
CA LYS A 461 24.84 33.61 14.05
C LYS A 461 25.62 34.49 13.07
N PRO A 462 26.94 34.57 13.17
CA PRO A 462 27.68 35.47 12.29
C PRO A 462 27.63 34.97 10.86
N GLY A 463 27.50 35.92 9.93
CA GLY A 463 27.37 35.62 8.51
C GLY A 463 25.96 35.30 8.04
N LYS A 464 25.04 34.98 8.95
CA LYS A 464 23.69 34.57 8.59
C LYS A 464 22.81 35.79 8.35
N PHE A 465 21.95 35.71 7.33
CA PHE A 465 21.00 36.77 7.09
C PHE A 465 19.82 36.69 8.05
N TYR A 466 19.40 37.84 8.59
CA TYR A 466 18.20 37.95 9.41
C TYR A 466 17.25 39.02 8.86
N ASN A 467 15.96 38.74 8.89
CA ASN A 467 14.96 39.71 8.44
C ASN A 467 14.77 40.82 9.47
N GLU A 468 14.36 41.99 8.99
CA GLU A 468 14.05 43.09 9.87
C GLU A 468 12.81 42.78 10.71
N PRO A 469 12.87 42.94 12.02
CA PRO A 469 11.68 42.73 12.87
C PRO A 469 10.62 43.79 12.60
N LEU A 470 9.36 43.36 12.63
CA LEU A 470 8.26 44.31 12.46
C LEU A 470 7.91 44.98 13.79
N LEU A 471 7.16 46.07 13.69
CA LEU A 471 6.78 46.82 14.89
C LEU A 471 5.79 46.01 15.72
N ASP A 472 5.85 46.21 17.03
CA ASP A 472 4.87 45.66 17.96
C ASP A 472 3.95 46.81 18.40
N PHE A 473 2.77 46.90 17.79
CA PHE A 473 1.87 48.01 18.10
C PHE A 473 1.16 47.84 19.44
N ALA A 474 1.46 46.78 20.21
CA ALA A 474 1.07 46.76 21.60
C ALA A 474 1.92 47.72 22.44
N VAL A 475 3.05 48.18 21.91
CA VAL A 475 3.90 49.14 22.61
C VAL A 475 3.33 50.54 22.41
N LYS A 476 2.94 51.18 23.51
CA LYS A 476 2.24 52.45 23.43
C LYS A 476 3.10 53.51 22.75
N ALA A 477 4.40 53.51 23.01
CA ALA A 477 5.28 54.50 22.37
C ALA A 477 5.26 54.37 20.85
N ASP A 478 5.10 53.15 20.32
CA ASP A 478 5.08 52.98 18.87
C ASP A 478 3.76 53.45 18.27
N ARG A 479 2.64 53.24 18.95
CA ARG A 479 1.39 53.82 18.49
C ARG A 479 1.45 55.35 18.45
N GLU A 480 2.04 55.96 19.48
CA GLU A 480 2.14 57.43 19.53
C GLU A 480 3.03 57.96 18.41
N LYS A 481 4.19 57.32 18.16
CA LYS A 481 5.03 57.74 17.04
C LYS A 481 4.28 57.62 15.72
N MET A 482 3.47 56.56 15.58
CA MET A 482 2.69 56.36 14.36
C MET A 482 1.68 57.48 14.17
N LEU A 483 0.97 57.84 15.25
CA LEU A 483 0.00 58.93 15.14
C LEU A 483 0.71 60.25 14.88
N LYS A 484 1.88 60.44 15.48
CA LYS A 484 2.66 61.64 15.17
C LYS A 484 3.12 61.63 13.71
N ALA A 485 3.59 60.49 13.21
CA ALA A 485 4.05 60.47 11.82
C ALA A 485 2.89 60.72 10.85
N LEU A 486 1.70 60.18 11.15
CA LEU A 486 0.53 60.44 10.31
C LEU A 486 0.13 61.90 10.32
N ALA A 487 0.13 62.53 11.51
CA ALA A 487 -0.25 63.94 11.57
C ALA A 487 0.69 64.80 10.74
N GLU A 488 2.01 64.54 10.83
CA GLU A 488 2.98 65.34 10.09
C GLU A 488 2.86 65.10 8.59
N ALA A 489 2.59 63.86 8.19
CA ALA A 489 2.39 63.58 6.77
C ALA A 489 1.18 64.35 6.24
N LYS A 490 0.07 64.31 6.99
CA LYS A 490 -1.13 65.02 6.58
C LYS A 490 -0.88 66.51 6.45
N ALA A 491 -0.08 67.09 7.35
CA ALA A 491 0.21 68.52 7.28
C ALA A 491 1.10 68.88 6.11
N SER A 492 1.80 67.92 5.51
CA SER A 492 2.66 68.17 4.36
C SER A 492 1.94 68.02 3.02
N LEU A 493 0.67 67.64 3.02
CA LEU A 493 -0.06 67.43 1.76
C LEU A 493 -0.47 68.77 1.12
N PRO A 494 -0.42 68.85 -0.21
CA PRO A 494 0.03 67.79 -1.12
C PRO A 494 1.55 67.78 -1.32
N VAL A 495 2.10 66.60 -1.57
CA VAL A 495 3.53 66.46 -1.82
C VAL A 495 3.79 66.75 -3.29
N ASN A 496 4.61 67.75 -3.56
CA ASN A 496 5.01 68.07 -4.93
C ASN A 496 6.18 67.18 -5.30
N VAL A 497 6.01 66.33 -6.31
CA VAL A 497 7.03 65.36 -6.68
C VAL A 497 7.63 65.81 -8.01
N ASN A 498 8.96 65.88 -8.06
CA ASN A 498 9.67 66.25 -9.27
C ASN A 498 10.33 65.01 -9.88
N ILE A 499 10.57 65.11 -11.19
CA ILE A 499 11.48 64.21 -11.89
C ILE A 499 12.90 64.45 -11.39
N VAL A 500 13.72 63.40 -11.27
CA VAL A 500 15.11 63.54 -10.83
C VAL A 500 16.04 62.76 -11.78
N ILE A 501 16.85 63.49 -12.53
CA ILE A 501 17.83 62.92 -13.45
C ILE A 501 19.19 63.53 -13.13
N ASN A 502 20.22 62.68 -13.00
CA ASN A 502 21.56 63.15 -12.60
C ASN A 502 21.50 63.96 -11.31
N ASN A 503 20.69 63.51 -10.35
CA ASN A 503 20.50 64.16 -9.05
C ASN A 503 19.99 65.60 -9.16
N LYS A 504 19.40 65.99 -10.30
CA LYS A 504 18.80 67.32 -10.51
C LYS A 504 17.29 67.16 -10.66
N GLU A 505 16.54 68.02 -9.98
CA GLU A 505 15.08 67.97 -10.02
C GLU A 505 14.56 68.70 -11.25
N LEU A 506 13.61 68.07 -11.95
CA LEU A 506 13.08 68.63 -13.19
C LEU A 506 11.55 68.66 -13.14
N GLN A 507 10.98 69.54 -13.95
CA GLN A 507 9.54 69.63 -14.09
C GLN A 507 9.15 69.46 -15.55
N SER A 508 7.90 69.03 -15.75
CA SER A 508 7.34 68.93 -17.10
C SER A 508 6.15 69.84 -17.31
N GLY A 509 5.47 70.27 -16.24
CA GLY A 509 4.23 71.02 -16.34
C GLY A 509 2.98 70.19 -16.46
N LYS A 510 3.11 68.88 -16.69
CA LYS A 510 1.97 67.97 -16.75
C LYS A 510 1.86 67.32 -15.39
N ILE A 511 0.84 67.71 -14.62
CA ILE A 511 0.70 67.34 -13.23
C ILE A 511 -0.42 66.31 -13.09
N PHE A 512 -0.11 65.20 -12.44
CA PHE A 512 -1.09 64.18 -12.10
C PHE A 512 -1.45 64.29 -10.62
N ASP A 513 -2.75 64.42 -10.33
CA ASP A 513 -3.22 64.49 -8.96
C ASP A 513 -3.50 63.08 -8.47
N ARG A 514 -2.82 62.68 -7.39
CA ARG A 514 -3.04 61.38 -6.79
C ARG A 514 -3.79 61.60 -5.48
N VAL A 515 -5.05 61.16 -5.43
CA VAL A 515 -5.88 61.38 -4.25
C VAL A 515 -5.60 60.29 -3.21
N ASN A 516 -6.00 60.56 -1.98
CA ASN A 516 -6.01 59.61 -0.88
C ASN A 516 -7.09 58.56 -1.14
N PRO A 517 -6.74 57.30 -1.36
CA PRO A 517 -7.78 56.31 -1.72
C PRO A 517 -8.78 56.03 -0.61
N SER A 518 -8.46 56.37 0.66
CA SER A 518 -9.42 56.26 1.76
C SER A 518 -10.31 57.48 1.88
N GLN A 519 -10.00 58.57 1.18
CA GLN A 519 -10.74 59.81 1.30
C GLN A 519 -10.52 60.59 0.02
N SER A 520 -11.26 60.25 -1.04
CA SER A 520 -10.79 60.61 -2.37
C SER A 520 -10.91 62.09 -2.69
N ASP A 521 -11.42 62.93 -1.80
CA ASP A 521 -11.39 64.37 -2.10
C ASP A 521 -10.10 65.04 -1.64
N GLN A 522 -9.16 64.29 -1.06
CA GLN A 522 -7.89 64.83 -0.57
C GLN A 522 -6.76 64.43 -1.51
N ILE A 523 -5.99 65.42 -1.96
CA ILE A 523 -4.87 65.17 -2.86
C ILE A 523 -3.63 64.89 -2.03
N VAL A 524 -3.02 63.72 -2.24
CA VAL A 524 -1.79 63.38 -1.52
C VAL A 524 -0.56 63.81 -2.30
N GLY A 525 -0.56 63.57 -3.60
CA GLY A 525 0.58 63.93 -4.44
C GLY A 525 0.16 64.69 -5.68
N LYS A 526 1.00 65.62 -6.09
CA LYS A 526 0.92 66.27 -7.39
C LYS A 526 2.19 65.87 -8.14
N ILE A 527 2.07 65.02 -9.14
CA ILE A 527 3.20 64.34 -9.74
C ILE A 527 3.56 65.00 -11.07
N GLN A 528 4.79 65.49 -11.16
CA GLN A 528 5.33 65.89 -12.46
C GLN A 528 5.48 64.66 -13.33
N MET A 529 4.77 64.63 -14.46
CA MET A 529 4.78 63.46 -15.34
C MET A 529 5.72 63.74 -16.51
N ALA A 530 6.77 62.96 -16.63
CA ALA A 530 7.84 63.30 -17.56
C ALA A 530 7.40 63.14 -19.01
N THR A 531 8.04 63.91 -19.89
CA THR A 531 7.90 63.74 -21.33
C THR A 531 8.86 62.66 -21.84
N THR A 532 8.65 62.24 -23.10
CA THR A 532 9.58 61.29 -23.68
C THR A 532 10.97 61.89 -23.87
N GLU A 533 11.06 63.22 -24.09
CA GLU A 533 12.37 63.87 -24.14
C GLU A 533 13.09 63.74 -22.80
N GLN A 534 12.36 63.88 -21.70
CA GLN A 534 13.00 63.69 -20.40
C GLN A 534 13.34 62.23 -20.16
N ALA A 535 12.53 61.31 -20.66
CA ALA A 535 12.90 59.90 -20.59
C ALA A 535 14.19 59.64 -21.37
N GLU A 536 14.38 60.33 -22.49
CA GLU A 536 15.62 60.20 -23.25
C GLU A 536 16.80 60.72 -22.46
N GLN A 537 16.61 61.86 -21.77
CA GLN A 537 17.64 62.38 -20.89
C GLN A 537 17.97 61.39 -19.79
N ALA A 538 16.95 60.75 -19.21
CA ALA A 538 17.20 59.76 -18.17
C ALA A 538 18.03 58.60 -18.70
N MET A 539 17.70 58.11 -19.92
CA MET A 539 18.46 57.03 -20.53
C MET A 539 19.92 57.42 -20.73
N GLN A 540 20.14 58.64 -21.25
CA GLN A 540 21.50 59.12 -21.48
C GLN A 540 22.27 59.24 -20.16
N ALA A 541 21.63 59.79 -19.13
CA ALA A 541 22.31 59.93 -17.85
C ALA A 541 22.71 58.56 -17.28
N ALA A 542 21.84 57.56 -17.42
CA ALA A 542 22.14 56.23 -16.88
C ALA A 542 23.27 55.56 -17.65
N GLN A 543 23.25 55.70 -18.99
CA GLN A 543 24.29 55.12 -19.81
C GLN A 543 25.64 55.78 -19.52
N THR A 544 25.66 57.12 -19.40
CA THR A 544 26.91 57.80 -19.04
C THR A 544 27.43 57.34 -17.68
N ALA A 545 26.56 57.31 -16.67
CA ALA A 545 27.01 56.89 -15.34
C ALA A 545 27.48 55.44 -15.35
N TYR A 546 26.86 54.58 -16.15
CA TYR A 546 27.25 53.17 -16.16
C TYR A 546 28.72 52.99 -16.51
N LYS A 547 29.28 53.88 -17.35
CA LYS A 547 30.67 53.75 -17.75
C LYS A 547 31.64 53.75 -16.56
N THR A 548 31.32 54.48 -15.48
CA THR A 548 32.16 54.47 -14.29
C THR A 548 31.59 53.63 -13.15
N TRP A 549 30.26 53.61 -12.99
CA TRP A 549 29.65 52.88 -11.88
C TRP A 549 29.94 51.38 -11.95
N LYS A 550 30.00 50.83 -13.17
CA LYS A 550 30.31 49.40 -13.31
C LYS A 550 31.70 49.07 -12.80
N ASN A 551 32.57 50.06 -12.60
CA ASN A 551 33.90 49.81 -12.06
C ASN A 551 34.00 50.21 -10.59
N VAL A 552 32.92 50.69 -9.99
CA VAL A 552 32.96 50.90 -8.54
C VAL A 552 33.03 49.54 -7.85
N PRO A 553 33.99 49.32 -6.94
CA PRO A 553 34.12 48.00 -6.30
C PRO A 553 32.85 47.57 -5.60
N CYS A 554 32.61 46.25 -5.64
CA CYS A 554 31.40 45.68 -5.06
C CYS A 554 31.18 46.11 -3.62
N GLU A 555 32.25 46.13 -2.81
CA GLU A 555 32.08 46.51 -1.41
C GLU A 555 31.52 47.93 -1.29
N GLN A 556 31.96 48.84 -2.15
CA GLN A 556 31.46 50.21 -2.07
C GLN A 556 30.02 50.29 -2.58
N ARG A 557 29.69 49.52 -3.63
CA ARG A 557 28.30 49.49 -4.06
C ARG A 557 27.42 48.87 -2.98
N ALA A 558 27.92 47.81 -2.36
CA ALA A 558 27.18 47.17 -1.27
C ALA A 558 27.05 48.12 -0.08
N ALA A 559 28.10 48.89 0.23
CA ALA A 559 28.04 49.77 1.38
C ALA A 559 26.98 50.86 1.17
N LEU A 560 26.83 51.34 -0.06
CA LEU A 560 25.79 52.32 -0.34
C LEU A 560 24.40 51.71 -0.14
N VAL A 561 24.22 50.46 -0.54
CA VAL A 561 22.94 49.82 -0.35
C VAL A 561 22.66 49.62 1.13
N ASP A 562 23.70 49.31 1.90
CA ASP A 562 23.53 49.20 3.34
C ASP A 562 23.09 50.52 3.95
N LYS A 563 23.70 51.63 3.51
CA LYS A 563 23.33 52.93 4.07
C LYS A 563 21.89 53.27 3.75
N LEU A 564 21.43 52.89 2.55
CA LEU A 564 20.02 53.06 2.20
C LEU A 564 19.14 52.33 3.21
N ALA A 565 19.51 51.08 3.54
CA ALA A 565 18.74 50.34 4.53
C ALA A 565 18.77 51.01 5.91
N ASP A 566 19.91 51.60 6.28
CA ASP A 566 19.96 52.29 7.56
C ASP A 566 19.06 53.53 7.55
N ILE A 567 19.02 54.23 6.42
CA ILE A 567 18.13 55.39 6.31
C ILE A 567 16.68 54.94 6.39
N MET A 568 16.35 53.84 5.72
CA MET A 568 14.99 53.32 5.84
C MET A 568 14.66 52.99 7.29
N THR A 569 15.60 52.38 8.00
CA THR A 569 15.36 52.04 9.39
C THR A 569 15.14 53.29 10.23
N ARG A 570 15.93 54.33 9.99
CA ARG A 570 15.77 55.58 10.73
C ARG A 570 14.41 56.22 10.49
N ASP A 571 13.95 56.21 9.24
CA ASP A 571 12.75 56.94 8.85
C ASP A 571 11.49 56.06 8.82
N ARG A 572 11.52 54.95 9.55
CA ARG A 572 10.50 53.92 9.46
C ARG A 572 9.08 54.49 9.58
N PHE A 573 8.84 55.32 10.60
CA PHE A 573 7.47 55.78 10.84
C PHE A 573 7.00 56.73 9.73
N LYS A 574 7.89 57.61 9.25
CA LYS A 574 7.54 58.45 8.12
C LYS A 574 7.24 57.61 6.89
N LEU A 575 8.02 56.56 6.64
CA LEU A 575 7.78 55.75 5.45
C LEU A 575 6.43 55.04 5.53
N ILE A 576 6.08 54.53 6.71
CA ILE A 576 4.77 53.91 6.91
C ILE A 576 3.66 54.91 6.65
N ALA A 577 3.76 56.10 7.23
CA ALA A 577 2.71 57.10 7.05
C ALA A 577 2.46 57.40 5.58
N THR A 578 3.51 57.47 4.76
CA THR A 578 3.31 57.77 3.34
C THR A 578 2.46 56.70 2.66
N GLN A 579 2.79 55.42 2.93
CA GLN A 579 2.04 54.31 2.34
C GLN A 579 0.62 54.23 2.87
N VAL A 580 0.42 54.53 4.15
CA VAL A 580 -0.93 54.54 4.69
C VAL A 580 -1.81 55.53 3.91
N LEU A 581 -1.29 56.74 3.68
CA LEU A 581 -2.09 57.80 3.09
C LEU A 581 -2.20 57.72 1.57
N GLU A 582 -1.09 57.43 0.88
CA GLU A 582 -1.12 57.43 -0.59
C GLU A 582 -1.65 56.12 -1.18
N VAL A 583 -1.40 54.99 -0.55
CA VAL A 583 -1.78 53.70 -1.13
C VAL A 583 -2.89 53.01 -0.36
N GLY A 584 -3.28 53.52 0.81
CA GLY A 584 -4.31 52.87 1.60
C GLY A 584 -3.87 51.60 2.29
N LYS A 585 -2.57 51.41 2.48
CA LYS A 585 -2.06 50.24 3.19
C LYS A 585 -2.33 50.38 4.68
N PRO A 586 -3.01 49.42 5.32
CA PRO A 586 -3.19 49.47 6.78
C PRO A 586 -1.85 49.45 7.51
N TRP A 587 -1.87 49.96 8.75
CA TRP A 587 -0.65 50.12 9.54
C TRP A 587 0.30 48.93 9.43
N ALA A 588 -0.17 47.72 9.78
CA ALA A 588 0.75 46.58 9.84
C ALA A 588 1.21 46.15 8.45
N GLU A 589 0.34 46.26 7.44
CA GLU A 589 0.76 46.00 6.07
C GLU A 589 1.85 46.97 5.64
N ALA A 590 1.67 48.26 5.96
CA ALA A 590 2.68 49.26 5.60
C ALA A 590 3.99 48.97 6.29
N ASP A 591 3.94 48.58 7.57
CA ASP A 591 5.16 48.24 8.30
C ASP A 591 5.89 47.06 7.66
N GLY A 592 5.14 46.00 7.32
CA GLY A 592 5.75 44.87 6.64
C GLY A 592 6.42 45.26 5.34
N ASP A 593 5.83 46.23 4.62
CA ASP A 593 6.44 46.73 3.40
C ASP A 593 7.79 47.34 3.69
N ILE A 594 7.90 48.16 4.75
CA ILE A 594 9.19 48.77 5.08
C ILE A 594 10.21 47.71 5.47
N GLY A 595 9.80 46.74 6.28
CA GLY A 595 10.72 45.68 6.66
C GLY A 595 11.21 44.91 5.45
N GLU A 596 10.30 44.60 4.52
CA GLU A 596 10.70 43.90 3.30
C GLU A 596 11.66 44.73 2.46
N ALA A 597 11.43 46.05 2.39
CA ALA A 597 12.32 46.91 1.62
C ALA A 597 13.72 46.88 2.22
N ILE A 598 13.81 46.99 3.55
CA ILE A 598 15.08 46.88 4.25
C ILE A 598 15.70 45.52 4.01
N ASP A 599 14.87 44.47 4.03
CA ASP A 599 15.35 43.12 3.83
C ASP A 599 16.01 42.96 2.46
N PHE A 600 15.36 43.47 1.39
CA PHE A 600 15.94 43.40 0.05
C PHE A 600 17.30 44.06 0.01
N CYS A 601 17.41 45.27 0.56
CA CYS A 601 18.69 45.97 0.60
C CYS A 601 19.76 45.09 1.22
N ARG A 602 19.50 44.58 2.42
CA ARG A 602 20.53 43.85 3.15
C ARG A 602 20.85 42.53 2.49
N TYR A 603 19.83 41.85 1.94
CA TYR A 603 20.03 40.55 1.33
C TYR A 603 20.85 40.68 0.04
N TYR A 604 20.49 41.63 -0.83
CA TYR A 604 21.20 41.75 -2.09
C TYR A 604 22.61 42.28 -1.87
N ALA A 605 22.80 43.15 -0.87
CA ALA A 605 24.14 43.60 -0.52
C ALA A 605 24.99 42.42 -0.02
N ARG A 606 24.41 41.56 0.82
CA ARG A 606 25.11 40.36 1.27
C ARG A 606 25.43 39.43 0.10
N HIS A 607 24.48 39.24 -0.81
CA HIS A 607 24.70 38.34 -1.93
C HIS A 607 25.83 38.85 -2.84
N MET A 608 25.83 40.15 -3.13
CA MET A 608 26.87 40.68 -4.00
C MET A 608 28.23 40.54 -3.35
N ARG A 609 28.31 40.66 -2.03
CA ARG A 609 29.58 40.46 -1.34
C ARG A 609 30.08 39.04 -1.49
N GLU A 610 29.17 38.07 -1.58
CA GLU A 610 29.58 36.69 -1.88
C GLU A 610 29.98 36.55 -3.34
N LEU A 611 29.14 37.03 -4.26
CA LEU A 611 29.33 36.75 -5.68
C LEU A 611 30.51 37.50 -6.28
N GLN A 612 31.05 38.50 -5.58
CA GLN A 612 32.21 39.23 -6.07
C GLN A 612 33.46 38.35 -6.13
N LYS A 613 33.46 37.21 -5.41
CA LYS A 613 34.66 36.39 -5.33
C LYS A 613 34.80 35.46 -6.53
N PRO A 614 35.90 35.50 -7.27
CA PRO A 614 36.04 34.62 -8.43
C PRO A 614 35.97 33.16 -8.02
N LEU A 615 35.25 32.37 -8.81
CA LEU A 615 35.08 30.94 -8.52
C LEU A 615 36.10 30.15 -9.35
N ARG A 616 37.04 29.50 -8.67
CA ARG A 616 38.00 28.65 -9.36
C ARG A 616 37.26 27.47 -9.99
N VAL A 617 37.49 27.23 -11.29
CA VAL A 617 36.87 26.09 -11.96
C VAL A 617 37.94 25.25 -12.63
N GLY A 618 37.65 23.96 -12.79
CA GLY A 618 38.61 23.03 -13.37
C GLY A 618 39.68 22.61 -12.37
N GLY A 619 40.50 23.56 -11.94
CA GLY A 619 41.54 23.28 -10.98
C GLY A 619 42.76 22.54 -11.52
N LEU A 620 43.04 22.63 -12.82
CA LEU A 620 44.21 21.97 -13.39
C LEU A 620 45.48 22.79 -13.10
N PRO A 621 46.62 22.12 -12.94
CA PRO A 621 47.87 22.87 -12.81
C PRO A 621 48.27 23.50 -14.13
N GLY A 622 48.95 24.65 -14.03
CA GLY A 622 49.42 25.35 -15.21
C GLY A 622 48.37 26.18 -15.92
N GLU A 623 47.14 26.20 -15.43
CA GLU A 623 46.10 27.02 -16.06
C GLU A 623 45.14 27.49 -14.98
N LEU A 624 45.10 28.79 -14.75
CA LEU A 624 44.12 29.40 -13.87
C LEU A 624 42.86 29.72 -14.66
N SER A 625 41.72 29.29 -14.15
CA SER A 625 40.44 29.54 -14.79
C SER A 625 39.42 29.89 -13.72
N HIS A 626 38.73 31.01 -13.89
CA HIS A 626 37.77 31.49 -12.89
C HIS A 626 36.47 31.88 -13.56
N TYR A 627 35.38 31.56 -12.88
CA TYR A 627 34.03 31.91 -13.26
C TYR A 627 33.61 33.14 -12.45
N ILE A 628 33.18 34.19 -13.14
CA ILE A 628 32.88 35.49 -12.51
C ILE A 628 31.58 36.03 -13.06
N TYR A 629 31.10 37.11 -12.45
CA TYR A 629 29.90 37.78 -12.95
C TYR A 629 30.24 39.21 -13.35
N LYS A 630 29.60 39.67 -14.43
CA LYS A 630 29.70 41.03 -14.95
C LYS A 630 28.34 41.71 -14.88
N SER A 631 28.33 43.03 -14.79
CA SER A 631 27.09 43.78 -14.94
C SER A 631 26.67 43.80 -16.41
N ARG A 632 25.43 44.21 -16.68
CA ARG A 632 24.86 44.25 -18.02
C ARG A 632 24.73 45.64 -18.62
N GLY A 633 24.28 46.64 -17.86
CA GLY A 633 24.07 47.96 -18.42
C GLY A 633 22.88 48.70 -17.82
N VAL A 634 22.20 49.52 -18.60
CA VAL A 634 21.09 50.29 -18.08
C VAL A 634 19.89 49.38 -17.85
N THR A 635 19.31 49.44 -16.66
CA THR A 635 18.18 48.62 -16.28
C THR A 635 16.94 49.51 -16.19
N ALA A 636 15.87 49.12 -16.90
CA ALA A 636 14.58 49.80 -16.76
C ALA A 636 13.77 49.08 -15.68
N VAL A 637 13.32 49.83 -14.70
CA VAL A 637 12.55 49.31 -13.57
C VAL A 637 11.14 49.91 -13.64
N ILE A 638 10.14 49.07 -13.82
CA ILE A 638 8.73 49.48 -13.93
C ILE A 638 7.98 48.78 -12.81
N ALA A 639 7.66 49.52 -11.74
CA ALA A 639 7.29 48.91 -10.48
C ALA A 639 5.80 49.05 -10.20
N PRO A 640 5.23 48.15 -9.39
CA PRO A 640 3.79 48.22 -9.09
C PRO A 640 3.52 49.14 -7.91
N TRP A 641 2.23 49.31 -7.57
CA TRP A 641 1.82 50.17 -6.46
C TRP A 641 1.51 49.40 -5.19
N ASN A 642 1.26 48.09 -5.27
CA ASN A 642 0.67 47.41 -4.12
C ASN A 642 1.69 47.14 -3.02
N PHE A 643 2.97 46.97 -3.37
CA PHE A 643 4.05 46.97 -2.38
C PHE A 643 4.96 48.13 -2.74
N PRO A 644 4.54 49.36 -2.43
CA PRO A 644 5.06 50.52 -3.15
C PRO A 644 6.50 50.86 -2.83
N LEU A 645 7.01 50.47 -1.66
CA LEU A 645 8.43 50.67 -1.39
C LEU A 645 9.25 49.41 -1.59
N ALA A 646 8.73 48.27 -1.12
CA ALA A 646 9.50 47.04 -1.07
C ALA A 646 9.86 46.53 -2.47
N ILE A 647 8.85 46.34 -3.33
CA ILE A 647 9.15 45.75 -4.64
C ILE A 647 10.04 46.67 -5.45
N LEU A 648 9.69 47.96 -5.49
CA LEU A 648 10.52 48.95 -6.16
C LEU A 648 11.97 48.93 -5.66
N ALA A 649 12.14 48.95 -4.33
CA ALA A 649 13.50 48.95 -3.76
C ALA A 649 14.25 47.66 -4.09
N GLY A 650 13.57 46.53 -4.06
CA GLY A 650 14.21 45.27 -4.41
C GLY A 650 14.75 45.28 -5.83
N MET A 651 13.94 45.72 -6.78
CA MET A 651 14.38 45.82 -8.18
C MET A 651 15.55 46.78 -8.30
N VAL A 652 15.44 47.95 -7.67
CA VAL A 652 16.46 48.98 -7.84
C VAL A 652 17.78 48.58 -7.20
N THR A 653 17.74 48.11 -5.94
CA THR A 653 18.98 47.79 -5.25
C THR A 653 19.67 46.57 -5.85
N ALA A 654 18.90 45.57 -6.28
CA ALA A 654 19.51 44.40 -6.94
C ALA A 654 20.22 44.83 -8.22
N ALA A 655 19.53 45.60 -9.06
CA ALA A 655 20.15 46.07 -10.30
C ALA A 655 21.39 46.91 -10.00
N ALA A 656 21.25 47.87 -9.07
CA ALA A 656 22.36 48.77 -8.82
C ALA A 656 23.53 48.07 -8.16
N VAL A 657 23.27 47.20 -7.18
CA VAL A 657 24.40 46.56 -6.49
C VAL A 657 25.15 45.63 -7.42
N ALA A 658 24.46 45.07 -8.42
CA ALA A 658 25.13 44.25 -9.42
C ALA A 658 25.96 45.08 -10.39
N GLY A 659 26.06 46.39 -10.18
CA GLY A 659 26.89 47.23 -11.02
C GLY A 659 26.17 47.86 -12.20
N ASN A 660 24.85 47.66 -12.31
CA ASN A 660 24.07 48.31 -13.35
C ASN A 660 23.61 49.68 -12.85
N THR A 661 23.23 50.54 -13.80
CA THR A 661 22.51 51.78 -13.50
C THR A 661 21.03 51.59 -13.84
N VAL A 662 20.21 52.53 -13.36
CA VAL A 662 18.77 52.33 -13.25
C VAL A 662 18.02 53.58 -13.69
N VAL A 663 16.99 53.39 -14.51
CA VAL A 663 15.93 54.38 -14.72
C VAL A 663 14.67 53.75 -14.15
N MET A 664 14.12 54.30 -13.07
CA MET A 664 12.92 53.73 -12.45
C MET A 664 11.69 54.54 -12.81
N LYS A 665 10.65 53.85 -13.28
CA LYS A 665 9.35 54.42 -13.64
C LYS A 665 8.33 53.90 -12.66
N PRO A 666 8.09 54.58 -11.55
CA PRO A 666 7.15 54.07 -10.54
C PRO A 666 5.71 54.19 -11.00
N ALA A 667 4.85 53.43 -10.33
CA ALA A 667 3.42 53.51 -10.58
C ALA A 667 2.87 54.88 -10.22
N GLU A 668 1.97 55.40 -11.06
CA GLU A 668 1.38 56.70 -10.77
C GLU A 668 0.57 56.70 -9.49
N GLN A 669 0.11 55.53 -9.03
CA GLN A 669 -0.66 55.47 -7.79
C GLN A 669 0.21 55.60 -6.55
N SER A 670 1.51 55.39 -6.67
CA SER A 670 2.39 55.30 -5.52
C SER A 670 3.68 56.06 -5.79
N THR A 671 3.58 57.17 -6.52
CA THR A 671 4.79 57.92 -6.83
C THR A 671 5.29 58.74 -5.64
N VAL A 672 4.41 59.15 -4.71
CA VAL A 672 4.90 59.78 -3.49
C VAL A 672 5.78 58.82 -2.69
N VAL A 673 5.39 57.55 -2.61
CA VAL A 673 6.22 56.56 -1.93
C VAL A 673 7.56 56.45 -2.64
N ALA A 674 7.55 56.37 -3.98
CA ALA A 674 8.79 56.23 -4.72
C ALA A 674 9.67 57.47 -4.62
N TRP A 675 9.06 58.65 -4.52
CA TRP A 675 9.80 59.89 -4.33
C TRP A 675 10.61 59.84 -3.05
N GLY A 676 10.02 59.31 -1.97
CA GLY A 676 10.76 59.12 -0.74
C GLY A 676 11.94 58.20 -0.91
N LEU A 677 11.76 57.13 -1.70
CA LEU A 677 12.89 56.25 -1.98
C LEU A 677 14.00 57.02 -2.67
N MET A 678 13.66 57.85 -3.66
CA MET A 678 14.68 58.60 -4.39
C MET A 678 15.42 59.54 -3.46
N LYS A 679 14.71 60.18 -2.53
CA LYS A 679 15.35 61.08 -1.59
C LYS A 679 16.31 60.32 -0.68
N MET A 680 15.94 59.11 -0.26
CA MET A 680 16.84 58.32 0.57
C MET A 680 18.05 57.84 -0.22
N ILE A 681 17.85 57.51 -1.50
CA ILE A 681 18.96 57.13 -2.36
C ILE A 681 19.95 58.28 -2.52
N GLN A 682 19.45 59.51 -2.72
CA GLN A 682 20.34 60.66 -2.79
C GLN A 682 21.06 60.90 -1.46
N GLU A 683 20.34 60.75 -0.35
CA GLU A 683 20.99 60.92 0.95
C GLU A 683 22.03 59.82 1.19
N ALA A 684 21.78 58.63 0.69
CA ALA A 684 22.76 57.56 0.87
C ALA A 684 24.06 57.85 0.13
N GLY A 685 23.99 58.58 -0.97
CA GLY A 685 25.16 59.00 -1.71
C GLY A 685 25.41 58.30 -3.01
N PHE A 686 24.39 57.72 -3.63
CA PHE A 686 24.61 57.13 -4.94
C PHE A 686 25.02 58.24 -5.91
N PRO A 687 26.08 58.04 -6.70
CA PRO A 687 26.52 59.11 -7.62
C PRO A 687 25.46 59.44 -8.66
N GLN A 688 25.54 60.66 -9.17
CA GLN A 688 24.55 61.16 -10.13
C GLN A 688 24.41 60.23 -11.33
N GLY A 689 23.15 59.98 -11.71
CA GLY A 689 22.86 59.18 -12.87
C GLY A 689 22.83 57.68 -12.65
N VAL A 690 23.39 57.18 -11.53
CA VAL A 690 23.37 55.74 -11.26
C VAL A 690 21.93 55.27 -11.07
N ILE A 691 21.12 56.07 -10.41
CA ILE A 691 19.69 55.82 -10.29
C ILE A 691 18.96 57.11 -10.65
N ASN A 692 18.02 57.02 -11.61
CA ASN A 692 17.22 58.16 -12.06
C ASN A 692 15.74 57.88 -11.83
N PHE A 693 15.03 58.94 -11.45
CA PHE A 693 13.64 58.90 -11.01
C PHE A 693 12.76 59.48 -12.11
N LEU A 694 12.00 58.63 -12.79
CA LEU A 694 11.27 59.04 -14.00
C LEU A 694 9.78 58.76 -13.84
N PRO A 695 9.08 59.57 -13.03
CA PRO A 695 7.62 59.41 -12.92
C PRO A 695 6.92 59.80 -14.21
N GLY A 696 5.78 59.16 -14.45
CA GLY A 696 5.01 59.43 -15.64
C GLY A 696 4.10 58.26 -15.97
N TYR A 697 3.50 58.36 -17.16
CA TYR A 697 2.52 57.38 -17.59
C TYR A 697 3.21 56.17 -18.23
N GLY A 698 2.73 54.97 -17.88
CA GLY A 698 3.34 53.76 -18.42
C GLY A 698 3.32 53.69 -19.95
N GLU A 699 2.20 54.09 -20.55
CA GLU A 699 2.08 54.06 -22.01
C GLU A 699 2.95 55.11 -22.69
N GLU A 700 3.55 56.03 -21.93
CA GLU A 700 4.34 57.10 -22.52
C GLU A 700 5.83 56.86 -22.26
N VAL A 701 6.29 57.14 -21.05
CA VAL A 701 7.72 56.99 -20.74
C VAL A 701 8.08 55.55 -20.35
N GLY A 702 7.16 54.76 -19.83
CA GLY A 702 7.46 53.35 -19.60
C GLY A 702 7.72 52.62 -20.89
N GLU A 703 6.83 52.80 -21.86
CA GLU A 703 7.04 52.28 -23.20
C GLU A 703 8.37 52.77 -23.77
N TYR A 704 8.72 54.03 -23.52
CA TYR A 704 9.92 54.60 -24.11
C TYR A 704 11.18 53.90 -23.63
N ILE A 705 11.29 53.65 -22.32
CA ILE A 705 12.52 53.04 -21.81
C ILE A 705 12.58 51.54 -22.05
N VAL A 706 11.43 50.86 -22.19
CA VAL A 706 11.43 49.46 -22.61
C VAL A 706 12.02 49.34 -24.01
N ASN A 707 11.67 50.27 -24.89
CA ASN A 707 12.06 50.24 -26.30
C ASN A 707 13.45 50.78 -26.57
N HIS A 708 14.08 51.48 -25.63
CA HIS A 708 15.30 52.21 -25.90
C HIS A 708 16.47 51.26 -26.20
N LYS A 709 17.39 51.71 -27.05
CA LYS A 709 18.51 50.85 -27.48
C LYS A 709 19.51 50.61 -26.36
N TYR A 710 19.58 51.48 -25.35
CA TYR A 710 20.52 51.29 -24.24
C TYR A 710 19.99 50.35 -23.17
N THR A 711 18.68 50.10 -23.12
CA THR A 711 18.15 49.27 -22.06
C THR A 711 18.59 47.83 -22.24
N THR A 712 19.33 47.29 -21.27
CA THR A 712 19.77 45.90 -21.34
C THR A 712 18.84 44.96 -20.57
N THR A 713 18.23 45.44 -19.49
CA THR A 713 17.45 44.61 -18.59
C THR A 713 16.17 45.37 -18.22
N ILE A 714 15.04 44.66 -18.25
CA ILE A 714 13.76 45.22 -17.85
C ILE A 714 13.22 44.40 -16.69
N ALA A 715 13.00 45.06 -15.56
CA ALA A 715 12.34 44.44 -14.42
C ALA A 715 10.94 45.01 -14.34
N PHE A 716 9.94 44.15 -14.54
CA PHE A 716 8.56 44.59 -14.53
C PHE A 716 7.74 43.66 -13.67
N THR A 717 7.03 44.23 -12.71
CA THR A 717 6.03 43.50 -11.92
C THR A 717 4.72 44.25 -12.05
N GLY A 718 3.69 43.55 -12.53
CA GLY A 718 2.39 44.16 -12.80
C GLY A 718 1.41 43.23 -13.47
N SER A 719 0.53 43.75 -14.30
CA SER A 719 -0.52 42.95 -14.90
C SER A 719 0.03 42.09 -16.04
N LYS A 720 -0.72 41.00 -16.33
CA LYS A 720 -0.36 40.10 -17.42
C LYS A 720 -0.33 40.81 -18.76
N ALA A 721 -1.33 41.67 -19.02
CA ALA A 721 -1.44 42.33 -20.32
C ALA A 721 -0.21 43.20 -20.61
N VAL A 722 0.24 43.98 -19.62
CA VAL A 722 1.41 44.82 -19.82
C VAL A 722 2.66 43.96 -19.93
N GLY A 723 2.77 42.93 -19.09
CA GLY A 723 3.93 42.04 -19.15
C GLY A 723 4.10 41.39 -20.51
N LEU A 724 3.00 40.87 -21.07
CA LEU A 724 3.08 40.26 -22.39
C LEU A 724 3.50 41.28 -23.44
N HIS A 725 2.95 42.50 -23.34
CA HIS A 725 3.34 43.56 -24.26
C HIS A 725 4.82 43.91 -24.09
N ILE A 726 5.28 44.02 -22.85
CA ILE A 726 6.69 44.34 -22.63
C ILE A 726 7.60 43.27 -23.23
N MET A 727 7.24 41.99 -23.07
CA MET A 727 8.09 40.94 -23.61
C MET A 727 8.11 40.94 -25.13
N ASN A 728 6.98 41.28 -25.78
CA ASN A 728 7.02 41.41 -27.23
CA ASN A 728 7.01 41.43 -27.24
C ASN A 728 7.90 42.59 -27.64
N ARG A 729 7.80 43.72 -26.92
CA ARG A 729 8.64 44.88 -27.27
C ARG A 729 10.11 44.56 -27.06
N ALA A 730 10.44 43.90 -25.95
CA ALA A 730 11.83 43.66 -25.61
C ALA A 730 12.51 42.72 -26.58
N ALA A 731 11.73 41.88 -27.29
CA ALA A 731 12.34 40.99 -28.26
C ALA A 731 12.80 41.71 -29.51
N VAL A 732 12.36 42.95 -29.71
CA VAL A 732 12.79 43.75 -30.86
C VAL A 732 14.19 44.27 -30.64
N VAL A 733 15.07 44.06 -31.62
CA VAL A 733 16.41 44.62 -31.62
C VAL A 733 16.34 45.97 -32.30
N GLN A 734 16.44 47.04 -31.51
CA GLN A 734 16.32 48.37 -32.04
C GLN A 734 17.52 48.71 -32.91
N PRO A 735 17.36 49.66 -33.84
CA PRO A 735 18.53 50.17 -34.57
C PRO A 735 19.61 50.64 -33.60
N GLY A 736 20.83 50.16 -33.83
CA GLY A 736 21.96 50.50 -32.98
C GLY A 736 22.05 49.72 -31.68
N GLN A 737 21.09 48.84 -31.40
CA GLN A 737 21.14 48.01 -30.20
C GLN A 737 22.05 46.83 -30.46
N GLN A 738 23.06 46.63 -29.63
CA GLN A 738 23.99 45.53 -29.83
C GLN A 738 23.99 44.57 -28.64
N HIS A 739 22.82 44.17 -28.18
CA HIS A 739 22.71 43.22 -27.10
C HIS A 739 21.29 42.67 -27.16
N VAL A 740 21.07 41.62 -26.38
CA VAL A 740 19.75 41.04 -26.22
C VAL A 740 19.17 41.50 -24.90
N LYS A 741 17.95 41.99 -24.95
CA LYS A 741 17.29 42.46 -23.75
C LYS A 741 16.81 41.27 -22.93
N ARG A 742 16.94 41.39 -21.61
CA ARG A 742 16.42 40.42 -20.67
C ARG A 742 15.26 41.02 -19.89
N CYS A 743 14.17 40.27 -19.78
CA CYS A 743 12.99 40.63 -19.02
C CYS A 743 12.93 39.80 -17.75
N ILE A 744 12.74 40.50 -16.62
CA ILE A 744 12.49 39.89 -15.33
C ILE A 744 11.07 40.25 -14.95
N ILE A 745 10.14 39.29 -15.05
CA ILE A 745 8.71 39.58 -15.12
C ILE A 745 7.94 38.78 -14.07
N GLU A 746 7.07 39.46 -13.31
CA GLU A 746 6.07 38.84 -12.45
C GLU A 746 4.71 39.40 -12.82
N MET A 747 3.72 38.53 -13.06
CA MET A 747 2.47 38.94 -13.67
C MET A 747 1.20 38.52 -12.93
N GLY A 748 1.28 38.10 -11.68
CA GLY A 748 0.06 37.83 -10.93
C GLY A 748 -0.27 36.34 -10.82
N GLY A 749 -1.39 36.07 -10.15
CA GLY A 749 -1.81 34.70 -9.90
C GLY A 749 -3.30 34.61 -9.74
N LYS A 750 -3.78 33.35 -9.70
CA LYS A 750 -5.16 33.02 -9.34
C LYS A 750 -5.05 31.92 -8.30
N ASN A 751 -4.68 32.29 -7.10
CA ASN A 751 -4.13 31.35 -6.13
C ASN A 751 -5.21 30.71 -5.29
N ALA A 752 -5.06 29.41 -5.06
CA ALA A 752 -6.04 28.63 -4.34
C ALA A 752 -5.47 28.10 -3.03
N VAL A 753 -6.34 27.96 -2.04
CA VAL A 753 -6.06 27.20 -0.82
C VAL A 753 -6.99 25.99 -0.80
N ILE A 754 -6.42 24.80 -0.61
CA ILE A 754 -7.18 23.55 -0.52
C ILE A 754 -7.45 23.24 0.95
N ILE A 755 -8.71 22.92 1.26
CA ILE A 755 -9.13 22.59 2.61
C ILE A 755 -9.45 21.10 2.63
N ASP A 756 -8.58 20.30 3.24
CA ASP A 756 -8.83 18.88 3.39
C ASP A 756 -9.90 18.62 4.45
N ASN A 757 -10.48 17.42 4.40
CA ASN A 757 -11.58 17.07 5.32
C ASN A 757 -11.15 17.10 6.78
N ASP A 758 -9.88 16.79 7.06
CA ASP A 758 -9.38 16.70 8.41
C ASP A 758 -8.65 17.98 8.84
N ALA A 759 -8.85 19.07 8.11
CA ALA A 759 -8.14 20.30 8.39
C ALA A 759 -8.50 20.84 9.77
N ASP A 760 -7.53 21.45 10.42
CA ASP A 760 -7.80 22.23 11.62
C ASP A 760 -8.48 23.54 11.20
N LEU A 761 -9.78 23.64 11.45
CA LEU A 761 -10.54 24.76 10.92
C LEU A 761 -10.20 26.08 11.60
N ASP A 762 -9.70 26.07 12.84
CA ASP A 762 -9.18 27.29 13.45
C ASP A 762 -8.08 27.89 12.58
N GLU A 763 -7.08 27.06 12.26
CA GLU A 763 -5.96 27.53 11.45
C GLU A 763 -6.40 27.82 10.02
N ALA A 764 -7.22 26.95 9.45
CA ALA A 764 -7.60 27.11 8.05
C ALA A 764 -8.39 28.40 7.84
N VAL A 765 -9.39 28.66 8.68
CA VAL A 765 -10.23 29.83 8.49
C VAL A 765 -9.42 31.11 8.67
N ASP A 766 -8.63 31.18 9.74
CA ASP A 766 -7.79 32.35 9.98
C ASP A 766 -6.83 32.59 8.81
N GLY A 767 -6.13 31.55 8.35
CA GLY A 767 -5.20 31.70 7.25
C GLY A 767 -5.88 32.11 5.94
N VAL A 768 -7.03 31.52 5.65
CA VAL A 768 -7.72 31.84 4.39
C VAL A 768 -8.23 33.28 4.43
N ILE A 769 -8.82 33.70 5.56
CA ILE A 769 -9.33 35.07 5.68
C ILE A 769 -8.21 36.07 5.43
N TYR A 770 -7.08 35.90 6.13
CA TYR A 770 -6.01 36.86 5.94
C TYR A 770 -5.40 36.77 4.53
N SER A 771 -5.24 35.55 4.00
CA SER A 771 -4.71 35.41 2.65
C SER A 771 -5.62 36.06 1.61
N ALA A 772 -6.94 36.02 1.84
CA ALA A 772 -7.86 36.54 0.84
C ALA A 772 -8.11 38.03 1.00
N PHE A 773 -8.19 38.54 2.22
CA PHE A 773 -8.64 39.92 2.43
C PHE A 773 -7.56 40.84 2.96
N GLY A 774 -6.38 40.32 3.31
CA GLY A 774 -5.24 41.18 3.62
C GLY A 774 -4.94 42.14 2.47
N PHE A 775 -4.78 43.43 2.78
CA PHE A 775 -4.70 44.52 1.78
C PHE A 775 -5.80 44.41 0.73
N SER A 776 -7.00 44.03 1.18
CA SER A 776 -8.18 43.94 0.31
C SER A 776 -7.90 43.07 -0.91
N GLY A 777 -7.10 42.03 -0.75
CA GLY A 777 -6.85 41.08 -1.83
C GLY A 777 -5.95 41.60 -2.93
N GLN A 778 -5.29 42.75 -2.73
CA GLN A 778 -4.46 43.35 -3.77
C GLN A 778 -3.02 42.83 -3.71
N LYS A 779 -2.87 41.52 -3.84
CA LYS A 779 -1.56 40.88 -3.82
C LYS A 779 -1.51 39.82 -4.90
N CYS A 780 -0.36 39.72 -5.56
CA CYS A 780 -0.20 38.66 -6.55
C CYS A 780 -0.30 37.28 -5.90
N SER A 781 -0.07 37.20 -4.60
CA SER A 781 -0.11 35.97 -3.81
C SER A 781 -1.46 35.70 -3.16
N ALA A 782 -2.44 36.61 -3.31
CA ALA A 782 -3.68 36.53 -2.55
C ALA A 782 -4.47 35.27 -2.88
N ALA A 783 -5.09 34.70 -1.85
CA ALA A 783 -6.00 33.60 -2.06
C ALA A 783 -7.31 34.13 -2.65
N SER A 784 -7.57 33.80 -3.92
CA SER A 784 -8.85 34.14 -4.54
C SER A 784 -9.72 32.92 -4.77
N ARG A 785 -9.19 31.72 -4.56
CA ARG A 785 -9.90 30.45 -4.70
C ARG A 785 -9.70 29.62 -3.43
N VAL A 786 -10.79 29.09 -2.90
CA VAL A 786 -10.75 28.19 -1.76
C VAL A 786 -11.43 26.91 -2.20
N ILE A 787 -10.67 25.82 -2.29
CA ILE A 787 -11.16 24.55 -2.79
C ILE A 787 -11.36 23.65 -1.58
N VAL A 788 -12.61 23.33 -1.30
CA VAL A 788 -13.02 22.73 -0.03
C VAL A 788 -13.61 21.35 -0.32
N LEU A 789 -13.10 20.33 0.36
CA LEU A 789 -13.60 18.98 0.15
C LEU A 789 -14.99 18.82 0.74
N ASP A 790 -15.75 17.89 0.15
CA ASP A 790 -17.20 17.88 0.36
C ASP A 790 -17.58 17.60 1.81
N GLU A 791 -16.93 16.65 2.48
CA GLU A 791 -17.33 16.30 3.84
C GLU A 791 -17.18 17.49 4.80
N VAL A 792 -16.17 18.33 4.57
CA VAL A 792 -15.90 19.47 5.47
C VAL A 792 -16.51 20.78 4.97
N TYR A 793 -17.20 20.76 3.82
CA TYR A 793 -17.64 21.99 3.16
C TYR A 793 -18.50 22.86 4.08
N ASP A 794 -19.56 22.30 4.66
CA ASP A 794 -20.51 23.12 5.39
C ASP A 794 -19.87 23.75 6.63
N ARG A 795 -19.12 22.95 7.41
CA ARG A 795 -18.50 23.47 8.61
C ARG A 795 -17.49 24.57 8.28
N PHE A 796 -16.63 24.35 7.28
CA PHE A 796 -15.61 25.35 6.95
C PHE A 796 -16.27 26.62 6.40
N VAL A 797 -17.21 26.46 5.47
CA VAL A 797 -17.80 27.64 4.82
C VAL A 797 -18.60 28.47 5.83
N ASP A 798 -19.30 27.81 6.76
CA ASP A 798 -20.04 28.59 7.75
C ASP A 798 -19.09 29.43 8.60
N ARG A 799 -17.98 28.83 9.05
CA ARG A 799 -17.04 29.59 9.86
C ARG A 799 -16.35 30.67 9.05
N LEU A 800 -16.06 30.40 7.77
CA LEU A 800 -15.46 31.41 6.90
C LEU A 800 -16.39 32.61 6.72
N VAL A 801 -17.67 32.36 6.42
CA VAL A 801 -18.63 33.43 6.21
C VAL A 801 -18.82 34.24 7.49
N GLU A 802 -19.00 33.55 8.63
CA GLU A 802 -19.16 34.27 9.90
C GLU A 802 -17.91 35.06 10.26
N THR A 803 -16.71 34.57 9.92
CA THR A 803 -15.51 35.35 10.21
C THR A 803 -15.40 36.54 9.26
N ALA A 804 -15.72 36.35 7.98
CA ALA A 804 -15.69 37.46 7.04
C ALA A 804 -16.65 38.56 7.44
N LYS A 805 -17.80 38.21 8.02
CA LYS A 805 -18.74 39.21 8.56
C LYS A 805 -18.13 40.05 9.66
N SER A 806 -17.11 39.55 10.36
CA SER A 806 -16.60 40.19 11.57
C SER A 806 -15.47 41.16 11.34
N ILE A 807 -14.81 41.12 10.20
CA ILE A 807 -13.63 41.96 9.99
C ILE A 807 -14.09 43.38 9.66
N GLU A 808 -13.32 44.36 10.09
CA GLU A 808 -13.73 45.76 9.99
C GLU A 808 -13.01 46.46 8.84
N ILE A 809 -13.76 47.31 8.14
CA ILE A 809 -13.25 48.06 6.98
C ILE A 809 -13.28 49.55 7.33
N HIS A 810 -12.13 50.19 7.28
CA HIS A 810 -11.99 51.59 7.65
C HIS A 810 -10.96 52.26 6.76
N PRO A 811 -10.94 53.59 6.73
CA PRO A 811 -9.76 54.30 6.20
C PRO A 811 -8.47 53.73 6.79
N ALA A 812 -7.43 53.65 5.96
CA ALA A 812 -6.20 52.98 6.40
C ALA A 812 -5.58 53.68 7.59
N GLU A 813 -5.78 55.00 7.68
CA GLU A 813 -5.29 55.76 8.81
C GLU A 813 -5.86 55.28 10.14
N ASN A 814 -7.07 54.72 10.12
CA ASN A 814 -7.69 54.22 11.35
C ASN A 814 -7.02 52.91 11.75
N PRO A 815 -6.38 52.83 12.93
CA PRO A 815 -5.72 51.57 13.34
C PRO A 815 -6.65 50.37 13.48
N LYS A 816 -7.97 50.57 13.53
CA LYS A 816 -8.90 49.44 13.64
C LYS A 816 -9.19 48.78 12.29
N ALA A 817 -8.64 49.30 11.20
CA ALA A 817 -8.92 48.75 9.88
C ALA A 817 -8.32 47.36 9.72
N TYR A 818 -9.14 46.36 9.39
CA TYR A 818 -8.61 45.10 8.87
C TYR A 818 -8.34 45.21 7.38
N MET A 819 -9.33 45.71 6.63
CA MET A 819 -9.20 46.07 5.23
C MET A 819 -9.36 47.58 5.10
N GLY A 820 -8.63 48.17 4.14
CA GLY A 820 -8.85 49.53 3.74
C GLY A 820 -9.45 49.55 2.33
N PRO A 821 -9.20 50.61 1.58
CA PRO A 821 -9.75 50.73 0.22
C PRO A 821 -8.86 50.03 -0.81
N VAL A 822 -9.40 49.87 -2.02
CA VAL A 822 -8.55 49.46 -3.14
C VAL A 822 -7.95 50.70 -3.76
N VAL A 823 -7.05 50.53 -4.74
CA VAL A 823 -6.04 51.55 -4.95
C VAL A 823 -6.60 52.82 -5.59
N ASP A 824 -7.51 52.69 -6.56
CA ASP A 824 -8.01 53.87 -7.28
C ASP A 824 -9.39 53.60 -7.84
N LYS A 825 -9.98 54.64 -8.46
CA LYS A 825 -11.35 54.54 -8.97
C LYS A 825 -11.46 53.51 -10.07
N GLU A 826 -10.47 53.45 -10.95
CA GLU A 826 -10.47 52.45 -12.00
C GLU A 826 -10.59 51.03 -11.42
N ALA A 827 -9.75 50.70 -10.43
CA ALA A 827 -9.86 49.37 -9.82
C ALA A 827 -11.20 49.20 -9.11
N TYR A 828 -11.64 50.25 -8.41
CA TYR A 828 -12.93 50.19 -7.75
C TYR A 828 -14.04 49.81 -8.74
N ASP A 829 -14.14 50.57 -9.83
CA ASP A 829 -15.20 50.33 -10.80
C ASP A 829 -15.08 48.94 -11.43
N ARG A 830 -13.87 48.52 -11.78
CA ARG A 830 -13.65 47.20 -12.36
C ARG A 830 -14.07 46.08 -11.40
N ILE A 831 -13.67 46.20 -10.13
CA ILE A 831 -13.98 45.15 -9.15
C ILE A 831 -15.47 45.07 -8.92
N LEU A 832 -16.13 46.23 -8.73
CA LEU A 832 -17.56 46.21 -8.54
C LEU A 832 -18.25 45.65 -9.78
N GLY A 833 -17.66 45.88 -10.95
CA GLY A 833 -18.20 45.27 -12.15
C GLY A 833 -18.10 43.76 -12.13
N THR A 834 -16.95 43.24 -11.67
CA THR A 834 -16.80 41.79 -11.57
C THR A 834 -17.78 41.22 -10.55
N ILE A 835 -17.97 41.89 -9.41
CA ILE A 835 -18.89 41.37 -8.41
C ILE A 835 -20.30 41.28 -8.97
N ALA A 836 -20.75 42.31 -9.70
CA ALA A 836 -22.10 42.29 -10.26
C ALA A 836 -22.26 41.17 -11.27
N GLU A 837 -21.24 40.98 -12.13
CA GLU A 837 -21.29 39.92 -13.11
C GLU A 837 -21.39 38.55 -12.44
N ALA A 838 -20.61 38.32 -11.39
CA ALA A 838 -20.63 37.02 -10.71
C ALA A 838 -21.94 36.77 -9.99
N GLU A 839 -22.62 37.81 -9.49
CA GLU A 839 -23.91 37.62 -8.83
C GLU A 839 -24.95 37.08 -9.80
N LYS A 840 -24.77 37.28 -11.10
CA LYS A 840 -25.67 36.73 -12.09
C LYS A 840 -25.42 35.25 -12.33
N ASN A 841 -24.27 34.75 -11.92
CA ASN A 841 -23.85 33.39 -12.22
C ASN A 841 -23.70 32.49 -11.02
N HIS A 842 -23.43 33.02 -9.83
CA HIS A 842 -23.03 32.18 -8.72
C HIS A 842 -23.76 32.56 -7.44
N LYS A 843 -23.91 31.56 -6.57
CA LYS A 843 -24.54 31.79 -5.28
C LYS A 843 -23.66 32.71 -4.44
N LEU A 844 -24.24 33.82 -3.99
CA LEU A 844 -23.56 34.78 -3.14
C LEU A 844 -23.67 34.33 -1.69
N LEU A 845 -22.53 34.08 -1.03
CA LEU A 845 -22.52 33.68 0.38
C LEU A 845 -22.44 34.86 1.34
N PHE A 846 -21.81 35.96 0.93
CA PHE A 846 -21.56 37.08 1.82
C PHE A 846 -21.03 38.26 1.02
N LYS A 847 -21.52 39.45 1.34
CA LYS A 847 -20.95 40.70 0.87
C LYS A 847 -21.01 41.68 2.01
N GLY A 848 -19.84 42.18 2.43
CA GLY A 848 -19.80 43.05 3.59
C GLY A 848 -20.20 44.49 3.29
N SER A 849 -20.48 45.22 4.35
CA SER A 849 -20.75 46.65 4.24
C SER A 849 -19.46 47.41 4.48
N VAL A 850 -19.34 48.55 3.80
CA VAL A 850 -18.10 49.34 3.79
C VAL A 850 -18.44 50.80 3.92
N PRO A 851 -17.52 51.60 4.47
CA PRO A 851 -17.76 53.04 4.53
C PRO A 851 -17.63 53.67 3.15
N GLY A 852 -18.13 54.91 3.06
CA GLY A 852 -18.04 55.71 1.87
C GLY A 852 -16.85 56.66 1.94
N GLY A 853 -16.77 57.54 0.93
CA GLY A 853 -15.76 58.58 0.93
C GLY A 853 -14.46 58.19 0.28
N GLY A 854 -14.28 56.92 -0.06
CA GLY A 854 -13.08 56.46 -0.70
C GLY A 854 -13.42 55.23 -1.50
N PHE A 855 -12.40 54.54 -2.03
CA PHE A 855 -12.59 53.42 -2.95
C PHE A 855 -12.70 52.09 -2.21
N PHE A 856 -13.70 51.99 -1.33
CA PHE A 856 -13.86 50.80 -0.48
C PHE A 856 -14.64 49.72 -1.21
N ALA A 857 -13.93 48.72 -1.75
CA ALA A 857 -14.59 47.55 -2.32
C ALA A 857 -14.96 46.57 -1.20
N PRO A 858 -16.13 45.96 -1.25
CA PRO A 858 -16.60 45.12 -0.14
C PRO A 858 -16.00 43.72 -0.21
N PRO A 859 -15.72 43.09 0.94
CA PRO A 859 -15.30 41.67 0.92
C PRO A 859 -16.46 40.78 0.48
N THR A 860 -16.19 39.92 -0.49
CA THR A 860 -17.26 39.17 -1.16
C THR A 860 -16.86 37.71 -1.33
N ILE A 861 -17.78 36.80 -1.01
CA ILE A 861 -17.56 35.36 -1.11
C ILE A 861 -18.71 34.74 -1.91
N PHE A 862 -18.37 34.05 -2.99
CA PHE A 862 -19.32 33.27 -3.77
C PHE A 862 -19.07 31.79 -3.51
N GLY A 863 -20.14 31.02 -3.51
CA GLY A 863 -20.05 29.61 -3.19
C GLY A 863 -20.43 28.69 -4.34
N ASP A 864 -19.95 27.45 -4.30
CA ASP A 864 -20.23 26.46 -5.35
C ASP A 864 -19.91 27.02 -6.73
N VAL A 865 -18.81 27.74 -6.83
CA VAL A 865 -18.35 28.26 -8.12
C VAL A 865 -17.69 27.12 -8.89
N PRO A 866 -18.03 26.91 -10.17
CA PRO A 866 -17.34 25.90 -10.97
C PRO A 866 -15.87 26.25 -11.16
N GLY A 867 -15.04 25.20 -11.18
CA GLY A 867 -13.60 25.40 -11.29
C GLY A 867 -13.18 26.08 -12.58
N ASP A 868 -13.97 25.90 -13.64
CA ASP A 868 -13.64 26.52 -14.92
C ASP A 868 -14.38 27.84 -15.14
N ALA A 869 -15.14 28.31 -14.15
CA ALA A 869 -15.86 29.57 -14.32
C ALA A 869 -14.88 30.73 -14.42
N LYS A 870 -15.29 31.79 -15.13
CA LYS A 870 -14.46 32.97 -15.27
C LYS A 870 -14.06 33.52 -13.90
N LEU A 871 -14.99 33.52 -12.95
CA LEU A 871 -14.67 34.00 -11.60
C LEU A 871 -13.52 33.20 -10.99
N ALA A 872 -13.41 31.92 -11.32
CA ALA A 872 -12.37 31.08 -10.76
C ALA A 872 -11.14 31.01 -11.65
N GLN A 873 -11.05 31.88 -12.67
CA GLN A 873 -9.95 31.82 -13.63
C GLN A 873 -9.22 33.16 -13.81
N ALA A 874 -9.97 34.26 -13.95
CA ALA A 874 -9.36 35.56 -14.19
C ALA A 874 -8.99 36.25 -12.89
N GLU A 875 -7.80 36.84 -12.85
CA GLU A 875 -7.34 37.50 -11.64
C GLU A 875 -8.13 38.79 -11.42
N ILE A 876 -8.58 38.99 -10.18
CA ILE A 876 -9.40 40.14 -9.85
C ILE A 876 -8.62 41.21 -9.07
N PHE A 877 -7.66 40.81 -8.23
CA PHE A 877 -6.87 41.78 -7.44
C PHE A 877 -7.78 42.65 -6.57
N GLY A 878 -8.77 42.01 -5.95
CA GLY A 878 -9.73 42.66 -5.08
C GLY A 878 -10.25 41.70 -4.02
N PRO A 879 -11.07 42.16 -3.12
CA PRO A 879 -11.51 41.27 -2.01
C PRO A 879 -12.67 40.37 -2.40
N VAL A 880 -12.44 39.48 -3.37
CA VAL A 880 -13.49 38.65 -3.95
C VAL A 880 -13.00 37.19 -3.99
N VAL A 881 -13.73 36.31 -3.32
CA VAL A 881 -13.31 34.93 -3.09
C VAL A 881 -14.27 33.98 -3.79
N ALA A 882 -13.72 32.96 -4.47
CA ALA A 882 -14.54 31.89 -5.03
C ALA A 882 -14.31 30.62 -4.22
N VAL A 883 -15.37 30.14 -3.59
CA VAL A 883 -15.35 28.86 -2.89
C VAL A 883 -15.77 27.77 -3.87
N ILE A 884 -14.91 26.78 -4.06
CA ILE A 884 -15.10 25.73 -5.05
C ILE A 884 -15.17 24.37 -4.34
N ARG A 885 -16.14 23.56 -4.72
CA ARG A 885 -16.33 22.26 -4.10
C ARG A 885 -15.47 21.19 -4.79
N ALA A 886 -14.97 20.23 -4.02
CA ALA A 886 -14.22 19.10 -4.56
C ALA A 886 -14.67 17.80 -3.90
N LYS A 887 -14.87 16.75 -4.71
CA LYS A 887 -15.27 15.47 -4.15
C LYS A 887 -14.16 14.85 -3.32
N ASN A 888 -12.90 15.02 -3.73
CA ASN A 888 -11.75 14.40 -3.07
C ASN A 888 -10.50 15.16 -3.45
N LEU A 889 -9.36 14.70 -2.91
CA LEU A 889 -8.09 15.38 -3.19
C LEU A 889 -7.73 15.33 -4.68
N ASP A 890 -8.06 14.24 -5.37
CA ASP A 890 -7.85 14.17 -6.82
C ASP A 890 -8.48 15.39 -7.51
N GLN A 891 -9.78 15.61 -7.28
CA GLN A 891 -10.47 16.70 -7.97
C GLN A 891 -9.96 18.05 -7.49
N ALA A 892 -9.64 18.16 -6.19
CA ALA A 892 -9.13 19.43 -5.67
C ALA A 892 -7.83 19.82 -6.35
N LEU A 893 -6.93 18.86 -6.56
CA LEU A 893 -5.68 19.18 -7.25
C LEU A 893 -5.92 19.52 -8.72
N ASP A 894 -6.77 18.75 -9.41
CA ASP A 894 -7.10 19.10 -10.80
C ASP A 894 -7.63 20.53 -10.89
N ILE A 895 -8.57 20.89 -10.03
CA ILE A 895 -9.11 22.24 -10.04
C ILE A 895 -8.01 23.25 -9.71
N ALA A 896 -7.18 22.96 -8.71
CA ALA A 896 -6.15 23.90 -8.31
C ALA A 896 -5.18 24.17 -9.45
N ASN A 897 -4.92 23.16 -10.30
CA ASN A 897 -3.95 23.26 -11.39
C ASN A 897 -4.56 23.76 -12.71
N SER A 898 -5.85 24.09 -12.74
CA SER A 898 -6.54 24.31 -14.01
C SER A 898 -6.52 25.76 -14.48
N THR A 899 -5.76 26.66 -13.83
CA THR A 899 -5.71 28.03 -14.29
C THR A 899 -4.47 28.27 -15.16
N GLU A 900 -4.42 29.48 -15.71
CA GLU A 900 -3.29 30.06 -16.42
C GLU A 900 -2.11 30.38 -15.52
N TYR A 901 -2.28 30.36 -14.20
CA TYR A 901 -1.28 30.91 -13.29
C TYR A 901 -0.64 29.82 -12.42
N ALA A 902 0.52 30.15 -11.88
CA ALA A 902 1.27 29.21 -11.06
C ALA A 902 2.11 29.98 -10.04
N LEU A 903 1.47 30.84 -9.23
CA LEU A 903 2.24 31.65 -8.28
C LEU A 903 2.22 31.06 -6.87
N THR A 904 1.18 31.29 -6.08
CA THR A 904 1.12 30.70 -4.75
C THR A 904 0.00 29.67 -4.66
N GLY A 905 0.08 28.81 -3.65
CA GLY A 905 -0.97 27.85 -3.39
C GLY A 905 -0.73 27.18 -2.05
N GLY A 906 -1.79 26.63 -1.48
CA GLY A 906 -1.66 26.03 -0.17
C GLY A 906 -2.71 24.97 0.10
N VAL A 907 -2.42 24.19 1.15
CA VAL A 907 -3.34 23.18 1.67
C VAL A 907 -3.35 23.26 3.20
N PHE A 908 -4.53 23.06 3.79
CA PHE A 908 -4.68 22.75 5.20
C PHE A 908 -5.09 21.29 5.30
N SER A 909 -4.23 20.47 5.91
CA SER A 909 -4.40 19.01 5.96
C SER A 909 -3.59 18.46 7.12
N ARG A 910 -4.10 17.40 7.73
CA ARG A 910 -3.38 16.69 8.76
C ARG A 910 -3.19 15.24 8.35
N SER A 911 -3.11 15.02 7.04
CA SER A 911 -2.77 13.72 6.46
C SER A 911 -1.37 13.80 5.87
N PRO A 912 -0.40 13.05 6.39
CA PRO A 912 0.93 13.02 5.77
C PRO A 912 0.90 12.67 4.29
N ALA A 913 0.06 11.71 3.89
CA ALA A 913 0.10 11.34 2.48
C ALA A 913 -0.54 12.43 1.61
N ASN A 914 -1.61 13.06 2.08
CA ASN A 914 -2.22 14.14 1.31
C ASN A 914 -1.28 15.35 1.21
N ILE A 915 -0.59 15.67 2.29
CA ILE A 915 0.39 16.76 2.24
C ILE A 915 1.47 16.43 1.20
N ASN A 916 1.93 15.19 1.17
CA ASN A 916 2.95 14.82 0.18
C ASN A 916 2.39 14.90 -1.23
N ARG A 917 1.15 14.49 -1.44
CA ARG A 917 0.57 14.64 -2.77
C ARG A 917 0.54 16.12 -3.19
N VAL A 918 0.15 17.00 -2.26
CA VAL A 918 0.08 18.42 -2.60
C VAL A 918 1.47 18.95 -2.94
N LYS A 919 2.47 18.59 -2.13
CA LYS A 919 3.84 19.01 -2.41
C LYS A 919 4.29 18.57 -3.80
N GLU A 920 3.95 17.35 -4.19
CA GLU A 920 4.46 16.83 -5.46
C GLU A 920 3.59 17.21 -6.67
N GLU A 921 2.32 17.60 -6.46
CA GLU A 921 1.41 17.76 -7.59
C GLU A 921 0.83 19.16 -7.76
N LEU A 922 0.85 20.01 -6.72
CA LEU A 922 0.33 21.36 -6.88
C LEU A 922 1.34 22.21 -7.66
N GLU A 923 0.92 22.76 -8.81
CA GLU A 923 1.84 23.48 -9.70
C GLU A 923 1.88 24.97 -9.35
N VAL A 924 2.74 25.31 -8.37
CA VAL A 924 2.95 26.70 -7.92
C VAL A 924 4.42 26.95 -7.60
N GLY A 925 4.82 28.22 -7.65
CA GLY A 925 6.18 28.55 -7.27
C GLY A 925 6.40 28.69 -5.77
N ASN A 926 5.34 29.06 -5.03
CA ASN A 926 5.41 29.16 -3.57
C ASN A 926 4.25 28.34 -2.99
N LEU A 927 4.59 27.18 -2.43
CA LEU A 927 3.65 26.22 -1.88
C LEU A 927 3.72 26.30 -0.36
N TYR A 928 2.55 26.39 0.29
CA TYR A 928 2.43 26.49 1.75
C TYR A 928 1.59 25.34 2.28
N VAL A 929 2.00 24.78 3.41
CA VAL A 929 1.27 23.71 4.09
C VAL A 929 0.87 24.23 5.48
N ASN A 930 -0.43 24.30 5.73
CA ASN A 930 -0.99 24.61 7.05
C ASN A 930 -0.65 26.02 7.54
N ARG A 931 -0.59 26.96 6.62
CA ARG A 931 -0.54 28.38 6.96
C ARG A 931 -1.03 29.13 5.73
N GLY A 932 -1.22 30.44 5.90
CA GLY A 932 -1.62 31.27 4.78
C GLY A 932 -0.56 31.37 3.69
N ILE A 933 -1.00 31.86 2.54
CA ILE A 933 -0.20 31.81 1.32
C ILE A 933 0.31 33.19 0.91
N THR A 934 0.19 34.19 1.77
CA THR A 934 0.79 35.49 1.51
C THR A 934 1.91 35.76 2.53
N GLY A 935 2.46 36.97 2.51
CA GLY A 935 3.51 37.32 3.48
C GLY A 935 4.85 36.65 3.24
N ALA A 936 5.18 36.32 2.00
CA ALA A 936 6.50 35.78 1.72
C ALA A 936 7.58 36.78 2.15
N MET A 937 8.61 36.30 2.83
CA MET A 937 9.67 37.16 3.30
C MET A 937 10.98 36.83 2.58
N VAL A 938 11.82 37.86 2.40
CA VAL A 938 13.16 37.65 1.88
C VAL A 938 13.87 36.54 2.65
N ASP A 939 14.56 35.68 1.91
CA ASP A 939 15.33 34.53 2.37
C ASP A 939 14.45 33.37 2.84
N ARG A 940 13.42 33.66 3.64
CA ARG A 940 12.54 32.61 4.14
C ARG A 940 11.69 31.98 3.05
N HIS A 941 11.14 32.78 2.15
CA HIS A 941 10.21 32.29 1.12
C HIS A 941 10.49 32.99 -0.20
N PRO A 942 11.58 32.64 -0.89
CA PRO A 942 11.87 33.29 -2.18
C PRO A 942 10.65 33.23 -3.11
N PHE A 943 10.30 34.38 -3.68
CA PHE A 943 8.95 34.59 -4.18
C PHE A 943 8.93 34.73 -5.71
N GLY A 944 8.06 33.98 -6.34
CA GLY A 944 7.89 33.99 -7.78
C GLY A 944 7.41 32.64 -8.25
N GLY A 945 6.86 32.61 -9.45
CA GLY A 945 6.26 31.40 -9.98
C GLY A 945 6.37 31.32 -11.48
N PHE A 946 5.60 30.43 -12.11
CA PHE A 946 5.71 30.16 -13.54
C PHE A 946 4.33 30.16 -14.20
N LYS A 947 4.16 29.39 -15.29
CA LYS A 947 3.02 29.59 -16.20
C LYS A 947 2.91 31.09 -16.52
N MET A 948 1.71 31.66 -16.52
CA MET A 948 1.60 33.08 -16.83
C MET A 948 1.84 33.98 -15.63
N SER A 949 2.36 33.43 -14.52
CA SER A 949 2.71 34.25 -13.37
C SER A 949 4.07 34.94 -13.51
N GLY A 950 4.87 34.57 -14.51
CA GLY A 950 6.08 35.31 -14.79
C GLY A 950 7.17 34.42 -15.39
N ILE A 951 8.36 35.01 -15.48
CA ILE A 951 9.57 34.29 -15.87
C ILE A 951 10.77 35.01 -15.26
N GLY A 952 11.69 34.24 -14.68
CA GLY A 952 12.96 34.77 -14.21
C GLY A 952 12.94 35.60 -12.93
N SER A 953 11.84 35.61 -12.20
CA SER A 953 11.71 36.45 -11.01
C SER A 953 11.46 35.57 -9.80
N LYS A 954 12.53 35.26 -9.08
CA LYS A 954 12.42 34.55 -7.80
C LYS A 954 13.11 35.42 -6.76
N THR A 955 12.39 36.44 -6.30
CA THR A 955 12.97 37.51 -5.47
C THR A 955 13.31 37.00 -4.08
N GLY A 956 14.30 37.64 -3.46
CA GLY A 956 14.69 37.23 -2.11
C GLY A 956 15.25 35.84 -2.00
N GLY A 957 15.80 35.28 -3.10
CA GLY A 957 16.40 33.96 -3.11
C GLY A 957 17.74 33.97 -3.81
N PRO A 958 18.44 32.83 -3.78
CA PRO A 958 19.85 32.82 -4.21
C PRO A 958 20.06 32.85 -5.71
N ASP A 959 19.01 32.88 -6.53
CA ASP A 959 19.21 32.99 -7.97
C ASP A 959 18.92 34.39 -8.51
N TYR A 960 18.32 35.28 -7.69
CA TYR A 960 17.71 36.48 -8.23
C TYR A 960 18.75 37.47 -8.74
N LEU A 961 19.77 37.76 -7.95
CA LEU A 961 20.75 38.79 -8.32
C LEU A 961 21.45 38.45 -9.64
N LYS A 962 21.66 37.16 -9.92
CA LYS A 962 22.35 36.78 -11.14
C LYS A 962 21.59 37.19 -12.39
N GLN A 963 20.27 37.34 -12.29
CA GLN A 963 19.50 37.79 -13.44
C GLN A 963 19.93 39.17 -13.91
N TYR A 964 20.53 39.98 -13.05
CA TYR A 964 21.00 41.30 -13.44
C TYR A 964 22.45 41.27 -13.89
N MET A 965 23.03 40.09 -14.13
CA MET A 965 24.44 39.99 -14.46
C MET A 965 24.65 39.03 -15.64
N GLU A 966 25.87 39.03 -16.17
CA GLU A 966 26.34 38.05 -17.16
C GLU A 966 27.44 37.22 -16.52
N PRO A 967 27.43 35.90 -16.68
CA PRO A 967 28.58 35.09 -16.26
C PRO A 967 29.70 35.23 -17.28
N ALA A 968 30.93 35.08 -16.79
CA ALA A 968 32.11 35.14 -17.66
C ALA A 968 33.17 34.21 -17.12
N CYS A 969 34.14 33.90 -17.99
CA CYS A 969 35.22 33.01 -17.62
C CYS A 969 36.54 33.65 -18.04
N VAL A 970 37.50 33.70 -17.12
CA VAL A 970 38.84 34.19 -17.38
C VAL A 970 39.77 33.00 -17.20
N THR A 971 40.51 32.66 -18.25
CA THR A 971 41.37 31.49 -18.26
C THR A 971 42.78 31.95 -18.61
N GLU A 972 43.74 31.66 -17.72
CA GLU A 972 45.11 32.12 -17.91
C GLU A 972 46.08 30.96 -17.86
N ASN A 973 46.82 30.78 -18.95
CA ASN A 973 47.94 29.85 -18.95
C ASN A 973 49.07 30.43 -18.09
N THR A 974 49.47 29.70 -17.04
CA THR A 974 50.53 30.14 -16.15
C THR A 974 51.86 29.43 -16.42
N LEU A 975 51.90 28.52 -17.39
CA LEU A 975 53.09 27.73 -17.70
C LEU A 975 53.96 28.48 -18.70
N ARG A 976 55.21 28.76 -18.31
CA ARG A 976 56.20 29.41 -19.17
C ARG A 976 57.54 28.74 -18.91
N ARG A 977 58.22 28.34 -20.00
CA ARG A 977 59.54 27.69 -19.92
C ARG A 977 59.52 26.45 -19.03
N GLY A 978 58.45 25.65 -19.11
CA GLY A 978 58.38 24.44 -18.32
C GLY A 978 58.09 24.65 -16.84
N PHE A 979 57.58 25.83 -16.47
CA PHE A 979 57.32 26.13 -15.07
C PHE A 979 56.01 26.86 -14.85
N ALA A 980 55.29 26.44 -13.81
CA ALA A 980 54.07 27.08 -13.41
C ALA A 980 54.08 27.23 -11.90
N PRO A 981 53.62 28.37 -11.39
CA PRO A 981 53.54 28.55 -9.94
C PRO A 981 52.46 27.67 -9.35
N ALA A 982 52.66 27.27 -8.09
CA ALA A 982 51.61 26.57 -7.35
C ALA A 982 50.53 27.55 -6.89
N GLU A 983 49.32 27.03 -6.70
CA GLU A 983 48.25 27.82 -6.09
C GLU A 983 48.16 27.51 -4.60
N GLY B 1 84.86 -6.45 5.16
CA GLY B 1 83.72 -6.28 4.28
C GLY B 1 82.59 -7.28 4.51
N HIS B 2 81.57 -7.22 3.66
CA HIS B 2 80.50 -8.21 3.69
C HIS B 2 80.09 -8.58 2.28
N MET B 3 79.53 -9.77 2.14
CA MET B 3 78.91 -10.13 0.88
C MET B 3 77.82 -9.12 0.55
N ASN B 4 77.77 -8.72 -0.71
CA ASN B 4 76.76 -7.77 -1.21
C ASN B 4 76.89 -6.40 -0.55
N ASP B 5 78.11 -5.99 -0.19
CA ASP B 5 78.38 -4.65 0.33
C ASP B 5 78.77 -3.66 -0.76
N ILE B 6 78.22 -3.78 -1.97
CA ILE B 6 78.57 -2.85 -3.05
C ILE B 6 78.20 -1.43 -2.66
N GLN B 7 77.08 -1.26 -1.95
CA GLN B 7 76.64 0.07 -1.55
C GLN B 7 77.67 0.76 -0.68
N SER B 8 78.39 0.00 0.14
CA SER B 8 79.47 0.58 0.94
C SER B 8 80.65 1.02 0.07
N GLN B 9 80.94 0.29 -1.00
CA GLN B 9 82.05 0.69 -1.87
C GLN B 9 81.69 1.93 -2.70
N ILE B 10 80.43 2.04 -3.10
CA ILE B 10 79.98 3.23 -3.81
C ILE B 10 80.08 4.46 -2.89
N VAL B 11 79.60 4.33 -1.65
CA VAL B 11 79.71 5.44 -0.70
C VAL B 11 81.15 5.87 -0.54
N SER B 12 82.08 4.92 -0.48
CA SER B 12 83.50 5.25 -0.35
C SER B 12 84.00 6.06 -1.55
N ARG B 13 83.62 5.66 -2.76
CA ARG B 13 84.06 6.40 -3.94
C ARG B 13 83.52 7.82 -3.92
N GLY B 14 82.25 7.98 -3.52
CA GLY B 14 81.68 9.32 -3.43
C GLY B 14 82.38 10.18 -2.40
N GLU B 15 82.80 9.57 -1.28
CA GLU B 15 83.53 10.33 -0.27
C GLU B 15 84.87 10.80 -0.79
N GLU B 16 85.56 9.98 -1.59
CA GLU B 16 86.81 10.42 -2.21
C GLU B 16 86.57 11.61 -3.14
N ILE B 17 85.52 11.53 -3.96
CA ILE B 17 85.24 12.60 -4.93
C ILE B 17 84.95 13.90 -4.20
N LEU B 18 84.15 13.85 -3.15
CA LEU B 18 83.86 15.06 -2.38
C LEU B 18 85.09 15.58 -1.64
N LYS B 19 85.97 14.69 -1.18
CA LYS B 19 87.18 15.14 -0.51
C LYS B 19 88.09 15.90 -1.47
N ARG B 20 88.31 15.35 -2.67
CA ARG B 20 89.09 16.03 -3.69
C ARG B 20 88.48 17.39 -4.02
N MET B 21 87.15 17.47 -4.03
CA MET B 21 86.48 18.71 -4.41
C MET B 21 86.83 19.84 -3.44
N GLU B 22 87.09 19.51 -2.18
CA GLU B 22 87.48 20.53 -1.22
C GLU B 22 88.82 21.16 -1.57
N SER B 23 89.66 20.46 -2.33
CA SER B 23 90.98 20.95 -2.71
C SER B 23 90.98 21.75 -4.01
N GLN B 24 89.85 21.85 -4.70
CA GLN B 24 89.74 22.68 -5.90
C GLN B 24 89.58 24.15 -5.53
N SER B 25 89.91 25.03 -6.48
CA SER B 25 89.68 26.46 -6.33
C SER B 25 88.64 26.94 -7.35
N LYS B 26 87.58 26.16 -7.55
CA LYS B 26 86.53 26.49 -8.50
C LYS B 26 85.28 26.99 -7.76
N ALA B 27 84.50 27.83 -8.45
CA ALA B 27 83.33 28.47 -7.87
C ALA B 27 82.10 27.59 -8.03
N SER B 28 81.18 27.73 -7.08
CA SER B 28 79.87 27.10 -7.17
C SER B 28 78.85 28.07 -7.75
N ILE B 29 77.97 27.56 -8.61
CA ILE B 29 76.85 28.32 -9.13
C ILE B 29 75.98 28.89 -8.03
N PHE B 30 76.05 28.32 -6.83
CA PHE B 30 75.20 28.74 -5.72
C PHE B 30 75.77 29.89 -4.92
N SER B 31 77.01 30.29 -5.19
CA SER B 31 77.66 31.37 -4.44
C SER B 31 76.81 32.63 -4.46
N LYS B 32 76.42 33.11 -3.27
CA LYS B 32 75.71 34.37 -3.17
C LYS B 32 76.63 35.58 -3.32
N ASP B 33 77.86 35.38 -3.80
CA ASP B 33 78.75 36.46 -4.19
C ASP B 33 78.57 36.89 -5.65
N PHE B 34 77.68 36.21 -6.40
CA PHE B 34 77.29 36.59 -7.76
C PHE B 34 75.82 37.01 -7.76
N TRP B 35 75.43 37.69 -8.84
CA TRP B 35 74.01 38.02 -9.02
C TRP B 35 73.18 36.74 -9.19
N TYR B 36 73.72 35.75 -9.91
CA TYR B 36 73.00 34.50 -10.16
C TYR B 36 72.66 33.77 -8.87
N GLY B 37 73.64 33.64 -7.98
CA GLY B 37 73.41 32.95 -6.71
C GLY B 37 72.45 33.69 -5.79
N SER B 38 72.55 35.02 -5.76
CA SER B 38 71.63 35.79 -4.92
C SER B 38 70.20 35.69 -5.44
N ILE B 39 70.02 35.73 -6.76
CA ILE B 39 68.71 35.48 -7.36
C ILE B 39 68.16 34.14 -6.88
N MET B 40 69.01 33.10 -6.88
CA MET B 40 68.57 31.76 -6.51
C MET B 40 68.19 31.67 -5.02
N GLU B 41 69.01 32.24 -4.13
CA GLU B 41 68.68 32.21 -2.71
C GLU B 41 67.31 32.84 -2.46
N TRP B 42 67.09 34.05 -2.99
CA TRP B 42 65.79 34.69 -2.83
C TRP B 42 64.68 33.85 -3.46
N SER B 43 64.95 33.22 -4.61
CA SER B 43 63.93 32.40 -5.26
C SER B 43 63.59 31.16 -4.44
N MET B 44 64.59 30.49 -3.86
CA MET B 44 64.28 29.31 -3.06
C MET B 44 63.57 29.66 -1.76
N LYS B 45 63.71 30.91 -1.30
CA LYS B 45 63.07 31.35 -0.06
C LYS B 45 61.64 31.86 -0.25
N ASN B 46 61.28 32.32 -1.46
CA ASN B 46 60.00 32.99 -1.70
C ASN B 46 59.46 32.60 -3.07
N GLU B 47 58.34 31.86 -3.11
CA GLU B 47 57.80 31.36 -4.37
C GLU B 47 57.25 32.47 -5.26
N LYS B 48 56.68 33.53 -4.67
CA LYS B 48 56.20 34.62 -5.50
C LYS B 48 57.36 35.34 -6.18
N PHE B 49 58.46 35.53 -5.45
CA PHE B 49 59.65 36.09 -6.09
C PHE B 49 60.21 35.16 -7.16
N LYS B 50 60.22 33.85 -6.88
CA LYS B 50 60.73 32.90 -7.88
C LYS B 50 59.96 33.02 -9.18
N THR B 51 58.63 33.06 -9.09
CA THR B 51 57.79 33.19 -10.28
C THR B 51 58.09 34.50 -11.01
N ASN B 52 58.11 35.62 -10.29
CA ASN B 52 58.30 36.91 -10.95
C ASN B 52 59.71 37.05 -11.52
N MET B 53 60.73 36.58 -10.80
CA MET B 53 62.08 36.76 -11.31
C MET B 53 62.30 35.90 -12.55
N PHE B 54 61.80 34.67 -12.56
CA PHE B 54 61.99 33.81 -13.73
C PHE B 54 61.19 34.30 -14.94
N ARG B 55 59.98 34.83 -14.71
CA ARG B 55 59.20 35.39 -15.80
C ARG B 55 59.85 36.66 -16.35
N PHE B 56 60.37 37.50 -15.46
CA PHE B 56 61.06 38.70 -15.92
C PHE B 56 62.26 38.32 -16.77
N VAL B 57 63.07 37.36 -16.31
CA VAL B 57 64.21 36.92 -17.09
C VAL B 57 63.75 36.41 -18.44
N ASP B 58 62.62 35.68 -18.45
CA ASP B 58 62.09 35.11 -19.69
C ASP B 58 61.79 36.18 -20.73
N VAL B 59 61.13 37.27 -20.31
CA VAL B 59 60.65 38.25 -21.28
C VAL B 59 61.73 39.26 -21.68
N LEU B 60 62.76 39.44 -20.85
CA LEU B 60 63.74 40.51 -21.05
C LEU B 60 64.28 40.63 -22.47
N PRO B 61 64.75 39.56 -23.14
CA PRO B 61 65.35 39.75 -24.46
C PRO B 61 64.36 40.16 -25.55
N SER B 62 63.06 40.11 -25.27
CA SER B 62 62.05 40.55 -26.24
C SER B 62 61.70 42.03 -26.11
N ILE B 63 62.30 42.73 -25.15
CA ILE B 63 62.01 44.15 -24.89
C ILE B 63 63.07 44.99 -25.59
N ASN B 64 62.64 45.97 -26.38
CA ASN B 64 63.53 46.72 -27.26
C ASN B 64 63.58 48.22 -26.95
N SER B 65 63.46 48.60 -25.68
CA SER B 65 63.64 50.00 -25.29
C SER B 65 63.86 50.06 -23.79
N GLY B 66 64.64 51.05 -23.37
CA GLY B 66 64.96 51.18 -21.96
C GLY B 66 63.74 51.48 -21.10
N ASP B 67 62.85 52.33 -21.60
CA ASP B 67 61.65 52.67 -20.84
C ASP B 67 60.78 51.42 -20.61
N GLU B 68 60.71 50.52 -21.59
CA GLU B 68 59.91 49.32 -21.45
C GLU B 68 60.51 48.33 -20.46
N VAL B 69 61.84 48.27 -20.37
CA VAL B 69 62.47 47.42 -19.36
C VAL B 69 62.11 47.92 -17.96
N ALA B 70 62.16 49.24 -17.75
CA ALA B 70 61.80 49.81 -16.46
C ALA B 70 60.33 49.57 -16.15
N ARG B 71 59.45 49.67 -17.15
CA ARG B 71 58.03 49.38 -16.93
C ARG B 71 57.83 47.93 -16.50
N HIS B 72 58.46 46.98 -17.20
CA HIS B 72 58.30 45.58 -16.82
C HIS B 72 58.87 45.33 -15.42
N LEU B 73 59.98 45.99 -15.10
CA LEU B 73 60.58 45.82 -13.78
C LEU B 73 59.60 46.25 -12.68
N LYS B 74 59.03 47.45 -12.82
CA LYS B 74 58.07 47.94 -11.84
C LYS B 74 56.88 47.00 -11.71
N GLU B 75 56.37 46.50 -12.84
CA GLU B 75 55.20 45.64 -12.81
C GLU B 75 55.50 44.29 -12.17
N TYR B 76 56.69 43.74 -12.43
CA TYR B 76 56.99 42.42 -11.87
C TYR B 76 57.41 42.52 -10.40
N PHE B 77 57.98 43.65 -9.99
CA PHE B 77 58.39 43.85 -8.59
C PHE B 77 57.89 45.18 -8.04
N MET B 102 67.59 51.71 -16.14
CA MET B 102 68.17 50.47 -15.63
C MET B 102 68.17 49.37 -16.70
N ALA B 103 67.94 49.73 -17.96
CA ALA B 103 67.89 48.72 -19.02
C ALA B 103 69.27 48.21 -19.36
N GLY B 104 70.23 49.12 -19.56
CA GLY B 104 71.60 48.68 -19.74
C GLY B 104 72.06 47.81 -18.59
N ALA B 105 71.80 48.25 -17.35
CA ALA B 105 72.26 47.54 -16.16
C ALA B 105 71.61 46.17 -16.04
N ILE B 106 70.29 46.13 -15.99
CA ILE B 106 69.59 44.86 -15.81
C ILE B 106 69.88 43.92 -16.98
N LYS B 107 69.79 44.42 -18.21
CA LYS B 107 70.05 43.53 -19.36
C LYS B 107 71.49 43.05 -19.37
N LYS B 108 72.43 43.93 -19.02
CA LYS B 108 73.82 43.49 -18.95
C LYS B 108 73.97 42.42 -17.87
N ASN B 109 73.38 42.64 -16.69
CA ASN B 109 73.50 41.67 -15.61
C ASN B 109 72.86 40.33 -15.99
N VAL B 110 71.66 40.37 -16.58
CA VAL B 110 70.97 39.14 -16.93
C VAL B 110 71.67 38.43 -18.09
N MET B 111 72.10 39.18 -19.11
CA MET B 111 72.89 38.59 -20.18
C MET B 111 74.20 37.99 -19.65
N GLY B 112 74.76 38.54 -18.58
CA GLY B 112 75.97 37.97 -18.01
C GLY B 112 75.72 36.58 -17.44
N MET B 113 74.56 36.37 -16.82
CA MET B 113 74.22 35.04 -16.32
C MET B 113 74.07 34.05 -17.45
N ALA B 114 73.57 34.50 -18.61
CA ALA B 114 73.39 33.61 -19.73
C ALA B 114 74.73 33.10 -20.25
N LYS B 115 75.74 33.98 -20.30
CA LYS B 115 77.04 33.57 -20.84
C LYS B 115 77.72 32.55 -19.96
N MET B 116 77.29 32.40 -18.70
CA MET B 116 77.81 31.32 -17.88
C MET B 116 77.50 29.96 -18.49
N PHE B 117 76.36 29.84 -19.19
CA PHE B 117 75.88 28.54 -19.65
C PHE B 117 75.88 28.38 -21.16
N ILE B 118 76.18 29.43 -21.91
CA ILE B 118 76.17 29.38 -23.37
C ILE B 118 77.58 29.71 -23.85
N THR B 119 78.18 28.81 -24.62
CA THR B 119 79.59 28.97 -24.98
C THR B 119 79.78 30.14 -25.93
N GLY B 120 78.76 30.47 -26.71
CA GLY B 120 78.84 31.58 -27.65
C GLY B 120 77.53 31.76 -28.38
N GLU B 121 77.37 32.97 -28.93
CA GLU B 121 76.19 33.27 -29.73
C GLU B 121 76.25 32.67 -31.13
N SER B 122 77.45 32.30 -31.58
CA SER B 122 77.66 31.74 -32.90
C SER B 122 78.76 30.70 -32.82
N PRO B 123 78.84 29.79 -33.79
CA PRO B 123 79.96 28.84 -33.79
C PRO B 123 81.31 29.53 -33.79
N ASP B 124 81.44 30.66 -34.50
CA ASP B 124 82.70 31.40 -34.50
C ASP B 124 83.05 31.89 -33.09
N GLU B 125 82.07 32.45 -32.39
CA GLU B 125 82.34 32.93 -31.03
C GLU B 125 82.65 31.77 -30.09
N ALA B 126 82.02 30.60 -30.30
CA ALA B 126 82.17 29.45 -29.40
C ALA B 126 83.50 28.74 -29.57
N LEU B 127 84.08 28.78 -30.76
CA LEU B 127 85.28 27.99 -31.07
C LEU B 127 86.41 28.16 -30.07
N PRO B 128 86.85 29.36 -29.70
CA PRO B 128 87.93 29.45 -28.70
C PRO B 128 87.56 28.86 -27.35
N VAL B 129 86.28 28.91 -26.98
CA VAL B 129 85.87 28.29 -25.72
C VAL B 129 86.04 26.77 -25.79
N LEU B 130 85.67 26.17 -26.92
CA LEU B 130 85.84 24.73 -27.11
C LEU B 130 87.32 24.33 -27.07
N LYS B 131 88.18 25.14 -27.69
CA LYS B 131 89.60 24.80 -27.71
C LYS B 131 90.22 24.99 -26.35
N LYS B 132 89.77 26.01 -25.60
CA LYS B 132 90.25 26.19 -24.24
C LYS B 132 89.84 25.02 -23.36
N ALA B 133 88.61 24.53 -23.52
CA ALA B 133 88.18 23.35 -22.78
C ALA B 133 89.07 22.16 -23.13
N ARG B 134 89.45 22.02 -24.40
CA ARG B 134 90.32 20.93 -24.79
C ARG B 134 91.67 21.02 -24.07
N LYS B 135 92.25 22.21 -23.97
CA LYS B 135 93.52 22.37 -23.25
C LYS B 135 93.41 21.95 -21.79
N ASN B 136 92.21 22.01 -21.22
CA ASN B 136 91.98 21.57 -19.85
C ASN B 136 91.43 20.14 -19.79
N LYS B 137 91.69 19.34 -20.82
CA LYS B 137 91.38 17.90 -20.86
C LYS B 137 89.88 17.60 -20.85
N MET B 138 89.09 18.44 -21.51
CA MET B 138 87.65 18.22 -21.65
C MET B 138 87.26 18.38 -23.11
N THR B 139 86.36 17.51 -23.58
CA THR B 139 85.83 17.68 -24.92
C THR B 139 84.42 18.26 -24.82
N PHE B 140 83.66 18.18 -25.91
CA PHE B 140 82.43 18.95 -26.01
C PHE B 140 81.45 18.22 -26.92
N THR B 141 80.18 18.64 -26.83
CA THR B 141 79.21 18.36 -27.88
C THR B 141 78.47 19.66 -28.12
N VAL B 142 78.42 20.12 -29.39
CA VAL B 142 77.84 21.41 -29.73
C VAL B 142 76.35 21.26 -30.05
N ASP B 143 75.54 22.16 -29.51
CA ASP B 143 74.12 22.18 -29.81
C ASP B 143 73.68 23.59 -30.16
N ILE B 144 72.92 23.73 -31.24
CA ILE B 144 72.45 25.04 -31.70
C ILE B 144 71.09 25.32 -31.05
N LEU B 145 71.06 26.28 -30.14
CA LEU B 145 69.80 26.72 -29.55
C LEU B 145 68.95 27.43 -30.59
N GLY B 146 67.65 27.30 -30.45
CA GLY B 146 66.73 28.00 -31.33
C GLY B 146 65.37 28.11 -30.70
N GLU B 147 64.54 28.98 -31.28
CA GLU B 147 63.14 29.02 -30.89
C GLU B 147 62.43 27.82 -31.52
N ALA B 148 61.14 27.69 -31.23
CA ALA B 148 60.38 26.58 -31.78
C ALA B 148 60.39 26.64 -33.31
N THR B 149 60.51 25.47 -33.93
CA THR B 149 60.34 25.36 -35.37
C THR B 149 58.84 25.29 -35.63
N LEU B 150 58.25 26.42 -36.02
CA LEU B 150 56.84 26.52 -36.33
C LEU B 150 56.55 26.50 -37.83
N SER B 151 57.55 26.79 -38.66
CA SER B 151 57.34 26.88 -40.09
C SER B 151 58.40 26.07 -40.84
N GLU B 152 58.12 25.78 -42.11
CA GLU B 152 59.12 25.07 -42.91
C GLU B 152 60.34 25.95 -43.22
N LYS B 153 60.17 27.27 -43.32
CA LYS B 153 61.34 28.14 -43.44
C LYS B 153 62.27 27.97 -42.24
N GLU B 154 61.70 27.96 -41.02
CA GLU B 154 62.52 27.80 -39.83
C GLU B 154 63.18 26.42 -39.78
N ALA B 155 62.43 25.39 -40.18
CA ALA B 155 63.01 24.05 -40.24
C ALA B 155 64.19 24.01 -41.20
N GLN B 156 64.02 24.63 -42.36
CA GLN B 156 65.09 24.63 -43.36
C GLN B 156 66.31 25.40 -42.85
N ASP B 157 66.09 26.53 -42.17
CA ASP B 157 67.20 27.29 -41.60
C ASP B 157 67.94 26.47 -40.55
N TYR B 158 67.19 25.74 -39.72
CA TYR B 158 67.81 24.90 -38.71
C TYR B 158 68.67 23.81 -39.35
N SER B 159 68.17 23.20 -40.43
CA SER B 159 68.96 22.19 -41.14
C SER B 159 70.23 22.79 -41.71
N ASN B 160 70.14 23.97 -42.33
CA ASN B 160 71.32 24.59 -42.90
C ASN B 160 72.33 24.95 -41.82
N LYS B 161 71.86 25.43 -40.67
CA LYS B 161 72.78 25.73 -39.57
C LYS B 161 73.61 24.51 -39.19
N TYR B 162 72.98 23.33 -39.11
CA TYR B 162 73.73 22.14 -38.73
C TYR B 162 74.70 21.70 -39.82
N MET B 163 74.27 21.72 -41.08
CA MET B 163 75.17 21.36 -42.18
C MET B 163 76.40 22.26 -42.17
N GLU B 164 76.20 23.57 -41.98
CA GLU B 164 77.34 24.48 -41.93
C GLU B 164 78.20 24.23 -40.70
N LEU B 165 77.57 23.99 -39.55
CA LEU B 165 78.33 23.74 -38.32
C LEU B 165 79.24 22.53 -38.47
N VAL B 166 78.68 21.42 -38.97
CA VAL B 166 79.47 20.19 -39.07
C VAL B 166 80.64 20.36 -40.02
N THR B 167 80.40 20.97 -41.19
CA THR B 167 81.48 21.15 -42.16
C THR B 167 82.57 22.05 -41.59
N TRP B 168 82.17 23.16 -40.99
CA TRP B 168 83.12 24.16 -40.52
C TRP B 168 83.91 23.67 -39.29
N LEU B 169 83.25 23.00 -38.33
CA LEU B 169 83.97 22.50 -37.16
C LEU B 169 84.90 21.35 -37.52
N ALA B 170 84.46 20.42 -38.37
CA ALA B 170 85.37 19.38 -38.82
C ALA B 170 86.59 19.97 -39.52
N LYS B 171 86.38 21.01 -40.32
CA LYS B 171 87.49 21.65 -41.04
C LYS B 171 88.49 22.26 -40.07
N ASP B 172 88.01 23.00 -39.07
CA ASP B 172 88.94 23.59 -38.10
C ASP B 172 89.65 22.50 -37.29
N ALA B 173 88.95 21.42 -36.95
CA ALA B 173 89.56 20.38 -36.14
C ALA B 173 90.66 19.61 -36.86
N GLU B 174 90.80 19.76 -38.17
CA GLU B 174 91.91 19.13 -38.86
C GLU B 174 93.26 19.58 -38.30
N LYS B 175 93.34 20.79 -37.75
CA LYS B 175 94.61 21.29 -37.23
C LYS B 175 94.82 21.03 -35.74
N TRP B 176 93.85 20.40 -35.06
CA TRP B 176 93.94 20.21 -33.62
C TRP B 176 94.93 19.10 -33.29
N ASP B 177 95.77 19.33 -32.28
CA ASP B 177 96.63 18.28 -31.76
C ASP B 177 95.79 17.27 -30.98
N GLU B 178 96.30 16.03 -30.89
CA GLU B 178 95.59 14.98 -30.19
C GLU B 178 95.76 15.08 -28.67
N VAL B 179 94.65 14.99 -27.95
CA VAL B 179 94.64 14.93 -26.49
C VAL B 179 94.05 13.59 -26.08
N PRO B 180 94.90 12.58 -25.80
CA PRO B 180 94.41 11.19 -25.70
C PRO B 180 93.35 10.97 -24.64
N GLN B 181 93.38 11.72 -23.54
CA GLN B 181 92.33 11.55 -22.52
C GLN B 181 90.95 11.81 -23.10
N ILE B 182 90.84 12.68 -24.11
CA ILE B 182 89.54 13.01 -24.70
C ILE B 182 89.40 12.51 -26.12
N ASP B 183 90.50 12.23 -26.84
CA ASP B 183 90.44 11.90 -28.26
C ASP B 183 90.57 10.41 -28.51
N ARG B 184 90.65 9.58 -27.46
CA ARG B 184 90.79 8.14 -27.59
C ARG B 184 90.01 7.46 -26.48
N ASP B 185 89.46 6.28 -26.77
CA ASP B 185 88.93 5.39 -25.75
C ASP B 185 89.81 4.13 -25.69
N HIS B 186 89.25 3.04 -25.17
CA HIS B 186 90.02 1.81 -25.05
C HIS B 186 90.15 1.05 -26.37
N GLU B 187 89.40 1.40 -27.40
CA GLU B 187 89.46 0.67 -28.66
C GLU B 187 90.24 1.40 -29.74
N GLY B 188 90.30 2.73 -29.68
CA GLY B 188 91.01 3.47 -30.72
C GLY B 188 90.69 4.95 -30.68
N ALA B 189 90.80 5.58 -31.84
CA ALA B 189 90.54 7.02 -31.94
C ALA B 189 89.05 7.31 -31.83
N LEU B 190 88.75 8.50 -31.29
CA LEU B 190 87.40 9.03 -31.20
C LEU B 190 87.28 10.31 -32.03
N PRO B 191 86.08 10.63 -32.50
CA PRO B 191 85.89 11.91 -33.17
C PRO B 191 86.26 13.05 -32.24
N LYS B 192 86.98 14.05 -32.77
CA LYS B 192 87.27 15.25 -32.02
C LYS B 192 86.10 16.25 -32.04
N VAL B 193 85.14 16.06 -32.93
CA VAL B 193 84.01 16.96 -33.10
C VAL B 193 82.73 16.17 -32.91
N ASN B 194 81.82 16.72 -32.11
CA ASN B 194 80.62 16.04 -31.66
C ASN B 194 79.49 17.06 -31.67
N VAL B 195 78.41 16.78 -32.40
CA VAL B 195 77.29 17.72 -32.43
C VAL B 195 76.02 16.99 -31.99
N SER B 196 75.14 17.73 -31.33
CA SER B 196 73.85 17.25 -30.86
C SER B 196 72.75 17.95 -31.63
N VAL B 197 71.73 17.18 -32.00
CA VAL B 197 70.65 17.60 -32.87
C VAL B 197 69.28 17.40 -32.21
N LYS B 198 68.41 18.40 -32.31
CA LYS B 198 67.05 18.32 -31.76
C LYS B 198 66.14 17.94 -32.91
N MET B 199 65.48 16.80 -32.81
CA MET B 199 64.72 16.26 -33.93
C MET B 199 63.57 17.16 -34.38
N THR B 200 62.72 17.62 -33.46
CA THR B 200 61.57 18.40 -33.89
C THR B 200 61.95 19.77 -34.47
N ALA B 201 63.20 20.20 -34.31
CA ALA B 201 63.59 21.44 -34.95
C ALA B 201 63.73 21.30 -36.47
N LEU B 202 63.74 20.08 -36.99
CA LEU B 202 63.93 19.85 -38.42
C LEU B 202 62.64 19.76 -39.21
N TYR B 203 61.48 19.77 -38.58
CA TYR B 203 60.22 19.63 -39.29
C TYR B 203 59.10 20.23 -38.45
N SER B 204 58.27 21.07 -39.07
CA SER B 204 57.28 21.82 -38.29
C SER B 204 55.90 21.16 -38.23
N GLN B 205 55.65 20.10 -39.01
CA GLN B 205 54.31 19.53 -39.09
C GLN B 205 54.26 18.06 -38.67
N ILE B 206 54.94 17.71 -37.57
CA ILE B 206 54.83 16.34 -37.07
C ILE B 206 53.39 16.07 -36.66
N LYS B 207 52.86 14.93 -37.09
CA LYS B 207 51.48 14.58 -36.82
C LYS B 207 51.41 13.10 -36.50
N ASP B 208 51.15 12.78 -35.25
CA ASP B 208 51.23 11.39 -34.79
C ASP B 208 50.20 10.50 -35.48
N ALA B 209 49.01 11.04 -35.75
CA ALA B 209 48.00 10.24 -36.42
C ALA B 209 48.47 9.80 -37.79
N ALA B 210 49.32 10.59 -38.42
CA ALA B 210 50.01 10.18 -39.65
C ALA B 210 51.44 9.75 -39.32
N TRP B 211 51.51 8.71 -38.49
CA TRP B 211 52.76 8.25 -37.91
C TRP B 211 53.80 7.95 -38.98
N ASP B 212 53.46 7.07 -39.94
CA ASP B 212 54.45 6.64 -40.92
C ASP B 212 54.92 7.79 -41.79
N GLU B 213 54.02 8.67 -42.18
CA GLU B 213 54.43 9.81 -43.00
C GLU B 213 55.36 10.74 -42.23
N SER B 214 55.01 11.05 -40.98
CA SER B 214 55.85 11.90 -40.14
C SER B 214 57.23 11.30 -39.94
N LYS B 215 57.27 9.99 -39.65
CA LYS B 215 58.54 9.31 -39.44
C LYS B 215 59.42 9.36 -40.69
N LYS B 216 58.84 9.15 -41.87
CA LYS B 216 59.60 9.22 -43.10
C LYS B 216 60.17 10.62 -43.31
N ILE B 217 59.37 11.66 -43.05
CA ILE B 217 59.86 13.03 -43.25
C ILE B 217 60.98 13.34 -42.26
N LEU B 218 60.80 12.97 -40.99
CA LEU B 218 61.85 13.22 -39.99
C LEU B 218 63.16 12.54 -40.39
N LYS B 219 63.08 11.27 -40.80
CA LYS B 219 64.27 10.57 -41.26
C LYS B 219 64.90 11.28 -42.46
N ASP B 220 64.08 11.76 -43.40
CA ASP B 220 64.62 12.44 -44.56
C ASP B 220 65.36 13.71 -44.17
N ARG B 221 64.87 14.42 -43.14
CA ARG B 221 65.54 15.66 -42.76
C ARG B 221 66.80 15.39 -41.97
N LEU B 222 66.82 14.30 -41.18
CA LEU B 222 68.00 13.92 -40.40
C LEU B 222 69.08 13.30 -41.29
N ARG B 223 68.68 12.56 -42.31
CA ARG B 223 69.63 11.78 -43.09
C ARG B 223 70.82 12.59 -43.61
N PRO B 224 70.65 13.78 -44.21
CA PRO B 224 71.84 14.52 -44.68
C PRO B 224 72.76 14.96 -43.55
N VAL B 225 72.21 15.24 -42.36
CA VAL B 225 73.04 15.62 -41.22
C VAL B 225 73.85 14.42 -40.75
N PHE B 226 73.19 13.27 -40.58
CA PHE B 226 73.92 12.06 -40.22
C PHE B 226 74.94 11.71 -41.29
N ARG B 227 74.59 11.90 -42.57
CA ARG B 227 75.53 11.54 -43.63
C ARG B 227 76.76 12.45 -43.61
N LEU B 228 76.55 13.76 -43.55
CA LEU B 228 77.68 14.68 -43.52
C LEU B 228 78.57 14.41 -42.31
N GLY B 229 77.97 14.17 -41.13
CA GLY B 229 78.79 13.85 -39.97
C GLY B 229 79.63 12.61 -40.19
N MET B 230 79.02 11.54 -40.70
CA MET B 230 79.75 10.33 -40.98
C MET B 230 80.90 10.61 -41.95
N GLU B 231 80.63 11.37 -43.00
CA GLU B 231 81.67 11.64 -43.98
C GLU B 231 82.83 12.41 -43.34
N LYS B 232 82.55 13.29 -42.40
CA LYS B 232 83.60 14.11 -41.80
C LYS B 232 84.21 13.49 -40.55
N GLY B 233 83.82 12.28 -40.17
CA GLY B 233 84.34 11.71 -38.94
C GLY B 233 83.80 12.40 -37.70
N VAL B 234 82.62 12.97 -37.80
CA VAL B 234 82.01 13.73 -36.73
C VAL B 234 81.03 12.82 -35.98
N PHE B 235 80.99 12.97 -34.67
CA PHE B 235 79.97 12.30 -33.86
C PHE B 235 78.67 13.08 -33.91
N VAL B 236 77.57 12.40 -34.23
CA VAL B 236 76.25 13.03 -34.28
C VAL B 236 75.36 12.37 -33.24
N ASN B 237 74.87 13.16 -32.30
CA ASN B 237 74.00 12.71 -31.22
C ASN B 237 72.61 13.28 -31.43
N LEU B 238 71.59 12.42 -31.34
CA LEU B 238 70.20 12.84 -31.45
C LEU B 238 69.68 13.03 -30.03
N ASP B 239 69.28 14.26 -29.69
CA ASP B 239 68.74 14.51 -28.36
C ASP B 239 67.37 13.87 -28.20
N MET B 240 66.89 13.84 -26.96
CA MET B 240 65.55 13.35 -26.66
C MET B 240 64.75 14.47 -26.05
N GLU B 241 63.60 14.76 -26.67
CA GLU B 241 62.72 15.85 -26.25
C GLU B 241 61.60 15.29 -25.38
N GLN B 242 60.42 15.93 -25.42
CA GLN B 242 59.33 15.60 -24.51
C GLN B 242 58.72 14.23 -24.83
N TYR B 243 57.93 13.73 -23.88
CA TYR B 243 57.44 12.36 -24.00
C TYR B 243 56.57 12.15 -25.23
N SER B 244 55.84 13.20 -25.67
CA SER B 244 54.99 13.06 -26.84
C SER B 244 55.75 12.69 -28.12
N VAL B 245 57.07 12.89 -28.17
CA VAL B 245 57.85 12.48 -29.33
C VAL B 245 58.90 11.44 -28.97
N LYS B 246 58.84 10.86 -27.76
CA LYS B 246 59.91 9.94 -27.36
C LYS B 246 59.91 8.70 -28.22
N HIS B 247 58.75 8.04 -28.35
CA HIS B 247 58.68 6.81 -29.14
C HIS B 247 59.01 7.08 -30.60
N LEU B 248 58.48 8.18 -31.15
CA LEU B 248 58.78 8.53 -32.54
C LEU B 248 60.28 8.75 -32.74
N THR B 249 60.94 9.42 -31.79
CA THR B 249 62.37 9.66 -31.92
C THR B 249 63.15 8.35 -31.97
N LEU B 250 62.74 7.37 -31.18
CA LEU B 250 63.46 6.10 -31.16
C LEU B 250 63.30 5.35 -32.48
N GLU B 251 62.09 5.34 -33.06
CA GLU B 251 61.90 4.72 -34.37
C GLU B 251 62.68 5.47 -35.44
N VAL B 252 62.66 6.80 -35.41
CA VAL B 252 63.42 7.58 -36.38
C VAL B 252 64.90 7.21 -36.30
N PHE B 253 65.45 7.20 -35.09
CA PHE B 253 66.87 6.97 -34.91
C PHE B 253 67.30 5.57 -35.33
N THR B 254 66.60 4.55 -34.82
CA THR B 254 67.04 3.19 -35.04
C THR B 254 66.86 2.80 -36.51
N GLU B 255 65.77 3.21 -37.16
CA GLU B 255 65.62 2.90 -38.56
C GLU B 255 66.67 3.61 -39.40
N LEU B 256 66.99 4.86 -39.04
CA LEU B 256 67.96 5.63 -39.80
C LEU B 256 69.36 4.99 -39.77
N ILE B 257 69.86 4.69 -38.56
CA ILE B 257 71.23 4.18 -38.44
C ILE B 257 71.35 2.71 -38.80
N ASN B 258 70.24 2.03 -39.09
CA ASN B 258 70.28 0.67 -39.63
C ASN B 258 70.21 0.63 -41.15
N GLU B 259 70.10 1.78 -41.81
CA GLU B 259 70.11 1.82 -43.27
C GLU B 259 71.50 1.45 -43.81
N PRO B 260 71.57 0.87 -45.03
CA PRO B 260 72.85 0.39 -45.55
C PRO B 260 74.03 1.36 -45.43
N GLU B 261 73.83 2.62 -45.79
CA GLU B 261 74.94 3.56 -45.80
C GLU B 261 75.41 3.91 -44.39
N PHE B 262 74.62 3.62 -43.35
CA PHE B 262 74.97 3.99 -41.98
C PHE B 262 75.31 2.84 -41.05
N LYS B 263 74.97 1.60 -41.41
CA LYS B 263 74.94 0.54 -40.40
C LYS B 263 76.32 0.19 -39.85
N ASN B 264 77.41 0.71 -40.43
CA ASN B 264 78.75 0.39 -39.97
C ASN B 264 79.40 1.53 -39.18
N TYR B 265 78.69 2.62 -38.96
CA TYR B 265 79.26 3.78 -38.26
C TYR B 265 78.91 3.71 -36.78
N LYS B 266 79.93 3.81 -35.92
CA LYS B 266 79.75 3.70 -34.48
C LYS B 266 79.37 5.01 -33.80
N PHE B 267 79.64 6.15 -34.42
CA PHE B 267 79.61 7.44 -33.74
C PHE B 267 78.33 8.23 -34.02
N PHE B 268 77.22 7.52 -33.84
CA PHE B 268 75.89 8.09 -33.68
C PHE B 268 75.41 7.77 -32.27
N GLY B 269 74.67 8.70 -31.68
CA GLY B 269 74.17 8.50 -30.34
C GLY B 269 72.73 8.97 -30.21
N ILE B 270 72.05 8.38 -29.22
CA ILE B 270 70.66 8.70 -28.88
C ILE B 270 70.59 8.88 -27.37
N VAL B 271 69.69 9.76 -26.92
CA VAL B 271 69.48 10.02 -25.51
C VAL B 271 68.36 9.16 -24.96
N ILE B 272 68.58 8.61 -23.77
CA ILE B 272 67.53 7.95 -23.00
C ILE B 272 67.39 8.67 -21.66
N GLN B 273 66.14 8.94 -21.24
CA GLN B 273 65.82 9.68 -20.02
C GLN B 273 65.38 8.70 -18.93
N ALA B 274 66.21 8.52 -17.90
CA ALA B 274 65.92 7.56 -16.86
C ALA B 274 64.74 7.98 -15.99
N TYR B 275 64.27 9.22 -16.06
CA TYR B 275 63.11 9.54 -15.25
C TYR B 275 61.80 9.05 -15.87
N LEU B 276 61.86 8.44 -17.06
CA LEU B 276 60.68 7.85 -17.69
C LEU B 276 60.45 6.43 -17.16
N ARG B 277 59.18 6.10 -16.93
CA ARG B 277 58.83 4.76 -16.45
C ARG B 277 59.20 3.66 -17.46
N ASP B 278 59.22 3.97 -18.76
CA ASP B 278 59.48 2.94 -19.76
C ASP B 278 60.92 2.95 -20.25
N SER B 279 61.80 3.69 -19.59
CA SER B 279 63.15 3.84 -20.09
C SER B 279 63.98 2.57 -19.94
N PHE B 280 63.78 1.78 -18.88
CA PHE B 280 64.55 0.54 -18.79
C PHE B 280 64.15 -0.42 -19.91
N GLU B 281 62.87 -0.48 -20.24
CA GLU B 281 62.46 -1.33 -21.36
C GLU B 281 63.08 -0.84 -22.67
N ASP B 282 63.15 0.49 -22.87
CA ASP B 282 63.80 1.04 -24.06
C ASP B 282 65.30 0.72 -24.08
N VAL B 283 65.96 0.77 -22.92
CA VAL B 283 67.38 0.41 -22.87
C VAL B 283 67.59 -1.03 -23.31
N LYS B 284 66.76 -1.93 -22.82
CA LYS B 284 66.89 -3.33 -23.22
C LYS B 284 66.59 -3.48 -24.71
N SER B 285 65.60 -2.74 -25.20
CA SER B 285 65.20 -2.85 -26.59
C SER B 285 66.29 -2.29 -27.52
N LEU B 286 66.90 -1.17 -27.15
CA LEU B 286 68.00 -0.63 -27.93
C LEU B 286 69.23 -1.55 -27.92
N THR B 287 69.46 -2.29 -26.82
CA THR B 287 70.59 -3.20 -26.79
C THR B 287 70.39 -4.36 -27.76
N GLU B 288 69.20 -4.96 -27.79
CA GLU B 288 68.91 -6.00 -28.77
C GLU B 288 69.10 -5.47 -30.18
N PHE B 289 68.63 -4.25 -30.42
CA PHE B 289 68.79 -3.65 -31.74
C PHE B 289 70.27 -3.44 -32.09
N ALA B 290 71.07 -2.98 -31.13
CA ALA B 290 72.50 -2.79 -31.38
C ALA B 290 73.15 -4.09 -31.81
N GLN B 291 72.74 -5.19 -31.19
CA GLN B 291 73.29 -6.49 -31.58
C GLN B 291 72.85 -6.85 -32.99
N LYS B 292 71.56 -6.73 -33.27
CA LYS B 292 71.06 -7.03 -34.62
C LYS B 292 71.72 -6.12 -35.65
N ARG B 293 71.93 -4.85 -35.29
CA ARG B 293 72.57 -3.92 -36.22
C ARG B 293 73.98 -4.40 -36.58
N GLY B 294 74.69 -4.98 -35.62
CA GLY B 294 76.03 -5.50 -35.86
C GLY B 294 77.15 -4.50 -35.76
N THR B 295 76.86 -3.27 -35.34
CA THR B 295 77.83 -2.23 -35.13
C THR B 295 77.32 -1.43 -33.93
N PRO B 296 78.16 -1.14 -32.96
CA PRO B 296 77.69 -0.38 -31.80
C PRO B 296 77.28 1.03 -32.17
N PHE B 297 76.43 1.60 -31.31
CA PHE B 297 76.19 3.03 -31.26
C PHE B 297 76.14 3.43 -29.78
N TRP B 298 75.95 4.71 -29.52
CA TRP B 298 76.04 5.24 -28.17
C TRP B 298 74.67 5.60 -27.58
N VAL B 299 74.53 5.44 -26.27
CA VAL B 299 73.38 5.93 -25.52
C VAL B 299 73.88 6.97 -24.52
N ARG B 300 73.39 8.19 -24.62
CA ARG B 300 73.67 9.21 -23.61
C ARG B 300 72.59 9.12 -22.55
N LEU B 301 72.93 8.61 -21.38
CA LEU B 301 71.94 8.37 -20.34
C LEU B 301 71.83 9.63 -19.49
N VAL B 302 70.64 10.23 -19.47
CA VAL B 302 70.36 11.42 -18.67
C VAL B 302 69.23 11.05 -17.71
N LYS B 303 68.89 11.98 -16.81
CA LYS B 303 67.69 11.76 -16.03
C LYS B 303 66.45 12.30 -16.74
N GLY B 304 66.45 13.58 -17.11
CA GLY B 304 65.34 14.14 -17.89
C GLY B 304 65.08 15.61 -17.61
N ALA B 305 64.76 16.37 -18.66
CA ALA B 305 64.67 17.84 -18.56
C ALA B 305 63.24 18.38 -18.49
N TYR B 306 62.22 17.54 -18.63
CA TYR B 306 60.87 18.06 -18.78
C TYR B 306 59.93 17.61 -17.66
N TRP B 307 60.47 17.47 -16.43
CA TRP B 307 59.71 16.82 -15.36
C TRP B 307 58.44 17.58 -15.03
N ASP B 308 58.56 18.87 -14.71
CA ASP B 308 57.37 19.68 -14.43
C ASP B 308 56.40 19.67 -15.60
N TYR B 309 56.90 19.88 -16.83
CA TYR B 309 56.05 19.86 -18.01
C TYR B 309 55.27 18.56 -18.11
N GLU B 310 55.94 17.41 -17.92
CA GLU B 310 55.26 16.13 -18.12
C GLU B 310 54.16 15.91 -17.08
N THR B 311 54.38 16.28 -15.81
CA THR B 311 53.32 16.08 -14.83
C THR B 311 52.14 17.02 -15.11
N ILE B 312 52.42 18.26 -15.54
CA ILE B 312 51.33 19.20 -15.84
C ILE B 312 50.57 18.73 -17.07
N GLU B 313 51.28 18.38 -18.14
CA GLU B 313 50.65 17.92 -19.37
C GLU B 313 49.79 16.69 -19.14
N ALA B 314 50.33 15.70 -18.44
CA ALA B 314 49.56 14.47 -18.21
C ALA B 314 48.32 14.74 -17.36
N GLU B 315 48.43 15.61 -16.35
CA GLU B 315 47.25 15.89 -15.56
C GLU B 315 46.19 16.65 -16.38
N GLN B 316 46.63 17.63 -17.18
CA GLN B 316 45.69 18.35 -18.02
C GLN B 316 45.00 17.44 -19.03
N ARG B 317 45.71 16.42 -19.52
CA ARG B 317 45.12 15.55 -20.50
C ARG B 317 44.37 14.36 -19.90
N GLY B 318 44.44 14.18 -18.59
CA GLY B 318 43.93 12.96 -17.98
C GLY B 318 44.66 11.72 -18.45
N TRP B 319 45.94 11.83 -18.73
CA TRP B 319 46.73 10.70 -19.17
C TRP B 319 47.63 10.21 -18.03
N PRO B 320 48.08 8.95 -18.09
CA PRO B 320 49.03 8.48 -17.07
C PRO B 320 50.29 9.34 -17.07
N VAL B 321 50.82 9.59 -15.88
CA VAL B 321 52.03 10.40 -15.76
C VAL B 321 53.23 9.57 -16.21
N PRO B 322 53.94 9.95 -17.29
CA PRO B 322 55.01 9.09 -17.81
C PRO B 322 56.32 9.15 -17.03
N VAL B 323 56.51 10.15 -16.16
CA VAL B 323 57.73 10.24 -15.34
C VAL B 323 57.43 9.62 -13.97
N TYR B 324 58.48 9.11 -13.33
CA TYR B 324 58.40 8.85 -11.90
C TYR B 324 58.12 10.16 -11.20
N THR B 325 57.44 10.09 -10.06
CA THR B 325 57.20 11.29 -9.28
C THR B 325 57.88 11.25 -7.92
N ASN B 326 58.66 10.21 -7.64
CA ASN B 326 59.58 10.18 -6.51
C ASN B 326 60.99 10.28 -7.08
N LYS B 327 61.74 11.29 -6.66
CA LYS B 327 63.02 11.55 -7.34
C LYS B 327 64.00 10.39 -7.15
N ALA B 328 63.92 9.68 -6.02
CA ALA B 328 64.75 8.51 -5.81
C ALA B 328 64.44 7.40 -6.81
N GLU B 329 63.19 7.31 -7.30
CA GLU B 329 62.89 6.36 -8.38
C GLU B 329 63.72 6.66 -9.62
N SER B 330 63.86 7.94 -9.98
CA SER B 330 64.67 8.28 -11.15
C SER B 330 66.14 7.92 -10.95
N ASP B 331 66.70 8.25 -9.78
CA ASP B 331 68.08 7.88 -9.50
C ASP B 331 68.26 6.37 -9.56
N ALA B 332 67.36 5.63 -8.90
CA ALA B 332 67.49 4.18 -8.85
C ALA B 332 67.38 3.58 -10.24
N ASN B 333 66.43 4.08 -11.04
CA ASN B 333 66.29 3.60 -12.41
C ASN B 333 67.51 3.96 -13.25
N TYR B 334 68.10 5.15 -13.01
CA TYR B 334 69.34 5.51 -13.72
C TYR B 334 70.41 4.47 -13.46
N GLU B 335 70.62 4.11 -12.19
CA GLU B 335 71.68 3.16 -11.87
C GLU B 335 71.37 1.79 -12.47
N LEU B 336 70.10 1.37 -12.46
CA LEU B 336 69.72 0.11 -13.07
C LEU B 336 70.01 0.12 -14.58
N CYS B 337 69.62 1.21 -15.27
CA CYS B 337 69.93 1.34 -16.68
C CYS B 337 71.42 1.35 -16.94
N ALA B 338 72.17 2.10 -16.11
CA ALA B 338 73.62 2.20 -16.30
C ALA B 338 74.28 0.83 -16.19
N LYS B 339 73.90 0.05 -15.17
CA LYS B 339 74.48 -1.28 -15.01
C LYS B 339 74.21 -2.14 -16.24
N TYR B 340 72.99 -2.07 -16.79
CA TYR B 340 72.63 -2.91 -17.94
C TYR B 340 73.48 -2.54 -19.15
N LEU B 341 73.59 -1.25 -19.47
CA LEU B 341 74.40 -0.83 -20.61
C LEU B 341 75.87 -1.24 -20.42
N LEU B 342 76.41 -1.05 -19.21
CA LEU B 342 77.78 -1.48 -18.94
C LEU B 342 77.93 -2.98 -19.13
N GLU B 343 76.95 -3.75 -18.65
CA GLU B 343 76.97 -5.21 -18.83
C GLU B 343 77.06 -5.60 -20.29
N ASN B 344 76.58 -4.72 -21.19
CA ASN B 344 76.51 -5.00 -22.61
C ASN B 344 77.38 -4.04 -23.42
N ILE B 345 78.45 -3.55 -22.80
CA ILE B 345 79.25 -2.52 -23.44
C ILE B 345 79.86 -3.01 -24.75
N LYS B 346 79.94 -4.34 -24.96
CA LYS B 346 80.42 -4.87 -26.24
C LYS B 346 79.53 -4.43 -27.40
N PHE B 347 78.24 -4.25 -27.16
CA PHE B 347 77.29 -3.96 -28.23
C PHE B 347 76.87 -2.50 -28.29
N ILE B 348 76.87 -1.80 -27.16
CA ILE B 348 76.27 -0.48 -27.04
C ILE B 348 77.09 0.30 -26.03
N ARG B 349 77.31 1.59 -26.31
CA ARG B 349 78.26 2.37 -25.51
C ARG B 349 77.52 3.40 -24.68
N PRO B 350 77.58 3.31 -23.36
CA PRO B 350 76.95 4.33 -22.51
C PRO B 350 77.84 5.55 -22.33
N ALA B 351 77.20 6.71 -22.27
CA ALA B 351 77.82 7.92 -21.75
C ALA B 351 76.92 8.43 -20.63
N PHE B 352 77.52 8.79 -19.50
CA PHE B 352 76.77 9.09 -18.27
C PHE B 352 76.70 10.61 -18.08
N ALA B 353 75.52 11.18 -18.31
CA ALA B 353 75.31 12.61 -18.18
C ALA B 353 74.67 12.87 -16.82
N SER B 354 75.43 13.45 -15.90
CA SER B 354 74.90 13.73 -14.57
C SER B 354 75.90 14.58 -13.80
N HIS B 355 75.39 15.49 -12.97
CA HIS B 355 76.21 16.25 -12.03
C HIS B 355 76.17 15.69 -10.60
N ASN B 356 75.52 14.55 -10.40
CA ASN B 356 75.26 13.98 -9.09
C ASN B 356 76.40 13.05 -8.72
N VAL B 357 77.10 13.36 -7.60
CA VAL B 357 78.28 12.58 -7.22
C VAL B 357 77.91 11.14 -6.89
N ARG B 358 76.75 10.91 -6.25
CA ARG B 358 76.27 9.55 -6.01
C ARG B 358 76.15 8.77 -7.33
N THR B 359 75.41 9.33 -8.29
CA THR B 359 75.23 8.70 -9.59
C THR B 359 76.56 8.41 -10.26
N LEU B 360 77.45 9.41 -10.30
CA LEU B 360 78.75 9.21 -10.92
C LEU B 360 79.55 8.11 -10.23
N ALA B 361 79.55 8.09 -8.89
CA ALA B 361 80.33 7.10 -8.15
C ALA B 361 79.78 5.70 -8.36
N ALA B 362 78.45 5.55 -8.43
CA ALA B 362 77.87 4.25 -8.71
C ALA B 362 78.30 3.74 -10.10
N CYS B 363 78.24 4.61 -11.10
CA CYS B 363 78.68 4.20 -12.43
C CYS B 363 80.14 3.75 -12.41
N MET B 364 81.00 4.48 -11.70
CA MET B 364 82.41 4.11 -11.66
C MET B 364 82.59 2.71 -11.11
N LEU B 365 81.89 2.39 -10.02
CA LEU B 365 82.05 1.10 -9.36
C LEU B 365 81.48 -0.01 -10.23
N TYR B 366 80.29 0.20 -10.78
CA TYR B 366 79.67 -0.80 -11.66
C TYR B 366 80.59 -1.10 -12.83
N ALA B 367 81.25 -0.09 -13.37
CA ALA B 367 82.24 -0.32 -14.42
C ALA B 367 83.41 -1.13 -13.86
N GLU B 368 83.86 -0.81 -12.65
CA GLU B 368 85.05 -1.50 -12.11
C GLU B 368 84.74 -2.95 -11.78
N LYS B 369 83.55 -3.23 -11.26
CA LYS B 369 83.20 -4.62 -10.97
C LYS B 369 83.12 -5.47 -12.23
N LEU B 370 82.94 -4.84 -13.40
CA LEU B 370 82.91 -5.54 -14.69
C LEU B 370 84.25 -5.55 -15.40
N ASN B 371 85.31 -5.08 -14.73
CA ASN B 371 86.66 -4.99 -15.30
C ASN B 371 86.68 -4.16 -16.59
N ILE B 372 85.80 -3.18 -16.67
CA ILE B 372 85.81 -2.25 -17.80
C ILE B 372 86.88 -1.19 -17.57
N PRO B 373 87.77 -0.93 -18.52
CA PRO B 373 88.80 0.09 -18.30
C PRO B 373 88.20 1.50 -18.28
N LYS B 374 88.87 2.39 -17.54
CA LYS B 374 88.35 3.74 -17.37
C LYS B 374 88.18 4.44 -18.71
N GLU B 375 89.10 4.21 -19.64
CA GLU B 375 89.06 4.91 -20.91
C GLU B 375 87.83 4.52 -21.72
N ALA B 376 87.14 3.45 -21.34
CA ALA B 376 85.91 3.07 -22.02
C ALA B 376 84.74 3.96 -21.62
N LEU B 377 84.80 4.53 -20.43
CA LEU B 377 83.66 5.32 -19.96
C LEU B 377 83.71 6.74 -20.53
N GLU B 378 82.58 7.43 -20.40
CA GLU B 378 82.52 8.83 -20.74
C GLU B 378 81.48 9.50 -19.84
N PHE B 379 81.87 10.62 -19.25
CA PHE B 379 80.95 11.37 -18.42
C PHE B 379 80.64 12.70 -19.08
N GLN B 380 79.43 13.21 -18.83
CA GLN B 380 78.99 14.43 -19.50
C GLN B 380 78.28 15.35 -18.52
N MET B 381 78.55 16.65 -18.66
CA MET B 381 77.96 17.68 -17.82
C MET B 381 77.73 18.92 -18.66
N LEU B 382 76.82 19.78 -18.19
CA LEU B 382 76.52 21.01 -18.91
C LEU B 382 77.64 22.03 -18.72
N TYR B 383 77.94 22.77 -19.78
CA TYR B 383 78.89 23.88 -19.68
C TYR B 383 78.49 24.84 -18.57
N GLY B 384 79.47 25.24 -17.75
CA GLY B 384 79.24 26.17 -16.67
C GLY B 384 78.65 25.58 -15.39
N MET B 385 78.26 24.31 -15.39
CA MET B 385 77.65 23.65 -14.25
C MET B 385 78.68 22.79 -13.53
N ALA B 386 78.60 22.76 -12.20
CA ALA B 386 79.32 21.76 -11.40
C ALA B 386 80.82 21.82 -11.64
N GLU B 387 81.35 23.03 -11.75
CA GLU B 387 82.79 23.23 -11.95
C GLU B 387 83.67 22.45 -10.97
N PRO B 388 83.42 22.43 -9.66
CA PRO B 388 84.31 21.67 -8.77
C PRO B 388 84.24 20.18 -9.03
N ILE B 389 83.06 19.65 -9.35
CA ILE B 389 82.91 18.23 -9.63
C ILE B 389 83.54 17.86 -10.96
N LYS B 390 83.23 18.66 -12.00
CA LYS B 390 83.81 18.47 -13.34
C LYS B 390 85.33 18.36 -13.30
N LYS B 391 85.98 19.31 -12.63
CA LYS B 391 87.45 19.31 -12.58
C LYS B 391 87.95 18.05 -11.88
N THR B 392 87.27 17.63 -10.80
CA THR B 392 87.68 16.43 -10.07
C THR B 392 87.62 15.19 -10.95
N ILE B 393 86.53 15.03 -11.70
CA ILE B 393 86.38 13.88 -12.60
C ILE B 393 87.55 13.82 -13.59
N VAL B 394 87.94 14.98 -14.12
CA VAL B 394 89.07 15.01 -15.06
C VAL B 394 90.35 14.62 -14.36
N ASP B 395 90.58 15.15 -13.16
CA ASP B 395 91.78 14.78 -12.40
C ASP B 395 91.83 13.28 -12.15
N MET B 396 90.68 12.63 -11.97
CA MET B 396 90.67 11.20 -11.72
C MET B 396 90.92 10.39 -12.99
N GLY B 397 91.14 11.06 -14.12
CA GLY B 397 91.53 10.41 -15.34
C GLY B 397 90.41 10.06 -16.30
N TYR B 398 89.18 10.45 -16.00
CA TYR B 398 88.04 10.07 -16.83
C TYR B 398 87.81 11.08 -17.95
N ARG B 399 87.20 10.60 -19.03
CA ARG B 399 86.86 11.46 -20.17
C ARG B 399 85.59 12.24 -19.87
N MET B 400 85.68 13.57 -19.96
CA MET B 400 84.58 14.48 -19.63
C MET B 400 84.21 15.27 -20.87
N ARG B 401 82.93 15.28 -21.20
CA ARG B 401 82.41 16.01 -22.35
C ARG B 401 81.41 17.04 -21.87
N GLU B 402 81.62 18.30 -22.27
CA GLU B 402 80.73 19.39 -21.88
C GLU B 402 79.70 19.64 -22.97
N TYR B 403 78.44 19.63 -22.56
CA TYR B 403 77.35 20.09 -23.43
C TYR B 403 77.53 21.58 -23.70
N ALA B 404 77.66 21.94 -24.98
CA ALA B 404 78.11 23.27 -25.38
C ALA B 404 77.02 23.98 -26.16
N PRO B 405 76.12 24.71 -25.49
CA PRO B 405 75.09 25.42 -26.22
C PRO B 405 75.66 26.62 -26.95
N VAL B 406 75.13 26.85 -28.15
CA VAL B 406 75.47 27.98 -29.01
C VAL B 406 74.16 28.59 -29.45
N GLY B 407 74.03 29.92 -29.37
CA GLY B 407 72.81 30.52 -29.87
C GLY B 407 72.60 31.95 -29.42
N GLU B 408 71.52 32.51 -29.98
CA GLU B 408 71.17 33.92 -29.82
C GLU B 408 70.56 34.18 -28.44
N LEU B 409 70.43 35.46 -28.12
CA LEU B 409 70.02 35.89 -26.78
C LEU B 409 68.66 35.35 -26.39
N ILE B 410 67.71 35.29 -27.33
CA ILE B 410 66.34 34.90 -27.01
C ILE B 410 66.24 33.42 -26.66
N PRO B 411 66.68 32.46 -27.49
CA PRO B 411 66.73 31.07 -26.99
C PRO B 411 67.71 30.90 -25.84
N GLY B 412 68.75 31.73 -25.79
CA GLY B 412 69.71 31.65 -24.69
C GLY B 412 69.15 32.05 -23.35
N MET B 413 68.22 33.01 -23.34
CA MET B 413 67.53 33.38 -22.11
C MET B 413 66.47 32.36 -21.71
N ALA B 414 65.92 31.62 -22.68
CA ALA B 414 65.08 30.48 -22.34
C ALA B 414 65.88 29.39 -21.63
N TYR B 415 67.04 29.02 -22.19
CA TYR B 415 67.91 27.99 -21.61
C TYR B 415 68.34 28.37 -20.19
N LEU B 416 68.74 29.63 -19.98
CA LEU B 416 69.08 30.12 -18.65
C LEU B 416 67.92 29.93 -17.67
N VAL B 417 66.68 30.03 -18.16
CA VAL B 417 65.53 29.83 -17.28
C VAL B 417 65.43 28.37 -16.85
N ARG B 418 65.76 27.45 -17.78
CA ARG B 418 65.74 26.03 -17.43
C ARG B 418 66.84 25.69 -16.40
N ARG B 419 68.03 26.29 -16.55
CA ARG B 419 69.08 26.12 -15.54
C ARG B 419 68.62 26.64 -14.18
N LEU B 420 68.02 27.83 -14.14
CA LEU B 420 67.50 28.36 -12.88
C LEU B 420 66.46 27.42 -12.27
N LEU B 421 65.58 26.86 -13.09
CA LEU B 421 64.56 25.95 -12.58
C LEU B 421 65.19 24.70 -11.97
N GLU B 422 66.13 24.07 -12.69
CA GLU B 422 66.77 22.86 -12.17
C GLU B 422 67.56 23.14 -10.89
N ASN B 423 68.34 24.22 -10.87
CA ASN B 423 69.22 24.47 -9.75
C ASN B 423 68.47 24.88 -8.50
N THR B 424 67.27 25.45 -8.63
CA THR B 424 66.47 25.80 -7.46
C THR B 424 65.45 24.74 -7.09
N SER B 425 65.46 23.60 -7.78
CA SER B 425 64.51 22.54 -7.50
C SER B 425 64.78 21.91 -6.12
N ASN B 426 63.69 21.56 -5.42
CA ASN B 426 63.82 20.94 -4.11
C ASN B 426 64.50 19.57 -4.19
N GLU B 427 64.40 18.91 -5.34
CA GLU B 427 64.99 17.59 -5.52
C GLU B 427 66.39 17.63 -6.11
N SER B 428 66.94 18.81 -6.36
CA SER B 428 68.25 18.90 -7.00
C SER B 428 69.36 18.39 -6.08
N TRP B 429 70.18 17.46 -6.58
CA TRP B 429 71.29 16.97 -5.77
C TRP B 429 72.30 18.08 -5.47
N LEU B 430 72.60 18.92 -6.47
CA LEU B 430 73.55 20.02 -6.26
C LEU B 430 73.03 21.01 -5.23
N ARG B 431 71.73 21.32 -5.28
CA ARG B 431 71.18 22.19 -4.26
C ARG B 431 71.32 21.57 -2.87
N GLY B 432 71.05 20.28 -2.74
CA GLY B 432 71.17 19.65 -1.44
C GLY B 432 72.57 19.74 -0.87
N LYS B 433 73.58 19.63 -1.74
CA LYS B 433 74.98 19.69 -1.33
C LYS B 433 75.43 21.12 -1.03
N PHE B 434 75.20 22.06 -1.94
CA PHE B 434 75.78 23.40 -1.89
C PHE B 434 74.85 24.44 -1.30
N ALA B 435 73.63 24.09 -1.00
CA ALA B 435 72.71 25.09 -0.47
C ALA B 435 71.99 24.62 0.78
N ASP B 436 71.51 23.38 0.81
CA ASP B 436 70.76 22.88 1.95
C ASP B 436 71.65 22.25 3.01
N ASN B 437 72.97 22.19 2.79
CA ASN B 437 73.92 21.63 3.74
C ASN B 437 73.48 20.25 4.25
N LYS B 438 73.11 19.38 3.31
CA LYS B 438 72.76 18.00 3.64
C LYS B 438 74.01 17.19 3.92
N SER B 439 73.88 16.18 4.79
CA SER B 439 75.02 15.38 5.20
C SER B 439 75.54 14.53 4.05
N MET B 440 76.80 14.12 4.17
CA MET B 440 77.42 13.28 3.15
C MET B 440 76.74 11.92 3.06
N ALA B 441 76.28 11.39 4.20
CA ALA B 441 75.61 10.10 4.18
C ALA B 441 74.29 10.19 3.41
N GLU B 442 73.53 11.27 3.61
CA GLU B 442 72.30 11.44 2.85
C GLU B 442 72.58 11.66 1.37
N LEU B 443 73.66 12.38 1.05
CA LEU B 443 73.96 12.66 -0.36
C LEU B 443 74.39 11.41 -1.11
N LEU B 444 74.99 10.43 -0.44
CA LEU B 444 75.57 9.28 -1.11
C LEU B 444 74.77 8.00 -0.94
N LYS B 445 73.62 8.05 -0.28
CA LYS B 445 72.88 6.83 0.06
C LYS B 445 72.29 6.20 -1.20
N ASP B 446 72.01 4.90 -1.09
CA ASP B 446 71.46 4.14 -2.19
C ASP B 446 70.04 4.60 -2.48
N PRO B 447 69.75 5.14 -3.66
CA PRO B 447 68.37 5.57 -3.96
C PRO B 447 67.37 4.44 -3.90
N ALA B 448 67.83 3.20 -4.11
CA ALA B 448 66.96 2.03 -4.03
C ALA B 448 66.60 1.67 -2.59
N GLN B 449 67.32 2.18 -1.60
CA GLN B 449 67.06 1.80 -0.21
C GLN B 449 65.73 2.36 0.26
N GLY B 450 64.86 1.48 0.73
CA GLY B 450 63.53 1.91 1.15
C GLY B 450 62.71 2.53 0.06
N LEU B 451 63.02 2.25 -1.21
CA LEU B 451 62.37 2.92 -2.33
C LEU B 451 60.92 2.46 -2.46
N THR B 452 60.01 3.42 -2.36
CA THR B 452 58.58 3.19 -2.53
C THR B 452 58.16 3.60 -3.93
N PRO B 453 57.56 2.72 -4.71
CA PRO B 453 57.17 3.08 -6.07
C PRO B 453 56.03 4.10 -6.08
N THR B 454 55.93 4.82 -7.18
CA THR B 454 54.77 5.67 -7.44
C THR B 454 53.95 5.05 -8.56
N SER B 455 52.76 5.44 -8.62
CA SER B 455 51.85 4.99 -9.67
C SER B 455 51.76 6.04 -10.76
N PRO B 456 51.67 5.65 -12.03
CA PRO B 456 51.42 6.66 -13.08
C PRO B 456 50.00 7.23 -13.04
N VAL B 457 49.11 6.65 -12.23
CA VAL B 457 47.70 7.05 -12.16
C VAL B 457 47.51 8.09 -11.07
N ILE B 458 47.03 9.27 -11.44
CA ILE B 458 46.69 10.34 -10.51
C ILE B 458 45.35 10.02 -9.85
N PRO B 459 45.28 9.96 -8.52
CA PRO B 459 44.01 9.61 -7.85
C PRO B 459 42.95 10.68 -8.04
N LYS B 460 41.73 10.25 -8.34
CA LYS B 460 40.61 11.16 -8.51
C LYS B 460 40.07 11.56 -7.14
N LYS B 461 40.02 12.86 -6.86
CA LYS B 461 39.38 13.31 -5.64
C LYS B 461 37.90 12.93 -5.70
N PRO B 462 37.33 12.35 -4.64
CA PRO B 462 35.94 11.89 -4.73
C PRO B 462 34.97 13.05 -4.85
N GLY B 463 33.95 12.87 -5.69
CA GLY B 463 32.99 13.92 -5.92
C GLY B 463 33.40 14.95 -6.95
N LYS B 464 34.67 15.02 -7.31
CA LYS B 464 35.11 16.03 -8.26
C LYS B 464 34.83 15.57 -9.69
N PHE B 465 34.43 16.51 -10.55
CA PHE B 465 34.25 16.22 -11.95
C PHE B 465 35.60 16.16 -12.68
N TYR B 466 35.75 15.18 -13.56
CA TYR B 466 36.92 15.08 -14.43
C TYR B 466 36.45 14.98 -15.87
N ASN B 467 37.19 15.65 -16.76
CA ASN B 467 36.91 15.56 -18.18
C ASN B 467 37.38 14.23 -18.76
N GLU B 468 36.70 13.79 -19.80
CA GLU B 468 37.09 12.58 -20.52
C GLU B 468 38.42 12.76 -21.25
N PRO B 469 39.38 11.85 -21.08
CA PRO B 469 40.63 11.96 -21.83
C PRO B 469 40.42 11.79 -23.32
N LEU B 470 41.15 12.58 -24.10
CA LEU B 470 41.11 12.39 -25.55
C LEU B 470 42.07 11.28 -25.95
N LEU B 471 41.88 10.78 -27.17
CA LEU B 471 42.74 9.73 -27.66
C LEU B 471 44.16 10.25 -27.90
N ASP B 472 45.12 9.34 -27.72
CA ASP B 472 46.54 9.58 -28.05
C ASP B 472 46.80 8.87 -29.38
N PHE B 473 46.81 9.62 -30.48
CA PHE B 473 47.00 8.96 -31.76
C PHE B 473 48.44 8.54 -32.02
N ALA B 474 49.35 8.80 -31.08
CA ALA B 474 50.66 8.17 -31.14
C ALA B 474 50.60 6.67 -30.81
N VAL B 475 49.49 6.18 -30.27
CA VAL B 475 49.32 4.76 -29.99
C VAL B 475 48.87 4.05 -31.27
N LYS B 476 49.70 3.13 -31.75
CA LYS B 476 49.42 2.48 -33.04
C LYS B 476 48.07 1.77 -33.02
N ALA B 477 47.72 1.13 -31.91
CA ALA B 477 46.44 0.41 -31.84
C ALA B 477 45.26 1.34 -32.04
N ASP B 478 45.38 2.60 -31.62
CA ASP B 478 44.26 3.52 -31.77
C ASP B 478 44.16 4.04 -33.21
N ARG B 479 45.31 4.25 -33.87
CA ARG B 479 45.26 4.55 -35.30
C ARG B 479 44.58 3.43 -36.08
N GLU B 480 44.88 2.17 -35.72
CA GLU B 480 44.30 1.04 -36.43
C GLU B 480 42.79 0.95 -36.25
N LYS B 481 42.31 1.17 -35.01
CA LYS B 481 40.87 1.19 -34.77
C LYS B 481 40.21 2.32 -35.54
N MET B 482 40.89 3.47 -35.64
CA MET B 482 40.35 4.60 -36.39
C MET B 482 40.22 4.25 -37.86
N LEU B 483 41.27 3.65 -38.44
CA LEU B 483 41.23 3.24 -39.83
C LEU B 483 40.21 2.13 -40.04
N LYS B 484 40.07 1.23 -39.07
CA LYS B 484 39.05 0.21 -39.17
C LYS B 484 37.65 0.83 -39.14
N ALA B 485 37.42 1.79 -38.22
CA ALA B 485 36.11 2.42 -38.12
C ALA B 485 35.78 3.23 -39.38
N LEU B 486 36.78 3.90 -39.95
CA LEU B 486 36.55 4.62 -41.20
C LEU B 486 36.19 3.67 -42.33
N ALA B 487 36.87 2.52 -42.42
CA ALA B 487 36.56 1.57 -43.49
C ALA B 487 35.13 1.05 -43.35
N GLU B 488 34.72 0.71 -42.13
CA GLU B 488 33.39 0.17 -41.91
C GLU B 488 32.34 1.24 -42.15
N ALA B 489 32.61 2.49 -41.77
CA ALA B 489 31.65 3.55 -42.04
C ALA B 489 31.48 3.73 -43.55
N LYS B 490 32.60 3.83 -44.28
CA LYS B 490 32.52 4.06 -45.72
C LYS B 490 31.74 2.94 -46.42
N ALA B 491 31.95 1.70 -46.00
CA ALA B 491 31.24 0.57 -46.59
C ALA B 491 29.75 0.57 -46.21
N SER B 492 29.33 1.34 -45.21
CA SER B 492 27.91 1.40 -44.87
C SER B 492 27.16 2.52 -45.60
N LEU B 493 27.85 3.34 -46.40
CA LEU B 493 27.20 4.49 -47.05
C LEU B 493 26.36 4.03 -48.23
N PRO B 494 25.24 4.72 -48.48
CA PRO B 494 24.75 5.83 -47.67
C PRO B 494 23.92 5.34 -46.48
N VAL B 495 23.93 6.09 -45.39
CA VAL B 495 23.13 5.77 -44.21
C VAL B 495 21.73 6.32 -44.39
N ASN B 496 20.74 5.43 -44.33
CA ASN B 496 19.34 5.83 -44.40
C ASN B 496 18.86 6.20 -42.99
N VAL B 497 18.47 7.45 -42.81
CA VAL B 497 18.09 7.98 -41.50
C VAL B 497 16.59 8.19 -41.47
N ASN B 498 15.95 7.64 -40.45
CA ASN B 498 14.51 7.78 -40.28
C ASN B 498 14.21 8.75 -39.15
N ILE B 499 13.01 9.33 -39.22
CA ILE B 499 12.44 10.03 -38.08
C ILE B 499 12.13 9.02 -36.98
N VAL B 500 12.31 9.43 -35.72
CA VAL B 500 12.01 8.54 -34.60
C VAL B 500 11.14 9.26 -33.59
N ILE B 501 9.89 8.82 -33.46
CA ILE B 501 8.94 9.40 -32.51
C ILE B 501 8.35 8.28 -31.67
N ASN B 502 8.36 8.47 -30.35
CA ASN B 502 7.92 7.43 -29.42
C ASN B 502 8.67 6.12 -29.67
N ASN B 503 9.96 6.23 -29.94
CA ASN B 503 10.86 5.10 -30.21
C ASN B 503 10.43 4.25 -31.41
N LYS B 504 9.62 4.82 -32.31
CA LYS B 504 9.24 4.14 -33.55
C LYS B 504 9.77 4.93 -34.75
N GLU B 505 10.35 4.21 -35.70
CA GLU B 505 10.94 4.83 -36.88
C GLU B 505 9.87 5.16 -37.91
N LEU B 506 9.95 6.37 -38.49
CA LEU B 506 8.98 6.86 -39.46
C LEU B 506 9.70 7.38 -40.70
N GLN B 507 8.95 7.42 -41.80
CA GLN B 507 9.43 7.95 -43.06
C GLN B 507 8.47 9.03 -43.55
N SER B 508 9.00 9.94 -44.37
CA SER B 508 8.19 10.97 -45.00
C SER B 508 8.14 10.87 -46.53
N GLY B 509 9.13 10.23 -47.16
CA GLY B 509 9.22 10.22 -48.60
C GLY B 509 9.96 11.40 -49.20
N LYS B 510 10.27 12.43 -48.41
CA LYS B 510 11.04 13.57 -48.86
C LYS B 510 12.46 13.37 -48.36
N ILE B 511 13.38 13.04 -49.28
CA ILE B 511 14.74 12.62 -48.93
C ILE B 511 15.73 13.73 -49.26
N PHE B 512 16.53 14.11 -48.27
CA PHE B 512 17.64 15.05 -48.45
C PHE B 512 18.95 14.28 -48.51
N ASP B 513 19.72 14.48 -49.58
CA ASP B 513 21.01 13.82 -49.77
C ASP B 513 22.12 14.66 -49.19
N ARG B 514 22.86 14.12 -48.22
CA ARG B 514 23.96 14.83 -47.57
C ARG B 514 25.27 14.25 -48.08
N VAL B 515 26.02 15.04 -48.84
CA VAL B 515 27.25 14.56 -49.47
C VAL B 515 28.42 14.66 -48.50
N ASN B 516 29.45 13.89 -48.80
CA ASN B 516 30.71 13.96 -48.10
C ASN B 516 31.38 15.28 -48.46
N PRO B 517 31.56 16.20 -47.51
CA PRO B 517 32.10 17.53 -47.86
C PRO B 517 33.56 17.48 -48.30
N SER B 518 34.29 16.38 -48.01
CA SER B 518 35.64 16.17 -48.53
C SER B 518 35.65 15.54 -49.91
N GLN B 519 34.51 15.04 -50.38
CA GLN B 519 34.45 14.33 -51.64
C GLN B 519 33.01 14.39 -52.12
N SER B 520 32.63 15.51 -52.73
CA SER B 520 31.23 15.92 -52.81
C SER B 520 30.42 15.09 -53.79
N ASP B 521 31.00 14.15 -54.52
CA ASP B 521 30.19 13.25 -55.34
C ASP B 521 29.76 11.99 -54.59
N GLN B 522 30.10 11.88 -53.32
CA GLN B 522 29.74 10.73 -52.49
C GLN B 522 28.64 11.14 -51.52
N ILE B 523 27.56 10.36 -51.49
CA ILE B 523 26.44 10.63 -50.58
C ILE B 523 26.68 9.89 -49.26
N VAL B 524 26.68 10.63 -48.15
CA VAL B 524 26.88 10.01 -46.85
C VAL B 524 25.54 9.63 -46.21
N GLY B 525 24.55 10.51 -46.28
CA GLY B 525 23.25 10.25 -45.68
C GLY B 525 22.11 10.55 -46.63
N LYS B 526 21.07 9.72 -46.55
CA LYS B 526 19.78 10.00 -47.17
C LYS B 526 18.78 10.18 -46.03
N ILE B 527 18.34 11.43 -45.81
CA ILE B 527 17.62 11.81 -44.60
C ILE B 527 16.13 11.95 -44.91
N GLN B 528 15.31 11.19 -44.19
CA GLN B 528 13.86 11.44 -44.18
C GLN B 528 13.61 12.79 -43.51
N MET B 529 13.05 13.75 -44.26
CA MET B 529 12.80 15.10 -43.77
C MET B 529 11.33 15.21 -43.37
N ALA B 530 11.09 15.49 -42.09
CA ALA B 530 9.76 15.33 -41.54
C ALA B 530 8.80 16.39 -42.04
N THR B 531 7.51 16.03 -42.07
CA THR B 531 6.41 16.95 -42.33
C THR B 531 6.00 17.68 -41.05
N THR B 532 5.18 18.71 -41.23
CA THR B 532 4.68 19.42 -40.06
C THR B 532 3.71 18.55 -39.28
N GLU B 533 2.99 17.66 -39.96
CA GLU B 533 2.15 16.70 -39.24
C GLU B 533 3.01 15.80 -38.37
N GLN B 534 4.18 15.41 -38.85
CA GLN B 534 5.06 14.61 -38.02
C GLN B 534 5.67 15.43 -36.90
N ALA B 535 5.91 16.72 -37.14
CA ALA B 535 6.36 17.60 -36.06
C ALA B 535 5.29 17.67 -34.98
N GLU B 536 4.01 17.68 -35.38
CA GLU B 536 2.93 17.68 -34.39
C GLU B 536 2.93 16.38 -33.59
N GLN B 537 3.16 15.25 -34.25
CA GLN B 537 3.27 13.98 -33.56
C GLN B 537 4.45 13.99 -32.59
N ALA B 538 5.56 14.60 -32.97
CA ALA B 538 6.68 14.70 -32.04
C ALA B 538 6.31 15.54 -30.81
N MET B 539 5.66 16.68 -31.04
CA MET B 539 5.24 17.52 -29.91
C MET B 539 4.26 16.79 -29.00
N GLN B 540 3.30 16.05 -29.58
CA GLN B 540 2.32 15.32 -28.78
C GLN B 540 2.99 14.21 -27.99
N ALA B 541 3.90 13.45 -28.62
CA ALA B 541 4.59 12.36 -27.93
C ALA B 541 5.42 12.89 -26.75
N ALA B 542 6.08 14.04 -26.93
CA ALA B 542 6.88 14.63 -25.87
C ALA B 542 6.02 15.13 -24.71
N GLN B 543 4.88 15.76 -25.04
CA GLN B 543 3.99 16.26 -24.00
C GLN B 543 3.38 15.12 -23.20
N THR B 544 2.93 14.05 -23.88
CA THR B 544 2.40 12.90 -23.16
C THR B 544 3.47 12.31 -22.26
N ALA B 545 4.68 12.13 -22.79
CA ALA B 545 5.76 11.56 -22.01
C ALA B 545 6.12 12.45 -20.81
N TYR B 546 6.03 13.76 -20.96
CA TYR B 546 6.43 14.66 -19.88
C TYR B 546 5.62 14.40 -18.60
N LYS B 547 4.36 13.97 -18.75
CA LYS B 547 3.47 13.75 -17.62
C LYS B 547 4.02 12.72 -16.64
N THR B 548 4.71 11.69 -17.12
CA THR B 548 5.33 10.71 -16.24
C THR B 548 6.83 10.92 -16.07
N TRP B 549 7.53 11.37 -17.10
CA TRP B 549 8.98 11.55 -16.99
C TRP B 549 9.34 12.59 -15.95
N LYS B 550 8.52 13.63 -15.78
CA LYS B 550 8.80 14.68 -14.80
C LYS B 550 8.79 14.15 -13.38
N ASN B 551 8.24 12.95 -13.16
CA ASN B 551 8.23 12.32 -11.85
C ASN B 551 9.27 11.20 -11.72
N VAL B 552 10.07 10.92 -12.74
CA VAL B 552 11.15 9.95 -12.55
C VAL B 552 12.18 10.56 -11.60
N PRO B 553 12.60 9.87 -10.54
CA PRO B 553 13.55 10.47 -9.59
C PRO B 553 14.84 10.91 -10.28
N CYS B 554 15.41 12.01 -9.76
CA CYS B 554 16.61 12.59 -10.35
C CYS B 554 17.71 11.56 -10.53
N GLU B 555 17.93 10.71 -9.51
CA GLU B 555 18.99 9.70 -9.59
C GLU B 555 18.81 8.77 -10.78
N GLN B 556 17.56 8.37 -11.07
CA GLN B 556 17.30 7.47 -12.19
C GLN B 556 17.45 8.20 -13.53
N ARG B 557 17.07 9.47 -13.60
CA ARG B 557 17.30 10.22 -14.83
C ARG B 557 18.80 10.41 -15.06
N ALA B 558 19.53 10.73 -13.99
CA ALA B 558 20.99 10.88 -14.10
C ALA B 558 21.67 9.57 -14.51
N ALA B 559 21.17 8.43 -14.00
CA ALA B 559 21.76 7.14 -14.35
C ALA B 559 21.56 6.82 -15.84
N LEU B 560 20.42 7.22 -16.41
CA LEU B 560 20.22 7.05 -17.85
C LEU B 560 21.22 7.88 -18.64
N VAL B 561 21.49 9.11 -18.18
CA VAL B 561 22.45 9.98 -18.83
C VAL B 561 23.88 9.42 -18.69
N ASP B 562 24.19 8.84 -17.52
CA ASP B 562 25.48 8.18 -17.36
C ASP B 562 25.63 7.00 -18.31
N LYS B 563 24.56 6.22 -18.50
CA LYS B 563 24.65 5.09 -19.40
C LYS B 563 24.89 5.56 -20.82
N LEU B 564 24.24 6.66 -21.22
CA LEU B 564 24.50 7.25 -22.53
C LEU B 564 25.98 7.57 -22.71
N ALA B 565 26.60 8.18 -21.69
CA ALA B 565 28.03 8.48 -21.74
C ALA B 565 28.86 7.21 -21.87
N ASP B 566 28.47 6.13 -21.18
CA ASP B 566 29.20 4.88 -21.30
C ASP B 566 29.10 4.30 -22.69
N ILE B 567 27.90 4.38 -23.29
CA ILE B 567 27.74 3.89 -24.65
C ILE B 567 28.59 4.71 -25.62
N MET B 568 28.59 6.05 -25.45
CA MET B 568 29.46 6.90 -26.25
C MET B 568 30.92 6.47 -26.09
N THR B 569 31.33 6.16 -24.86
CA THR B 569 32.70 5.74 -24.62
C THR B 569 33.01 4.44 -25.36
N ARG B 570 32.09 3.47 -25.30
CA ARG B 570 32.29 2.21 -26.00
C ARG B 570 32.37 2.40 -27.52
N ASP B 571 31.54 3.29 -28.09
CA ASP B 571 31.47 3.42 -29.54
C ASP B 571 32.35 4.57 -30.06
N ARG B 572 33.38 4.95 -29.31
CA ARG B 572 34.15 6.15 -29.60
C ARG B 572 34.60 6.22 -31.05
N PHE B 573 35.23 5.15 -31.55
CA PHE B 573 35.80 5.20 -32.90
C PHE B 573 34.71 5.28 -33.96
N LYS B 574 33.61 4.57 -33.76
CA LYS B 574 32.52 4.63 -34.73
C LYS B 574 31.92 6.04 -34.78
N LEU B 575 31.87 6.71 -33.62
CA LEU B 575 31.35 8.08 -33.55
C LEU B 575 32.30 9.07 -34.21
N ILE B 576 33.61 8.88 -34.04
CA ILE B 576 34.56 9.75 -34.73
C ILE B 576 34.39 9.62 -36.24
N ALA B 577 34.37 8.38 -36.73
CA ALA B 577 34.32 8.16 -38.16
C ALA B 577 33.12 8.87 -38.80
N THR B 578 31.97 8.84 -38.11
CA THR B 578 30.79 9.50 -38.67
C THR B 578 31.02 11.01 -38.85
N GLN B 579 31.64 11.63 -37.86
CA GLN B 579 31.93 13.05 -37.95
C GLN B 579 32.99 13.35 -39.00
N VAL B 580 33.99 12.48 -39.12
CA VAL B 580 34.99 12.69 -40.17
C VAL B 580 34.33 12.71 -41.54
N LEU B 581 33.43 11.75 -41.80
CA LEU B 581 32.89 11.60 -43.15
C LEU B 581 31.73 12.55 -43.43
N GLU B 582 30.80 12.75 -42.47
CA GLU B 582 29.63 13.56 -42.75
C GLU B 582 29.90 15.06 -42.62
N VAL B 583 30.74 15.46 -41.68
CA VAL B 583 30.93 16.89 -41.38
C VAL B 583 32.32 17.40 -41.78
N GLY B 584 33.25 16.53 -42.19
CA GLY B 584 34.59 16.97 -42.53
C GLY B 584 35.46 17.31 -41.34
N LYS B 585 35.13 16.78 -40.16
CA LYS B 585 35.92 17.06 -38.98
C LYS B 585 37.21 16.24 -39.00
N PRO B 586 38.39 16.86 -38.93
CA PRO B 586 39.63 16.08 -38.83
C PRO B 586 39.63 15.18 -37.60
N TRP B 587 40.44 14.12 -37.66
CA TRP B 587 40.46 13.08 -36.62
C TRP B 587 40.43 13.64 -35.19
N ALA B 588 41.38 14.50 -34.85
CA ALA B 588 41.49 14.99 -33.47
C ALA B 588 40.35 15.92 -33.11
N GLU B 589 39.84 16.69 -34.08
CA GLU B 589 38.66 17.53 -33.84
C GLU B 589 37.43 16.68 -33.53
N ALA B 590 37.20 15.64 -34.33
CA ALA B 590 36.08 14.74 -34.07
C ALA B 590 36.23 14.04 -32.73
N ASP B 591 37.45 13.60 -32.38
CA ASP B 591 37.69 12.96 -31.08
C ASP B 591 37.37 13.91 -29.93
N GLY B 592 37.85 15.15 -30.03
CA GLY B 592 37.49 16.15 -29.05
C GLY B 592 35.99 16.35 -28.96
N ASP B 593 35.27 16.21 -30.08
CA ASP B 593 33.82 16.34 -30.08
C ASP B 593 33.17 15.24 -29.24
N ILE B 594 33.63 13.99 -29.40
CA ILE B 594 33.09 12.90 -28.60
C ILE B 594 33.38 13.13 -27.12
N GLY B 595 34.60 13.58 -26.81
CA GLY B 595 34.95 13.84 -25.41
C GLY B 595 34.06 14.89 -24.79
N GLU B 596 33.81 15.98 -25.52
CA GLU B 596 32.92 17.03 -25.02
C GLU B 596 31.51 16.48 -24.81
N ALA B 597 31.02 15.63 -25.71
CA ALA B 597 29.67 15.07 -25.55
C ALA B 597 29.58 14.22 -24.30
N ILE B 598 30.58 13.37 -24.07
CA ILE B 598 30.63 12.59 -22.85
C ILE B 598 30.69 13.51 -21.64
N ASP B 599 31.48 14.58 -21.73
CA ASP B 599 31.63 15.51 -20.62
C ASP B 599 30.30 16.16 -20.26
N PHE B 600 29.52 16.59 -21.27
CA PHE B 600 28.20 17.18 -20.99
C PHE B 600 27.32 16.21 -20.23
N CYS B 601 27.26 14.97 -20.70
CA CYS B 601 26.51 13.91 -20.02
C CYS B 601 26.89 13.82 -18.56
N ARG B 602 28.18 13.63 -18.29
CA ARG B 602 28.59 13.39 -16.91
C ARG B 602 28.42 14.65 -16.06
N TYR B 603 28.72 15.82 -16.63
CA TYR B 603 28.62 17.06 -15.85
C TYR B 603 27.17 17.39 -15.51
N TYR B 604 26.27 17.30 -16.49
CA TYR B 604 24.89 17.64 -16.14
C TYR B 604 24.28 16.58 -15.25
N ALA B 605 24.69 15.32 -15.43
CA ALA B 605 24.21 14.29 -14.51
C ALA B 605 24.73 14.55 -13.09
N ARG B 606 26.01 14.89 -12.98
CA ARG B 606 26.56 15.25 -11.68
C ARG B 606 25.82 16.45 -11.08
N HIS B 607 25.55 17.47 -11.89
CA HIS B 607 24.88 18.67 -11.37
C HIS B 607 23.47 18.37 -10.89
N MET B 608 22.72 17.55 -11.64
CA MET B 608 21.36 17.22 -11.23
C MET B 608 21.36 16.49 -9.90
N ARG B 609 22.38 15.65 -9.69
CA ARG B 609 22.51 14.94 -8.42
C ARG B 609 22.76 15.91 -7.26
N GLU B 610 23.43 17.03 -7.52
CA GLU B 610 23.53 18.06 -6.50
C GLU B 610 22.19 18.80 -6.32
N LEU B 611 21.57 19.22 -7.43
CA LEU B 611 20.40 20.09 -7.35
C LEU B 611 19.13 19.37 -6.89
N GLN B 612 19.12 18.03 -6.85
CA GLN B 612 17.95 17.30 -6.33
C GLN B 612 17.78 17.53 -4.84
N LYS B 613 18.81 17.96 -4.15
CA LYS B 613 18.73 18.08 -2.70
C LYS B 613 18.04 19.38 -2.33
N PRO B 614 16.95 19.34 -1.57
CA PRO B 614 16.26 20.58 -1.19
C PRO B 614 17.15 21.45 -0.31
N LEU B 615 17.17 22.74 -0.59
CA LEU B 615 17.99 23.68 0.16
C LEU B 615 17.14 24.33 1.24
N ARG B 616 17.50 24.10 2.50
CA ARG B 616 16.83 24.75 3.63
C ARG B 616 17.10 26.24 3.60
N VAL B 617 16.04 27.06 3.69
CA VAL B 617 16.19 28.50 3.71
C VAL B 617 15.49 29.05 4.95
N GLY B 618 15.96 30.19 5.43
CA GLY B 618 15.35 30.82 6.59
C GLY B 618 15.81 30.15 7.88
N GLY B 619 15.45 28.88 8.07
CA GLY B 619 15.89 28.16 9.25
C GLY B 619 15.15 28.54 10.52
N LEU B 620 13.94 29.03 10.42
CA LEU B 620 13.22 29.36 11.64
C LEU B 620 12.66 28.09 12.29
N PRO B 621 12.54 28.06 13.62
CA PRO B 621 11.83 26.94 14.26
C PRO B 621 10.33 27.03 13.96
N GLY B 622 9.69 25.87 13.89
CA GLY B 622 8.26 25.85 13.66
C GLY B 622 7.84 26.03 12.21
N GLU B 623 8.77 26.21 11.28
CA GLU B 623 8.41 26.34 9.87
C GLU B 623 9.56 25.80 9.03
N LEU B 624 9.30 24.72 8.31
CA LEU B 624 10.24 24.17 7.36
C LEU B 624 10.07 24.88 6.02
N SER B 625 11.17 25.34 5.45
CA SER B 625 11.12 26.04 4.17
C SER B 625 12.29 25.58 3.32
N HIS B 626 11.99 25.16 2.10
CA HIS B 626 13.02 24.64 1.20
C HIS B 626 12.91 25.25 -0.19
N TYR B 627 14.07 25.55 -0.77
CA TYR B 627 14.22 26.03 -2.14
C TYR B 627 14.58 24.83 -3.02
N ILE B 628 13.80 24.62 -4.08
CA ILE B 628 13.92 23.43 -4.92
C ILE B 628 13.84 23.86 -6.38
N TYR B 629 14.11 22.91 -7.29
CA TYR B 629 13.96 23.13 -8.72
C TYR B 629 12.95 22.15 -9.29
N LYS B 630 12.17 22.63 -10.26
CA LYS B 630 11.17 21.89 -11.03
C LYS B 630 11.54 21.90 -12.51
N SER B 631 11.11 20.86 -13.23
CA SER B 631 11.22 20.89 -14.68
C SER B 631 10.21 21.86 -15.28
N ARG B 632 10.39 22.19 -16.55
CA ARG B 632 9.51 23.16 -17.24
C ARG B 632 8.52 22.53 -18.22
N GLY B 633 8.92 21.54 -19.01
CA GLY B 633 7.99 20.94 -19.99
C GLY B 633 8.74 20.48 -21.23
N VAL B 634 8.07 20.54 -22.38
CA VAL B 634 8.67 20.08 -23.63
C VAL B 634 9.73 21.08 -24.07
N THR B 635 10.93 20.59 -24.37
CA THR B 635 12.04 21.43 -24.78
C THR B 635 12.35 21.20 -26.26
N ALA B 636 12.35 22.28 -27.03
CA ALA B 636 12.75 22.22 -28.44
C ALA B 636 14.25 22.45 -28.53
N VAL B 637 14.96 21.52 -29.16
CA VAL B 637 16.41 21.57 -29.29
C VAL B 637 16.75 21.73 -30.78
N ILE B 638 17.36 22.85 -31.12
CA ILE B 638 17.72 23.18 -32.50
C ILE B 638 19.23 23.37 -32.52
N ALA B 639 19.94 22.36 -33.01
CA ALA B 639 21.37 22.21 -32.79
C ALA B 639 22.15 22.48 -34.06
N PRO B 640 23.40 22.92 -33.94
CA PRO B 640 24.20 23.23 -35.13
C PRO B 640 24.93 22.00 -35.66
N TRP B 641 25.68 22.16 -36.75
CA TRP B 641 26.44 21.07 -37.36
C TRP B 641 27.92 21.08 -36.99
N ASN B 642 28.46 22.18 -36.46
CA ASN B 642 29.92 22.27 -36.37
C ASN B 642 30.50 21.50 -35.19
N PHE B 643 29.74 21.29 -34.12
CA PHE B 643 30.09 20.32 -33.08
C PHE B 643 28.93 19.33 -33.05
N PRO B 644 28.89 18.40 -34.00
CA PRO B 644 27.61 17.75 -34.34
C PRO B 644 27.09 16.78 -33.29
N LEU B 645 27.95 16.21 -32.44
CA LEU B 645 27.44 15.39 -31.33
C LEU B 645 27.43 16.14 -30.01
N ALA B 646 28.49 16.91 -29.73
CA ALA B 646 28.69 17.48 -28.40
C ALA B 646 27.62 18.51 -28.05
N ILE B 647 27.42 19.53 -28.90
CA ILE B 647 26.48 20.59 -28.56
C ILE B 647 25.05 20.04 -28.49
N LEU B 648 24.66 19.28 -29.52
CA LEU B 648 23.38 18.59 -29.51
C LEU B 648 23.20 17.74 -28.25
N ALA B 649 24.22 16.93 -27.91
CA ALA B 649 24.08 16.08 -26.72
C ALA B 649 23.97 16.90 -25.43
N GLY B 650 24.75 17.97 -25.31
CA GLY B 650 24.65 18.83 -24.13
C GLY B 650 23.26 19.44 -23.95
N MET B 651 22.68 19.94 -25.03
CA MET B 651 21.32 20.49 -24.94
C MET B 651 20.33 19.41 -24.55
N VAL B 652 20.41 18.23 -25.20
CA VAL B 652 19.43 17.17 -24.97
C VAL B 652 19.54 16.61 -23.56
N THR B 653 20.78 16.32 -23.10
CA THR B 653 20.92 15.71 -21.78
C THR B 653 20.61 16.71 -20.67
N ALA B 654 21.00 17.98 -20.85
CA ALA B 654 20.67 18.97 -19.83
C ALA B 654 19.15 19.08 -19.68
N ALA B 655 18.45 19.21 -20.80
CA ALA B 655 16.99 19.31 -20.77
C ALA B 655 16.38 18.06 -20.14
N ALA B 656 16.79 16.88 -20.61
CA ALA B 656 16.18 15.65 -20.15
C ALA B 656 16.53 15.34 -18.71
N VAL B 657 17.81 15.51 -18.32
CA VAL B 657 18.18 15.17 -16.94
C VAL B 657 17.45 16.10 -15.98
N ALA B 658 17.12 17.32 -16.42
CA ALA B 658 16.34 18.22 -15.57
C ALA B 658 14.88 17.82 -15.48
N GLY B 659 14.45 16.73 -16.12
CA GLY B 659 13.08 16.30 -16.06
C GLY B 659 12.21 16.78 -17.22
N ASN B 660 12.79 17.42 -18.22
CA ASN B 660 12.00 17.82 -19.38
C ASN B 660 12.01 16.72 -20.43
N THR B 661 11.04 16.77 -21.34
CA THR B 661 11.12 15.95 -22.54
C THR B 661 11.59 16.82 -23.71
N VAL B 662 11.95 16.16 -24.81
CA VAL B 662 12.75 16.79 -25.85
C VAL B 662 12.24 16.42 -27.24
N VAL B 663 12.14 17.42 -28.12
CA VAL B 663 12.08 17.19 -29.55
C VAL B 663 13.35 17.82 -30.13
N MET B 664 14.23 17.00 -30.69
CA MET B 664 15.47 17.52 -31.24
C MET B 664 15.37 17.56 -32.75
N LYS B 665 15.73 18.71 -33.33
CA LYS B 665 15.73 19.00 -34.76
C LYS B 665 17.18 19.23 -35.16
N PRO B 666 17.89 18.20 -35.61
CA PRO B 666 19.31 18.38 -35.94
C PRO B 666 19.50 19.15 -37.24
N ALA B 667 20.71 19.67 -37.41
CA ALA B 667 21.09 20.34 -38.65
C ALA B 667 21.14 19.37 -39.83
N GLU B 668 20.66 19.81 -40.99
CA GLU B 668 20.63 18.92 -42.16
C GLU B 668 22.02 18.46 -42.57
N GLN B 669 23.05 19.21 -42.19
CA GLN B 669 24.41 18.84 -42.55
C GLN B 669 24.97 17.71 -41.69
N SER B 670 24.37 17.47 -40.52
CA SER B 670 24.94 16.56 -39.56
C SER B 670 23.89 15.62 -38.94
N THR B 671 22.89 15.24 -39.72
CA THR B 671 21.84 14.38 -39.18
C THR B 671 22.27 12.92 -39.07
N VAL B 672 23.19 12.44 -39.89
CA VAL B 672 23.74 11.11 -39.66
C VAL B 672 24.41 11.04 -38.28
N VAL B 673 25.12 12.09 -37.89
CA VAL B 673 25.71 12.11 -36.54
C VAL B 673 24.60 12.02 -35.50
N ALA B 674 23.57 12.85 -35.67
CA ALA B 674 22.50 12.91 -34.68
C ALA B 674 21.68 11.62 -34.65
N TRP B 675 21.56 10.96 -35.80
CA TRP B 675 20.95 9.64 -35.85
C TRP B 675 21.68 8.66 -34.95
N GLY B 676 23.02 8.71 -34.98
CA GLY B 676 23.79 7.91 -34.04
C GLY B 676 23.46 8.25 -32.60
N LEU B 677 23.28 9.55 -32.29
CA LEU B 677 22.91 9.94 -30.93
C LEU B 677 21.57 9.34 -30.52
N MET B 678 20.58 9.39 -31.42
CA MET B 678 19.26 8.85 -31.09
C MET B 678 19.31 7.34 -30.82
N LYS B 679 20.11 6.61 -31.60
CA LYS B 679 20.22 5.16 -31.41
C LYS B 679 20.84 4.84 -30.05
N MET B 680 21.81 5.65 -29.62
CA MET B 680 22.42 5.46 -28.31
C MET B 680 21.44 5.83 -27.21
N ILE B 681 20.65 6.88 -27.43
CA ILE B 681 19.62 7.26 -26.47
C ILE B 681 18.64 6.12 -26.29
N GLN B 682 18.20 5.51 -27.40
CA GLN B 682 17.31 4.36 -27.30
C GLN B 682 18.01 3.19 -26.60
N GLU B 683 19.29 2.95 -26.92
CA GLU B 683 19.98 1.84 -26.28
C GLU B 683 20.18 2.09 -24.78
N ALA B 684 20.44 3.35 -24.40
CA ALA B 684 20.61 3.67 -22.99
C ALA B 684 19.34 3.39 -22.19
N GLY B 685 18.18 3.43 -22.83
CA GLY B 685 16.92 3.07 -22.24
C GLY B 685 15.97 4.21 -21.91
N PHE B 686 16.10 5.36 -22.55
CA PHE B 686 15.16 6.44 -22.30
C PHE B 686 13.78 6.01 -22.76
N PRO B 687 12.74 6.15 -21.93
CA PRO B 687 11.40 5.69 -22.30
C PRO B 687 10.89 6.40 -23.55
N GLN B 688 9.96 5.73 -24.23
CA GLN B 688 9.41 6.28 -25.46
C GLN B 688 8.85 7.68 -25.23
N GLY B 689 9.15 8.59 -26.15
CA GLY B 689 8.63 9.94 -26.12
C GLY B 689 9.42 10.93 -25.29
N VAL B 690 10.31 10.47 -24.41
CA VAL B 690 11.09 11.40 -23.60
C VAL B 690 12.00 12.24 -24.50
N ILE B 691 12.60 11.60 -25.50
CA ILE B 691 13.43 12.28 -26.50
C ILE B 691 12.94 11.85 -27.87
N ASN B 692 12.64 12.82 -28.73
CA ASN B 692 12.15 12.53 -30.08
C ASN B 692 13.08 13.14 -31.12
N PHE B 693 13.27 12.40 -32.21
CA PHE B 693 14.25 12.70 -33.25
C PHE B 693 13.52 13.17 -34.50
N LEU B 694 13.66 14.46 -34.80
CA LEU B 694 12.84 15.14 -35.82
C LEU B 694 13.74 15.81 -36.86
N PRO B 695 14.38 15.02 -37.73
CA PRO B 695 15.15 15.63 -38.82
C PRO B 695 14.26 16.38 -39.81
N GLY B 696 14.83 17.39 -40.46
CA GLY B 696 14.06 18.15 -41.41
C GLY B 696 14.64 19.55 -41.60
N TYR B 697 13.87 20.38 -42.30
CA TYR B 697 14.31 21.72 -42.64
C TYR B 697 13.98 22.67 -41.49
N GLY B 698 14.96 23.49 -41.11
CA GLY B 698 14.78 24.40 -39.99
C GLY B 698 13.62 25.37 -40.18
N GLU B 699 13.47 25.91 -41.38
CA GLU B 699 12.39 26.86 -41.61
C GLU B 699 11.03 26.17 -41.60
N GLU B 700 10.99 24.84 -41.57
CA GLU B 700 9.73 24.10 -41.61
C GLU B 700 9.39 23.52 -40.25
N VAL B 701 10.04 22.41 -39.89
CA VAL B 701 9.68 21.75 -38.63
C VAL B 701 10.40 22.38 -37.44
N GLY B 702 11.56 23.02 -37.66
CA GLY B 702 12.18 23.77 -36.61
C GLY B 702 11.33 24.95 -36.18
N GLU B 703 10.84 25.71 -37.16
CA GLU B 703 9.90 26.78 -36.88
C GLU B 703 8.66 26.25 -36.16
N TYR B 704 8.17 25.10 -36.59
CA TYR B 704 6.93 24.56 -36.02
C TYR B 704 7.10 24.25 -34.54
N ILE B 705 8.23 23.63 -34.15
CA ILE B 705 8.37 23.30 -32.73
C ILE B 705 8.74 24.54 -31.92
N VAL B 706 9.40 25.53 -32.54
CA VAL B 706 9.62 26.80 -31.86
C VAL B 706 8.28 27.46 -31.54
N ASN B 707 7.35 27.42 -32.49
CA ASN B 707 6.09 28.13 -32.36
C ASN B 707 5.03 27.39 -31.56
N HIS B 708 5.20 26.09 -31.31
CA HIS B 708 4.12 25.29 -30.74
C HIS B 708 3.75 25.73 -29.32
N LYS B 709 2.47 25.55 -28.97
CA LYS B 709 1.98 25.99 -27.67
C LYS B 709 2.53 25.15 -26.52
N TYR B 710 2.96 23.91 -26.77
CA TYR B 710 3.49 23.11 -25.68
C TYR B 710 4.95 23.40 -25.39
N THR B 711 5.67 24.00 -26.34
CA THR B 711 7.10 24.24 -26.15
C THR B 711 7.34 25.29 -25.08
N THR B 712 8.01 24.91 -23.99
CA THR B 712 8.31 25.82 -22.91
C THR B 712 9.70 26.42 -23.00
N THR B 713 10.65 25.69 -23.55
CA THR B 713 12.04 26.08 -23.56
C THR B 713 12.61 25.78 -24.94
N ILE B 714 13.37 26.73 -25.48
CA ILE B 714 14.01 26.57 -26.79
C ILE B 714 15.52 26.72 -26.60
N ALA B 715 16.27 25.68 -26.95
CA ALA B 715 17.73 25.75 -26.97
C ALA B 715 18.18 25.77 -28.42
N PHE B 716 18.77 26.89 -28.84
CA PHE B 716 19.20 27.09 -30.21
C PHE B 716 20.61 27.62 -30.22
N THR B 717 21.47 26.99 -31.00
CA THR B 717 22.81 27.50 -31.24
C THR B 717 23.05 27.55 -32.75
N GLY B 718 23.39 28.73 -33.23
CA GLY B 718 23.52 28.96 -34.66
C GLY B 718 23.77 30.42 -34.94
N SER B 719 23.25 30.88 -36.07
CA SER B 719 23.54 32.21 -36.57
C SER B 719 22.74 33.27 -35.81
N LYS B 720 23.26 34.50 -35.86
CA LYS B 720 22.57 35.63 -35.27
C LYS B 720 21.20 35.81 -35.89
N ALA B 721 21.12 35.71 -37.21
CA ALA B 721 19.86 35.94 -37.92
C ALA B 721 18.77 34.98 -37.47
N VAL B 722 19.12 33.70 -37.30
CA VAL B 722 18.12 32.74 -36.83
C VAL B 722 17.78 32.99 -35.36
N GLY B 723 18.80 33.27 -34.55
CA GLY B 723 18.59 33.51 -33.12
C GLY B 723 17.65 34.67 -32.86
N LEU B 724 17.83 35.77 -33.58
CA LEU B 724 16.91 36.89 -33.43
C LEU B 724 15.50 36.51 -33.86
N HIS B 725 15.38 35.76 -34.98
CA HIS B 725 14.06 35.33 -35.43
C HIS B 725 13.38 34.46 -34.38
N ILE B 726 14.13 33.50 -33.81
CA ILE B 726 13.58 32.59 -32.81
C ILE B 726 13.14 33.36 -31.57
N MET B 727 13.95 34.32 -31.13
CA MET B 727 13.58 35.07 -29.94
C MET B 727 12.33 35.88 -30.19
N ASN B 728 12.18 36.39 -31.41
CA ASN B 728 10.97 37.09 -31.79
C ASN B 728 9.76 36.16 -31.76
N ARG B 729 9.88 34.99 -32.38
CA ARG B 729 8.76 34.05 -32.41
C ARG B 729 8.40 33.55 -31.01
N ALA B 730 9.42 33.32 -30.17
CA ALA B 730 9.18 32.73 -28.86
C ALA B 730 8.42 33.66 -27.92
N ALA B 731 8.51 34.98 -28.14
CA ALA B 731 7.81 35.95 -27.30
C ALA B 731 6.31 35.97 -27.53
N VAL B 732 5.82 35.34 -28.59
CA VAL B 732 4.39 35.28 -28.88
C VAL B 732 3.73 34.24 -27.99
N VAL B 733 2.61 34.61 -27.35
CA VAL B 733 1.81 33.67 -26.58
C VAL B 733 0.76 33.10 -27.54
N GLN B 734 0.94 31.84 -27.94
CA GLN B 734 0.06 31.19 -28.90
C GLN B 734 -1.29 30.86 -28.24
N PRO B 735 -2.32 30.63 -29.05
CA PRO B 735 -3.58 30.12 -28.50
C PRO B 735 -3.35 28.85 -27.69
N GLY B 736 -3.89 28.82 -26.48
CA GLY B 736 -3.72 27.65 -25.64
C GLY B 736 -2.38 27.57 -24.93
N GLN B 737 -1.48 28.51 -25.15
CA GLN B 737 -0.19 28.51 -24.46
C GLN B 737 -0.38 29.14 -23.08
N GLN B 738 -0.05 28.39 -22.02
CA GLN B 738 -0.21 28.95 -20.69
C GLN B 738 1.13 29.02 -19.96
N HIS B 739 2.13 29.56 -20.64
CA HIS B 739 3.45 29.76 -20.06
C HIS B 739 4.20 30.76 -20.92
N VAL B 740 5.31 31.23 -20.37
CA VAL B 740 6.24 32.11 -21.05
C VAL B 740 7.40 31.25 -21.55
N LYS B 741 7.74 31.40 -22.82
CA LYS B 741 8.83 30.62 -23.39
C LYS B 741 10.19 31.16 -22.95
N ARG B 742 11.12 30.25 -22.71
CA ARG B 742 12.49 30.62 -22.41
C ARG B 742 13.38 30.21 -23.57
N CYS B 743 14.23 31.14 -24.03
CA CYS B 743 15.20 30.87 -25.08
C CYS B 743 16.60 30.77 -24.48
N ILE B 744 17.31 29.70 -24.83
CA ILE B 744 18.71 29.52 -24.46
C ILE B 744 19.50 29.57 -25.77
N ILE B 745 20.18 30.70 -26.04
CA ILE B 745 20.64 31.06 -27.38
C ILE B 745 22.13 31.33 -27.40
N GLU B 746 22.85 30.74 -28.35
CA GLU B 746 24.24 31.08 -28.66
C GLU B 746 24.34 31.43 -30.14
N MET B 747 24.94 32.60 -30.48
CA MET B 747 24.83 33.15 -31.82
C MET B 747 26.13 33.57 -32.50
N GLY B 748 27.29 33.19 -31.98
CA GLY B 748 28.52 33.46 -32.73
C GLY B 748 29.28 34.68 -32.24
N GLY B 749 30.42 34.90 -32.90
CA GLY B 749 31.35 35.94 -32.50
C GLY B 749 32.18 36.43 -33.66
N LYS B 750 32.92 37.50 -33.38
CA LYS B 750 33.97 38.05 -34.25
C LYS B 750 35.18 38.21 -33.34
N ASN B 751 35.85 37.11 -33.04
CA ASN B 751 36.76 37.03 -31.91
C ASN B 751 38.17 37.44 -32.29
N ALA B 752 38.80 38.24 -31.41
CA ALA B 752 40.11 38.79 -31.65
C ALA B 752 41.13 38.21 -30.67
N VAL B 753 42.37 38.10 -31.13
CA VAL B 753 43.52 37.84 -30.28
C VAL B 753 44.42 39.07 -30.37
N ILE B 754 44.81 39.62 -29.22
CA ILE B 754 45.68 40.78 -29.17
C ILE B 754 47.11 40.30 -28.96
N ILE B 755 48.04 40.81 -29.74
CA ILE B 755 49.45 40.47 -29.63
C ILE B 755 50.19 41.68 -29.07
N ASP B 756 50.60 41.60 -27.81
CA ASP B 756 51.38 42.66 -27.20
C ASP B 756 52.80 42.65 -27.77
N ASN B 757 53.51 43.77 -27.58
CA ASN B 757 54.85 43.91 -28.12
C ASN B 757 55.83 42.91 -27.54
N ASP B 758 55.61 42.47 -26.30
CA ASP B 758 56.52 41.54 -25.63
C ASP B 758 56.03 40.08 -25.71
N ALA B 759 55.09 39.78 -26.59
CA ALA B 759 54.50 38.44 -26.61
C ALA B 759 55.57 37.39 -26.92
N ASP B 760 55.41 36.23 -26.29
CA ASP B 760 56.21 35.05 -26.67
C ASP B 760 55.71 34.59 -28.03
N LEU B 761 56.50 34.83 -29.08
CA LEU B 761 56.01 34.61 -30.43
C LEU B 761 55.82 33.13 -30.76
N ASP B 762 56.57 32.23 -30.11
CA ASP B 762 56.30 30.80 -30.27
C ASP B 762 54.87 30.46 -29.84
N GLU B 763 54.47 30.89 -28.65
CA GLU B 763 53.13 30.61 -28.17
C GLU B 763 52.10 31.36 -29.01
N ALA B 764 52.37 32.62 -29.33
CA ALA B 764 51.37 33.45 -29.99
C ALA B 764 51.03 32.91 -31.37
N VAL B 765 52.06 32.58 -32.18
CA VAL B 765 51.79 32.10 -33.54
C VAL B 765 51.06 30.77 -33.49
N ASP B 766 51.54 29.84 -32.67
CA ASP B 766 50.86 28.55 -32.57
C ASP B 766 49.40 28.74 -32.12
N GLY B 767 49.17 29.55 -31.08
CA GLY B 767 47.81 29.74 -30.60
C GLY B 767 46.90 30.39 -31.64
N VAL B 768 47.40 31.39 -32.37
CA VAL B 768 46.56 32.06 -33.36
C VAL B 768 46.27 31.14 -34.56
N ILE B 769 47.27 30.41 -35.04
CA ILE B 769 47.05 29.49 -36.16
C ILE B 769 45.95 28.50 -35.82
N TYR B 770 46.06 27.84 -34.67
CA TYR B 770 45.04 26.84 -34.34
C TYR B 770 43.69 27.50 -34.07
N SER B 771 43.69 28.65 -33.39
CA SER B 771 42.42 29.34 -33.13
C SER B 771 41.74 29.81 -34.42
N ALA B 772 42.52 30.18 -35.43
CA ALA B 772 42.00 30.71 -36.68
C ALA B 772 41.66 29.62 -37.69
N PHE B 773 42.47 28.57 -37.79
CA PHE B 773 42.30 27.60 -38.86
C PHE B 773 41.86 26.21 -38.38
N GLY B 774 41.84 25.95 -37.08
CA GLY B 774 41.23 24.73 -36.56
C GLY B 774 39.79 24.58 -37.03
N PHE B 775 39.44 23.38 -37.53
CA PHE B 775 38.19 23.07 -38.23
C PHE B 775 37.86 24.16 -39.25
N SER B 776 38.91 24.67 -39.91
CA SER B 776 38.77 25.64 -40.99
C SER B 776 37.99 26.87 -40.52
N GLY B 777 38.20 27.24 -39.26
CA GLY B 777 37.59 28.43 -38.71
C GLY B 777 36.09 28.32 -38.48
N GLN B 778 35.52 27.12 -38.60
CA GLN B 778 34.07 26.95 -38.46
C GLN B 778 33.68 26.71 -37.00
N LYS B 779 34.02 27.69 -36.16
CA LYS B 779 33.68 27.66 -34.75
C LYS B 779 33.19 29.04 -34.33
N CYS B 780 32.21 29.05 -33.42
CA CYS B 780 31.78 30.34 -32.89
C CYS B 780 32.88 31.03 -32.11
N SER B 781 33.83 30.26 -31.59
CA SER B 781 34.95 30.78 -30.82
C SER B 781 36.17 31.11 -31.66
N ALA B 782 36.12 30.90 -32.98
CA ALA B 782 37.30 30.99 -33.82
C ALA B 782 37.87 32.40 -33.85
N ALA B 783 39.19 32.50 -33.84
CA ALA B 783 39.86 33.79 -34.00
C ALA B 783 39.81 34.20 -35.48
N SER B 784 39.05 35.25 -35.77
CA SER B 784 39.01 35.84 -37.11
C SER B 784 39.70 37.19 -37.18
N ARG B 785 40.09 37.74 -36.03
CA ARG B 785 40.76 39.03 -35.95
C ARG B 785 42.02 38.84 -35.12
N VAL B 786 43.15 39.32 -35.63
CA VAL B 786 44.40 39.31 -34.87
C VAL B 786 44.88 40.75 -34.82
N ILE B 787 44.91 41.31 -33.62
CA ILE B 787 45.20 42.72 -33.39
C ILE B 787 46.61 42.81 -32.82
N VAL B 788 47.53 43.39 -33.61
CA VAL B 788 48.96 43.29 -33.37
C VAL B 788 49.53 44.69 -33.15
N LEU B 789 50.23 44.88 -32.05
CA LEU B 789 50.82 46.18 -31.77
C LEU B 789 51.99 46.44 -32.72
N ASP B 790 52.25 47.73 -32.96
CA ASP B 790 53.07 48.14 -34.10
C ASP B 790 54.51 47.62 -33.99
N GLU B 791 55.12 47.71 -32.81
CA GLU B 791 56.53 47.36 -32.69
C GLU B 791 56.78 45.90 -33.04
N VAL B 792 55.83 45.01 -32.75
CA VAL B 792 56.02 43.59 -33.00
C VAL B 792 55.33 43.14 -34.29
N TYR B 793 54.70 44.05 -35.02
CA TYR B 793 53.87 43.69 -36.16
C TYR B 793 54.64 42.89 -37.21
N ASP B 794 55.81 43.39 -37.60
CA ASP B 794 56.55 42.75 -38.70
C ASP B 794 57.03 41.36 -38.31
N ARG B 795 57.56 41.20 -37.09
CA ARG B 795 58.06 39.89 -36.65
C ARG B 795 56.94 38.86 -36.55
N PHE B 796 55.83 39.24 -35.91
CA PHE B 796 54.75 38.29 -35.71
C PHE B 796 54.12 37.88 -37.03
N VAL B 797 53.82 38.85 -37.89
CA VAL B 797 53.13 38.56 -39.14
C VAL B 797 54.02 37.72 -40.06
N ASP B 798 55.33 37.97 -40.07
CA ASP B 798 56.20 37.14 -40.89
C ASP B 798 56.14 35.68 -40.44
N ARG B 799 56.23 35.42 -39.14
CA ARG B 799 56.17 34.03 -38.66
C ARG B 799 54.77 33.43 -38.86
N LEU B 800 53.72 34.25 -38.68
CA LEU B 800 52.36 33.78 -38.91
C LEU B 800 52.17 33.32 -40.34
N VAL B 801 52.61 34.14 -41.31
CA VAL B 801 52.48 33.81 -42.72
C VAL B 801 53.28 32.56 -43.06
N GLU B 802 54.54 32.50 -42.60
CA GLU B 802 55.35 31.33 -42.88
C GLU B 802 54.76 30.08 -42.25
N THR B 803 54.19 30.19 -41.04
CA THR B 803 53.58 29.02 -40.41
C THR B 803 52.31 28.62 -41.16
N ALA B 804 51.50 29.60 -41.55
CA ALA B 804 50.29 29.30 -42.31
C ALA B 804 50.63 28.63 -43.65
N LYS B 805 51.75 29.01 -44.28
CA LYS B 805 52.18 28.34 -45.51
C LYS B 805 52.46 26.85 -45.29
N SER B 806 52.74 26.44 -44.06
CA SER B 806 53.19 25.07 -43.82
C SER B 806 52.07 24.09 -43.50
N ILE B 807 50.87 24.56 -43.15
CA ILE B 807 49.85 23.61 -42.70
C ILE B 807 49.17 22.98 -43.92
N GLU B 808 48.77 21.73 -43.77
CA GLU B 808 48.29 20.93 -44.89
C GLU B 808 46.77 20.83 -44.88
N ILE B 809 46.18 20.91 -46.08
CA ILE B 809 44.73 20.83 -46.27
C ILE B 809 44.44 19.52 -47.01
N HIS B 810 43.63 18.67 -46.41
CA HIS B 810 43.33 17.37 -46.99
C HIS B 810 41.90 16.98 -46.69
N PRO B 811 41.34 16.01 -47.43
CA PRO B 811 40.14 15.32 -46.97
C PRO B 811 40.30 14.93 -45.51
N ALA B 812 39.20 15.06 -44.77
CA ALA B 812 39.26 14.85 -43.32
C ALA B 812 39.68 13.41 -42.99
N GLU B 813 39.36 12.47 -43.87
CA GLU B 813 39.74 11.08 -43.65
C GLU B 813 41.24 10.91 -43.55
N ASN B 814 42.01 11.76 -44.22
CA ASN B 814 43.47 11.67 -44.21
C ASN B 814 44.03 12.16 -42.88
N PRO B 815 44.76 11.33 -42.12
CA PRO B 815 45.25 11.77 -40.80
C PRO B 815 46.23 12.94 -40.87
N LYS B 816 46.77 13.27 -42.04
CA LYS B 816 47.69 14.38 -42.17
C LYS B 816 46.96 15.72 -42.32
N ALA B 817 45.64 15.74 -42.38
CA ALA B 817 44.92 17.00 -42.56
C ALA B 817 45.11 17.90 -41.33
N TYR B 818 45.62 19.12 -41.55
CA TYR B 818 45.46 20.12 -40.50
C TYR B 818 44.07 20.72 -40.59
N MET B 819 43.67 21.19 -41.77
CA MET B 819 42.28 21.54 -42.02
C MET B 819 41.73 20.71 -43.17
N GLY B 820 40.41 20.45 -43.10
CA GLY B 820 39.69 19.83 -44.18
C GLY B 820 38.77 20.83 -44.86
N PRO B 821 37.65 20.37 -45.40
CA PRO B 821 36.74 21.27 -46.13
C PRO B 821 35.78 22.00 -45.20
N VAL B 822 35.10 23.02 -45.75
CA VAL B 822 33.99 23.62 -45.01
C VAL B 822 32.74 22.80 -45.28
N VAL B 823 31.62 23.16 -44.64
CA VAL B 823 30.56 22.18 -44.39
C VAL B 823 29.79 21.81 -45.67
N ASP B 824 29.45 22.80 -46.51
CA ASP B 824 28.61 22.52 -47.68
C ASP B 824 28.85 23.56 -48.76
N LYS B 825 28.20 23.36 -49.92
CA LYS B 825 28.48 24.21 -51.07
C LYS B 825 28.06 25.66 -50.83
N GLU B 826 26.95 25.88 -50.13
CA GLU B 826 26.54 27.23 -49.76
C GLU B 826 27.62 27.95 -48.96
N ALA B 827 28.15 27.29 -47.93
CA ALA B 827 29.20 27.93 -47.15
C ALA B 827 30.44 28.16 -47.99
N TYR B 828 30.82 27.17 -48.80
CA TYR B 828 31.95 27.32 -49.69
C TYR B 828 31.81 28.55 -50.58
N ASP B 829 30.68 28.65 -51.31
CA ASP B 829 30.50 29.78 -52.21
C ASP B 829 30.44 31.10 -51.46
N ARG B 830 29.78 31.12 -50.31
CA ARG B 830 29.72 32.35 -49.52
C ARG B 830 31.13 32.78 -49.09
N ILE B 831 31.95 31.84 -48.62
CA ILE B 831 33.27 32.17 -48.13
C ILE B 831 34.17 32.64 -49.27
N LEU B 832 34.16 31.94 -50.40
CA LEU B 832 34.96 32.40 -51.54
C LEU B 832 34.51 33.77 -52.02
N GLY B 833 33.22 34.09 -51.89
CA GLY B 833 32.77 35.42 -52.22
C GLY B 833 33.33 36.48 -51.29
N THR B 834 33.33 36.20 -49.98
CA THR B 834 33.94 37.12 -49.03
C THR B 834 35.43 37.31 -49.33
N ILE B 835 36.13 36.22 -49.66
CA ILE B 835 37.54 36.32 -49.98
C ILE B 835 37.74 37.20 -51.21
N ALA B 836 36.88 37.03 -52.22
CA ALA B 836 37.00 37.81 -53.44
C ALA B 836 36.71 39.29 -53.18
N GLU B 837 35.66 39.59 -52.41
CA GLU B 837 35.39 40.99 -52.09
C GLU B 837 36.53 41.59 -51.29
N ALA B 838 37.04 40.85 -50.30
CA ALA B 838 38.09 41.37 -49.45
C ALA B 838 39.39 41.61 -50.23
N GLU B 839 39.66 40.80 -51.25
CA GLU B 839 40.86 41.02 -52.05
C GLU B 839 40.81 42.33 -52.82
N LYS B 840 39.62 42.88 -53.04
CA LYS B 840 39.52 44.17 -53.71
C LYS B 840 39.75 45.34 -52.75
N ASN B 841 39.67 45.09 -51.44
CA ASN B 841 39.76 46.16 -50.44
C ASN B 841 40.98 46.10 -49.56
N HIS B 842 41.59 44.92 -49.37
CA HIS B 842 42.63 44.80 -48.36
C HIS B 842 43.83 44.02 -48.90
N LYS B 843 44.99 44.31 -48.34
CA LYS B 843 46.22 43.64 -48.72
C LYS B 843 46.15 42.17 -48.35
N LEU B 844 46.38 41.31 -49.35
CA LEU B 844 46.38 39.88 -49.14
C LEU B 844 47.78 39.44 -48.70
N LEU B 845 47.89 38.91 -47.48
CA LEU B 845 49.17 38.44 -46.97
C LEU B 845 49.45 36.98 -47.31
N PHE B 846 48.41 36.17 -47.50
CA PHE B 846 48.61 34.75 -47.73
C PHE B 846 47.30 34.10 -48.15
N LYS B 847 47.37 33.24 -49.16
CA LYS B 847 46.26 32.35 -49.50
C LYS B 847 46.84 30.98 -49.84
N GLY B 848 46.40 29.95 -49.13
CA GLY B 848 46.95 28.61 -49.28
C GLY B 848 46.42 27.89 -50.51
N SER B 849 47.11 26.80 -50.85
CA SER B 849 46.73 25.93 -51.95
C SER B 849 45.86 24.80 -51.42
N VAL B 850 44.90 24.36 -52.24
CA VAL B 850 43.91 23.40 -51.75
C VAL B 850 43.65 22.36 -52.83
N PRO B 851 43.33 21.14 -52.40
CA PRO B 851 42.95 20.09 -53.34
C PRO B 851 41.54 20.31 -53.88
N GLY B 852 41.19 19.53 -54.88
CA GLY B 852 39.85 19.52 -55.44
C GLY B 852 38.98 18.41 -54.88
N GLY B 853 37.79 18.29 -55.47
CA GLY B 853 36.90 17.19 -55.13
C GLY B 853 35.97 17.46 -53.97
N GLY B 854 36.16 18.56 -53.24
CA GLY B 854 35.32 18.88 -52.10
C GLY B 854 35.34 20.37 -51.80
N PHE B 855 34.77 20.73 -50.66
CA PHE B 855 34.54 22.14 -50.33
C PHE B 855 35.75 22.74 -49.59
N PHE B 856 36.90 22.67 -50.26
CA PHE B 856 38.15 23.08 -49.65
C PHE B 856 38.31 24.58 -49.88
N ALA B 857 37.92 25.37 -48.89
CA ALA B 857 38.21 26.80 -48.94
C ALA B 857 39.63 27.05 -48.40
N PRO B 858 40.37 27.99 -48.99
CA PRO B 858 41.78 28.16 -48.63
C PRO B 858 41.94 28.98 -47.36
N PRO B 859 42.93 28.65 -46.53
CA PRO B 859 43.25 29.55 -45.41
C PRO B 859 43.83 30.85 -45.96
N THR B 860 43.25 31.98 -45.53
CA THR B 860 43.52 33.28 -46.14
C THR B 860 43.74 34.32 -45.04
N ILE B 861 44.79 35.14 -45.19
CA ILE B 861 45.15 36.16 -44.22
C ILE B 861 45.25 37.52 -44.92
N PHE B 862 44.49 38.50 -44.43
CA PHE B 862 44.58 39.88 -44.91
C PHE B 862 45.29 40.75 -43.87
N GLY B 863 46.06 41.72 -44.37
CA GLY B 863 46.86 42.54 -43.49
C GLY B 863 46.45 43.99 -43.48
N ASP B 864 46.79 44.70 -42.40
CA ASP B 864 46.47 46.12 -42.24
C ASP B 864 44.98 46.39 -42.50
N VAL B 865 44.13 45.49 -42.01
CA VAL B 865 42.69 45.67 -42.15
C VAL B 865 42.21 46.73 -41.17
N PRO B 866 41.44 47.72 -41.61
CA PRO B 866 40.88 48.68 -40.65
C PRO B 866 39.94 47.98 -39.70
N GLY B 867 39.93 48.45 -38.45
CA GLY B 867 39.11 47.82 -37.42
C GLY B 867 37.63 47.88 -37.72
N ASP B 868 37.21 48.88 -38.48
CA ASP B 868 35.79 49.06 -38.78
C ASP B 868 35.38 48.46 -40.12
N ALA B 869 36.31 47.82 -40.82
CA ALA B 869 36.01 47.21 -42.11
C ALA B 869 35.03 46.05 -41.96
N LYS B 870 34.23 45.83 -43.01
CA LYS B 870 33.28 44.73 -42.99
C LYS B 870 33.97 43.40 -42.70
N LEU B 871 35.14 43.18 -43.30
CA LEU B 871 35.88 41.94 -43.05
C LEU B 871 36.18 41.76 -41.58
N ALA B 872 36.36 42.85 -40.84
CA ALA B 872 36.71 42.84 -39.43
C ALA B 872 35.51 42.98 -38.49
N GLN B 873 34.27 42.88 -39.02
CA GLN B 873 33.03 43.05 -38.26
C GLN B 873 32.04 41.91 -38.46
N ALA B 874 31.84 41.44 -39.70
CA ALA B 874 30.87 40.39 -39.98
C ALA B 874 31.50 39.03 -39.79
N GLU B 875 30.77 38.13 -39.12
CA GLU B 875 31.29 36.78 -38.89
C GLU B 875 31.29 36.00 -40.19
N ILE B 876 32.40 35.32 -40.48
CA ILE B 876 32.56 34.61 -41.74
C ILE B 876 32.39 33.10 -41.58
N PHE B 877 32.78 32.54 -40.43
CA PHE B 877 32.69 31.10 -40.18
C PHE B 877 33.47 30.33 -41.23
N GLY B 878 34.66 30.83 -41.55
CA GLY B 878 35.54 30.22 -42.52
C GLY B 878 36.99 30.52 -42.18
N PRO B 879 37.95 29.94 -43.01
CA PRO B 879 39.40 30.10 -42.71
C PRO B 879 39.95 31.42 -43.21
N VAL B 880 39.43 32.52 -42.66
CA VAL B 880 39.69 33.88 -43.15
C VAL B 880 40.03 34.76 -41.96
N VAL B 881 41.22 35.33 -41.95
CA VAL B 881 41.73 36.11 -40.84
C VAL B 881 42.00 37.55 -41.29
N ALA B 882 41.61 38.52 -40.46
CA ALA B 882 41.95 39.91 -40.67
C ALA B 882 42.99 40.32 -39.63
N VAL B 883 44.19 40.66 -40.09
CA VAL B 883 45.25 41.17 -39.21
C VAL B 883 45.10 42.69 -39.13
N ILE B 884 44.97 43.21 -37.90
CA ILE B 884 44.66 44.64 -37.69
C ILE B 884 45.79 45.27 -36.89
N ARG B 885 46.23 46.44 -37.33
CA ARG B 885 47.33 47.11 -36.66
C ARG B 885 46.80 47.95 -35.50
N ALA B 886 47.55 47.98 -34.40
CA ALA B 886 47.21 48.83 -33.25
C ALA B 886 48.46 49.57 -32.79
N LYS B 887 48.30 50.87 -32.50
CA LYS B 887 49.42 51.68 -32.05
C LYS B 887 49.85 51.28 -30.63
N ASN B 888 48.89 50.93 -29.77
CA ASN B 888 49.19 50.60 -28.38
C ASN B 888 48.02 49.79 -27.82
N LEU B 889 48.13 49.42 -26.54
CA LEU B 889 47.08 48.60 -25.93
C LEU B 889 45.75 49.34 -25.91
N ASP B 890 45.76 50.66 -25.74
CA ASP B 890 44.54 51.45 -25.80
C ASP B 890 43.77 51.17 -27.10
N GLN B 891 44.42 51.36 -28.25
CA GLN B 891 43.75 51.16 -29.52
C GLN B 891 43.41 49.68 -29.73
N ALA B 892 44.27 48.78 -29.25
CA ALA B 892 44.02 47.36 -29.42
C ALA B 892 42.72 46.95 -28.73
N LEU B 893 42.51 47.45 -27.51
CA LEU B 893 41.29 47.14 -26.80
C LEU B 893 40.08 47.80 -27.46
N ASP B 894 40.22 49.07 -27.89
CA ASP B 894 39.12 49.76 -28.58
C ASP B 894 38.67 48.98 -29.80
N ILE B 895 39.61 48.55 -30.63
CA ILE B 895 39.27 47.74 -31.79
C ILE B 895 38.66 46.41 -31.36
N ALA B 896 39.25 45.76 -30.34
CA ALA B 896 38.73 44.46 -29.93
C ALA B 896 37.29 44.58 -29.47
N ASN B 897 36.92 45.69 -28.85
CA ASN B 897 35.60 45.90 -28.28
C ASN B 897 34.60 46.48 -29.27
N SER B 898 34.97 46.70 -30.52
CA SER B 898 34.20 47.51 -31.45
C SER B 898 33.18 46.71 -32.28
N THR B 899 32.98 45.42 -32.00
CA THR B 899 32.07 44.62 -32.81
C THR B 899 30.71 44.47 -32.13
N GLU B 900 29.81 43.79 -32.85
CA GLU B 900 28.51 43.37 -32.37
C GLU B 900 28.60 42.25 -31.33
N TYR B 901 29.74 41.60 -31.21
CA TYR B 901 29.86 40.32 -30.54
C TYR B 901 30.73 40.41 -29.30
N ALA B 902 30.56 39.43 -28.42
CA ALA B 902 31.29 39.40 -27.16
C ALA B 902 31.39 37.95 -26.68
N LEU B 903 31.92 37.08 -27.54
CA LEU B 903 32.02 35.66 -27.23
C LEU B 903 33.42 35.32 -26.70
N THR B 904 34.42 35.11 -27.55
CA THR B 904 35.76 34.82 -27.03
C THR B 904 36.73 35.94 -27.37
N GLY B 905 37.83 35.99 -26.63
CA GLY B 905 38.88 36.97 -26.86
C GLY B 905 40.11 36.57 -26.08
N GLY B 906 41.26 37.07 -26.54
CA GLY B 906 42.51 36.69 -25.89
C GLY B 906 43.63 37.68 -26.12
N VAL B 907 44.66 37.55 -25.28
CA VAL B 907 45.88 38.35 -25.38
C VAL B 907 47.09 37.46 -25.13
N PHE B 908 48.14 37.69 -25.90
CA PHE B 908 49.47 37.17 -25.61
C PHE B 908 50.32 38.34 -25.12
N SER B 909 50.76 38.26 -23.87
CA SER B 909 51.49 39.36 -23.29
C SER B 909 52.28 38.83 -22.11
N ARG B 910 53.41 39.47 -21.85
CA ARG B 910 54.19 39.16 -20.67
C ARG B 910 54.37 40.38 -19.79
N SER B 911 53.39 41.27 -19.85
CA SER B 911 53.27 42.42 -18.98
C SER B 911 52.13 42.19 -18.00
N PRO B 912 52.42 42.10 -16.70
CA PRO B 912 51.33 41.95 -15.72
C PRO B 912 50.28 43.05 -15.79
N ALA B 913 50.69 44.31 -16.00
CA ALA B 913 49.71 45.40 -16.01
C ALA B 913 48.87 45.37 -17.28
N ASN B 914 49.48 45.04 -18.42
CA ASN B 914 48.72 44.89 -19.65
C ASN B 914 47.75 43.71 -19.55
N ILE B 915 48.19 42.62 -18.93
CA ILE B 915 47.31 41.47 -18.74
C ILE B 915 46.12 41.86 -17.87
N ASN B 916 46.35 42.62 -16.80
CA ASN B 916 45.23 43.04 -15.97
C ASN B 916 44.27 43.95 -16.71
N ARG B 917 44.79 44.88 -17.54
CA ARG B 917 43.91 45.77 -18.31
C ARG B 917 42.98 44.98 -19.22
N VAL B 918 43.53 43.96 -19.91
CA VAL B 918 42.71 43.13 -20.78
C VAL B 918 41.66 42.40 -19.96
N LYS B 919 42.05 41.88 -18.79
CA LYS B 919 41.07 41.21 -17.94
C LYS B 919 39.93 42.14 -17.56
N GLU B 920 40.23 43.39 -17.26
CA GLU B 920 39.20 44.32 -16.81
C GLU B 920 38.46 45.01 -17.94
N GLU B 921 39.02 45.06 -19.16
CA GLU B 921 38.46 45.89 -20.22
C GLU B 921 38.03 45.15 -21.49
N LEU B 922 38.51 43.94 -21.74
CA LEU B 922 38.10 43.23 -22.94
C LEU B 922 36.70 42.66 -22.71
N GLU B 923 35.74 43.05 -23.55
CA GLU B 923 34.34 42.68 -23.35
C GLU B 923 34.04 41.36 -24.07
N VAL B 924 34.33 40.24 -23.38
CA VAL B 924 34.06 38.90 -23.90
C VAL B 924 33.60 37.99 -22.77
N GLY B 925 32.88 36.92 -23.14
CA GLY B 925 32.44 35.96 -22.14
C GLY B 925 33.49 34.92 -21.79
N ASN B 926 34.41 34.64 -22.70
CA ASN B 926 35.51 33.72 -22.46
C ASN B 926 36.79 34.44 -22.85
N LEU B 927 37.57 34.81 -21.84
CA LEU B 927 38.81 35.57 -22.00
C LEU B 927 39.98 34.63 -21.77
N TYR B 928 40.97 34.68 -22.66
CA TYR B 928 42.13 33.82 -22.55
C TYR B 928 43.41 34.65 -22.49
N VAL B 929 44.34 34.23 -21.65
CA VAL B 929 45.64 34.87 -21.51
C VAL B 929 46.72 33.86 -21.84
N ASN B 930 47.51 34.17 -22.87
CA ASN B 930 48.70 33.38 -23.24
C ASN B 930 48.37 31.96 -23.66
N ARG B 931 47.21 31.78 -24.31
CA ARG B 931 46.88 30.52 -24.99
C ARG B 931 45.84 30.81 -26.06
N GLY B 932 45.52 29.79 -26.86
CA GLY B 932 44.48 29.93 -27.88
C GLY B 932 43.08 30.14 -27.30
N ILE B 933 42.14 30.56 -28.14
CA ILE B 933 40.84 31.02 -27.68
C ILE B 933 39.72 30.08 -28.08
N THR B 934 40.05 28.89 -28.59
CA THR B 934 39.08 27.86 -28.89
C THR B 934 39.32 26.71 -27.91
N GLY B 935 38.61 25.59 -28.12
CA GLY B 935 38.80 24.42 -27.27
C GLY B 935 38.26 24.53 -25.86
N ALA B 936 37.22 25.32 -25.63
CA ALA B 936 36.62 25.39 -24.30
C ALA B 936 36.13 24.00 -23.88
N MET B 937 36.44 23.62 -22.65
CA MET B 937 36.03 22.32 -22.13
C MET B 937 35.04 22.49 -20.99
N VAL B 938 34.12 21.52 -20.89
CA VAL B 938 33.18 21.49 -19.78
C VAL B 938 33.92 21.64 -18.46
N ASP B 939 33.35 22.43 -17.56
CA ASP B 939 33.82 22.69 -16.21
C ASP B 939 35.07 23.59 -16.21
N ARG B 940 36.04 23.31 -17.09
CA ARG B 940 37.26 24.11 -17.13
C ARG B 940 37.02 25.51 -17.69
N HIS B 941 36.21 25.63 -18.76
CA HIS B 941 35.98 26.94 -19.40
C HIS B 941 34.51 27.07 -19.79
N PRO B 942 33.64 27.30 -18.81
CA PRO B 942 32.21 27.45 -19.13
C PRO B 942 32.01 28.49 -20.22
N PHE B 943 31.25 28.11 -21.25
CA PHE B 943 31.35 28.76 -22.55
C PHE B 943 30.09 29.54 -22.91
N GLY B 944 30.25 30.77 -23.33
CA GLY B 944 29.12 31.60 -23.71
C GLY B 944 29.44 33.06 -23.50
N GLY B 945 28.67 33.92 -24.18
CA GLY B 945 28.99 35.33 -24.15
C GLY B 945 27.80 36.25 -24.27
N PHE B 946 28.06 37.53 -24.49
CA PHE B 946 26.98 38.51 -24.44
C PHE B 946 27.00 39.39 -25.68
N LYS B 947 26.49 40.62 -25.57
CA LYS B 947 26.14 41.42 -26.73
C LYS B 947 25.34 40.52 -27.67
N MET B 948 25.63 40.50 -28.97
CA MET B 948 24.89 39.67 -29.91
C MET B 948 25.40 38.22 -29.99
N SER B 949 26.26 37.79 -29.08
CA SER B 949 26.71 36.39 -29.04
C SER B 949 25.77 35.45 -28.31
N GLY B 950 24.77 35.95 -27.61
CA GLY B 950 23.76 35.08 -27.04
C GLY B 950 23.10 35.68 -25.81
N ILE B 951 22.26 34.85 -25.19
CA ILE B 951 21.64 35.15 -23.91
C ILE B 951 21.29 33.84 -23.23
N GLY B 952 21.59 33.74 -21.92
CA GLY B 952 21.21 32.61 -21.11
C GLY B 952 21.96 31.31 -21.34
N SER B 953 23.05 31.33 -22.12
CA SER B 953 23.78 30.11 -22.48
C SER B 953 25.22 30.22 -22.00
N LYS B 954 25.52 29.62 -20.86
CA LYS B 954 26.87 29.46 -20.38
C LYS B 954 27.08 27.95 -20.12
N THR B 955 27.35 27.20 -21.19
CA THR B 955 27.34 25.74 -21.14
C THR B 955 28.50 25.21 -20.31
N GLY B 956 28.29 24.03 -19.72
CA GLY B 956 29.36 23.41 -18.96
C GLY B 956 29.80 24.16 -17.72
N GLY B 957 28.92 25.00 -17.16
CA GLY B 957 29.21 25.71 -15.93
C GLY B 957 28.06 25.62 -14.96
N PRO B 958 28.24 26.17 -13.77
CA PRO B 958 27.30 25.91 -12.67
C PRO B 958 25.97 26.66 -12.75
N ASP B 959 25.71 27.48 -13.77
CA ASP B 959 24.40 28.11 -13.93
C ASP B 959 23.57 27.46 -15.03
N TYR B 960 24.17 26.58 -15.84
CA TYR B 960 23.54 26.21 -17.11
C TYR B 960 22.29 25.36 -16.91
N LEU B 961 22.38 24.30 -16.10
CA LEU B 961 21.28 23.37 -15.94
C LEU B 961 20.01 24.05 -15.41
N LYS B 962 20.16 25.08 -14.56
CA LYS B 962 19.01 25.79 -13.99
C LYS B 962 18.16 26.50 -15.06
N GLN B 963 18.74 26.84 -16.20
CA GLN B 963 17.96 27.46 -17.27
C GLN B 963 16.87 26.53 -17.80
N TYR B 964 17.02 25.22 -17.60
CA TYR B 964 16.03 24.25 -18.02
C TYR B 964 15.03 23.93 -16.90
N MET B 965 15.02 24.71 -15.83
CA MET B 965 14.22 24.42 -14.65
C MET B 965 13.56 25.72 -14.16
N GLU B 966 12.63 25.58 -13.22
CA GLU B 966 12.02 26.66 -12.47
C GLU B 966 12.38 26.54 -11.00
N PRO B 967 12.75 27.64 -10.36
CA PRO B 967 12.94 27.60 -8.90
C PRO B 967 11.58 27.58 -8.22
N ALA B 968 11.53 26.92 -7.06
CA ALA B 968 10.31 26.88 -6.28
C ALA B 968 10.64 26.82 -4.80
N CYS B 969 9.65 27.13 -3.98
CA CYS B 969 9.77 27.14 -2.52
C CYS B 969 8.59 26.37 -1.92
N VAL B 970 8.88 25.48 -0.98
CA VAL B 970 7.88 24.72 -0.23
C VAL B 970 8.01 25.10 1.23
N THR B 971 6.93 25.59 1.81
CA THR B 971 6.95 26.12 3.17
C THR B 971 5.89 25.37 3.97
N GLU B 972 6.29 24.75 5.08
CA GLU B 972 5.38 23.97 5.90
C GLU B 972 5.42 24.41 7.35
N ASN B 973 4.27 24.84 7.86
CA ASN B 973 4.12 25.10 9.29
C ASN B 973 4.13 23.78 10.03
N THR B 974 5.08 23.60 10.96
CA THR B 974 5.19 22.34 11.71
C THR B 974 4.65 22.44 13.13
N LEU B 975 4.17 23.60 13.52
CA LEU B 975 3.69 23.85 14.88
C LEU B 975 2.22 23.47 14.98
N ARG B 976 1.90 22.54 15.88
CA ARG B 976 0.52 22.09 16.13
C ARG B 976 0.33 21.92 17.63
N ARG B 977 -0.73 22.52 18.18
CA ARG B 977 -1.06 22.44 19.61
C ARG B 977 0.11 22.91 20.47
N GLY B 978 0.81 23.95 20.01
CA GLY B 978 1.88 24.52 20.79
C GLY B 978 3.16 23.72 20.79
N PHE B 979 3.34 22.79 19.86
CA PHE B 979 4.56 22.02 19.77
C PHE B 979 4.97 21.84 18.32
N ALA B 980 6.27 21.93 18.07
CA ALA B 980 6.85 21.69 16.77
C ALA B 980 8.07 20.79 16.94
N PRO B 981 8.28 19.84 16.03
CA PRO B 981 9.47 18.98 16.15
C PRO B 981 10.76 19.77 15.92
N ALA B 982 11.82 19.34 16.61
CA ALA B 982 13.13 19.89 16.29
C ALA B 982 13.65 19.31 14.99
N GLU B 983 14.53 20.05 14.31
CA GLU B 983 15.24 19.48 13.15
C GLU B 983 16.57 18.91 13.59
N MET C 3 8.20 -50.13 60.46
CA MET C 3 6.82 -49.73 60.72
C MET C 3 5.86 -50.89 60.58
N ASN C 4 4.85 -50.91 61.45
CA ASN C 4 3.83 -51.95 61.38
C ASN C 4 3.11 -51.92 60.03
N ASP C 5 2.80 -53.11 59.51
CA ASP C 5 2.18 -53.27 58.20
C ASP C 5 0.68 -53.50 58.39
N ILE C 6 -0.05 -52.42 58.69
CA ILE C 6 -1.48 -52.54 58.95
C ILE C 6 -2.22 -53.02 57.71
N GLN C 7 -1.77 -52.61 56.50
CA GLN C 7 -2.43 -53.08 55.29
C GLN C 7 -2.32 -54.60 55.18
N SER C 8 -1.20 -55.16 55.64
CA SER C 8 -1.02 -56.60 55.63
C SER C 8 -1.97 -57.28 56.61
N GLN C 9 -2.24 -56.62 57.74
CA GLN C 9 -3.18 -57.15 58.73
C GLN C 9 -4.63 -57.04 58.25
N ILE C 10 -4.95 -56.00 57.49
CA ILE C 10 -6.29 -55.86 56.92
C ILE C 10 -6.57 -57.02 55.96
N VAL C 11 -5.59 -57.32 55.10
CA VAL C 11 -5.72 -58.47 54.20
C VAL C 11 -6.00 -59.74 54.99
N SER C 12 -5.30 -59.94 56.10
CA SER C 12 -5.52 -61.13 56.92
C SER C 12 -6.95 -61.17 57.44
N ARG C 13 -7.45 -60.03 57.95
CA ARG C 13 -8.80 -59.99 58.48
C ARG C 13 -9.83 -60.25 57.39
N GLY C 14 -9.62 -59.67 56.21
CA GLY C 14 -10.50 -59.92 55.09
C GLY C 14 -10.46 -61.37 54.64
N GLU C 15 -9.27 -61.99 54.71
CA GLU C 15 -9.15 -63.41 54.38
C GLU C 15 -9.86 -64.28 55.41
N GLU C 16 -9.77 -63.92 56.70
CA GLU C 16 -10.53 -64.63 57.71
C GLU C 16 -12.03 -64.51 57.45
N ILE C 17 -12.49 -63.31 57.10
CA ILE C 17 -13.90 -63.10 56.82
C ILE C 17 -14.33 -63.92 55.61
N LEU C 18 -13.52 -63.96 54.56
CA LEU C 18 -13.86 -64.77 53.39
C LEU C 18 -13.80 -66.26 53.69
N LYS C 19 -12.87 -66.68 54.57
CA LYS C 19 -12.80 -68.10 54.92
C LYS C 19 -14.06 -68.55 55.65
N ARG C 20 -14.49 -67.76 56.63
CA ARG C 20 -15.73 -68.08 57.34
C ARG C 20 -16.92 -68.14 56.38
N MET C 21 -16.93 -67.27 55.36
CA MET C 21 -18.05 -67.22 54.42
C MET C 21 -18.21 -68.51 53.60
N GLU C 22 -17.10 -69.19 53.29
CA GLU C 22 -17.20 -70.44 52.54
C GLU C 22 -17.91 -71.53 53.34
N SER C 23 -17.93 -71.42 54.67
CA SER C 23 -18.56 -72.38 55.56
C SER C 23 -20.02 -72.06 55.84
N GLN C 24 -20.53 -70.94 55.35
CA GLN C 24 -21.95 -70.66 55.46
C GLN C 24 -22.69 -71.43 54.38
N SER C 25 -23.99 -71.65 54.59
CA SER C 25 -24.83 -72.24 53.56
C SER C 25 -25.81 -71.21 52.99
N LYS C 26 -25.51 -69.92 53.13
CA LYS C 26 -26.34 -68.86 52.58
C LYS C 26 -26.14 -68.76 51.07
N ALA C 27 -27.19 -68.32 50.38
CA ALA C 27 -27.13 -68.15 48.94
C ALA C 27 -26.55 -66.79 48.57
N SER C 28 -25.91 -66.73 47.41
CA SER C 28 -25.48 -65.47 46.83
C SER C 28 -26.57 -64.88 45.96
N ILE C 29 -26.62 -63.54 45.92
CA ILE C 29 -27.58 -62.84 45.08
C ILE C 29 -27.32 -63.05 43.59
N PHE C 30 -26.18 -63.65 43.23
CA PHE C 30 -25.77 -63.84 41.84
C PHE C 30 -26.04 -65.25 41.31
N SER C 31 -26.70 -66.11 42.09
CA SER C 31 -26.89 -67.50 41.69
C SER C 31 -27.79 -67.57 40.45
N LYS C 32 -27.19 -67.84 39.29
CA LYS C 32 -27.94 -67.90 38.04
C LYS C 32 -28.86 -69.11 38.03
N PHE C 34 -31.98 -69.17 39.94
CA PHE C 34 -33.14 -68.31 40.18
C PHE C 34 -33.45 -67.44 38.95
N TRP C 35 -34.67 -66.90 38.88
CA TRP C 35 -35.00 -65.97 37.80
C TRP C 35 -34.17 -64.70 37.93
N TYR C 36 -33.99 -64.23 39.17
CA TYR C 36 -33.22 -63.01 39.42
C TYR C 36 -31.78 -63.15 38.92
N GLY C 37 -31.15 -64.28 39.20
CA GLY C 37 -29.78 -64.47 38.75
C GLY C 37 -29.69 -64.51 37.24
N SER C 38 -30.68 -65.12 36.59
CA SER C 38 -30.69 -65.16 35.14
C SER C 38 -30.87 -63.78 34.54
N ILE C 39 -31.77 -62.98 35.13
CA ILE C 39 -31.95 -61.58 34.71
C ILE C 39 -30.62 -60.84 34.74
N MET C 40 -29.88 -60.97 35.84
CA MET C 40 -28.65 -60.22 35.99
C MET C 40 -27.57 -60.71 35.04
N GLU C 41 -27.42 -62.03 34.92
CA GLU C 41 -26.39 -62.58 34.03
C GLU C 41 -26.57 -62.06 32.61
N TRP C 42 -27.79 -62.16 32.07
CA TRP C 42 -28.08 -61.63 30.74
C TRP C 42 -27.90 -60.10 30.69
N SER C 43 -28.22 -59.39 31.78
CA SER C 43 -28.05 -57.94 31.79
C SER C 43 -26.59 -57.53 31.71
N MET C 44 -25.71 -58.25 32.42
CA MET C 44 -24.30 -57.89 32.40
C MET C 44 -23.65 -58.22 31.06
N LYS C 45 -24.22 -59.14 30.28
CA LYS C 45 -23.67 -59.51 28.98
C LYS C 45 -24.18 -58.65 27.83
N ASN C 46 -25.37 -58.04 27.95
CA ASN C 46 -26.00 -57.35 26.83
C ASN C 46 -26.68 -56.10 27.33
N GLU C 47 -26.13 -54.93 26.97
CA GLU C 47 -26.63 -53.65 27.50
C GLU C 47 -28.02 -53.32 26.97
N LYS C 48 -28.36 -53.76 25.76
CA LYS C 48 -29.70 -53.54 25.24
C LYS C 48 -30.73 -54.32 26.05
N PHE C 49 -30.40 -55.57 26.41
CA PHE C 49 -31.28 -56.33 27.29
C PHE C 49 -31.37 -55.72 28.68
N LYS C 50 -30.24 -55.25 29.22
CA LYS C 50 -30.25 -54.62 30.54
C LYS C 50 -31.23 -53.45 30.56
N THR C 51 -31.18 -52.60 29.52
CA THR C 51 -32.07 -51.44 29.45
C THR C 51 -33.53 -51.85 29.38
N ASN C 52 -33.87 -52.77 28.46
CA ASN C 52 -35.28 -53.14 28.31
C ASN C 52 -35.79 -53.90 29.52
N MET C 53 -34.96 -54.77 30.12
CA MET C 53 -35.40 -55.53 31.28
C MET C 53 -35.66 -54.60 32.47
N PHE C 54 -34.77 -53.64 32.71
CA PHE C 54 -34.96 -52.76 33.85
C PHE C 54 -36.13 -51.82 33.63
N ARG C 55 -36.34 -51.37 32.38
CA ARG C 55 -37.50 -50.52 32.09
C ARG C 55 -38.80 -51.31 32.23
N PHE C 56 -38.81 -52.56 31.79
CA PHE C 56 -40.01 -53.39 31.93
C PHE C 56 -40.36 -53.55 33.40
N VAL C 57 -39.37 -53.84 34.25
CA VAL C 57 -39.62 -53.96 35.69
C VAL C 57 -40.17 -52.65 36.25
N ASP C 58 -39.59 -51.53 35.82
CA ASP C 58 -40.07 -50.23 36.29
C ASP C 58 -41.55 -50.03 36.01
N VAL C 59 -41.99 -50.37 34.79
CA VAL C 59 -43.37 -50.07 34.39
C VAL C 59 -44.37 -51.13 34.84
N LEU C 60 -43.93 -52.37 35.08
CA LEU C 60 -44.85 -53.47 35.30
C LEU C 60 -45.95 -53.17 36.32
N PRO C 61 -45.66 -52.67 37.53
CA PRO C 61 -46.75 -52.49 38.50
C PRO C 61 -47.74 -51.38 38.13
N SER C 62 -47.47 -50.58 37.09
CA SER C 62 -48.45 -49.60 36.64
C SER C 62 -49.42 -50.17 35.61
N ILE C 63 -49.24 -51.43 35.20
CA ILE C 63 -50.07 -52.05 34.18
C ILE C 63 -51.15 -52.88 34.85
N ASN C 64 -52.41 -52.64 34.50
CA ASN C 64 -53.54 -53.16 35.25
C ASN C 64 -54.43 -54.08 34.41
N SER C 65 -53.83 -54.84 33.49
CA SER C 65 -54.57 -55.82 32.73
C SER C 65 -53.57 -56.78 32.09
N GLY C 66 -54.00 -58.04 31.96
CA GLY C 66 -53.15 -59.05 31.35
C GLY C 66 -52.83 -58.72 29.90
N ASP C 67 -53.83 -58.20 29.16
CA ASP C 67 -53.58 -57.84 27.78
C ASP C 67 -52.47 -56.80 27.68
N GLU C 68 -52.47 -55.81 28.58
CA GLU C 68 -51.50 -54.73 28.51
C GLU C 68 -50.10 -55.18 28.97
N VAL C 69 -50.02 -56.12 29.90
CA VAL C 69 -48.71 -56.66 30.26
C VAL C 69 -48.10 -57.38 29.08
N ALA C 70 -48.90 -58.21 28.41
CA ALA C 70 -48.41 -58.96 27.25
C ALA C 70 -48.00 -58.03 26.12
N ARG C 71 -48.75 -56.95 25.91
CA ARG C 71 -48.36 -55.96 24.90
C ARG C 71 -47.02 -55.34 25.27
N HIS C 72 -46.85 -54.96 26.54
CA HIS C 72 -45.57 -54.41 26.98
C HIS C 72 -44.45 -55.42 26.84
N LEU C 73 -44.75 -56.69 27.14
CA LEU C 73 -43.73 -57.72 27.00
C LEU C 73 -43.23 -57.79 25.56
N LYS C 74 -44.16 -57.85 24.60
CA LYS C 74 -43.79 -57.94 23.18
C LYS C 74 -42.98 -56.74 22.75
N GLU C 75 -43.37 -55.53 23.18
CA GLU C 75 -42.67 -54.33 22.71
C GLU C 75 -41.25 -54.25 23.27
N TYR C 76 -41.05 -54.68 24.52
CA TYR C 76 -39.71 -54.56 25.11
C TYR C 76 -38.78 -55.65 24.62
N PHE C 77 -39.31 -56.82 24.26
CA PHE C 77 -38.50 -57.91 23.74
C PHE C 77 -39.09 -58.45 22.43
N GLY C 100 -52.74 -62.83 30.40
CA GLY C 100 -53.75 -63.38 31.31
C GLY C 100 -53.11 -64.15 32.45
N LEU C 101 -52.93 -65.46 32.25
CA LEU C 101 -52.03 -66.23 33.10
C LEU C 101 -50.57 -65.88 32.83
N MET C 102 -50.25 -65.37 31.62
CA MET C 102 -48.90 -64.88 31.37
C MET C 102 -48.59 -63.61 32.14
N ALA C 103 -49.63 -62.83 32.49
CA ALA C 103 -49.42 -61.64 33.30
C ALA C 103 -49.19 -62.02 34.75
N GLY C 104 -50.02 -62.93 35.28
CA GLY C 104 -49.79 -63.46 36.61
C GLY C 104 -48.37 -63.98 36.75
N ALA C 105 -47.90 -64.72 35.75
CA ALA C 105 -46.56 -65.31 35.79
C ALA C 105 -45.49 -64.23 35.89
N ILE C 106 -45.49 -63.27 34.95
CA ILE C 106 -44.46 -62.23 34.99
C ILE C 106 -44.54 -61.47 36.29
N LYS C 107 -45.76 -61.05 36.68
CA LYS C 107 -45.90 -60.27 37.90
C LYS C 107 -45.54 -61.09 39.14
N LYS C 108 -45.83 -62.40 39.16
CA LYS C 108 -45.40 -63.21 40.29
C LYS C 108 -43.87 -63.23 40.41
N ASN C 109 -43.18 -63.43 39.29
CA ASN C 109 -41.71 -63.44 39.33
C ASN C 109 -41.14 -62.11 39.80
N VAL C 110 -41.65 -61.01 39.26
CA VAL C 110 -41.13 -59.69 39.61
C VAL C 110 -41.49 -59.33 41.05
N MET C 111 -42.73 -59.63 41.46
CA MET C 111 -43.05 -59.46 42.87
C MET C 111 -42.15 -60.33 43.73
N GLY C 112 -41.75 -61.50 43.21
CA GLY C 112 -40.81 -62.32 43.96
C GLY C 112 -39.46 -61.67 44.11
N MET C 113 -38.99 -60.97 43.07
CA MET C 113 -37.70 -60.28 43.19
C MET C 113 -37.79 -59.16 44.20
N ALA C 114 -38.91 -58.43 44.23
CA ALA C 114 -39.02 -57.30 45.14
C ALA C 114 -39.03 -57.77 46.59
N LYS C 115 -39.68 -58.91 46.87
CA LYS C 115 -39.75 -59.42 48.23
C LYS C 115 -38.37 -59.84 48.75
N MET C 116 -37.40 -60.08 47.88
CA MET C 116 -36.05 -60.36 48.36
C MET C 116 -35.46 -59.16 49.08
N PHE C 117 -35.81 -57.94 48.67
CA PHE C 117 -35.17 -56.75 49.18
C PHE C 117 -36.09 -55.88 50.01
N ILE C 118 -37.37 -56.21 50.09
CA ILE C 118 -38.38 -55.44 50.84
C ILE C 118 -38.99 -56.35 51.90
N THR C 119 -38.89 -55.95 53.17
CA THR C 119 -39.27 -56.84 54.26
C THR C 119 -40.77 -57.06 54.34
N GLY C 120 -41.58 -56.10 53.91
CA GLY C 120 -43.03 -56.26 53.97
C GLY C 120 -43.69 -55.04 53.37
N GLU C 121 -44.95 -55.24 52.95
CA GLU C 121 -45.74 -54.16 52.36
C GLU C 121 -46.25 -53.15 53.39
N SER C 122 -46.26 -53.52 54.67
CA SER C 122 -46.71 -52.66 55.75
C SER C 122 -45.88 -52.99 56.97
N PRO C 123 -45.91 -52.13 58.00
CA PRO C 123 -45.20 -52.48 59.25
C PRO C 123 -45.65 -53.82 59.83
N ASP C 124 -46.94 -54.17 59.72
CA ASP C 124 -47.43 -55.46 60.23
C ASP C 124 -46.74 -56.62 59.54
N GLU C 125 -46.63 -56.56 58.21
CA GLU C 125 -45.99 -57.66 57.50
C GLU C 125 -44.51 -57.75 57.84
N ALA C 126 -43.87 -56.61 58.10
CA ALA C 126 -42.43 -56.60 58.34
C ALA C 126 -42.07 -57.07 59.73
N LEU C 127 -42.96 -56.90 60.70
CA LEU C 127 -42.64 -57.18 62.09
C LEU C 127 -42.05 -58.56 62.33
N PRO C 128 -42.66 -59.67 61.90
CA PRO C 128 -42.04 -60.98 62.17
C PRO C 128 -40.67 -61.14 61.52
N VAL C 129 -40.45 -60.50 60.38
CA VAL C 129 -39.11 -60.51 59.77
C VAL C 129 -38.11 -59.78 60.67
N LEU C 130 -38.52 -58.63 61.23
CA LEU C 130 -37.64 -57.91 62.14
C LEU C 130 -37.33 -58.75 63.38
N LYS C 131 -38.33 -59.46 63.91
CA LYS C 131 -38.10 -60.25 65.12
C LYS C 131 -37.23 -61.47 64.84
N LYS C 132 -37.40 -62.08 63.66
CA LYS C 132 -36.54 -63.21 63.29
C LYS C 132 -35.08 -62.79 63.24
N ALA C 133 -34.81 -61.60 62.70
CA ALA C 133 -33.44 -61.09 62.68
C ALA C 133 -32.90 -60.90 64.10
N ARG C 134 -33.74 -60.40 65.02
CA ARG C 134 -33.30 -60.28 66.41
C ARG C 134 -32.95 -61.65 66.98
N LYS C 135 -33.76 -62.67 66.69
CA LYS C 135 -33.44 -64.02 67.12
C LYS C 135 -32.14 -64.51 66.51
N ASN C 136 -31.76 -63.98 65.35
CA ASN C 136 -30.51 -64.33 64.69
C ASN C 136 -29.40 -63.34 64.99
N LYS C 137 -29.54 -62.55 66.07
CA LYS C 137 -28.53 -61.62 66.52
C LYS C 137 -28.29 -60.48 65.51
N MET C 138 -29.36 -60.03 64.86
CA MET C 138 -29.28 -58.86 63.98
C MET C 138 -30.37 -57.87 64.33
N THR C 139 -30.03 -56.57 64.34
CA THR C 139 -31.06 -55.58 64.54
C THR C 139 -31.39 -54.92 63.19
N PHE C 140 -32.07 -53.78 63.23
CA PHE C 140 -32.71 -53.27 62.01
C PHE C 140 -32.83 -51.74 62.07
N THR C 141 -33.06 -51.14 60.90
CA THR C 141 -33.60 -49.79 60.81
C THR C 141 -34.67 -49.82 59.73
N VAL C 142 -35.90 -49.40 60.09
CA VAL C 142 -37.03 -49.48 59.18
C VAL C 142 -37.11 -48.18 58.39
N ASP C 143 -37.37 -48.31 57.10
CA ASP C 143 -37.57 -47.15 56.23
C ASP C 143 -38.84 -47.36 55.40
N ILE C 144 -39.70 -46.34 55.35
CA ILE C 144 -40.95 -46.39 54.61
C ILE C 144 -40.68 -45.88 53.20
N LEU C 145 -40.77 -46.78 52.22
CA LEU C 145 -40.60 -46.42 50.82
C LEU C 145 -41.77 -45.59 50.32
N GLY C 146 -41.49 -44.67 49.40
CA GLY C 146 -42.57 -43.91 48.78
C GLY C 146 -42.17 -43.33 47.45
N GLU C 147 -43.20 -42.91 46.70
CA GLU C 147 -42.96 -42.16 45.47
C GLU C 147 -42.60 -40.73 45.81
N ALA C 148 -42.29 -39.95 44.78
CA ALA C 148 -41.90 -38.57 45.01
C ALA C 148 -43.03 -37.80 45.70
N THR C 149 -42.67 -37.02 46.70
CA THR C 149 -43.65 -36.15 47.36
C THR C 149 -43.82 -34.91 46.49
N LEU C 150 -44.89 -34.89 45.71
CA LEU C 150 -45.14 -33.76 44.82
C LEU C 150 -46.15 -32.78 45.39
N SER C 151 -46.97 -33.21 46.35
CA SER C 151 -48.06 -32.40 46.87
C SER C 151 -47.99 -32.38 48.39
N GLU C 152 -48.68 -31.39 48.97
CA GLU C 152 -48.71 -31.29 50.41
C GLU C 152 -49.56 -32.39 51.03
N LYS C 153 -50.58 -32.86 50.32
CA LYS C 153 -51.32 -34.03 50.78
C LYS C 153 -50.41 -35.24 50.92
N GLU C 154 -49.54 -35.47 49.94
CA GLU C 154 -48.62 -36.60 50.02
C GLU C 154 -47.62 -36.40 51.15
N ALA C 155 -47.13 -35.16 51.34
CA ALA C 155 -46.21 -34.90 52.44
C ALA C 155 -46.86 -35.24 53.78
N GLN C 156 -48.12 -34.81 53.96
CA GLN C 156 -48.80 -35.04 55.22
C GLN C 156 -49.02 -36.53 55.45
N ASP C 157 -49.38 -37.28 54.40
CA ASP C 157 -49.57 -38.72 54.54
C ASP C 157 -48.29 -39.41 54.95
N TYR C 158 -47.16 -39.00 54.36
CA TYR C 158 -45.87 -39.60 54.70
C TYR C 158 -45.50 -39.31 56.16
N SER C 159 -45.72 -38.08 56.61
CA SER C 159 -45.50 -37.75 58.01
C SER C 159 -46.38 -38.60 58.92
N ASN C 160 -47.64 -38.80 58.56
CA ASN C 160 -48.53 -39.62 59.37
C ASN C 160 -48.02 -41.06 59.45
N LYS C 161 -47.51 -41.59 58.34
CA LYS C 161 -46.94 -42.94 58.35
C LYS C 161 -45.79 -43.07 59.36
N TYR C 162 -44.88 -42.08 59.41
CA TYR C 162 -43.77 -42.20 60.36
C TYR C 162 -44.25 -42.09 61.80
N MET C 163 -45.21 -41.20 62.07
CA MET C 163 -45.74 -41.08 63.42
C MET C 163 -46.36 -42.41 63.88
N GLU C 164 -47.17 -43.04 63.03
CA GLU C 164 -47.78 -44.31 63.41
C GLU C 164 -46.71 -45.41 63.53
N LEU C 165 -45.74 -45.41 62.62
CA LEU C 165 -44.69 -46.42 62.68
C LEU C 165 -43.93 -46.34 64.00
N VAL C 166 -43.49 -45.13 64.37
CA VAL C 166 -42.70 -44.98 65.59
C VAL C 166 -43.52 -45.42 66.80
N THR C 167 -44.78 -45.01 66.87
CA THR C 167 -45.63 -45.40 67.99
C THR C 167 -45.83 -46.92 68.04
N TRP C 168 -46.21 -47.49 66.91
CA TRP C 168 -46.59 -48.90 66.90
C TRP C 168 -45.38 -49.79 67.16
N LEU C 169 -44.23 -49.47 66.56
CA LEU C 169 -43.05 -50.32 66.75
C LEU C 169 -42.52 -50.25 68.18
N ALA C 170 -42.41 -49.04 68.76
CA ALA C 170 -41.95 -48.92 70.15
C ALA C 170 -42.89 -49.65 71.11
N LYS C 171 -44.20 -49.55 70.87
CA LYS C 171 -45.17 -50.25 71.74
C LYS C 171 -44.94 -51.76 71.69
N ASP C 172 -44.78 -52.32 70.48
CA ASP C 172 -44.55 -53.76 70.40
C ASP C 172 -43.21 -54.14 71.03
N ALA C 173 -42.20 -53.28 70.88
CA ALA C 173 -40.89 -53.57 71.44
C ALA C 173 -40.88 -53.58 72.97
N GLU C 174 -41.96 -53.12 73.60
CA GLU C 174 -42.05 -53.23 75.05
C GLU C 174 -41.96 -54.68 75.52
N LYS C 175 -42.38 -55.64 74.70
CA LYS C 175 -42.37 -57.04 75.11
C LYS C 175 -41.11 -57.78 74.69
N TRP C 176 -40.19 -57.11 74.00
CA TRP C 176 -39.02 -57.78 73.45
C TRP C 176 -37.97 -58.05 74.52
N ASP C 177 -37.42 -59.27 74.51
CA ASP C 177 -36.30 -59.61 75.38
C ASP C 177 -35.02 -58.91 74.93
N GLU C 178 -34.10 -58.71 75.87
CA GLU C 178 -32.85 -58.04 75.54
C GLU C 178 -31.90 -59.04 74.89
N VAL C 179 -31.29 -58.63 73.79
CA VAL C 179 -30.26 -59.38 73.10
C VAL C 179 -28.98 -58.55 73.14
N PRO C 180 -28.05 -58.85 74.05
CA PRO C 180 -26.95 -57.91 74.34
C PRO C 180 -26.09 -57.53 73.15
N GLN C 181 -25.86 -58.47 72.21
CA GLN C 181 -25.04 -58.20 71.04
C GLN C 181 -25.58 -57.07 70.18
N ILE C 182 -26.91 -56.89 70.14
CA ILE C 182 -27.51 -55.87 69.31
C ILE C 182 -28.17 -54.77 70.13
N ASP C 183 -28.46 -54.99 71.41
CA ASP C 183 -29.21 -54.03 72.22
C ASP C 183 -28.33 -53.28 73.19
N ARG C 184 -27.02 -53.50 73.17
CA ARG C 184 -26.09 -52.80 74.03
C ARG C 184 -24.81 -52.52 73.25
N ASP C 185 -24.14 -51.41 73.60
CA ASP C 185 -22.78 -51.18 73.13
C ASP C 185 -21.82 -51.20 74.33
N HIS C 186 -20.66 -50.58 74.17
CA HIS C 186 -19.67 -50.55 75.24
C HIS C 186 -20.01 -49.58 76.36
N GLU C 187 -21.03 -48.73 76.16
CA GLU C 187 -21.44 -47.74 77.15
C GLU C 187 -22.71 -48.11 77.90
N GLY C 188 -23.62 -48.83 77.28
CA GLY C 188 -24.88 -49.14 77.95
C GLY C 188 -25.92 -49.63 76.95
N ALA C 189 -27.19 -49.38 77.29
CA ALA C 189 -28.30 -49.81 76.45
C ALA C 189 -28.44 -48.96 75.20
N LEU C 190 -28.89 -49.60 74.11
CA LEU C 190 -29.22 -48.97 72.84
C LEU C 190 -30.70 -49.11 72.55
N PRO C 191 -31.29 -48.19 71.77
CA PRO C 191 -32.70 -48.36 71.36
C PRO C 191 -32.89 -49.66 70.59
N LYS C 192 -33.97 -50.37 70.90
CA LYS C 192 -34.32 -51.58 70.14
C LYS C 192 -35.08 -51.27 68.86
N VAL C 193 -35.56 -50.05 68.70
CA VAL C 193 -36.30 -49.65 67.52
C VAL C 193 -35.58 -48.49 66.88
N ASN C 194 -35.37 -48.58 65.57
CA ASN C 194 -34.52 -47.65 64.83
C ASN C 194 -35.25 -47.38 63.51
N VAL C 195 -35.53 -46.11 63.23
CA VAL C 195 -36.22 -45.76 62.01
C VAL C 195 -35.40 -44.74 61.22
N SER C 196 -35.47 -44.85 59.90
CA SER C 196 -34.80 -43.94 58.99
C SER C 196 -35.81 -43.11 58.22
N VAL C 197 -35.52 -41.82 58.08
CA VAL C 197 -36.48 -40.89 57.48
C VAL C 197 -35.85 -40.19 56.27
N LYS C 198 -36.67 -39.89 55.25
CA LYS C 198 -36.19 -39.22 54.05
C LYS C 198 -36.77 -37.83 54.08
N MET C 199 -35.90 -36.85 54.23
CA MET C 199 -36.29 -35.45 54.42
C MET C 199 -37.26 -34.89 53.35
N THR C 200 -36.92 -35.08 52.06
CA THR C 200 -37.73 -34.52 50.98
C THR C 200 -39.11 -35.15 50.86
N ALA C 201 -39.34 -36.29 51.51
CA ALA C 201 -40.69 -36.84 51.51
C ALA C 201 -41.64 -36.08 52.40
N LEU C 202 -41.14 -35.19 53.25
CA LEU C 202 -41.96 -34.47 54.21
C LEU C 202 -42.41 -33.09 53.73
N TYR C 203 -41.94 -32.61 52.58
CA TYR C 203 -42.30 -31.27 52.13
C TYR C 203 -42.13 -31.23 50.63
N SER C 204 -43.14 -30.70 49.91
CA SER C 204 -43.13 -30.78 48.46
C SER C 204 -42.62 -29.52 47.75
N GLN C 205 -42.44 -28.40 48.45
CA GLN C 205 -42.07 -27.15 47.76
C GLN C 205 -40.71 -26.63 48.25
N ILE C 206 -39.74 -27.53 48.40
CA ILE C 206 -38.38 -27.10 48.72
C ILE C 206 -37.89 -26.17 47.61
N LYS C 207 -37.33 -25.03 48.00
CA LYS C 207 -36.88 -24.05 47.02
C LYS C 207 -35.57 -23.44 47.52
N ASP C 208 -34.46 -23.76 46.85
CA ASP C 208 -33.16 -23.38 47.39
C ASP C 208 -33.00 -21.85 47.47
N ALA C 209 -33.59 -21.12 46.51
CA ALA C 209 -33.49 -19.66 46.51
C ALA C 209 -34.13 -19.05 47.74
N ALA C 210 -35.16 -19.70 48.28
CA ALA C 210 -35.76 -19.34 49.56
C ALA C 210 -35.22 -20.27 50.66
N TRP C 211 -33.90 -20.21 50.82
CA TRP C 211 -33.16 -21.17 51.64
C TRP C 211 -33.69 -21.21 53.08
N ASP C 212 -33.67 -20.07 53.77
CA ASP C 212 -34.01 -20.05 55.18
C ASP C 212 -35.46 -20.48 55.40
N GLU C 213 -36.36 -20.02 54.53
CA GLU C 213 -37.75 -20.41 54.67
C GLU C 213 -37.92 -21.91 54.46
N SER C 214 -37.26 -22.46 53.42
CA SER C 214 -37.31 -23.90 53.19
C SER C 214 -36.71 -24.66 54.36
N LYS C 215 -35.58 -24.19 54.88
CA LYS C 215 -34.96 -24.87 56.01
C LYS C 215 -35.90 -24.86 57.21
N LYS C 216 -36.55 -23.72 57.47
CA LYS C 216 -37.48 -23.63 58.59
C LYS C 216 -38.60 -24.65 58.49
N ILE C 217 -39.18 -24.78 57.29
CA ILE C 217 -40.30 -25.71 57.07
C ILE C 217 -39.86 -27.16 57.23
N LEU C 218 -38.71 -27.51 56.67
CA LEU C 218 -38.21 -28.88 56.81
C LEU C 218 -37.99 -29.22 58.28
N LYS C 219 -37.37 -28.31 59.03
CA LYS C 219 -37.21 -28.51 60.47
C LYS C 219 -38.57 -28.66 61.16
N ASP C 220 -39.54 -27.83 60.77
CA ASP C 220 -40.88 -27.92 61.36
C ASP C 220 -41.53 -29.26 61.07
N ARG C 221 -41.28 -29.83 59.88
CA ARG C 221 -41.87 -31.12 59.53
C ARG C 221 -41.12 -32.28 60.19
N LEU C 222 -39.82 -32.15 60.36
CA LEU C 222 -39.02 -33.18 61.01
C LEU C 222 -39.21 -33.18 62.51
N ARG C 223 -39.45 -32.01 63.11
CA ARG C 223 -39.46 -31.86 64.56
C ARG C 223 -40.42 -32.80 65.28
N PRO C 224 -41.69 -32.94 64.86
CA PRO C 224 -42.57 -33.88 65.58
C PRO C 224 -42.12 -35.33 65.51
N VAL C 225 -41.48 -35.72 64.41
CA VAL C 225 -40.96 -37.09 64.28
C VAL C 225 -39.78 -37.31 65.22
N PHE C 226 -38.80 -36.40 65.21
CA PHE C 226 -37.69 -36.53 66.16
C PHE C 226 -38.20 -36.53 67.60
N ARG C 227 -39.20 -35.69 67.89
CA ARG C 227 -39.70 -35.61 69.26
C ARG C 227 -40.37 -36.91 69.67
N LEU C 228 -41.27 -37.42 68.83
CA LEU C 228 -41.93 -38.68 69.15
C LEU C 228 -40.92 -39.80 69.30
N GLY C 229 -39.94 -39.87 68.39
CA GLY C 229 -38.89 -40.90 68.52
C GLY C 229 -38.14 -40.80 69.83
N MET C 230 -37.69 -39.60 70.16
CA MET C 230 -36.99 -39.38 71.42
C MET C 230 -37.88 -39.75 72.60
N GLU C 231 -39.15 -39.35 72.59
CA GLU C 231 -40.05 -39.65 73.69
C GLU C 231 -40.25 -41.14 73.85
N LYS C 232 -40.21 -41.90 72.77
CA LYS C 232 -40.40 -43.35 72.86
C LYS C 232 -39.09 -44.13 73.01
N GLY C 233 -37.95 -43.44 73.10
CA GLY C 233 -36.68 -44.14 73.15
C GLY C 233 -36.26 -44.77 71.82
N VAL C 234 -36.73 -44.24 70.71
CA VAL C 234 -36.44 -44.79 69.38
C VAL C 234 -35.26 -44.03 68.81
N PHE C 235 -34.41 -44.75 68.07
CA PHE C 235 -33.35 -44.12 67.28
C PHE C 235 -33.95 -43.58 65.99
N VAL C 236 -33.68 -42.31 65.68
CA VAL C 236 -34.16 -41.70 64.45
C VAL C 236 -32.95 -41.30 63.60
N ASN C 237 -32.86 -41.88 62.42
CA ASN C 237 -31.76 -41.62 61.50
C ASN C 237 -32.29 -40.84 60.30
N LEU C 238 -31.61 -39.77 59.94
CA LEU C 238 -31.99 -38.99 58.76
C LEU C 238 -31.15 -39.44 57.58
N ASP C 239 -31.80 -39.95 56.55
CA ASP C 239 -31.09 -40.40 55.36
C ASP C 239 -30.50 -39.21 54.61
N MET C 240 -29.62 -39.48 53.66
CA MET C 240 -29.07 -38.45 52.80
C MET C 240 -29.48 -38.73 51.37
N GLU C 241 -30.10 -37.75 50.72
CA GLU C 241 -30.58 -37.93 49.35
C GLU C 241 -29.59 -37.34 48.35
N GLN C 242 -30.08 -36.88 47.20
CA GLN C 242 -29.16 -36.46 46.15
C GLN C 242 -28.44 -35.17 46.55
N TYR C 243 -27.38 -34.86 45.79
CA TYR C 243 -26.48 -33.77 46.15
C TYR C 243 -27.17 -32.41 46.15
N SER C 244 -28.19 -32.23 45.32
CA SER C 244 -28.85 -30.94 45.29
C SER C 244 -29.47 -30.56 46.65
N VAL C 245 -29.71 -31.52 47.54
CA VAL C 245 -30.24 -31.22 48.87
C VAL C 245 -29.30 -31.62 49.99
N LYS C 246 -28.05 -31.96 49.68
CA LYS C 246 -27.14 -32.49 50.70
C LYS C 246 -26.81 -31.42 51.74
N HIS C 247 -26.31 -30.27 51.30
CA HIS C 247 -25.97 -29.19 52.23
C HIS C 247 -27.18 -28.78 53.07
N LEU C 248 -28.36 -28.69 52.44
CA LEU C 248 -29.58 -28.33 53.17
C LEU C 248 -29.93 -29.35 54.26
N THR C 249 -29.77 -30.65 53.95
CA THR C 249 -30.04 -31.70 54.93
C THR C 249 -29.14 -31.54 56.16
N LEU C 250 -27.87 -31.22 55.94
CA LEU C 250 -26.94 -31.09 57.06
C LEU C 250 -27.30 -29.90 57.94
N GLU C 251 -27.66 -28.76 57.33
CA GLU C 251 -28.10 -27.61 58.12
C GLU C 251 -29.39 -27.93 58.87
N VAL C 252 -30.34 -28.56 58.20
CA VAL C 252 -31.57 -28.97 58.87
C VAL C 252 -31.24 -29.90 60.03
N PHE C 253 -30.44 -30.94 59.79
CA PHE C 253 -30.15 -31.92 60.83
C PHE C 253 -29.46 -31.26 62.03
N THR C 254 -28.38 -30.52 61.79
CA THR C 254 -27.59 -30.00 62.92
C THR C 254 -28.35 -28.94 63.70
N GLU C 255 -29.10 -28.06 63.04
CA GLU C 255 -29.86 -27.07 63.79
C GLU C 255 -30.91 -27.75 64.66
N LEU C 256 -31.58 -28.77 64.11
CA LEU C 256 -32.66 -29.41 64.84
C LEU C 256 -32.15 -30.04 66.13
N ILE C 257 -31.11 -30.88 66.03
CA ILE C 257 -30.66 -31.64 67.19
C ILE C 257 -29.86 -30.77 68.16
N ASN C 258 -29.63 -29.51 67.81
CA ASN C 258 -29.08 -28.54 68.75
C ASN C 258 -30.16 -27.76 69.50
N GLU C 259 -31.44 -27.97 69.18
CA GLU C 259 -32.50 -27.27 69.88
C GLU C 259 -32.61 -27.79 71.32
N PRO C 260 -33.04 -26.92 72.26
CA PRO C 260 -33.07 -27.31 73.68
C PRO C 260 -33.70 -28.67 73.95
N GLU C 261 -34.84 -28.98 73.33
CA GLU C 261 -35.49 -30.26 73.61
C GLU C 261 -34.73 -31.47 73.05
N PHE C 262 -33.78 -31.28 72.12
CA PHE C 262 -33.05 -32.40 71.52
C PHE C 262 -31.58 -32.49 71.93
N LYS C 263 -31.03 -31.46 72.60
CA LYS C 263 -29.59 -31.32 72.70
C LYS C 263 -28.92 -32.46 73.48
N ASN C 264 -29.66 -33.20 74.30
CA ASN C 264 -29.09 -34.22 75.18
C ASN C 264 -29.38 -35.65 74.75
N TYR C 265 -29.96 -35.84 73.55
CA TYR C 265 -30.33 -37.16 73.08
C TYR C 265 -29.23 -37.66 72.15
N LYS C 266 -28.70 -38.85 72.45
CA LYS C 266 -27.62 -39.44 71.66
C LYS C 266 -28.11 -40.19 70.44
N PHE C 267 -29.39 -40.54 70.39
CA PHE C 267 -29.83 -41.54 69.42
C PHE C 267 -30.52 -40.93 68.21
N PHE C 268 -29.85 -39.91 67.66
CA PHE C 268 -30.12 -39.36 66.34
C PHE C 268 -28.91 -39.61 65.46
N GLY C 269 -29.15 -39.87 64.17
CA GLY C 269 -28.08 -40.14 63.24
C GLY C 269 -28.30 -39.45 61.91
N ILE C 270 -27.20 -39.23 61.20
CA ILE C 270 -27.20 -38.60 59.87
C ILE C 270 -26.33 -39.43 58.94
N VAL C 271 -26.69 -39.44 57.67
CA VAL C 271 -25.92 -40.17 56.67
C VAL C 271 -24.91 -39.24 56.04
N ILE C 272 -23.68 -39.73 55.86
CA ILE C 272 -22.68 -39.07 55.04
C ILE C 272 -22.27 -40.05 53.93
N GLN C 273 -22.17 -39.54 52.70
CA GLN C 273 -21.87 -40.35 51.53
C GLN C 273 -20.41 -40.14 51.13
N ALA C 274 -19.59 -41.15 51.36
CA ALA C 274 -18.16 -41.05 51.08
C ALA C 274 -17.82 -40.92 49.59
N TYR C 275 -18.77 -41.11 48.68
CA TYR C 275 -18.39 -40.87 47.29
C TYR C 275 -18.42 -39.39 46.90
N LEU C 276 -18.80 -38.49 47.83
CA LEU C 276 -18.78 -37.05 47.56
C LEU C 276 -17.40 -36.45 47.84
N ARG C 277 -16.99 -35.54 46.97
CA ARG C 277 -15.70 -34.88 47.12
C ARG C 277 -15.62 -34.07 48.41
N ASP C 278 -16.75 -33.58 48.92
CA ASP C 278 -16.75 -32.77 50.13
C ASP C 278 -17.14 -33.54 51.40
N SER C 279 -17.23 -34.88 51.33
CA SER C 279 -17.74 -35.62 52.49
C SER C 279 -16.75 -35.64 53.65
N PHE C 280 -15.44 -35.67 53.38
CA PHE C 280 -14.50 -35.65 54.50
C PHE C 280 -14.54 -34.32 55.24
N GLU C 281 -14.70 -33.21 54.51
CA GLU C 281 -14.89 -31.93 55.18
C GLU C 281 -16.16 -31.93 56.02
N ASP C 282 -17.24 -32.53 55.52
CA ASP C 282 -18.47 -32.61 56.30
C ASP C 282 -18.30 -33.50 57.52
N VAL C 283 -17.58 -34.62 57.38
CA VAL C 283 -17.31 -35.48 58.53
C VAL C 283 -16.55 -34.70 59.60
N LYS C 284 -15.52 -33.95 59.18
CA LYS C 284 -14.76 -33.14 60.11
C LYS C 284 -15.62 -32.06 60.72
N SER C 285 -16.49 -31.45 59.91
CA SER C 285 -17.36 -30.38 60.40
C SER C 285 -18.42 -30.94 61.36
N LEU C 286 -18.97 -32.11 61.06
CA LEU C 286 -19.92 -32.74 61.99
C LEU C 286 -19.28 -33.14 63.32
N THR C 287 -18.00 -33.53 63.30
CA THR C 287 -17.30 -33.88 64.53
C THR C 287 -17.11 -32.67 65.44
N GLU C 288 -16.70 -31.54 64.87
CA GLU C 288 -16.63 -30.29 65.63
C GLU C 288 -18.01 -29.92 66.19
N PHE C 289 -19.08 -30.08 65.40
CA PHE C 289 -20.41 -29.76 65.91
C PHE C 289 -20.79 -30.66 67.06
N ALA C 290 -20.48 -31.95 66.97
CA ALA C 290 -20.78 -32.87 68.07
C ALA C 290 -20.10 -32.44 69.36
N GLN C 291 -18.88 -31.91 69.27
CA GLN C 291 -18.19 -31.45 70.47
C GLN C 291 -18.89 -30.25 71.06
N LYS C 292 -19.18 -29.24 70.23
CA LYS C 292 -19.86 -28.03 70.72
C LYS C 292 -21.22 -28.36 71.30
N ARG C 293 -21.96 -29.28 70.66
CA ARG C 293 -23.27 -29.68 71.16
C ARG C 293 -23.17 -30.25 72.57
N GLY C 294 -22.10 -30.99 72.85
CA GLY C 294 -21.84 -31.60 74.15
C GLY C 294 -22.46 -32.95 74.38
N THR C 295 -23.07 -33.55 73.36
CA THR C 295 -23.70 -34.84 73.42
C THR C 295 -23.41 -35.48 72.07
N PRO C 296 -22.96 -36.73 72.02
CA PRO C 296 -22.71 -37.38 70.73
C PRO C 296 -24.01 -37.62 69.96
N PHE C 297 -23.86 -37.76 68.65
CA PHE C 297 -24.87 -38.33 67.76
C PHE C 297 -24.15 -39.28 66.80
N TRP C 298 -24.90 -39.90 65.89
CA TRP C 298 -24.37 -40.94 65.00
C TRP C 298 -24.25 -40.46 63.56
N VAL C 299 -23.21 -40.96 62.90
CA VAL C 299 -23.02 -40.79 61.47
C VAL C 299 -23.09 -42.18 60.86
N ARG C 300 -24.04 -42.40 59.97
CA ARG C 300 -24.09 -43.62 59.18
C ARG C 300 -23.30 -43.36 57.90
N LEU C 301 -22.10 -43.93 57.82
CA LEU C 301 -21.19 -43.69 56.71
C LEU C 301 -21.46 -44.71 55.62
N VAL C 302 -21.88 -44.22 54.45
CA VAL C 302 -22.17 -45.03 53.27
C VAL C 302 -21.26 -44.55 52.15
N LYS C 303 -21.29 -45.27 51.03
CA LYS C 303 -20.57 -44.73 49.88
C LYS C 303 -21.47 -43.81 49.06
N GLY C 304 -22.64 -44.27 48.63
CA GLY C 304 -23.58 -43.38 47.97
C GLY C 304 -24.46 -44.06 46.92
N ALA C 305 -25.75 -43.67 46.86
CA ALA C 305 -26.73 -44.41 46.06
C ALA C 305 -27.05 -43.79 44.70
N TYR C 306 -26.57 -42.58 44.40
CA TYR C 306 -27.02 -41.84 43.24
C TYR C 306 -25.89 -41.56 42.26
N TRP C 307 -24.93 -42.48 42.11
CA TRP C 307 -23.71 -42.16 41.37
C TRP C 307 -24.03 -41.81 39.91
N ASP C 308 -24.69 -42.73 39.20
CA ASP C 308 -25.02 -42.46 37.80
C ASP C 308 -25.79 -41.15 37.67
N TYR C 309 -26.82 -40.98 38.51
CA TYR C 309 -27.63 -39.77 38.47
C TYR C 309 -26.78 -38.51 38.63
N GLU C 310 -25.85 -38.49 39.60
CA GLU C 310 -25.09 -37.26 39.83
C GLU C 310 -24.19 -36.92 38.64
N THR C 311 -23.58 -37.93 38.00
CA THR C 311 -22.74 -37.61 36.85
C THR C 311 -23.57 -37.07 35.68
N ILE C 312 -24.78 -37.59 35.48
CA ILE C 312 -25.62 -37.13 34.39
C ILE C 312 -26.10 -35.70 34.66
N GLU C 313 -26.61 -35.47 35.87
CA GLU C 313 -27.13 -34.16 36.27
C GLU C 313 -26.08 -33.07 36.14
N ALA C 314 -24.87 -33.32 36.64
CA ALA C 314 -23.83 -32.30 36.58
C ALA C 314 -23.46 -31.98 35.12
N GLU C 315 -23.36 -33.00 34.28
CA GLU C 315 -23.01 -32.76 32.88
C GLU C 315 -24.14 -32.01 32.16
N GLN C 316 -25.39 -32.41 32.41
CA GLN C 316 -26.51 -31.69 31.79
C GLN C 316 -26.54 -30.24 32.25
N ARG C 317 -26.15 -29.98 33.51
CA ARG C 317 -26.19 -28.62 34.02
C ARG C 317 -24.92 -27.82 33.76
N GLY C 318 -23.87 -28.45 33.24
CA GLY C 318 -22.59 -27.76 33.16
C GLY C 318 -22.04 -27.38 34.51
N TRP C 319 -22.32 -28.17 35.55
CA TRP C 319 -21.80 -27.95 36.89
C TRP C 319 -20.69 -28.94 37.19
N PRO C 320 -19.79 -28.65 38.14
CA PRO C 320 -18.77 -29.64 38.53
C PRO C 320 -19.40 -30.92 39.06
N VAL C 321 -18.77 -32.05 38.73
CA VAL C 321 -19.26 -33.38 39.15
C VAL C 321 -19.01 -33.54 40.65
N PRO C 322 -20.05 -33.68 41.48
CA PRO C 322 -19.83 -33.72 42.94
C PRO C 322 -19.32 -35.05 43.48
N VAL C 323 -19.41 -36.14 42.70
CA VAL C 323 -18.90 -37.45 43.12
C VAL C 323 -17.50 -37.65 42.53
N TYR C 324 -16.70 -38.48 43.22
CA TYR C 324 -15.52 -39.05 42.57
C TYR C 324 -15.97 -39.90 41.39
N THR C 325 -15.12 -39.99 40.36
CA THR C 325 -15.45 -40.79 39.19
C THR C 325 -14.47 -41.94 38.96
N ASN C 326 -13.52 -42.14 39.86
CA ASN C 326 -12.74 -43.36 39.98
C ASN C 326 -13.21 -44.05 41.26
N LYS C 327 -13.64 -45.31 41.15
CA LYS C 327 -14.27 -45.95 42.30
C LYS C 327 -13.30 -46.14 43.47
N ALA C 328 -12.01 -46.34 43.19
CA ALA C 328 -11.04 -46.43 44.28
C ALA C 328 -10.98 -45.16 45.11
N GLU C 329 -11.29 -43.99 44.53
CA GLU C 329 -11.36 -42.76 45.32
C GLU C 329 -12.44 -42.83 46.39
N SER C 330 -13.61 -43.35 46.04
CA SER C 330 -14.68 -43.47 47.03
C SER C 330 -14.29 -44.42 48.15
N ASP C 331 -13.71 -45.58 47.79
CA ASP C 331 -13.27 -46.54 48.80
C ASP C 331 -12.20 -45.92 49.70
N ALA C 332 -11.21 -45.24 49.11
CA ALA C 332 -10.15 -44.65 49.92
C ALA C 332 -10.68 -43.56 50.82
N ASN C 333 -11.58 -42.73 50.28
CA ASN C 333 -12.18 -41.68 51.09
C ASN C 333 -13.09 -42.25 52.17
N TYR C 334 -13.76 -43.37 51.88
CA TYR C 334 -14.53 -44.03 52.92
C TYR C 334 -13.64 -44.39 54.10
N GLU C 335 -12.51 -45.05 53.80
CA GLU C 335 -11.59 -45.48 54.85
C GLU C 335 -11.00 -44.26 55.58
N LEU C 336 -10.70 -43.17 54.85
CA LEU C 336 -10.22 -41.95 55.49
C LEU C 336 -11.27 -41.40 56.46
N CYS C 337 -12.52 -41.28 56.01
CA CYS C 337 -13.57 -40.82 56.90
C CYS C 337 -13.73 -41.75 58.10
N ALA C 338 -13.70 -43.07 57.86
CA ALA C 338 -13.90 -44.03 58.94
C ALA C 338 -12.84 -43.87 60.02
N LYS C 339 -11.57 -43.79 59.61
CA LYS C 339 -10.48 -43.61 60.56
C LYS C 339 -10.66 -42.31 61.35
N TYR C 340 -11.03 -41.21 60.67
CA TYR C 340 -11.19 -39.94 61.37
C TYR C 340 -12.29 -40.04 62.43
N LEU C 341 -13.44 -40.59 62.05
CA LEU C 341 -14.53 -40.74 63.02
C LEU C 341 -14.11 -41.63 64.19
N LEU C 342 -13.42 -42.73 63.90
CA LEU C 342 -12.94 -43.59 64.98
C LEU C 342 -12.00 -42.82 65.89
N GLU C 343 -11.11 -42.02 65.32
CA GLU C 343 -10.21 -41.18 66.09
C GLU C 343 -10.95 -40.22 67.02
N ASN C 344 -12.20 -39.89 66.73
CA ASN C 344 -12.98 -38.93 67.52
C ASN C 344 -14.23 -39.57 68.11
N ILE C 345 -14.18 -40.89 68.35
CA ILE C 345 -15.35 -41.63 68.80
C ILE C 345 -15.85 -41.16 70.17
N LYS C 346 -15.00 -40.49 70.94
CA LYS C 346 -15.46 -39.89 72.19
C LYS C 346 -16.59 -38.90 71.95
N PHE C 347 -16.58 -38.23 70.79
CA PHE C 347 -17.51 -37.16 70.52
C PHE C 347 -18.62 -37.54 69.56
N ILE C 348 -18.38 -38.48 68.64
CA ILE C 348 -19.29 -38.77 67.54
C ILE C 348 -19.16 -40.27 67.22
N ARG C 349 -20.27 -40.90 66.86
CA ARG C 349 -20.30 -42.36 66.73
C ARG C 349 -20.48 -42.79 65.28
N PRO C 350 -19.50 -43.46 64.67
CA PRO C 350 -19.71 -43.97 63.31
C PRO C 350 -20.42 -45.32 63.31
N ALA C 351 -21.25 -45.50 62.27
CA ALA C 351 -21.79 -46.81 61.90
C ALA C 351 -21.36 -47.06 60.46
N PHE C 352 -20.85 -48.25 60.18
CA PHE C 352 -20.23 -48.50 58.89
C PHE C 352 -21.17 -49.34 58.03
N ALA C 353 -21.79 -48.70 57.04
CA ALA C 353 -22.73 -49.35 56.14
C ALA C 353 -22.00 -49.72 54.85
N SER C 354 -21.75 -51.01 54.65
CA SER C 354 -21.03 -51.50 53.47
C SER C 354 -21.11 -53.02 53.40
N HIS C 355 -21.19 -53.55 52.17
CA HIS C 355 -21.08 -54.98 51.89
C HIS C 355 -19.69 -55.39 51.42
N ASN C 356 -18.72 -54.47 51.43
CA ASN C 356 -17.39 -54.68 50.90
C ASN C 356 -16.46 -55.20 52.00
N VAL C 357 -15.95 -56.43 51.84
CA VAL C 357 -15.14 -57.04 52.91
C VAL C 357 -13.86 -56.25 53.14
N ARG C 358 -13.24 -55.73 52.06
CA ARG C 358 -12.10 -54.84 52.24
C ARG C 358 -12.47 -53.66 53.14
N THR C 359 -13.54 -52.94 52.76
CA THR C 359 -14.01 -51.81 53.56
C THR C 359 -14.26 -52.20 55.01
N LEU C 360 -14.97 -53.32 55.22
CA LEU C 360 -15.27 -53.80 56.57
C LEU C 360 -14.00 -54.16 57.34
N ALA C 361 -13.07 -54.86 56.69
CA ALA C 361 -11.86 -55.25 57.39
C ALA C 361 -11.01 -54.02 57.74
N ALA C 362 -10.98 -53.03 56.87
CA ALA C 362 -10.21 -51.81 57.15
C ALA C 362 -10.75 -51.10 58.40
N CYS C 363 -12.08 -51.00 58.50
CA CYS C 363 -12.67 -50.39 59.68
C CYS C 363 -12.29 -51.14 60.95
N MET C 364 -12.35 -52.48 60.92
CA MET C 364 -12.05 -53.25 62.11
C MET C 364 -10.62 -52.99 62.57
N LEU C 365 -9.66 -53.00 61.64
CA LEU C 365 -8.26 -52.85 62.01
C LEU C 365 -7.98 -51.46 62.56
N TYR C 366 -8.52 -50.43 61.90
CA TYR C 366 -8.35 -49.06 62.39
C TYR C 366 -8.88 -48.91 63.82
N ALA C 367 -10.03 -49.55 64.10
CA ALA C 367 -10.57 -49.52 65.45
C ALA C 367 -9.64 -50.20 66.43
N GLU C 368 -9.05 -51.33 66.02
CA GLU C 368 -8.19 -52.07 66.93
C GLU C 368 -6.87 -51.34 67.19
N LYS C 369 -6.31 -50.69 66.17
CA LYS C 369 -5.10 -49.91 66.43
C LYS C 369 -5.35 -48.81 67.46
N LEU C 370 -6.58 -48.31 67.55
CA LEU C 370 -6.96 -47.27 68.51
C LEU C 370 -7.51 -47.84 69.81
N ASN C 371 -7.46 -49.16 69.99
CA ASN C 371 -7.97 -49.82 71.20
C ASN C 371 -9.44 -49.51 71.45
N ILE C 372 -10.23 -49.34 70.40
CA ILE C 372 -11.68 -49.20 70.55
C ILE C 372 -12.29 -50.58 70.75
N PRO C 373 -13.15 -50.79 71.75
CA PRO C 373 -13.71 -52.13 71.94
C PRO C 373 -14.70 -52.48 70.84
N LYS C 374 -14.80 -53.80 70.60
CA LYS C 374 -15.64 -54.33 69.53
C LYS C 374 -17.09 -53.85 69.66
N GLU C 375 -17.59 -53.78 70.89
CA GLU C 375 -18.98 -53.39 71.14
C GLU C 375 -19.26 -51.93 70.81
N ALA C 376 -18.25 -51.11 70.58
CA ALA C 376 -18.48 -49.71 70.19
C ALA C 376 -18.86 -49.60 68.72
N LEU C 377 -18.43 -50.55 67.90
CA LEU C 377 -18.63 -50.49 66.46
C LEU C 377 -20.05 -50.94 66.09
N GLU C 378 -20.44 -50.59 64.87
CA GLU C 378 -21.71 -51.06 64.32
C GLU C 378 -21.58 -51.13 62.81
N PHE C 379 -22.01 -52.25 62.24
CA PHE C 379 -22.00 -52.46 60.79
C PHE C 379 -23.43 -52.56 60.30
N GLN C 380 -23.66 -52.13 59.04
CA GLN C 380 -25.02 -52.09 58.50
C GLN C 380 -25.01 -52.56 57.05
N MET C 381 -26.03 -53.33 56.69
CA MET C 381 -26.16 -53.87 55.34
C MET C 381 -27.63 -53.90 54.96
N LEU C 382 -27.89 -53.97 53.66
CA LEU C 382 -29.25 -54.01 53.14
C LEU C 382 -29.90 -55.37 53.37
N TYR C 383 -31.18 -55.34 53.71
CA TYR C 383 -31.98 -56.55 53.76
C TYR C 383 -31.91 -57.30 52.44
N GLY C 384 -31.67 -58.61 52.50
CA GLY C 384 -31.57 -59.45 51.32
C GLY C 384 -30.23 -59.45 50.62
N MET C 385 -29.28 -58.60 51.02
CA MET C 385 -27.97 -58.53 50.39
C MET C 385 -26.93 -59.23 51.26
N ALA C 386 -26.03 -59.96 50.61
CA ALA C 386 -24.78 -60.37 51.24
C ALA C 386 -24.99 -61.20 52.51
N GLU C 387 -25.95 -62.12 52.47
CA GLU C 387 -26.20 -63.00 53.62
C GLU C 387 -24.95 -63.68 54.19
N PRO C 388 -24.05 -64.27 53.40
CA PRO C 388 -22.90 -64.95 54.04
C PRO C 388 -21.98 -64.01 54.80
N ILE C 389 -21.80 -62.77 54.32
CA ILE C 389 -20.96 -61.82 55.04
C ILE C 389 -21.65 -61.36 56.31
N LYS C 390 -22.94 -61.04 56.19
CA LYS C 390 -23.74 -60.63 57.33
C LYS C 390 -23.62 -61.60 58.49
N LYS C 391 -23.88 -62.89 58.23
CA LYS C 391 -23.78 -63.89 59.29
C LYS C 391 -22.35 -64.00 59.83
N THR C 392 -21.36 -63.91 58.93
CA THR C 392 -19.96 -63.96 59.38
C THR C 392 -19.65 -62.80 60.32
N ILE C 393 -20.06 -61.59 59.95
CA ILE C 393 -19.83 -60.44 60.83
C ILE C 393 -20.48 -60.67 62.18
N VAL C 394 -21.69 -61.23 62.17
CA VAL C 394 -22.37 -61.52 63.43
C VAL C 394 -21.63 -62.61 64.20
N ASP C 395 -21.22 -63.68 63.52
CA ASP C 395 -20.47 -64.73 64.22
C ASP C 395 -19.19 -64.18 64.82
N MET C 396 -18.58 -63.19 64.18
CA MET C 396 -17.34 -62.64 64.71
C MET C 396 -17.58 -61.75 65.90
N GLY C 397 -18.82 -61.56 66.33
CA GLY C 397 -19.14 -60.85 67.55
C GLY C 397 -19.50 -59.39 67.41
N TYR C 398 -19.64 -58.89 66.18
CA TYR C 398 -19.93 -57.49 65.94
C TYR C 398 -21.44 -57.25 65.88
N ARG C 399 -21.83 -56.00 66.15
CA ARG C 399 -23.22 -55.59 66.05
C ARG C 399 -23.57 -55.29 64.59
N MET C 400 -24.61 -55.95 64.08
CA MET C 400 -25.03 -55.84 62.69
C MET C 400 -26.46 -55.33 62.62
N ARG C 401 -26.70 -54.28 61.81
CA ARG C 401 -28.02 -53.70 61.64
C ARG C 401 -28.46 -53.77 60.19
N GLU C 402 -29.65 -54.32 59.94
CA GLU C 402 -30.17 -54.44 58.58
C GLU C 402 -31.08 -53.28 58.20
N TYR C 403 -30.79 -52.66 57.07
CA TYR C 403 -31.70 -51.70 56.48
C TYR C 403 -32.96 -52.43 56.02
N ALA C 404 -34.12 -52.06 56.57
CA ALA C 404 -35.36 -52.81 56.40
C ALA C 404 -36.43 -51.98 55.71
N PRO C 405 -36.51 -52.02 54.38
CA PRO C 405 -37.52 -51.23 53.68
C PRO C 405 -38.91 -51.82 53.84
N VAL C 406 -39.90 -50.95 53.91
CA VAL C 406 -41.30 -51.32 53.99
C VAL C 406 -42.07 -50.47 53.00
N GLY C 407 -42.94 -51.09 52.22
CA GLY C 407 -43.76 -50.30 51.32
C GLY C 407 -44.40 -51.12 50.21
N GLU C 408 -45.23 -50.40 49.45
CA GLU C 408 -46.05 -50.94 48.37
C GLU C 408 -45.21 -51.24 47.13
N LEU C 409 -45.82 -52.01 46.21
CA LEU C 409 -45.09 -52.54 45.05
C LEU C 409 -44.47 -51.44 44.21
N ILE C 410 -45.16 -50.33 44.02
CA ILE C 410 -44.71 -49.28 43.10
C ILE C 410 -43.43 -48.60 43.62
N PRO C 411 -43.36 -48.06 44.84
CA PRO C 411 -42.03 -47.67 45.36
C PRO C 411 -41.09 -48.87 45.52
N GLY C 412 -41.66 -50.05 45.75
CA GLY C 412 -40.85 -51.26 45.82
C GLY C 412 -40.25 -51.67 44.48
N MET C 413 -40.95 -51.36 43.37
CA MET C 413 -40.41 -51.59 42.05
C MET C 413 -39.36 -50.56 41.67
N ALA C 414 -39.39 -49.36 42.28
CA ALA C 414 -38.29 -48.42 42.12
C ALA C 414 -37.05 -48.88 42.87
N TYR C 415 -37.20 -49.17 44.15
CA TYR C 415 -36.07 -49.58 44.99
C TYR C 415 -35.38 -50.80 44.43
N LEU C 416 -36.16 -51.79 43.98
CA LEU C 416 -35.57 -52.98 43.35
C LEU C 416 -34.67 -52.61 42.18
N VAL C 417 -34.97 -51.50 41.48
CA VAL C 417 -34.15 -51.11 40.33
C VAL C 417 -32.78 -50.63 40.78
N ARG C 418 -32.72 -49.82 41.85
CA ARG C 418 -31.42 -49.45 42.40
C ARG C 418 -30.61 -50.68 42.79
N ARG C 419 -31.26 -51.69 43.40
CA ARG C 419 -30.57 -52.94 43.71
C ARG C 419 -30.06 -53.61 42.45
N LEU C 420 -30.90 -53.69 41.43
CA LEU C 420 -30.48 -54.27 40.15
C LEU C 420 -29.33 -53.48 39.55
N LEU C 421 -29.40 -52.15 39.61
CA LEU C 421 -28.33 -51.32 39.05
C LEU C 421 -27.03 -51.54 39.82
N GLU C 422 -27.10 -51.50 41.14
CA GLU C 422 -25.90 -51.71 41.94
C GLU C 422 -25.33 -53.10 41.70
N ASN C 423 -26.18 -54.13 41.66
CA ASN C 423 -25.70 -55.48 41.56
C ASN C 423 -25.12 -55.79 40.18
N THR C 424 -25.55 -55.08 39.15
CA THR C 424 -24.99 -55.28 37.82
C THR C 424 -23.90 -54.27 37.48
N SER C 425 -23.55 -53.37 38.40
CA SER C 425 -22.53 -52.37 38.11
C SER C 425 -21.15 -53.00 37.98
N ASN C 426 -20.35 -52.47 37.04
CA ASN C 426 -18.99 -52.99 36.86
C ASN C 426 -18.10 -52.72 38.06
N GLU C 427 -18.38 -51.69 38.85
CA GLU C 427 -17.55 -51.35 39.99
C GLU C 427 -17.98 -52.03 41.28
N SER C 428 -19.01 -52.88 41.24
CA SER C 428 -19.49 -53.49 42.48
C SER C 428 -18.47 -54.48 43.04
N TRP C 429 -18.10 -54.29 44.30
CA TRP C 429 -17.18 -55.22 44.95
C TRP C 429 -17.78 -56.62 45.02
N LEU C 430 -19.07 -56.72 45.36
CA LEU C 430 -19.72 -58.03 45.43
C LEU C 430 -19.73 -58.71 44.07
N ARG C 431 -20.01 -57.97 42.99
CA ARG C 431 -19.93 -58.56 41.66
C ARG C 431 -18.52 -59.05 41.35
N GLY C 432 -17.50 -58.26 41.71
CA GLY C 432 -16.13 -58.69 41.47
C GLY C 432 -15.79 -60.00 42.16
N LYS C 433 -16.36 -60.21 43.34
CA LYS C 433 -16.11 -61.43 44.10
C LYS C 433 -16.86 -62.62 43.51
N PHE C 434 -18.17 -62.47 43.30
CA PHE C 434 -19.06 -63.59 43.00
C PHE C 434 -19.32 -63.81 41.51
N ALA C 435 -18.80 -62.96 40.65
CA ALA C 435 -19.05 -63.12 39.22
C ALA C 435 -17.78 -63.04 38.39
N ASP C 436 -16.90 -62.09 38.68
CA ASP C 436 -15.69 -61.90 37.88
C ASP C 436 -14.53 -62.75 38.37
N ASN C 437 -14.69 -63.47 39.49
CA ASN C 437 -13.65 -64.33 40.05
C ASN C 437 -12.29 -63.59 40.08
N LYS C 438 -12.31 -62.38 40.66
CA LYS C 438 -11.09 -61.64 40.88
C LYS C 438 -10.35 -62.23 42.07
N SER C 439 -9.01 -62.11 42.05
CA SER C 439 -8.21 -62.73 43.10
C SER C 439 -8.44 -62.06 44.44
N MET C 440 -8.14 -62.80 45.51
CA MET C 440 -8.30 -62.26 46.85
C MET C 440 -7.36 -61.09 47.07
N ALA C 441 -6.18 -61.15 46.45
CA ALA C 441 -5.22 -60.06 46.59
C ALA C 441 -5.76 -58.77 45.99
N GLU C 442 -6.42 -58.86 44.83
CA GLU C 442 -7.03 -57.69 44.20
C GLU C 442 -8.24 -57.18 45.00
N LEU C 443 -9.04 -58.10 45.56
CA LEU C 443 -10.24 -57.70 46.29
C LEU C 443 -9.91 -56.95 47.58
N LEU C 444 -8.76 -57.26 48.19
CA LEU C 444 -8.42 -56.73 49.50
C LEU C 444 -7.35 -55.65 49.45
N LYS C 445 -6.97 -55.18 48.26
CA LYS C 445 -5.89 -54.22 48.19
C LYS C 445 -6.32 -52.89 48.78
N ASP C 446 -5.34 -52.14 49.29
CA ASP C 446 -5.60 -50.80 49.77
C ASP C 446 -6.05 -49.92 48.62
N PRO C 447 -7.28 -49.39 48.65
CA PRO C 447 -7.72 -48.50 47.57
C PRO C 447 -6.88 -47.25 47.43
N ALA C 448 -6.19 -46.84 48.50
CA ALA C 448 -5.32 -45.66 48.42
C ALA C 448 -4.04 -45.94 47.64
N GLN C 449 -3.69 -47.20 47.42
CA GLN C 449 -2.45 -47.55 46.73
C GLN C 449 -2.54 -47.23 45.25
N GLY C 450 -1.56 -46.50 44.73
CA GLY C 450 -1.58 -46.14 43.33
C GLY C 450 -2.76 -45.28 42.96
N LEU C 451 -3.33 -44.57 43.93
CA LEU C 451 -4.57 -43.83 43.71
C LEU C 451 -4.31 -42.58 42.88
N THR C 452 -4.94 -42.53 41.70
CA THR C 452 -4.91 -41.36 40.85
C THR C 452 -6.19 -40.58 41.05
N PRO C 453 -6.11 -39.33 41.51
CA PRO C 453 -7.33 -38.54 41.70
C PRO C 453 -7.99 -38.16 40.38
N THR C 454 -9.29 -37.89 40.45
CA THR C 454 -10.05 -37.33 39.33
C THR C 454 -10.42 -35.89 39.66
N SER C 455 -10.72 -35.16 38.63
CA SER C 455 -11.14 -33.76 38.67
C SER C 455 -12.64 -33.66 38.53
N PRO C 456 -13.27 -32.73 39.26
CA PRO C 456 -14.72 -32.52 39.08
C PRO C 456 -15.05 -31.81 37.79
N VAL C 457 -14.06 -31.34 37.04
CA VAL C 457 -14.29 -30.57 35.82
C VAL C 457 -14.28 -31.52 34.64
N ILE C 458 -15.40 -31.58 33.93
CA ILE C 458 -15.50 -32.38 32.72
C ILE C 458 -14.78 -31.61 31.62
N PRO C 459 -13.78 -32.20 30.96
CA PRO C 459 -13.08 -31.47 29.89
C PRO C 459 -14.00 -31.19 28.70
N LYS C 460 -13.93 -29.96 28.21
CA LYS C 460 -14.70 -29.50 27.07
C LYS C 460 -14.03 -29.96 25.78
N LYS C 461 -14.78 -30.65 24.91
CA LYS C 461 -14.25 -31.03 23.60
C LYS C 461 -13.97 -29.77 22.78
N PRO C 462 -12.80 -29.66 22.16
CA PRO C 462 -12.49 -28.42 21.42
C PRO C 462 -13.41 -28.25 20.21
N GLY C 463 -13.84 -27.02 19.97
CA GLY C 463 -14.75 -26.79 18.86
C GLY C 463 -16.21 -27.09 19.14
N LYS C 464 -16.53 -27.80 20.23
CA LYS C 464 -17.91 -28.13 20.53
C LYS C 464 -18.58 -26.99 21.29
N PHE C 465 -19.84 -26.71 20.96
CA PHE C 465 -20.61 -25.72 21.68
C PHE C 465 -21.12 -26.25 23.02
N TYR C 466 -21.04 -25.42 24.04
CA TYR C 466 -21.59 -25.71 25.36
C TYR C 466 -22.50 -24.58 25.83
N ASN C 467 -23.60 -24.95 26.46
CA ASN C 467 -24.55 -23.97 26.99
C ASN C 467 -24.01 -23.32 28.25
N GLU C 468 -24.42 -22.08 28.46
CA GLU C 468 -24.06 -21.37 29.69
C GLU C 468 -24.71 -22.05 30.89
N PRO C 469 -23.94 -22.38 31.93
CA PRO C 469 -24.55 -22.94 33.15
C PRO C 469 -25.42 -21.91 33.85
N LEU C 470 -26.52 -22.40 34.43
CA LEU C 470 -27.39 -21.56 35.24
C LEU C 470 -26.84 -21.45 36.66
N LEU C 471 -27.34 -20.46 37.39
CA LEU C 471 -26.94 -20.25 38.77
C LEU C 471 -27.48 -21.37 39.66
N ASP C 472 -26.70 -21.71 40.68
CA ASP C 472 -27.14 -22.62 41.74
C ASP C 472 -27.55 -21.76 42.94
N PHE C 473 -28.85 -21.53 43.10
CA PHE C 473 -29.27 -20.68 44.21
C PHE C 473 -29.19 -21.38 45.57
N ALA C 474 -28.70 -22.62 45.60
CA ALA C 474 -28.29 -23.20 46.88
C ALA C 474 -26.99 -22.59 47.39
N VAL C 475 -26.25 -21.86 46.55
CA VAL C 475 -25.02 -21.18 46.98
C VAL C 475 -25.40 -19.86 47.65
N LYS C 476 -25.05 -19.72 48.93
CA LYS C 476 -25.49 -18.56 49.71
C LYS C 476 -24.97 -17.25 49.10
N ALA C 477 -23.72 -17.24 48.64
CA ALA C 477 -23.17 -16.03 48.05
C ALA C 477 -23.96 -15.58 46.81
N ASP C 478 -24.56 -16.52 46.07
CA ASP C 478 -25.36 -16.15 44.89
C ASP C 478 -26.73 -15.59 45.27
N ARG C 479 -27.38 -16.14 46.30
CA ARG C 479 -28.60 -15.52 46.81
C ARG C 479 -28.32 -14.09 47.25
N GLU C 480 -27.18 -13.88 47.92
CA GLU C 480 -26.84 -12.55 48.43
C GLU C 480 -26.57 -11.57 47.29
N LYS C 481 -25.85 -11.99 46.24
CA LYS C 481 -25.65 -11.11 45.10
C LYS C 481 -26.98 -10.77 44.44
N MET C 482 -27.90 -11.74 44.41
CA MET C 482 -29.23 -11.52 43.84
C MET C 482 -30.02 -10.51 44.66
N LEU C 483 -30.01 -10.63 45.99
CA LEU C 483 -30.73 -9.68 46.82
C LEU C 483 -30.12 -8.29 46.73
N LYS C 484 -28.79 -8.22 46.63
CA LYS C 484 -28.14 -6.93 46.45
C LYS C 484 -28.53 -6.29 45.13
N ALA C 485 -28.56 -7.08 44.05
CA ALA C 485 -28.92 -6.53 42.73
C ALA C 485 -30.37 -6.06 42.71
N LEU C 486 -31.27 -6.78 43.37
CA LEU C 486 -32.66 -6.34 43.45
C LEU C 486 -32.78 -5.02 44.20
N ALA C 487 -32.04 -4.86 45.29
CA ALA C 487 -32.11 -3.61 46.04
C ALA C 487 -31.62 -2.44 45.21
N GLU C 488 -30.50 -2.63 44.51
CA GLU C 488 -29.95 -1.56 43.70
C GLU C 488 -30.85 -1.23 42.52
N ALA C 489 -31.48 -2.24 41.93
CA ALA C 489 -32.45 -1.96 40.88
C ALA C 489 -33.64 -1.16 41.43
N LYS C 490 -34.18 -1.58 42.58
CA LYS C 490 -35.34 -0.87 43.11
C LYS C 490 -35.00 0.59 43.42
N ALA C 491 -33.80 0.84 43.93
CA ALA C 491 -33.44 2.22 44.24
C ALA C 491 -33.24 3.07 43.00
N SER C 492 -33.07 2.46 41.83
CA SER C 492 -32.88 3.22 40.61
C SER C 492 -34.19 3.51 39.88
N LEU C 493 -35.32 3.00 40.35
CA LEU C 493 -36.59 3.18 39.67
C LEU C 493 -37.10 4.61 39.89
N PRO C 494 -37.74 5.21 38.87
CA PRO C 494 -37.99 4.62 37.55
C PRO C 494 -36.78 4.79 36.63
N VAL C 495 -36.58 3.82 35.75
CA VAL C 495 -35.49 3.92 34.78
C VAL C 495 -35.98 4.75 33.60
N ASN C 496 -35.30 5.85 33.31
CA ASN C 496 -35.60 6.67 32.15
C ASN C 496 -34.89 6.11 30.93
N VAL C 497 -35.67 5.68 29.94
CA VAL C 497 -35.14 5.00 28.75
C VAL C 497 -35.26 5.91 27.54
N ASN C 498 -34.15 6.06 26.81
CA ASN C 498 -34.08 6.89 25.61
C ASN C 498 -34.00 6.03 24.35
N ILE C 499 -34.44 6.63 23.24
CA ILE C 499 -34.15 6.12 21.91
C ILE C 499 -32.65 6.28 21.65
N VAL C 500 -32.05 5.33 20.92
CA VAL C 500 -30.63 5.37 20.57
C VAL C 500 -30.47 5.09 19.08
N ILE C 501 -30.05 6.10 18.32
CA ILE C 501 -29.77 5.95 16.90
C ILE C 501 -28.36 6.44 16.65
N ASN C 502 -27.54 5.64 15.94
CA ASN C 502 -26.13 5.98 15.72
C ASN C 502 -25.41 6.26 17.03
N ASN C 503 -25.69 5.47 18.06
CA ASN C 503 -25.11 5.64 19.38
C ASN C 503 -25.43 7.00 20.00
N LYS C 504 -26.48 7.70 19.56
CA LYS C 504 -26.87 8.98 20.13
C LYS C 504 -28.22 8.84 20.82
N GLU C 505 -28.32 9.35 22.05
CA GLU C 505 -29.58 9.26 22.79
C GLU C 505 -30.52 10.38 22.37
N LEU C 506 -31.76 10.02 22.09
CA LEU C 506 -32.76 10.95 21.63
C LEU C 506 -34.03 10.78 22.46
N GLN C 507 -34.81 11.85 22.51
CA GLN C 507 -36.09 11.88 23.18
C GLN C 507 -37.18 12.25 22.20
N SER C 508 -38.40 11.84 22.53
CA SER C 508 -39.57 12.21 21.75
C SER C 508 -40.54 13.08 22.53
N GLY C 509 -40.47 13.06 23.86
CA GLY C 509 -41.46 13.75 24.66
C GLY C 509 -42.71 12.95 24.92
N LYS C 510 -42.88 11.80 24.25
CA LYS C 510 -44.03 10.93 24.47
C LYS C 510 -43.58 9.80 25.38
N ILE C 511 -44.01 9.83 26.64
CA ILE C 511 -43.49 8.92 27.66
C ILE C 511 -44.54 7.85 27.98
N PHE C 512 -44.14 6.58 27.86
CA PHE C 512 -44.95 5.45 28.29
C PHE C 512 -44.41 4.96 29.63
N ASP C 513 -45.29 4.90 30.65
CA ASP C 513 -44.95 4.40 31.98
C ASP C 513 -45.19 2.90 32.06
N ARG C 514 -44.14 2.14 32.37
CA ARG C 514 -44.23 0.70 32.50
C ARG C 514 -44.18 0.33 33.98
N VAL C 515 -45.30 -0.19 34.52
CA VAL C 515 -45.41 -0.51 35.93
C VAL C 515 -44.84 -1.90 36.20
N ASN C 516 -44.54 -2.14 37.47
CA ASN C 516 -44.16 -3.45 38.01
C ASN C 516 -45.37 -4.38 38.04
N PRO C 517 -45.40 -5.46 37.27
CA PRO C 517 -46.61 -6.30 37.24
C PRO C 517 -46.89 -7.02 38.55
N SER C 518 -45.90 -7.14 39.44
CA SER C 518 -46.11 -7.69 40.78
C SER C 518 -46.58 -6.64 41.78
N GLN C 519 -46.45 -5.36 41.44
CA GLN C 519 -46.81 -4.28 42.36
C GLN C 519 -47.13 -3.05 41.51
N SER C 520 -48.35 -3.00 40.98
CA SER C 520 -48.70 -2.17 39.82
C SER C 520 -48.76 -0.68 40.11
N ASP C 521 -48.58 -0.25 41.36
CA ASP C 521 -48.46 1.17 41.66
C ASP C 521 -47.02 1.67 41.57
N GLN C 522 -46.07 0.82 41.22
CA GLN C 522 -44.67 1.19 41.10
C GLN C 522 -44.26 1.26 39.62
N ILE C 523 -43.72 2.39 39.22
CA ILE C 523 -43.27 2.57 37.85
C ILE C 523 -41.82 2.10 37.76
N VAL C 524 -41.58 1.14 36.88
CA VAL C 524 -40.25 0.58 36.67
C VAL C 524 -39.51 1.30 35.54
N GLY C 525 -40.23 1.63 34.49
CA GLY C 525 -39.63 2.31 33.34
C GLY C 525 -40.47 3.48 32.89
N LYS C 526 -39.79 4.55 32.47
CA LYS C 526 -40.38 5.66 31.74
C LYS C 526 -39.73 5.67 30.36
N ILE C 527 -40.50 5.28 29.35
CA ILE C 527 -39.97 4.95 28.04
C ILE C 527 -40.25 6.09 27.07
N GLN C 528 -39.19 6.63 26.45
CA GLN C 528 -39.32 7.50 25.30
C GLN C 528 -39.84 6.70 24.11
N MET C 529 -41.01 7.07 23.61
CA MET C 529 -41.65 6.35 22.51
C MET C 529 -41.42 7.09 21.20
N ALA C 530 -40.75 6.44 20.25
CA ALA C 530 -40.26 7.15 19.08
C ALA C 530 -41.39 7.56 18.13
N THR C 531 -41.14 8.63 17.37
CA THR C 531 -41.97 9.08 16.26
C THR C 531 -41.60 8.34 14.98
N THR C 532 -42.48 8.48 13.99
CA THR C 532 -42.15 7.90 12.69
C THR C 532 -40.98 8.62 12.04
N GLU C 533 -40.81 9.91 12.32
CA GLU C 533 -39.60 10.61 11.85
C GLU C 533 -38.36 9.98 12.46
N GLN C 534 -38.41 9.63 13.74
CA GLN C 534 -37.26 8.98 14.34
C GLN C 534 -37.08 7.58 13.81
N ALA C 535 -38.17 6.89 13.48
CA ALA C 535 -38.04 5.60 12.82
C ALA C 535 -37.35 5.77 11.47
N GLU C 536 -37.66 6.86 10.75
CA GLU C 536 -36.98 7.11 9.49
C GLU C 536 -35.48 7.36 9.68
N GLN C 537 -35.09 8.11 10.73
CA GLN C 537 -33.65 8.26 11.00
C GLN C 537 -32.98 6.91 11.31
N ALA C 538 -33.66 6.05 12.07
CA ALA C 538 -33.07 4.75 12.37
C ALA C 538 -32.84 3.93 11.10
N MET C 539 -33.81 3.93 10.18
CA MET C 539 -33.63 3.23 8.91
C MET C 539 -32.45 3.80 8.12
N GLN C 540 -32.34 5.13 8.08
CA GLN C 540 -31.22 5.77 7.38
C GLN C 540 -29.90 5.44 8.05
N ALA C 541 -29.86 5.49 9.39
CA ALA C 541 -28.62 5.17 10.10
C ALA C 541 -28.18 3.73 9.85
N ALA C 542 -29.14 2.80 9.86
CA ALA C 542 -28.81 1.40 9.63
C ALA C 542 -28.39 1.14 8.19
N GLN C 543 -29.06 1.78 7.23
CA GLN C 543 -28.70 1.60 5.82
C GLN C 543 -27.31 2.14 5.55
N THR C 544 -27.00 3.31 6.09
CA THR C 544 -25.67 3.91 5.95
C THR C 544 -24.59 3.01 6.56
N ALA C 545 -24.81 2.55 7.80
CA ALA C 545 -23.82 1.68 8.44
C ALA C 545 -23.65 0.35 7.69
N TYR C 546 -24.70 -0.13 7.02
CA TYR C 546 -24.58 -1.41 6.32
C TYR C 546 -23.48 -1.38 5.26
N LYS C 547 -23.27 -0.22 4.64
CA LYS C 547 -22.30 -0.10 3.55
C LYS C 547 -20.90 -0.52 3.99
N THR C 548 -20.54 -0.24 5.25
CA THR C 548 -19.24 -0.65 5.75
C THR C 548 -19.31 -1.90 6.63
N TRP C 549 -20.38 -2.05 7.43
CA TRP C 549 -20.49 -3.19 8.33
C TRP C 549 -20.54 -4.51 7.55
N LYS C 550 -21.16 -4.51 6.36
CA LYS C 550 -21.20 -5.72 5.55
C LYS C 550 -19.82 -6.17 5.10
N ASN C 551 -18.82 -5.31 5.17
CA ASN C 551 -17.47 -5.70 4.77
C ASN C 551 -16.58 -6.02 5.97
N VAL C 552 -17.09 -5.91 7.20
CA VAL C 552 -16.28 -6.32 8.36
C VAL C 552 -16.10 -7.83 8.35
N PRO C 553 -14.88 -8.35 8.48
CA PRO C 553 -14.70 -9.81 8.42
C PRO C 553 -15.51 -10.54 9.47
N CYS C 554 -16.01 -11.73 9.09
CA CYS C 554 -16.85 -12.54 9.96
C CYS C 554 -16.23 -12.73 11.34
N GLU C 555 -14.93 -13.02 11.36
CA GLU C 555 -14.23 -13.25 12.62
C GLU C 555 -14.39 -12.08 13.57
N GLN C 556 -14.30 -10.86 13.05
CA GLN C 556 -14.38 -9.67 13.88
C GLN C 556 -15.81 -9.38 14.32
N ARG C 557 -16.79 -9.61 13.44
CA ARG C 557 -18.18 -9.48 13.87
C ARG C 557 -18.47 -10.51 14.95
N ALA C 558 -17.98 -11.74 14.77
CA ALA C 558 -18.19 -12.78 15.76
C ALA C 558 -17.55 -12.41 17.09
N ALA C 559 -16.38 -11.76 17.05
CA ALA C 559 -15.71 -11.35 18.29
C ALA C 559 -16.52 -10.29 19.02
N LEU C 560 -17.18 -9.38 18.30
CA LEU C 560 -18.03 -8.42 18.99
C LEU C 560 -19.21 -9.14 19.66
N VAL C 561 -19.76 -10.17 19.02
CA VAL C 561 -20.86 -10.93 19.63
C VAL C 561 -20.40 -11.69 20.87
N ASP C 562 -19.19 -12.27 20.82
CA ASP C 562 -18.63 -12.92 22.02
C ASP C 562 -18.40 -11.91 23.15
N LYS C 563 -17.95 -10.71 22.81
CA LYS C 563 -17.74 -9.73 23.87
C LYS C 563 -19.07 -9.35 24.51
N LEU C 564 -20.13 -9.23 23.70
CA LEU C 564 -21.46 -8.98 24.26
C LEU C 564 -21.85 -10.07 25.25
N ALA C 565 -21.60 -11.33 24.87
CA ALA C 565 -21.87 -12.45 25.77
C ALA C 565 -21.02 -12.34 27.05
N ASP C 566 -19.76 -11.90 26.94
CA ASP C 566 -18.93 -11.73 28.12
C ASP C 566 -19.47 -10.64 29.03
N ILE C 567 -19.97 -9.54 28.44
CA ILE C 567 -20.55 -8.47 29.24
C ILE C 567 -21.81 -8.96 29.97
N MET C 568 -22.66 -9.71 29.26
CA MET C 568 -23.81 -10.34 29.90
C MET C 568 -23.39 -11.25 31.05
N THR C 569 -22.31 -12.02 30.86
CA THR C 569 -21.85 -12.90 31.93
C THR C 569 -21.47 -12.10 33.16
N ARG C 570 -20.75 -10.99 32.94
CA ARG C 570 -20.33 -10.13 34.04
C ARG C 570 -21.51 -9.50 34.76
N ASP C 571 -22.53 -9.06 34.02
CA ASP C 571 -23.63 -8.31 34.60
C ASP C 571 -24.83 -9.19 34.91
N ARG C 572 -24.60 -10.48 35.09
CA ARG C 572 -25.67 -11.46 35.18
C ARG C 572 -26.73 -11.08 36.22
N PHE C 573 -26.32 -10.74 37.44
CA PHE C 573 -27.31 -10.48 38.49
C PHE C 573 -28.09 -9.20 38.21
N LYS C 574 -27.41 -8.18 37.71
CA LYS C 574 -28.08 -6.95 37.27
C LYS C 574 -29.17 -7.28 36.25
N LEU C 575 -28.83 -8.09 35.24
CA LEU C 575 -29.77 -8.42 34.18
C LEU C 575 -30.96 -9.21 34.70
N ILE C 576 -30.73 -10.13 35.65
CA ILE C 576 -31.82 -10.89 36.27
C ILE C 576 -32.78 -9.94 36.99
N ALA C 577 -32.24 -9.04 37.80
CA ALA C 577 -33.06 -8.14 38.59
C ALA C 577 -33.99 -7.32 37.71
N THR C 578 -33.50 -6.85 36.56
CA THR C 578 -34.35 -6.06 35.66
C THR C 578 -35.55 -6.88 35.18
N GLN C 579 -35.30 -8.13 34.78
CA GLN C 579 -36.40 -8.98 34.34
C GLN C 579 -37.34 -9.33 35.49
N VAL C 580 -36.81 -9.52 36.70
CA VAL C 580 -37.66 -9.81 37.85
C VAL C 580 -38.67 -8.69 38.06
N LEU C 581 -38.19 -7.44 38.04
CA LEU C 581 -39.03 -6.30 38.41
C LEU C 581 -39.89 -5.80 37.26
N GLU C 582 -39.36 -5.77 36.03
CA GLU C 582 -40.10 -5.18 34.93
C GLU C 582 -41.09 -6.16 34.31
N VAL C 583 -40.73 -7.44 34.25
CA VAL C 583 -41.54 -8.43 33.54
C VAL C 583 -42.17 -9.44 34.49
N GLY C 584 -41.78 -9.43 35.78
CA GLY C 584 -42.31 -10.41 36.71
C GLY C 584 -41.76 -11.81 36.55
N LYS C 585 -40.59 -11.95 35.94
CA LYS C 585 -39.98 -13.26 35.77
C LYS C 585 -39.43 -13.74 37.11
N PRO C 586 -39.83 -14.92 37.59
CA PRO C 586 -39.23 -15.44 38.82
C PRO C 586 -37.72 -15.61 38.66
N TRP C 587 -37.01 -15.61 39.79
CA TRP C 587 -35.54 -15.66 39.80
C TRP C 587 -34.99 -16.67 38.79
N ALA C 588 -35.42 -17.93 38.91
CA ALA C 588 -34.81 -18.96 38.08
C ALA C 588 -35.20 -18.81 36.61
N GLU C 589 -36.42 -18.36 36.34
CA GLU C 589 -36.81 -18.08 34.96
C GLU C 589 -35.95 -16.96 34.37
N ALA C 590 -35.76 -15.88 35.15
CA ALA C 590 -34.93 -14.78 34.69
C ALA C 590 -33.49 -15.24 34.47
N ASP C 591 -32.96 -16.06 35.38
CA ASP C 591 -31.62 -16.59 35.19
C ASP C 591 -31.55 -17.39 33.89
N GLY C 592 -32.55 -18.26 33.65
CA GLY C 592 -32.57 -19.02 32.41
C GLY C 592 -32.59 -18.12 31.19
N ASP C 593 -33.28 -16.98 31.27
CA ASP C 593 -33.31 -16.05 30.15
C ASP C 593 -31.91 -15.50 29.84
N ILE C 594 -31.17 -15.10 30.87
CA ILE C 594 -29.83 -14.58 30.65
C ILE C 594 -28.94 -15.67 30.05
N GLY C 595 -29.03 -16.89 30.57
CA GLY C 595 -28.24 -17.97 30.01
C GLY C 595 -28.56 -18.20 28.54
N GLU C 596 -29.84 -18.18 28.19
CA GLU C 596 -30.23 -18.35 26.80
C GLU C 596 -29.69 -17.23 25.94
N ALA C 597 -29.73 -15.99 26.45
CA ALA C 597 -29.19 -14.85 25.70
C ALA C 597 -27.70 -15.02 25.44
N ILE C 598 -26.95 -15.46 26.45
CA ILE C 598 -25.53 -15.77 26.25
C ILE C 598 -25.38 -16.90 25.23
N ASP C 599 -26.25 -17.89 25.30
CA ASP C 599 -26.20 -19.02 24.38
C ASP C 599 -26.40 -18.60 22.93
N PHE C 600 -27.39 -17.74 22.66
CA PHE C 600 -27.61 -17.28 21.29
C PHE C 600 -26.35 -16.58 20.77
N CYS C 601 -25.80 -15.68 21.58
CA CYS C 601 -24.56 -15.00 21.21
C CYS C 601 -23.46 -15.99 20.81
N ARG C 602 -23.12 -16.93 21.70
CA ARG C 602 -21.96 -17.78 21.42
C ARG C 602 -22.26 -18.75 20.28
N TYR C 603 -23.49 -19.25 20.20
CA TYR C 603 -23.84 -20.20 19.14
C TYR C 603 -23.81 -19.55 17.77
N TYR C 604 -24.40 -18.37 17.62
CA TYR C 604 -24.41 -17.75 16.29
C TYR C 604 -23.01 -17.27 15.92
N ALA C 605 -22.22 -16.82 16.89
CA ALA C 605 -20.85 -16.45 16.62
C ALA C 605 -20.06 -17.66 16.16
N ARG C 606 -20.25 -18.79 16.83
CA ARG C 606 -19.60 -20.03 16.40
C ARG C 606 -20.06 -20.41 15.00
N HIS C 607 -21.36 -20.32 14.75
CA HIS C 607 -21.88 -20.72 13.44
C HIS C 607 -21.35 -19.81 12.35
N MET C 608 -21.28 -18.50 12.59
CA MET C 608 -20.73 -17.61 11.56
C MET C 608 -19.28 -17.96 11.25
N ARG C 609 -18.52 -18.41 12.27
CA ARG C 609 -17.13 -18.81 12.06
C ARG C 609 -16.99 -20.06 11.19
N GLU C 610 -17.97 -20.96 11.23
CA GLU C 610 -17.97 -22.08 10.29
C GLU C 610 -18.34 -21.59 8.88
N LEU C 611 -19.43 -20.82 8.78
CA LEU C 611 -19.98 -20.44 7.49
C LEU C 611 -19.13 -19.39 6.76
N GLN C 612 -18.12 -18.81 7.43
CA GLN C 612 -17.25 -17.85 6.76
C GLN C 612 -16.34 -18.51 5.73
N LYS C 613 -16.13 -19.82 5.83
CA LYS C 613 -15.18 -20.48 4.96
C LYS C 613 -15.86 -20.79 3.62
N PRO C 614 -15.32 -20.35 2.50
CA PRO C 614 -15.93 -20.67 1.21
C PRO C 614 -15.92 -22.18 0.98
N LEU C 615 -17.05 -22.69 0.51
CA LEU C 615 -17.23 -24.12 0.34
C LEU C 615 -16.92 -24.50 -1.11
N ARG C 616 -15.86 -25.29 -1.31
CA ARG C 616 -15.51 -25.77 -2.66
C ARG C 616 -16.62 -26.68 -3.19
N VAL C 617 -17.11 -26.38 -4.40
CA VAL C 617 -18.12 -27.22 -5.03
C VAL C 617 -17.63 -27.65 -6.40
N GLY C 618 -18.13 -28.80 -6.83
CA GLY C 618 -17.74 -29.32 -8.14
C GLY C 618 -16.37 -29.94 -8.07
N GLY C 619 -15.35 -29.13 -7.82
CA GLY C 619 -14.00 -29.64 -7.68
C GLY C 619 -13.35 -30.02 -8.98
N LEU C 620 -13.74 -29.42 -10.08
CA LEU C 620 -13.09 -29.78 -11.34
C LEU C 620 -11.74 -29.06 -11.47
N PRO C 621 -10.75 -29.67 -12.13
CA PRO C 621 -9.51 -28.92 -12.42
C PRO C 621 -9.77 -27.82 -13.43
N GLY C 622 -9.01 -26.73 -13.30
CA GLY C 622 -9.10 -25.59 -14.19
C GLY C 622 -10.25 -24.65 -13.92
N GLU C 623 -11.09 -24.92 -12.92
CA GLU C 623 -12.19 -24.01 -12.59
C GLU C 623 -12.41 -24.04 -11.08
N LEU C 624 -12.13 -22.92 -10.42
CA LEU C 624 -12.43 -22.79 -9.00
C LEU C 624 -13.89 -22.38 -8.85
N SER C 625 -14.61 -23.08 -7.99
CA SER C 625 -16.00 -22.76 -7.74
C SER C 625 -16.30 -22.89 -6.26
N HIS C 626 -16.87 -21.82 -5.68
CA HIS C 626 -17.13 -21.78 -4.24
C HIS C 626 -18.54 -21.30 -3.94
N TYR C 627 -19.16 -21.94 -2.96
CA TYR C 627 -20.48 -21.59 -2.44
C TYR C 627 -20.27 -20.78 -1.16
N ILE C 628 -20.84 -19.58 -1.10
CA ILE C 628 -20.61 -18.64 0.00
C ILE C 628 -21.94 -18.01 0.41
N TYR C 629 -21.91 -17.27 1.52
CA TYR C 629 -23.05 -16.53 2.04
C TYR C 629 -22.74 -15.05 2.09
N LYS C 630 -23.76 -14.26 1.77
CA LYS C 630 -23.75 -12.80 1.78
C LYS C 630 -24.79 -12.32 2.78
N SER C 631 -24.59 -11.12 3.33
CA SER C 631 -25.65 -10.49 4.11
C SER C 631 -26.75 -9.98 3.18
N ARG C 632 -27.90 -9.61 3.76
CA ARG C 632 -29.06 -9.12 3.01
C ARG C 632 -29.27 -7.61 3.10
N GLY C 633 -29.11 -6.99 4.26
CA GLY C 633 -29.37 -5.56 4.40
C GLY C 633 -29.90 -5.22 5.78
N VAL C 634 -30.78 -4.21 5.82
CA VAL C 634 -31.33 -3.76 7.10
C VAL C 634 -32.35 -4.78 7.60
N THR C 635 -32.20 -5.20 8.85
CA THR C 635 -33.09 -6.16 9.48
C THR C 635 -33.95 -5.46 10.50
N ALA C 636 -35.28 -5.61 10.37
CA ALA C 636 -36.21 -5.13 11.38
C ALA C 636 -36.46 -6.24 12.39
N VAL C 637 -36.21 -5.95 13.67
CA VAL C 637 -36.37 -6.89 14.77
C VAL C 637 -37.49 -6.39 15.67
N ILE C 638 -38.58 -7.15 15.75
CA ILE C 638 -39.74 -6.78 16.52
C ILE C 638 -39.96 -7.91 17.52
N ALA C 639 -39.60 -7.67 18.78
CA ALA C 639 -39.36 -8.74 19.73
C ALA C 639 -40.44 -8.81 20.80
N PRO C 640 -40.69 -9.98 21.38
CA PRO C 640 -41.75 -10.10 22.39
C PRO C 640 -41.23 -9.73 23.77
N TRP C 641 -42.14 -9.77 24.75
CA TRP C 641 -41.76 -9.43 26.12
C TRP C 641 -41.46 -10.64 26.99
N ASN C 642 -41.88 -11.85 26.62
CA ASN C 642 -41.90 -12.95 27.60
C ASN C 642 -40.53 -13.57 27.83
N PHE C 643 -39.64 -13.54 26.84
CA PHE C 643 -38.22 -13.83 27.05
C PHE C 643 -37.50 -12.54 26.69
N PRO C 644 -37.51 -11.54 27.60
CA PRO C 644 -37.24 -10.16 27.18
C PRO C 644 -35.80 -9.87 26.78
N LEU C 645 -34.83 -10.65 27.26
CA LEU C 645 -33.45 -10.49 26.79
C LEU C 645 -33.06 -11.55 25.76
N ALA C 646 -33.39 -12.81 26.00
CA ALA C 646 -32.87 -13.90 25.16
C ALA C 646 -33.36 -13.81 23.72
N ILE C 647 -34.69 -13.75 23.52
CA ILE C 647 -35.21 -13.80 22.15
C ILE C 647 -34.75 -12.57 21.36
N LEU C 648 -34.88 -11.38 21.96
CA LEU C 648 -34.37 -10.17 21.34
C LEU C 648 -32.88 -10.31 21.02
N ALA C 649 -32.11 -10.79 21.98
CA ALA C 649 -30.68 -10.91 21.75
C ALA C 649 -30.40 -11.90 20.62
N GLY C 650 -31.15 -13.00 20.58
CA GLY C 650 -30.97 -13.97 19.50
C GLY C 650 -31.26 -13.38 18.13
N MET C 651 -32.35 -12.64 18.01
CA MET C 651 -32.67 -12.02 16.72
C MET C 651 -31.59 -11.02 16.32
N VAL C 652 -31.14 -10.21 17.27
CA VAL C 652 -30.22 -9.12 16.97
C VAL C 652 -28.84 -9.69 16.61
N THR C 653 -28.32 -10.61 17.42
CA THR C 653 -26.97 -11.10 17.16
C THR C 653 -26.93 -11.94 15.88
N ALA C 654 -27.97 -12.74 15.61
CA ALA C 654 -27.95 -13.51 14.37
C ALA C 654 -27.91 -12.60 13.15
N ALA C 655 -28.76 -11.58 13.12
CA ALA C 655 -28.75 -10.62 12.00
C ALA C 655 -27.41 -9.90 11.91
N ALA C 656 -26.95 -9.34 13.02
CA ALA C 656 -25.74 -8.53 12.98
C ALA C 656 -24.52 -9.38 12.68
N VAL C 657 -24.39 -10.56 13.30
CA VAL C 657 -23.18 -11.36 13.04
C VAL C 657 -23.15 -11.85 11.60
N ALA C 658 -24.32 -12.00 10.97
CA ALA C 658 -24.37 -12.39 9.57
C ALA C 658 -24.00 -11.24 8.65
N GLY C 659 -23.67 -10.07 9.17
CA GLY C 659 -23.30 -8.94 8.36
C GLY C 659 -24.41 -7.95 8.09
N ASN C 660 -25.59 -8.14 8.66
CA ASN C 660 -26.66 -7.16 8.51
C ASN C 660 -26.59 -6.08 9.59
N THR C 661 -27.27 -4.95 9.32
CA THR C 661 -27.56 -3.96 10.34
C THR C 661 -29.01 -4.10 10.80
N VAL C 662 -29.32 -3.47 11.93
CA VAL C 662 -30.50 -3.82 12.71
C VAL C 662 -31.18 -2.55 13.22
N VAL C 663 -32.50 -2.50 13.08
CA VAL C 663 -33.35 -1.60 13.86
C VAL C 663 -34.23 -2.48 14.74
N MET C 664 -34.04 -2.39 16.05
CA MET C 664 -34.81 -3.23 16.97
C MET C 664 -35.94 -2.42 17.60
N LYS C 665 -37.14 -2.98 17.57
CA LYS C 665 -38.32 -2.38 18.18
C LYS C 665 -38.74 -3.27 19.34
N PRO C 666 -38.30 -3.00 20.55
CA PRO C 666 -38.66 -3.87 21.68
C PRO C 666 -40.11 -3.70 22.06
N ALA C 667 -40.61 -4.71 22.76
CA ALA C 667 -41.96 -4.68 23.30
C ALA C 667 -42.07 -3.63 24.39
N GLU C 668 -43.19 -2.90 24.40
CA GLU C 668 -43.37 -1.84 25.39
C GLU C 668 -43.38 -2.37 26.81
N GLN C 669 -43.70 -3.65 27.00
CA GLN C 669 -43.71 -4.21 28.35
C GLN C 669 -42.31 -4.52 28.88
N SER C 670 -41.30 -4.59 28.02
CA SER C 670 -40.00 -5.04 28.47
C SER C 670 -38.91 -4.18 27.86
N THR C 671 -39.19 -2.88 27.72
CA THR C 671 -38.20 -2.01 27.10
C THR C 671 -37.05 -1.67 28.04
N VAL C 672 -37.29 -1.66 29.35
CA VAL C 672 -36.15 -1.48 30.26
C VAL C 672 -35.15 -2.61 30.08
N VAL C 673 -35.64 -3.85 29.88
CA VAL C 673 -34.73 -4.96 29.61
C VAL C 673 -33.95 -4.69 28.33
N ALA C 674 -34.66 -4.28 27.27
CA ALA C 674 -33.99 -4.06 25.99
C ALA C 674 -32.99 -2.90 26.07
N TRP C 675 -33.30 -1.89 26.89
CA TRP C 675 -32.38 -0.77 27.13
C TRP C 675 -31.05 -1.27 27.69
N GLY C 676 -31.09 -2.21 28.63
CA GLY C 676 -29.86 -2.82 29.10
C GLY C 676 -29.07 -3.49 28.01
N LEU C 677 -29.77 -4.15 27.08
CA LEU C 677 -29.10 -4.80 25.95
C LEU C 677 -28.41 -3.77 25.07
N MET C 678 -29.09 -2.65 24.80
CA MET C 678 -28.48 -1.62 23.95
C MET C 678 -27.23 -1.05 24.61
N LYS C 679 -27.26 -0.87 25.93
CA LYS C 679 -26.07 -0.39 26.64
C LYS C 679 -24.91 -1.39 26.55
N MET C 680 -25.21 -2.69 26.63
CA MET C 680 -24.14 -3.69 26.50
C MET C 680 -23.62 -3.80 25.06
N ILE C 681 -24.49 -3.64 24.07
CA ILE C 681 -24.07 -3.59 22.67
C ILE C 681 -23.14 -2.39 22.45
N GLN C 682 -23.48 -1.24 23.03
CA GLN C 682 -22.57 -0.10 22.94
C GLN C 682 -21.25 -0.38 23.65
N GLU C 683 -21.28 -1.02 24.83
CA GLU C 683 -20.05 -1.32 25.54
C GLU C 683 -19.19 -2.35 24.83
N ALA C 684 -19.82 -3.33 24.17
CA ALA C 684 -19.08 -4.33 23.42
C ALA C 684 -18.32 -3.72 22.25
N GLY C 685 -18.77 -2.58 21.74
CA GLY C 685 -18.07 -1.85 20.71
C GLY C 685 -18.63 -1.92 19.30
N PHE C 686 -19.92 -2.22 19.12
CA PHE C 686 -20.52 -2.22 17.80
C PHE C 686 -20.51 -0.81 17.22
N PRO C 687 -20.02 -0.61 15.98
CA PRO C 687 -19.95 0.75 15.42
C PRO C 687 -21.32 1.40 15.33
N GLN C 688 -21.31 2.74 15.33
CA GLN C 688 -22.56 3.50 15.30
C GLN C 688 -23.43 3.10 14.12
N GLY C 689 -24.73 2.91 14.40
CA GLY C 689 -25.70 2.61 13.38
C GLY C 689 -25.84 1.13 13.04
N VAL C 690 -24.89 0.29 13.46
CA VAL C 690 -25.02 -1.14 13.15
C VAL C 690 -26.25 -1.71 13.84
N ILE C 691 -26.50 -1.30 15.08
CA ILE C 691 -27.68 -1.69 15.83
C ILE C 691 -28.32 -0.42 16.40
N ASN C 692 -29.61 -0.24 16.14
CA ASN C 692 -30.33 0.95 16.58
C ASN C 692 -31.50 0.56 17.47
N PHE C 693 -31.75 1.39 18.48
CA PHE C 693 -32.70 1.11 19.56
C PHE C 693 -33.92 2.02 19.39
N LEU C 694 -35.04 1.44 18.98
CA LEU C 694 -36.22 2.20 18.56
C LEU C 694 -37.44 1.75 19.38
N PRO C 695 -37.49 2.10 20.67
CA PRO C 695 -38.69 1.80 21.45
C PRO C 695 -39.88 2.62 20.96
N GLY C 696 -41.08 2.09 21.18
CA GLY C 696 -42.29 2.75 20.74
C GLY C 696 -43.42 1.76 20.53
N TYR C 697 -44.48 2.25 19.91
CA TYR C 697 -45.70 1.48 19.69
C TYR C 697 -45.63 0.65 18.41
N GLY C 698 -46.04 -0.61 18.51
CA GLY C 698 -46.00 -1.49 17.35
C GLY C 698 -46.81 -0.97 16.18
N GLU C 699 -48.00 -0.41 16.45
CA GLU C 699 -48.83 0.14 15.38
C GLU C 699 -48.22 1.41 14.77
N GLU C 700 -47.19 1.96 15.38
CA GLU C 700 -46.61 3.22 14.91
C GLU C 700 -45.24 2.97 14.29
N VAL C 701 -44.21 2.80 15.12
CA VAL C 701 -42.87 2.62 14.59
C VAL C 701 -42.61 1.17 14.15
N GLY C 702 -43.33 0.20 14.72
CA GLY C 702 -43.19 -1.17 14.22
C GLY C 702 -43.70 -1.31 12.79
N GLU C 703 -44.90 -0.81 12.54
CA GLU C 703 -45.44 -0.76 11.19
C GLU C 703 -44.51 -0.01 10.24
N TYR C 704 -43.90 1.07 10.73
CA TYR C 704 -43.08 1.90 9.86
C TYR C 704 -41.86 1.14 9.33
N ILE C 705 -41.17 0.40 10.22
CA ILE C 705 -39.95 -0.28 9.76
C ILE C 705 -40.30 -1.57 8.99
N VAL C 706 -41.46 -2.16 9.26
CA VAL C 706 -41.95 -3.28 8.45
C VAL C 706 -42.15 -2.83 7.01
N ASN C 707 -42.76 -1.65 6.82
CA ASN C 707 -43.12 -1.17 5.50
C ASN C 707 -41.97 -0.50 4.77
N HIS C 708 -40.86 -0.18 5.44
CA HIS C 708 -39.85 0.66 4.83
C HIS C 708 -39.17 -0.04 3.65
N LYS C 709 -38.75 0.76 2.66
CA LYS C 709 -38.16 0.21 1.45
C LYS C 709 -36.77 -0.37 1.67
N TYR C 710 -36.06 0.06 2.72
CA TYR C 710 -34.71 -0.46 2.98
C TYR C 710 -34.74 -1.79 3.72
N THR C 711 -35.84 -2.14 4.37
CA THR C 711 -35.91 -3.35 5.18
C THR C 711 -35.89 -4.59 4.30
N THR C 712 -34.87 -5.41 4.43
CA THR C 712 -34.79 -6.63 3.63
C THR C 712 -35.31 -7.84 4.37
N THR C 713 -35.17 -7.85 5.70
CA THR C 713 -35.52 -8.99 6.51
C THR C 713 -36.27 -8.50 7.75
N ILE C 714 -37.37 -9.18 8.09
CA ILE C 714 -38.16 -8.86 9.26
C ILE C 714 -38.16 -10.09 10.17
N ALA C 715 -37.68 -9.92 11.40
CA ALA C 715 -37.77 -10.96 12.42
C ALA C 715 -38.83 -10.54 13.44
N PHE C 716 -39.91 -11.31 13.52
CA PHE C 716 -41.02 -11.02 14.42
C PHE C 716 -41.42 -12.28 15.17
N THR C 717 -41.50 -12.17 16.50
CA THR C 717 -42.06 -13.20 17.37
C THR C 717 -43.14 -12.56 18.22
N GLY C 718 -44.36 -13.10 18.15
CA GLY C 718 -45.51 -12.49 18.82
C GLY C 718 -46.81 -13.20 18.46
N SER C 719 -47.88 -12.41 18.42
CA SER C 719 -49.22 -12.98 18.22
C SER C 719 -49.48 -13.33 16.76
N LYS C 720 -50.41 -14.28 16.57
CA LYS C 720 -50.80 -14.69 15.23
C LYS C 720 -51.34 -13.52 14.44
N ALA C 721 -52.21 -12.70 15.04
CA ALA C 721 -52.83 -11.62 14.29
C ALA C 721 -51.79 -10.67 13.73
N VAL C 722 -50.78 -10.30 14.53
CA VAL C 722 -49.76 -9.37 14.05
C VAL C 722 -48.86 -10.05 13.00
N GLY C 723 -48.46 -11.29 13.25
CA GLY C 723 -47.63 -12.01 12.30
C GLY C 723 -48.28 -12.09 10.92
N LEU C 724 -49.57 -12.42 10.89
CA LEU C 724 -50.27 -12.44 9.61
C LEU C 724 -50.28 -11.06 8.97
N HIS C 725 -50.52 -10.02 9.78
CA HIS C 725 -50.49 -8.66 9.24
C HIS C 725 -49.10 -8.33 8.69
N ILE C 726 -48.05 -8.67 9.42
CA ILE C 726 -46.70 -8.37 8.95
C ILE C 726 -46.43 -9.08 7.63
N MET C 727 -46.90 -10.32 7.49
CA MET C 727 -46.66 -11.08 6.26
C MET C 727 -47.40 -10.48 5.07
N ASN C 728 -48.65 -10.03 5.26
CA ASN C 728 -49.32 -9.32 4.17
C ASN C 728 -48.53 -8.07 3.80
N ARG C 729 -48.12 -7.30 4.80
CA ARG C 729 -47.43 -6.04 4.54
C ARG C 729 -46.09 -6.26 3.84
N ALA C 730 -45.35 -7.30 4.25
CA ALA C 730 -43.99 -7.49 3.74
C ALA C 730 -43.98 -7.87 2.26
N ALA C 731 -45.07 -8.46 1.76
CA ALA C 731 -45.19 -8.84 0.35
C ALA C 731 -45.40 -7.64 -0.57
N VAL C 732 -45.68 -6.45 -0.04
CA VAL C 732 -45.81 -5.27 -0.88
C VAL C 732 -44.42 -4.77 -1.27
N VAL C 733 -44.22 -4.51 -2.55
CA VAL C 733 -42.97 -3.93 -3.04
C VAL C 733 -43.13 -2.42 -3.03
N GLN C 734 -42.45 -1.76 -2.09
CA GLN C 734 -42.56 -0.33 -1.93
C GLN C 734 -41.87 0.41 -3.07
N PRO C 735 -42.28 1.66 -3.32
CA PRO C 735 -41.52 2.51 -4.25
C PRO C 735 -40.06 2.54 -3.88
N GLY C 736 -39.19 2.30 -4.86
CA GLY C 736 -37.77 2.31 -4.61
C GLY C 736 -37.23 1.04 -3.99
N GLN C 737 -38.09 0.07 -3.68
CA GLN C 737 -37.64 -1.20 -3.13
C GLN C 737 -37.17 -2.09 -4.27
N GLN C 738 -35.94 -2.55 -4.20
CA GLN C 738 -35.44 -3.42 -5.25
C GLN C 738 -35.03 -4.76 -4.65
N HIS C 739 -35.91 -5.35 -3.84
CA HIS C 739 -35.64 -6.66 -3.26
C HIS C 739 -36.94 -7.26 -2.76
N VAL C 740 -36.89 -8.54 -2.43
CA VAL C 740 -38.01 -9.23 -1.80
C VAL C 740 -37.75 -9.32 -0.31
N LYS C 741 -38.74 -8.91 0.48
CA LYS C 741 -38.61 -9.00 1.94
C LYS C 741 -38.79 -10.43 2.41
N ARG C 742 -37.99 -10.83 3.39
CA ARG C 742 -38.10 -12.13 4.03
C ARG C 742 -38.61 -11.98 5.45
N CYS C 743 -39.60 -12.80 5.82
CA CYS C 743 -40.14 -12.82 7.16
C CYS C 743 -39.69 -14.08 7.89
N ILE C 744 -39.14 -13.89 9.07
CA ILE C 744 -38.78 -14.96 9.98
C ILE C 744 -39.75 -14.82 11.15
N ILE C 745 -40.74 -15.71 11.25
CA ILE C 745 -41.94 -15.49 12.04
C ILE C 745 -42.17 -16.64 13.02
N GLU C 746 -42.43 -16.28 14.28
CA GLU C 746 -42.89 -17.20 15.33
C GLU C 746 -44.18 -16.66 15.94
N MET C 747 -45.22 -17.50 15.99
CA MET C 747 -46.56 -17.01 16.30
C MET C 747 -47.32 -17.75 17.39
N GLY C 748 -46.68 -18.60 18.18
CA GLY C 748 -47.37 -19.20 19.30
C GLY C 748 -47.86 -20.61 19.02
N GLY C 749 -48.50 -21.19 20.04
CA GLY C 749 -48.94 -22.57 19.98
C GLY C 749 -50.13 -22.83 20.88
N LYS C 750 -50.70 -24.04 20.72
CA LYS C 750 -51.72 -24.57 21.62
C LYS C 750 -51.26 -25.98 21.99
N ASN C 751 -50.28 -26.05 22.89
CA ASN C 751 -49.45 -27.24 23.02
C ASN C 751 -50.03 -28.23 24.02
N ALA C 752 -49.97 -29.53 23.65
CA ALA C 752 -50.55 -30.60 24.44
C ALA C 752 -49.47 -31.56 24.94
N VAL C 753 -49.73 -32.12 26.12
CA VAL C 753 -49.00 -33.26 26.67
C VAL C 753 -49.99 -34.42 26.76
N ILE C 754 -49.60 -35.57 26.19
CA ILE C 754 -50.38 -36.80 26.24
C ILE C 754 -49.87 -37.66 27.39
N ILE C 755 -50.78 -38.15 28.22
CA ILE C 755 -50.45 -39.02 29.34
C ILE C 755 -50.95 -40.41 29.00
N ASP C 756 -50.03 -41.33 28.69
CA ASP C 756 -50.39 -42.72 28.42
C ASP C 756 -50.80 -43.42 29.71
N ASN C 757 -51.51 -44.54 29.57
CA ASN C 757 -52.02 -45.26 30.75
C ASN C 757 -50.92 -45.75 31.68
N ASP C 758 -49.74 -46.05 31.14
CA ASP C 758 -48.64 -46.58 31.94
C ASP C 758 -47.62 -45.50 32.34
N ALA C 759 -47.99 -44.23 32.26
CA ALA C 759 -47.01 -43.17 32.52
C ALA C 759 -46.52 -43.21 33.97
N ASP C 760 -45.25 -42.83 34.15
CA ASP C 760 -44.74 -42.57 35.51
C ASP C 760 -45.35 -41.26 35.99
N LEU C 761 -46.28 -41.36 36.95
CA LEU C 761 -47.03 -40.17 37.33
C LEU C 761 -46.19 -39.16 38.10
N ASP C 762 -45.11 -39.59 38.76
CA ASP C 762 -44.19 -38.65 39.39
C ASP C 762 -43.64 -37.67 38.36
N GLU C 763 -43.08 -38.20 37.26
CA GLU C 763 -42.50 -37.37 36.20
C GLU C 763 -43.58 -36.60 35.47
N ALA C 764 -44.70 -37.25 35.16
CA ALA C 764 -45.73 -36.62 34.36
C ALA C 764 -46.31 -35.41 35.07
N VAL C 765 -46.69 -35.57 36.34
CA VAL C 765 -47.32 -34.45 37.05
C VAL C 765 -46.33 -33.30 37.18
N ASP C 766 -45.10 -33.61 37.60
CA ASP C 766 -44.07 -32.59 37.73
C ASP C 766 -43.83 -31.88 36.40
N GLY C 767 -43.67 -32.66 35.32
CA GLY C 767 -43.42 -32.06 34.02
C GLY C 767 -44.59 -31.22 33.54
N VAL C 768 -45.82 -31.70 33.77
CA VAL C 768 -46.99 -30.95 33.31
C VAL C 768 -47.18 -29.69 34.13
N ILE C 769 -47.01 -29.79 35.45
CA ILE C 769 -47.13 -28.61 36.31
C ILE C 769 -46.16 -27.52 35.85
N TYR C 770 -44.90 -27.89 35.64
CA TYR C 770 -43.94 -26.86 35.24
C TYR C 770 -44.21 -26.35 33.82
N SER C 771 -44.61 -27.23 32.90
CA SER C 771 -44.90 -26.80 31.53
C SER C 771 -46.09 -25.86 31.47
N ALA C 772 -47.08 -26.07 32.35
CA ALA C 772 -48.32 -25.32 32.29
C ALA C 772 -48.23 -24.00 33.03
N PHE C 773 -47.53 -23.98 34.17
CA PHE C 773 -47.56 -22.84 35.07
C PHE C 773 -46.24 -22.11 35.24
N GLY C 774 -45.14 -22.64 34.72
CA GLY C 774 -43.90 -21.90 34.67
C GLY C 774 -44.06 -20.58 33.95
N PHE C 775 -43.57 -19.50 34.57
CA PHE C 775 -43.85 -18.12 34.13
C PHE C 775 -45.34 -17.93 33.84
N SER C 776 -46.17 -18.59 34.64
CA SER C 776 -47.61 -18.45 34.58
C SER C 776 -48.17 -18.73 33.19
N GLY C 777 -47.57 -19.68 32.47
CA GLY C 777 -48.07 -20.12 31.17
C GLY C 777 -47.83 -19.16 30.03
N GLN C 778 -47.01 -18.12 30.24
CA GLN C 778 -46.75 -17.09 29.24
C GLN C 778 -45.57 -17.47 28.34
N LYS C 779 -45.71 -18.65 27.70
CA LYS C 779 -44.68 -19.14 26.79
C LYS C 779 -45.35 -19.71 25.55
N CYS C 780 -44.72 -19.50 24.40
CA CYS C 780 -45.24 -20.09 23.17
C CYS C 780 -45.23 -21.62 23.23
N SER C 781 -44.38 -22.19 24.07
CA SER C 781 -44.21 -23.63 24.28
C SER C 781 -45.08 -24.19 25.42
N ALA C 782 -45.84 -23.35 26.12
CA ALA C 782 -46.49 -23.79 27.36
C ALA C 782 -47.52 -24.89 27.08
N ALA C 783 -47.61 -25.83 28.01
CA ALA C 783 -48.68 -26.82 27.95
C ALA C 783 -49.97 -26.17 28.43
N SER C 784 -50.91 -25.99 27.51
CA SER C 784 -52.25 -25.53 27.84
C SER C 784 -53.28 -26.64 27.70
N ARG C 785 -52.88 -27.77 27.11
CA ARG C 785 -53.74 -28.93 26.93
C ARG C 785 -53.05 -30.16 27.51
N VAL C 786 -53.79 -30.91 28.32
CA VAL C 786 -53.32 -32.19 28.87
C VAL C 786 -54.32 -33.24 28.45
N ILE C 787 -53.87 -34.20 27.65
CA ILE C 787 -54.73 -35.23 27.07
C ILE C 787 -54.43 -36.53 27.79
N VAL C 788 -55.38 -37.04 28.56
CA VAL C 788 -55.16 -38.12 29.52
C VAL C 788 -56.02 -39.30 29.11
N LEU C 789 -55.39 -40.47 28.96
CA LEU C 789 -56.12 -41.67 28.58
C LEU C 789 -57.00 -42.15 29.73
N ASP C 790 -58.06 -42.87 29.36
CA ASP C 790 -59.17 -43.09 30.29
C ASP C 790 -58.76 -43.87 31.51
N GLU C 791 -57.97 -44.95 31.34
CA GLU C 791 -57.67 -45.83 32.47
C GLU C 791 -56.90 -45.11 33.57
N VAL C 792 -56.06 -44.14 33.22
CA VAL C 792 -55.23 -43.44 34.18
C VAL C 792 -55.80 -42.09 34.61
N TYR C 793 -56.94 -41.71 34.04
CA TYR C 793 -57.45 -40.33 34.18
C TYR C 793 -57.59 -39.92 35.64
N ASP C 794 -58.29 -40.74 36.44
CA ASP C 794 -58.59 -40.34 37.82
C ASP C 794 -57.33 -40.22 38.65
N ARG C 795 -56.41 -41.19 38.54
CA ARG C 795 -55.17 -41.12 39.31
C ARG C 795 -54.32 -39.91 38.92
N PHE C 796 -54.17 -39.66 37.61
CA PHE C 796 -53.32 -38.57 37.17
C PHE C 796 -53.90 -37.23 37.57
N VAL C 797 -55.20 -37.04 37.32
CA VAL C 797 -55.82 -35.75 37.55
C VAL C 797 -55.84 -35.41 39.04
N ASP C 798 -56.04 -36.42 39.89
CA ASP C 798 -56.04 -36.17 41.33
C ASP C 798 -54.67 -35.66 41.80
N ARG C 799 -53.57 -36.31 41.36
CA ARG C 799 -52.25 -35.83 41.75
C ARG C 799 -51.95 -34.47 41.13
N LEU C 800 -52.43 -34.23 39.91
CA LEU C 800 -52.22 -32.93 39.28
C LEU C 800 -52.87 -31.82 40.09
N VAL C 801 -54.12 -32.01 40.49
CA VAL C 801 -54.82 -31.01 41.28
C VAL C 801 -54.17 -30.84 42.66
N GLU C 802 -53.86 -31.94 43.34
CA GLU C 802 -53.24 -31.82 44.66
C GLU C 802 -51.89 -31.13 44.57
N THR C 803 -51.15 -31.36 43.49
CA THR C 803 -49.88 -30.66 43.30
C THR C 803 -50.10 -29.20 42.97
N ALA C 804 -51.06 -28.91 42.09
CA ALA C 804 -51.35 -27.52 41.75
C ALA C 804 -51.74 -26.72 42.99
N LYS C 805 -52.42 -27.38 43.95
CA LYS C 805 -52.77 -26.74 45.21
C LYS C 805 -51.54 -26.31 46.00
N SER C 806 -50.39 -26.96 45.78
CA SER C 806 -49.23 -26.75 46.64
C SER C 806 -48.33 -25.61 46.16
N ILE C 807 -48.45 -25.18 44.94
CA ILE C 807 -47.48 -24.22 44.42
C ILE C 807 -47.83 -22.80 44.88
N GLU C 808 -46.78 -22.00 45.12
CA GLU C 808 -46.97 -20.67 45.71
C GLU C 808 -46.90 -19.60 44.65
N ILE C 809 -47.79 -18.62 44.77
CA ILE C 809 -47.86 -17.48 43.87
C ILE C 809 -47.45 -16.24 44.68
N HIS C 810 -46.42 -15.54 44.23
CA HIS C 810 -45.92 -14.38 44.94
C HIS C 810 -45.45 -13.33 43.94
N PRO C 811 -45.23 -12.10 44.39
CA PRO C 811 -44.42 -11.17 43.60
C PRO C 811 -43.12 -11.85 43.17
N ALA C 812 -42.67 -11.56 41.94
CA ALA C 812 -41.52 -12.27 41.39
C ALA C 812 -40.27 -12.03 42.22
N GLU C 813 -40.18 -10.87 42.88
CA GLU C 813 -39.05 -10.55 43.75
C GLU C 813 -38.94 -11.55 44.90
N ASN C 814 -40.03 -12.15 45.32
CA ASN C 814 -39.98 -13.11 46.43
C ASN C 814 -39.37 -14.40 45.91
N PRO C 815 -38.23 -14.87 46.45
CA PRO C 815 -37.64 -16.12 45.94
C PRO C 815 -38.52 -17.34 46.11
N LYS C 816 -39.58 -17.26 46.93
CA LYS C 816 -40.48 -18.40 47.10
C LYS C 816 -41.54 -18.48 45.99
N ALA C 817 -41.57 -17.53 45.06
CA ALA C 817 -42.59 -17.55 44.02
C ALA C 817 -42.36 -18.75 43.09
N TYR C 818 -43.37 -19.59 42.94
CA TYR C 818 -43.39 -20.53 41.83
C TYR C 818 -43.91 -19.85 40.57
N MET C 819 -45.05 -19.17 40.66
CA MET C 819 -45.48 -18.27 39.61
C MET C 819 -45.65 -16.87 40.19
N GLY C 820 -45.43 -15.87 39.35
CA GLY C 820 -45.73 -14.48 39.66
C GLY C 820 -46.91 -13.96 38.84
N PRO C 821 -46.92 -12.67 38.57
CA PRO C 821 -48.03 -12.06 37.83
C PRO C 821 -47.88 -12.25 36.32
N VAL C 822 -48.98 -12.00 35.61
CA VAL C 822 -48.91 -11.92 34.14
C VAL C 822 -48.52 -10.49 33.79
N VAL C 823 -48.30 -10.22 32.50
CA VAL C 823 -47.41 -9.13 32.12
C VAL C 823 -48.01 -7.74 32.38
N ASP C 824 -49.31 -7.56 32.10
CA ASP C 824 -49.91 -6.24 32.23
C ASP C 824 -51.41 -6.40 32.43
N LYS C 825 -52.09 -5.27 32.65
CA LYS C 825 -53.52 -5.27 32.97
C LYS C 825 -54.36 -5.81 31.80
N GLU C 826 -53.95 -5.49 30.57
CA GLU C 826 -54.64 -6.01 29.40
C GLU C 826 -54.66 -7.54 29.42
N ALA C 827 -53.48 -8.17 29.59
CA ALA C 827 -53.41 -9.62 29.66
C ALA C 827 -54.18 -10.16 30.87
N TYR C 828 -54.04 -9.50 32.02
CA TYR C 828 -54.78 -9.90 33.23
C TYR C 828 -56.29 -9.95 32.97
N ASP C 829 -56.87 -8.84 32.48
CA ASP C 829 -58.31 -8.80 32.25
C ASP C 829 -58.74 -9.81 31.19
N ARG C 830 -57.95 -9.95 30.11
CA ARG C 830 -58.27 -10.93 29.08
C ARG C 830 -58.30 -12.34 29.65
N ILE C 831 -57.32 -12.69 30.48
CA ILE C 831 -57.23 -14.04 31.04
C ILE C 831 -58.38 -14.30 32.01
N LEU C 832 -58.65 -13.35 32.90
CA LEU C 832 -59.78 -13.53 33.80
C LEU C 832 -61.10 -13.65 33.03
N GLY C 833 -61.23 -12.95 31.90
CA GLY C 833 -62.42 -13.10 31.08
C GLY C 833 -62.56 -14.49 30.47
N THR C 834 -61.45 -15.05 29.99
CA THR C 834 -61.46 -16.42 29.50
C THR C 834 -61.80 -17.41 30.61
N ILE C 835 -61.24 -17.22 31.80
CA ILE C 835 -61.52 -18.11 32.91
C ILE C 835 -63.00 -18.07 33.24
N ALA C 836 -63.60 -16.87 33.24
CA ALA C 836 -65.02 -16.73 33.57
C ALA C 836 -65.91 -17.41 32.52
N GLU C 837 -65.62 -17.21 31.23
CA GLU C 837 -66.40 -17.92 30.20
C GLU C 837 -66.26 -19.43 30.34
N ALA C 838 -65.05 -19.92 30.61
CA ALA C 838 -64.82 -21.37 30.71
C ALA C 838 -65.53 -21.98 31.92
N GLU C 839 -65.66 -21.24 33.02
CA GLU C 839 -66.39 -21.78 34.15
C GLU C 839 -67.87 -21.98 33.84
N LYS C 840 -68.40 -21.24 32.86
CA LYS C 840 -69.78 -21.43 32.44
C LYS C 840 -69.96 -22.63 31.54
N ASN C 841 -68.89 -23.13 30.93
CA ASN C 841 -68.99 -24.17 29.92
C ASN C 841 -68.34 -25.49 30.30
N HIS C 842 -67.38 -25.50 31.21
CA HIS C 842 -66.58 -26.68 31.51
C HIS C 842 -66.43 -26.84 33.02
N LYS C 843 -66.24 -28.08 33.45
CA LYS C 843 -66.07 -28.40 34.86
C LYS C 843 -64.77 -27.81 35.40
N LEU C 844 -64.86 -27.03 36.47
CA LEU C 844 -63.70 -26.42 37.10
C LEU C 844 -63.08 -27.41 38.10
N LEU C 845 -61.83 -27.80 37.85
CA LEU C 845 -61.12 -28.72 38.73
C LEU C 845 -60.33 -28.02 39.82
N PHE C 846 -59.82 -26.82 39.56
CA PHE C 846 -58.94 -26.16 40.52
C PHE C 846 -58.76 -24.71 40.15
N LYS C 847 -58.84 -23.84 41.15
CA LYS C 847 -58.45 -22.45 40.98
C LYS C 847 -57.69 -22.03 42.23
N GLY C 848 -56.45 -21.58 42.04
CA GLY C 848 -55.61 -21.24 43.17
C GLY C 848 -55.92 -19.87 43.73
N SER C 849 -55.42 -19.63 44.93
CA SER C 849 -55.52 -18.34 45.58
C SER C 849 -54.27 -17.51 45.28
N VAL C 850 -54.47 -16.20 45.16
CA VAL C 850 -53.41 -15.29 44.72
C VAL C 850 -53.45 -14.03 45.57
N PRO C 851 -52.30 -13.39 45.72
CA PRO C 851 -52.25 -12.11 46.44
C PRO C 851 -52.81 -10.97 45.61
N GLY C 852 -52.98 -9.81 46.26
CA GLY C 852 -53.36 -8.60 45.57
C GLY C 852 -52.15 -7.75 45.20
N GLY C 853 -52.44 -6.56 44.65
CA GLY C 853 -51.40 -5.59 44.37
C GLY C 853 -50.75 -5.66 43.01
N GLY C 854 -51.03 -6.71 42.24
CA GLY C 854 -50.45 -6.85 40.91
C GLY C 854 -51.31 -7.71 40.00
N PHE C 855 -50.79 -8.08 38.83
CA PHE C 855 -51.59 -8.80 37.83
C PHE C 855 -51.49 -10.31 38.03
N PHE C 856 -51.91 -10.76 39.22
CA PHE C 856 -51.77 -12.17 39.61
C PHE C 856 -52.96 -12.96 39.10
N ALA C 857 -52.81 -13.56 37.91
CA ALA C 857 -53.87 -14.43 37.43
C ALA C 857 -53.74 -15.80 38.09
N PRO C 858 -54.85 -16.41 38.49
CA PRO C 858 -54.75 -17.66 39.27
C PRO C 858 -54.54 -18.84 38.36
N PRO C 859 -53.74 -19.82 38.80
CA PRO C 859 -53.63 -21.08 38.04
C PRO C 859 -54.94 -21.84 38.09
N THR C 860 -55.42 -22.24 36.91
CA THR C 860 -56.77 -22.75 36.73
C THR C 860 -56.72 -24.01 35.88
N ILE C 861 -57.47 -25.04 36.28
CA ILE C 861 -57.53 -26.33 35.58
C ILE C 861 -59.00 -26.69 35.36
N PHE C 862 -59.37 -26.91 34.10
CA PHE C 862 -60.70 -27.41 33.76
C PHE C 862 -60.60 -28.87 33.33
N GLY C 863 -61.65 -29.64 33.62
CA GLY C 863 -61.68 -31.07 33.33
C GLY C 863 -62.73 -31.52 32.33
N ASP C 864 -62.47 -32.65 31.65
CA ASP C 864 -63.36 -33.19 30.61
C ASP C 864 -63.72 -32.14 29.58
N VAL C 865 -62.72 -31.36 29.18
CA VAL C 865 -62.92 -30.35 28.15
C VAL C 865 -62.96 -31.05 26.79
N PRO C 866 -63.97 -30.77 25.96
CA PRO C 866 -63.97 -31.36 24.61
C PRO C 866 -62.79 -30.87 23.80
N GLY C 867 -62.25 -31.75 22.96
CA GLY C 867 -61.09 -31.40 22.17
C GLY C 867 -61.31 -30.26 21.19
N ASP C 868 -62.54 -30.07 20.75
CA ASP C 868 -62.83 -29.02 19.78
C ASP C 868 -63.37 -27.75 20.42
N ALA C 869 -63.41 -27.68 21.74
CA ALA C 869 -63.89 -26.48 22.42
C ALA C 869 -62.92 -25.31 22.25
N LYS C 870 -63.48 -24.09 22.31
CA LYS C 870 -62.68 -22.87 22.21
C LYS C 870 -61.56 -22.83 23.24
N LEU C 871 -61.87 -23.21 24.48
CA LEU C 871 -60.85 -23.24 25.52
C LEU C 871 -59.70 -24.15 25.12
N ALA C 872 -59.96 -25.19 24.34
CA ALA C 872 -58.94 -26.15 23.93
C ALA C 872 -58.35 -25.85 22.55
N GLN C 873 -58.66 -24.68 21.97
CA GLN C 873 -58.21 -24.33 20.63
C GLN C 873 -57.48 -22.99 20.56
N ALA C 874 -58.00 -21.96 21.21
CA ALA C 874 -57.41 -20.62 21.15
C ALA C 874 -56.32 -20.47 22.20
N GLU C 875 -55.20 -19.87 21.79
CA GLU C 875 -54.07 -19.69 22.71
C GLU C 875 -54.40 -18.64 23.76
N ILE C 876 -54.11 -18.95 25.02
CA ILE C 876 -54.46 -18.05 26.12
C ILE C 876 -53.25 -17.30 26.67
N PHE C 877 -52.07 -17.93 26.62
CA PHE C 877 -50.86 -17.30 27.15
C PHE C 877 -51.02 -16.95 28.63
N GLY C 878 -51.60 -17.89 29.38
CA GLY C 878 -51.84 -17.72 30.79
C GLY C 878 -51.89 -19.04 31.52
N PRO C 879 -52.06 -19.00 32.82
CA PRO C 879 -52.01 -20.24 33.63
C PRO C 879 -53.36 -20.95 33.64
N VAL C 880 -53.78 -21.41 32.46
CA VAL C 880 -55.11 -22.00 32.25
C VAL C 880 -54.95 -23.29 31.47
N VAL C 881 -55.33 -24.41 32.08
CA VAL C 881 -55.11 -25.75 31.53
C VAL C 881 -56.44 -26.38 31.21
N ALA C 882 -56.52 -27.02 30.05
CA ALA C 882 -57.66 -27.83 29.65
C ALA C 882 -57.25 -29.30 29.73
N VAL C 883 -57.88 -30.04 30.62
CA VAL C 883 -57.65 -31.48 30.69
C VAL C 883 -58.68 -32.16 29.78
N ILE C 884 -58.19 -32.96 28.84
CA ILE C 884 -59.02 -33.58 27.82
C ILE C 884 -58.89 -35.09 27.95
N ARG C 885 -60.01 -35.79 27.93
CA ARG C 885 -60.04 -37.24 28.07
C ARG C 885 -59.86 -37.89 26.70
N ALA C 886 -59.14 -39.02 26.68
CA ALA C 886 -58.94 -39.80 25.46
C ALA C 886 -59.23 -41.27 25.73
N LYS C 887 -59.97 -41.90 24.83
CA LYS C 887 -60.27 -43.33 24.97
C LYS C 887 -59.00 -44.16 24.80
N ASN C 888 -58.12 -43.75 23.89
CA ASN C 888 -56.92 -44.50 23.55
C ASN C 888 -55.92 -43.57 22.87
N LEU C 889 -54.76 -44.13 22.48
CA LEU C 889 -53.73 -43.33 21.85
C LEU C 889 -54.19 -42.76 20.51
N ASP C 890 -55.00 -43.54 19.77
CA ASP C 890 -55.59 -43.06 18.52
C ASP C 890 -56.29 -41.72 18.73
N GLN C 891 -57.22 -41.68 19.67
CA GLN C 891 -58.00 -40.46 19.89
C GLN C 891 -57.12 -39.35 20.47
N ALA C 892 -56.17 -39.69 21.34
CA ALA C 892 -55.28 -38.69 21.91
C ALA C 892 -54.47 -37.99 20.82
N LEU C 893 -53.95 -38.76 19.86
CA LEU C 893 -53.19 -38.15 18.77
C LEU C 893 -54.09 -37.32 17.86
N ASP C 894 -55.30 -37.82 17.56
CA ASP C 894 -56.26 -37.01 16.79
C ASP C 894 -56.56 -35.68 17.47
N ILE C 895 -56.88 -35.70 18.77
CA ILE C 895 -57.15 -34.44 19.49
C ILE C 895 -55.93 -33.55 19.51
N ALA C 896 -54.74 -34.12 19.75
CA ALA C 896 -53.54 -33.31 19.83
C ALA C 896 -53.24 -32.60 18.51
N ASN C 897 -53.58 -33.24 17.38
CA ASN C 897 -53.27 -32.67 16.08
C ASN C 897 -54.35 -31.74 15.57
N SER C 898 -55.41 -31.47 16.34
CA SER C 898 -56.63 -30.84 15.84
C SER C 898 -56.64 -29.32 15.94
N THR C 899 -55.52 -28.69 16.29
CA THR C 899 -55.48 -27.24 16.40
C THR C 899 -54.82 -26.61 15.17
N GLU C 900 -54.82 -25.28 15.17
CA GLU C 900 -54.14 -24.42 14.23
C GLU C 900 -52.61 -24.49 14.36
N TYR C 901 -52.08 -25.03 15.44
CA TYR C 901 -50.69 -24.85 15.80
C TYR C 901 -49.92 -26.15 15.72
N ALA C 902 -48.61 -26.04 15.65
CA ALA C 902 -47.71 -27.19 15.57
C ALA C 902 -46.38 -26.79 16.20
N LEU C 903 -46.41 -26.32 17.44
CA LEU C 903 -45.19 -25.83 18.06
C LEU C 903 -44.57 -26.90 18.96
N THR C 904 -45.03 -27.05 20.21
CA THR C 904 -44.50 -28.11 21.06
C THR C 904 -45.56 -29.13 21.38
N GLY C 905 -45.09 -30.30 21.79
CA GLY C 905 -45.95 -31.37 22.24
C GLY C 905 -45.13 -32.44 22.91
N GLY C 906 -45.81 -33.26 23.70
CA GLY C 906 -45.08 -34.26 24.44
C GLY C 906 -45.95 -35.44 24.81
N VAL C 907 -45.28 -36.53 25.19
CA VAL C 907 -45.96 -37.72 25.67
C VAL C 907 -45.21 -38.22 26.90
N PHE C 908 -45.95 -38.66 27.90
CA PHE C 908 -45.40 -39.47 28.98
C PHE C 908 -45.93 -40.89 28.81
N SER C 909 -45.03 -41.82 28.55
CA SER C 909 -45.41 -43.19 28.25
C SER C 909 -44.22 -44.09 28.48
N ARG C 910 -44.49 -45.32 28.87
CA ARG C 910 -43.44 -46.31 28.99
C ARG C 910 -43.73 -47.50 28.07
N SER C 911 -44.38 -47.21 26.95
CA SER C 911 -44.62 -48.17 25.88
C SER C 911 -43.74 -47.83 24.69
N PRO C 912 -42.80 -48.71 24.30
CA PRO C 912 -41.98 -48.40 23.11
C PRO C 912 -42.79 -48.15 21.84
N ALA C 913 -43.83 -48.94 21.59
CA ALA C 913 -44.59 -48.76 20.34
C ALA C 913 -45.40 -47.48 20.40
N ASN C 914 -45.96 -47.14 21.56
CA ASN C 914 -46.70 -45.89 21.70
C ASN C 914 -45.78 -44.69 21.55
N ILE C 915 -44.56 -44.76 22.12
CA ILE C 915 -43.64 -43.65 21.95
C ILE C 915 -43.30 -43.46 20.47
N ASN C 916 -43.11 -44.57 19.76
CA ASN C 916 -42.79 -44.48 18.34
C ASN C 916 -43.95 -43.88 17.55
N ARG C 917 -45.18 -44.27 17.87
CA ARG C 917 -46.34 -43.70 17.17
C ARG C 917 -46.39 -42.19 17.36
N VAL C 918 -46.16 -41.73 18.60
CA VAL C 918 -46.18 -40.29 18.86
C VAL C 918 -45.07 -39.61 18.07
N LYS C 919 -43.87 -40.19 18.09
CA LYS C 919 -42.79 -39.63 17.30
C LYS C 919 -43.19 -39.52 15.83
N GLU C 920 -43.91 -40.52 15.31
CA GLU C 920 -44.26 -40.52 13.89
C GLU C 920 -45.52 -39.74 13.57
N GLU C 921 -46.43 -39.51 14.54
CA GLU C 921 -47.74 -38.95 14.19
C GLU C 921 -48.07 -37.62 14.85
N LEU C 922 -47.38 -37.23 15.92
CA LEU C 922 -47.68 -35.94 16.55
C LEU C 922 -47.09 -34.83 15.69
N GLU C 923 -47.93 -33.91 15.25
CA GLU C 923 -47.51 -32.84 14.34
C GLU C 923 -47.08 -31.61 15.13
N VAL C 924 -45.81 -31.60 15.55
CA VAL C 924 -45.23 -30.47 16.27
C VAL C 924 -43.79 -30.32 15.80
N GLY C 925 -43.27 -29.11 15.96
CA GLY C 925 -41.88 -28.85 15.61
C GLY C 925 -40.89 -29.24 16.68
N ASN C 926 -41.32 -29.27 17.94
CA ASN C 926 -40.50 -29.70 19.08
C ASN C 926 -41.28 -30.77 19.83
N LEU C 927 -40.84 -32.02 19.72
CA LEU C 927 -41.49 -33.15 20.35
C LEU C 927 -40.68 -33.60 21.57
N TYR C 928 -41.37 -33.86 22.69
CA TYR C 928 -40.71 -34.28 23.92
C TYR C 928 -41.28 -35.62 24.39
N VAL C 929 -40.40 -36.50 24.85
CA VAL C 929 -40.80 -37.80 25.38
C VAL C 929 -40.32 -37.90 26.82
N ASN C 930 -41.28 -38.05 27.74
CA ASN C 930 -41.03 -38.32 29.16
C ASN C 930 -40.29 -37.18 29.84
N ARG C 931 -40.60 -35.95 29.43
CA ARG C 931 -40.17 -34.74 30.14
C ARG C 931 -41.10 -33.61 29.72
N GLY C 932 -40.94 -32.47 30.40
CA GLY C 932 -41.73 -31.31 30.07
C GLY C 932 -41.39 -30.72 28.71
N ILE C 933 -42.29 -29.86 28.23
CA ILE C 933 -42.24 -29.38 26.85
C ILE C 933 -41.83 -27.91 26.74
N THR C 934 -41.34 -27.32 27.82
CA THR C 934 -40.78 -25.97 27.76
C THR C 934 -39.27 -26.04 28.06
N GLY C 935 -38.64 -24.88 28.17
CA GLY C 935 -37.22 -24.84 28.47
C GLY C 935 -36.30 -25.28 27.35
N ALA C 936 -36.73 -25.10 26.10
CA ALA C 936 -35.85 -25.44 24.98
C ALA C 936 -34.54 -24.66 25.07
N MET C 937 -33.42 -25.35 24.84
CA MET C 937 -32.12 -24.69 24.91
C MET C 937 -31.46 -24.63 23.55
N VAL C 938 -30.66 -23.57 23.38
CA VAL C 938 -29.84 -23.43 22.19
C VAL C 938 -29.05 -24.70 21.99
N ASP C 939 -29.01 -25.15 20.73
CA ASP C 939 -28.26 -26.32 20.28
C ASP C 939 -28.90 -27.63 20.71
N ARG C 940 -29.34 -27.73 21.98
CA ARG C 940 -29.96 -28.97 22.47
C ARG C 940 -31.35 -29.21 21.87
N HIS C 941 -32.18 -28.18 21.79
CA HIS C 941 -33.55 -28.31 21.30
C HIS C 941 -33.88 -27.13 20.40
N PRO C 942 -33.36 -27.12 19.18
CA PRO C 942 -33.63 -26.00 18.26
C PRO C 942 -35.12 -25.79 18.14
N PHE C 943 -35.56 -24.54 18.29
CA PHE C 943 -36.93 -24.25 18.67
C PHE C 943 -37.72 -23.59 17.55
N GLY C 944 -38.90 -24.12 17.27
CA GLY C 944 -39.78 -23.56 16.25
C GLY C 944 -40.66 -24.64 15.66
N GLY C 945 -41.76 -24.19 15.06
CA GLY C 945 -42.73 -25.13 14.53
C GLY C 945 -43.45 -24.61 13.30
N PHE C 946 -44.53 -25.29 12.89
CA PHE C 946 -45.20 -24.97 11.63
C PHE C 946 -46.71 -24.83 11.85
N LYS C 947 -47.51 -25.14 10.83
CA LYS C 947 -48.92 -24.74 10.76
C LYS C 947 -48.94 -23.24 11.08
N MET C 948 -49.82 -22.75 11.95
CA MET C 948 -49.86 -21.33 12.25
C MET C 948 -48.90 -20.93 13.38
N SER C 949 -47.95 -21.81 13.75
CA SER C 949 -46.94 -21.47 14.76
C SER C 949 -45.75 -20.71 14.20
N GLY C 950 -45.59 -20.61 12.90
CA GLY C 950 -44.57 -19.77 12.33
C GLY C 950 -44.12 -20.25 10.96
N ILE C 951 -43.08 -19.60 10.46
CA ILE C 951 -42.42 -20.00 9.22
C ILE C 951 -40.98 -19.50 9.29
N GLY C 952 -40.04 -20.36 8.93
CA GLY C 952 -38.67 -19.94 8.79
C GLY C 952 -37.91 -19.66 10.07
N SER C 953 -38.45 -20.02 11.23
CA SER C 953 -37.83 -19.73 12.53
C SER C 953 -37.58 -21.03 13.29
N LYS C 954 -36.34 -21.53 13.24
CA LYS C 954 -35.90 -22.66 14.05
C LYS C 954 -34.64 -22.23 14.83
N THR C 955 -34.85 -21.49 15.92
CA THR C 955 -33.78 -20.79 16.62
C THR C 955 -32.82 -21.75 17.31
N GLY C 956 -31.56 -21.33 17.44
CA GLY C 956 -30.60 -22.17 18.14
C GLY C 956 -30.34 -23.49 17.44
N GLY C 957 -30.60 -23.54 16.13
CA GLY C 957 -30.33 -24.73 15.35
C GLY C 957 -29.52 -24.37 14.12
N PRO C 958 -29.05 -25.37 13.38
CA PRO C 958 -28.02 -25.14 12.36
C PRO C 958 -28.52 -24.54 11.06
N ASP C 959 -29.82 -24.24 10.95
CA ASP C 959 -30.36 -23.59 9.77
C ASP C 959 -30.67 -22.12 10.00
N TYR C 960 -30.63 -21.65 11.25
CA TYR C 960 -31.26 -20.37 11.55
C TYR C 960 -30.50 -19.19 10.97
N LEU C 961 -29.18 -19.16 11.16
CA LEU C 961 -28.39 -18.01 10.73
C LEU C 961 -28.52 -17.76 9.23
N LYS C 962 -28.64 -18.83 8.44
CA LYS C 962 -28.76 -18.71 6.99
C LYS C 962 -30.00 -17.95 6.56
N GLN C 963 -31.04 -17.92 7.41
CA GLN C 963 -32.22 -17.13 7.13
C GLN C 963 -31.90 -15.63 7.03
N TYR C 964 -30.82 -15.20 7.67
CA TYR C 964 -30.40 -13.81 7.61
C TYR C 964 -29.41 -13.55 6.48
N MET C 965 -29.24 -14.49 5.54
CA MET C 965 -28.20 -14.39 4.52
C MET C 965 -28.74 -14.77 3.14
N GLU C 966 -27.93 -14.50 2.10
CA GLU C 966 -28.16 -14.98 0.73
C GLU C 966 -27.03 -15.92 0.35
N PRO C 967 -27.34 -17.08 -0.23
CA PRO C 967 -26.28 -17.92 -0.79
C PRO C 967 -25.80 -17.36 -2.12
N ALA C 968 -24.52 -17.57 -2.41
CA ALA C 968 -23.99 -17.13 -3.68
C ALA C 968 -22.88 -18.08 -4.12
N CYS C 969 -22.53 -17.99 -5.39
CA CYS C 969 -21.52 -18.85 -6.00
C CYS C 969 -20.52 -17.99 -6.76
N VAL C 970 -19.23 -18.25 -6.54
CA VAL C 970 -18.13 -17.60 -7.24
C VAL C 970 -17.38 -18.67 -8.04
N THR C 971 -17.29 -18.46 -9.36
CA THR C 971 -16.70 -19.43 -10.28
C THR C 971 -15.60 -18.74 -11.09
N GLU C 972 -14.38 -19.26 -11.01
CA GLU C 972 -13.25 -18.63 -11.67
C GLU C 972 -12.53 -19.66 -12.55
N ASN C 973 -12.47 -19.37 -13.84
CA ASN C 973 -11.66 -20.13 -14.79
C ASN C 973 -10.18 -19.84 -14.53
N THR C 974 -9.40 -20.86 -14.21
CA THR C 974 -7.98 -20.67 -13.92
C THR C 974 -7.07 -21.14 -15.05
N LEU C 975 -7.65 -21.63 -16.13
CA LEU C 975 -6.87 -22.15 -17.24
C LEU C 975 -6.52 -21.00 -18.17
N ARG C 976 -5.22 -20.80 -18.41
CA ARG C 976 -4.74 -19.76 -19.32
C ARG C 976 -3.56 -20.31 -20.10
N ARG C 977 -3.59 -20.15 -21.42
CA ARG C 977 -2.49 -20.60 -22.28
C ARG C 977 -2.18 -22.06 -22.07
N GLY C 978 -3.21 -22.89 -21.88
CA GLY C 978 -3.02 -24.31 -21.72
C GLY C 978 -2.48 -24.77 -20.38
N PHE C 979 -2.52 -23.92 -19.36
CA PHE C 979 -2.03 -24.32 -18.06
C PHE C 979 -2.94 -23.76 -16.97
N ALA C 980 -3.18 -24.57 -15.93
CA ALA C 980 -3.94 -24.16 -14.78
C ALA C 980 -3.17 -24.56 -13.53
N PRO C 981 -3.14 -23.71 -12.51
CA PRO C 981 -2.43 -24.04 -11.27
C PRO C 981 -3.12 -25.17 -10.53
N ALA C 982 -2.34 -25.94 -9.78
CA ALA C 982 -2.91 -26.96 -8.91
C ALA C 982 -3.59 -26.32 -7.70
N GLU C 983 -4.52 -27.05 -7.10
CA GLU C 983 -5.16 -26.60 -5.87
C GLU C 983 -4.42 -27.14 -4.65
N ASP D 5 19.55 -56.15 -27.88
CA ASP D 5 20.21 -55.99 -29.17
C ASP D 5 20.13 -54.53 -29.66
N ILE D 6 18.99 -54.11 -30.22
CA ILE D 6 18.89 -52.75 -30.71
C ILE D 6 18.92 -51.73 -29.57
N GLN D 7 18.37 -52.08 -28.40
CA GLN D 7 18.35 -51.12 -27.30
C GLN D 7 19.77 -50.69 -26.91
N SER D 8 20.73 -51.62 -26.97
CA SER D 8 22.12 -51.25 -26.68
C SER D 8 22.67 -50.32 -27.75
N GLN D 9 22.28 -50.53 -29.01
CA GLN D 9 22.74 -49.66 -30.09
C GLN D 9 22.09 -48.30 -30.06
N ILE D 10 20.83 -48.21 -29.61
CA ILE D 10 20.19 -46.91 -29.50
C ILE D 10 20.92 -46.05 -28.47
N VAL D 11 21.24 -46.64 -27.31
CA VAL D 11 21.99 -45.91 -26.28
C VAL D 11 23.33 -45.44 -26.83
N SER D 12 24.04 -46.31 -27.56
CA SER D 12 25.33 -45.92 -28.12
C SER D 12 25.19 -44.74 -29.08
N ARG D 13 24.19 -44.77 -29.96
CA ARG D 13 23.99 -43.63 -30.84
C ARG D 13 23.70 -42.36 -30.03
N GLY D 14 22.90 -42.49 -28.97
CA GLY D 14 22.64 -41.34 -28.11
C GLY D 14 23.88 -40.83 -27.41
N GLU D 15 24.78 -41.74 -27.02
CA GLU D 15 26.03 -41.33 -26.39
C GLU D 15 26.91 -40.57 -27.38
N GLU D 16 26.93 -40.99 -28.65
CA GLU D 16 27.65 -40.25 -29.68
C GLU D 16 27.06 -38.84 -29.87
N ILE D 17 25.73 -38.75 -29.89
CA ILE D 17 25.10 -37.45 -30.07
C ILE D 17 25.42 -36.54 -28.88
N LEU D 18 25.35 -37.08 -27.66
CA LEU D 18 25.66 -36.27 -26.49
C LEU D 18 27.13 -35.86 -26.46
N LYS D 19 28.03 -36.75 -26.91
CA LYS D 19 29.44 -36.40 -26.96
C LYS D 19 29.71 -35.27 -27.96
N ARG D 20 29.11 -35.37 -29.15
CA ARG D 20 29.21 -34.30 -30.14
C ARG D 20 28.65 -32.98 -29.64
N MET D 21 27.59 -33.02 -28.81
CA MET D 21 27.00 -31.79 -28.31
C MET D 21 27.97 -31.00 -27.44
N GLU D 22 28.88 -31.69 -26.73
CA GLU D 22 29.85 -31.01 -25.88
C GLU D 22 30.84 -30.17 -26.68
N SER D 23 31.05 -30.50 -27.95
CA SER D 23 31.97 -29.75 -28.78
C SER D 23 31.29 -28.59 -29.49
N GLN D 24 29.97 -28.45 -29.35
CA GLN D 24 29.29 -27.29 -29.87
C GLN D 24 29.53 -26.11 -28.92
N SER D 25 29.36 -24.89 -29.41
CA SER D 25 29.57 -23.72 -28.59
C SER D 25 28.30 -22.98 -28.22
N LYS D 26 27.13 -23.47 -28.62
CA LYS D 26 25.88 -22.85 -28.20
C LYS D 26 25.60 -23.21 -26.74
N ALA D 27 25.53 -22.20 -25.88
CA ALA D 27 25.00 -22.42 -24.54
C ALA D 27 23.52 -22.80 -24.62
N SER D 28 23.05 -23.49 -23.59
CA SER D 28 21.66 -23.92 -23.56
C SER D 28 20.74 -22.73 -23.28
N ILE D 29 19.51 -22.80 -23.80
CA ILE D 29 18.50 -21.79 -23.45
C ILE D 29 18.17 -21.83 -21.96
N PHE D 30 18.54 -22.90 -21.26
CA PHE D 30 18.38 -22.97 -19.82
C PHE D 30 19.46 -22.20 -19.07
N SER D 31 20.39 -21.56 -19.77
CA SER D 31 21.51 -20.91 -19.10
C SER D 31 21.01 -19.80 -18.18
N LYS D 32 21.46 -19.81 -16.92
CA LYS D 32 21.06 -18.79 -15.97
C LYS D 32 21.73 -17.45 -16.22
N ASP D 33 22.56 -17.35 -17.27
CA ASP D 33 23.20 -16.09 -17.65
C ASP D 33 22.26 -15.13 -18.38
N PHE D 34 21.29 -15.67 -19.12
CA PHE D 34 20.32 -14.85 -19.83
C PHE D 34 19.02 -14.76 -19.03
N TRP D 35 18.16 -13.82 -19.42
CA TRP D 35 16.90 -13.66 -18.72
C TRP D 35 16.01 -14.90 -18.85
N TYR D 36 15.98 -15.53 -20.03
CA TYR D 36 15.10 -16.67 -20.24
C TYR D 36 15.42 -17.81 -19.27
N GLY D 37 16.71 -18.16 -19.15
CA GLY D 37 17.09 -19.23 -18.24
C GLY D 37 16.85 -18.88 -16.78
N SER D 38 17.06 -17.61 -16.43
CA SER D 38 16.82 -17.17 -15.06
C SER D 38 15.33 -17.22 -14.70
N ILE D 39 14.45 -16.75 -15.60
CA ILE D 39 13.02 -16.90 -15.39
C ILE D 39 12.66 -18.36 -15.18
N MET D 40 13.22 -19.24 -16.01
CA MET D 40 12.87 -20.65 -15.92
C MET D 40 13.32 -21.24 -14.58
N GLU D 41 14.54 -20.92 -14.15
CA GLU D 41 15.06 -21.41 -12.88
C GLU D 41 14.15 -21.00 -11.72
N TRP D 42 13.82 -19.70 -11.64
CA TRP D 42 12.93 -19.25 -10.57
C TRP D 42 11.57 -19.93 -10.67
N SER D 43 11.07 -20.15 -11.89
CA SER D 43 9.77 -20.80 -12.06
C SER D 43 9.81 -22.25 -11.61
N MET D 44 10.90 -22.97 -11.90
CA MET D 44 11.01 -24.37 -11.52
C MET D 44 11.20 -24.55 -10.01
N LYS D 45 11.63 -23.49 -9.30
CA LYS D 45 11.87 -23.60 -7.86
C LYS D 45 10.59 -23.42 -7.06
N ASN D 46 9.60 -22.71 -7.60
CA ASN D 46 8.40 -22.34 -6.85
C ASN D 46 7.18 -22.40 -7.76
N GLU D 47 6.21 -23.27 -7.44
CA GLU D 47 5.04 -23.43 -8.31
C GLU D 47 4.17 -22.17 -8.32
N LYS D 48 4.08 -21.46 -7.20
CA LYS D 48 3.34 -20.19 -7.19
C LYS D 48 4.04 -19.15 -8.04
N PHE D 49 5.37 -19.10 -7.97
CA PHE D 49 6.09 -18.16 -8.82
C PHE D 49 5.91 -18.51 -10.29
N LYS D 50 5.89 -19.81 -10.61
CA LYS D 50 5.66 -20.25 -11.97
C LYS D 50 4.30 -19.79 -12.48
N THR D 51 3.25 -19.96 -11.66
CA THR D 51 1.92 -19.53 -12.09
C THR D 51 1.87 -18.03 -12.34
N ASN D 52 2.35 -17.25 -11.37
CA ASN D 52 2.25 -15.80 -11.49
C ASN D 52 3.16 -15.27 -12.58
N MET D 53 4.35 -15.85 -12.73
CA MET D 53 5.27 -15.38 -13.77
C MET D 53 4.72 -15.64 -15.17
N PHE D 54 4.19 -16.84 -15.41
CA PHE D 54 3.69 -17.15 -16.76
C PHE D 54 2.43 -16.36 -17.06
N ARG D 55 1.59 -16.10 -16.05
CA ARG D 55 0.43 -15.24 -16.22
C ARG D 55 0.84 -13.79 -16.46
N PHE D 56 1.88 -13.31 -15.76
CA PHE D 56 2.36 -11.96 -16.02
C PHE D 56 2.87 -11.80 -17.46
N VAL D 57 3.68 -12.75 -17.94
CA VAL D 57 4.18 -12.70 -19.30
C VAL D 57 3.03 -12.73 -20.30
N ASP D 58 2.01 -13.55 -20.02
CA ASP D 58 0.85 -13.69 -20.90
C ASP D 58 0.14 -12.35 -21.11
N VAL D 59 -0.07 -11.59 -20.02
CA VAL D 59 -0.85 -10.36 -20.10
C VAL D 59 -0.02 -9.17 -20.56
N LEU D 60 1.30 -9.23 -20.40
CA LEU D 60 2.16 -8.06 -20.63
C LEU D 60 1.93 -7.37 -21.97
N PRO D 61 1.88 -8.06 -23.12
CA PRO D 61 1.73 -7.31 -24.39
C PRO D 61 0.38 -6.63 -24.54
N SER D 62 -0.59 -6.92 -23.68
CA SER D 62 -1.87 -6.25 -23.70
C SER D 62 -1.88 -4.98 -22.85
N ILE D 63 -0.78 -4.69 -22.14
CA ILE D 63 -0.71 -3.53 -21.25
C ILE D 63 0.03 -2.41 -21.96
N ASN D 64 -0.59 -1.23 -22.03
CA ASN D 64 -0.13 -0.16 -22.90
C ASN D 64 0.28 1.10 -22.14
N SER D 65 0.80 0.95 -20.92
CA SER D 65 1.32 2.11 -20.19
C SER D 65 2.22 1.61 -19.07
N GLY D 66 3.25 2.39 -18.77
CA GLY D 66 4.20 1.98 -17.75
C GLY D 66 3.57 1.87 -16.37
N ASP D 67 2.70 2.82 -16.04
CA ASP D 67 2.01 2.74 -14.75
C ASP D 67 1.21 1.45 -14.66
N GLU D 68 0.58 1.04 -15.76
CA GLU D 68 -0.21 -0.18 -15.71
C GLU D 68 0.67 -1.42 -15.66
N VAL D 69 1.85 -1.40 -16.28
CA VAL D 69 2.77 -2.54 -16.15
C VAL D 69 3.23 -2.67 -14.71
N ALA D 70 3.63 -1.56 -14.10
CA ALA D 70 4.08 -1.62 -12.71
C ALA D 70 2.96 -2.11 -11.79
N ARG D 71 1.72 -1.69 -12.04
CA ARG D 71 0.59 -2.18 -11.24
C ARG D 71 0.43 -3.69 -11.37
N HIS D 72 0.49 -4.22 -12.61
CA HIS D 72 0.38 -5.67 -12.77
C HIS D 72 1.53 -6.40 -12.08
N LEU D 73 2.74 -5.83 -12.15
CA LEU D 73 3.90 -6.44 -11.49
C LEU D 73 3.68 -6.55 -9.99
N LYS D 74 3.26 -5.47 -9.35
CA LYS D 74 3.00 -5.54 -7.91
C LYS D 74 1.93 -6.57 -7.60
N GLU D 75 0.86 -6.62 -8.40
CA GLU D 75 -0.24 -7.54 -8.09
C GLU D 75 0.16 -9.00 -8.24
N TYR D 76 1.00 -9.33 -9.25
CA TYR D 76 1.39 -10.72 -9.46
C TYR D 76 2.53 -11.15 -8.53
N PHE D 77 3.36 -10.23 -8.08
CA PHE D 77 4.46 -10.54 -7.15
C PHE D 77 4.44 -9.61 -5.93
N ALA D 98 11.21 3.36 -11.09
CA ALA D 98 10.00 4.14 -11.44
C ALA D 98 9.21 3.46 -12.55
N PRO D 99 7.86 3.54 -12.46
CA PRO D 99 6.98 2.75 -13.35
C PRO D 99 7.38 2.71 -14.82
N GLY D 100 7.51 3.86 -15.46
CA GLY D 100 7.89 3.86 -16.87
C GLY D 100 9.25 3.26 -17.14
N LEU D 101 10.16 3.33 -16.16
CA LEU D 101 11.47 2.70 -16.29
C LEU D 101 11.39 1.20 -16.03
N MET D 102 10.63 0.75 -15.03
CA MET D 102 10.53 -0.69 -14.83
C MET D 102 9.74 -1.38 -15.93
N ALA D 103 8.88 -0.66 -16.63
CA ALA D 103 8.14 -1.28 -17.74
C ALA D 103 9.03 -1.44 -18.95
N GLY D 104 9.74 -0.38 -19.31
CA GLY D 104 10.71 -0.48 -20.39
C GLY D 104 11.69 -1.62 -20.17
N ALA D 105 12.20 -1.74 -18.94
CA ALA D 105 13.15 -2.79 -18.65
C ALA D 105 12.51 -4.16 -18.83
N ILE D 106 11.40 -4.41 -18.12
CA ILE D 106 10.73 -5.70 -18.17
C ILE D 106 10.33 -6.05 -19.60
N LYS D 107 9.71 -5.09 -20.31
CA LYS D 107 9.27 -5.35 -21.69
C LYS D 107 10.46 -5.58 -22.61
N LYS D 108 11.58 -4.91 -22.38
CA LYS D 108 12.76 -5.20 -23.18
C LYS D 108 13.17 -6.65 -23.02
N ASN D 109 13.21 -7.14 -21.77
CA ASN D 109 13.61 -8.52 -21.54
C ASN D 109 12.64 -9.49 -22.20
N VAL D 110 11.34 -9.26 -22.02
CA VAL D 110 10.36 -10.23 -22.48
C VAL D 110 10.28 -10.25 -24.00
N MET D 111 10.23 -9.07 -24.64
CA MET D 111 10.26 -9.05 -26.10
C MET D 111 11.55 -9.68 -26.64
N GLY D 112 12.64 -9.56 -25.88
CA GLY D 112 13.86 -10.24 -26.26
C GLY D 112 13.70 -11.74 -26.22
N MET D 113 12.91 -12.22 -25.26
CA MET D 113 12.63 -13.65 -25.21
C MET D 113 11.80 -14.11 -26.40
N ALA D 114 10.85 -13.29 -26.84
CA ALA D 114 10.00 -13.71 -27.96
C ALA D 114 10.82 -13.88 -29.24
N LYS D 115 11.80 -13.00 -29.47
CA LYS D 115 12.63 -13.07 -30.66
C LYS D 115 13.52 -14.31 -30.69
N MET D 116 13.77 -14.95 -29.54
CA MET D 116 14.48 -16.23 -29.53
C MET D 116 13.72 -17.29 -30.32
N PHE D 117 12.40 -17.22 -30.32
CA PHE D 117 11.59 -18.29 -30.86
C PHE D 117 10.74 -17.90 -32.06
N ILE D 118 10.74 -16.63 -32.44
CA ILE D 118 9.95 -16.15 -33.58
C ILE D 118 10.92 -15.58 -34.61
N THR D 119 10.85 -16.08 -35.85
CA THR D 119 11.85 -15.68 -36.84
C THR D 119 11.66 -14.23 -37.30
N GLY D 120 10.44 -13.72 -37.22
CA GLY D 120 10.23 -12.34 -37.63
C GLY D 120 8.78 -11.95 -37.43
N GLU D 121 8.55 -10.65 -37.35
CA GLU D 121 7.19 -10.17 -37.19
C GLU D 121 6.39 -10.23 -38.47
N SER D 122 7.06 -10.31 -39.61
CA SER D 122 6.41 -10.36 -40.91
C SER D 122 7.23 -11.28 -41.80
N PRO D 123 6.65 -11.73 -42.93
CA PRO D 123 7.46 -12.50 -43.88
C PRO D 123 8.70 -11.76 -44.35
N ASP D 124 8.62 -10.44 -44.53
CA ASP D 124 9.79 -9.66 -44.94
C ASP D 124 10.90 -9.73 -43.89
N GLU D 125 10.53 -9.59 -42.62
CA GLU D 125 11.56 -9.65 -41.58
C GLU D 125 12.16 -11.04 -41.47
N ALA D 126 11.34 -12.08 -41.71
CA ALA D 126 11.76 -13.47 -41.52
C ALA D 126 12.67 -13.95 -42.63
N LEU D 127 12.53 -13.41 -43.83
CA LEU D 127 13.26 -13.93 -44.99
C LEU D 127 14.77 -14.05 -44.76
N PRO D 128 15.48 -13.02 -44.29
CA PRO D 128 16.94 -13.20 -44.07
C PRO D 128 17.27 -14.24 -43.02
N VAL D 129 16.39 -14.46 -42.03
CA VAL D 129 16.59 -15.54 -41.06
C VAL D 129 16.45 -16.90 -41.73
N LEU D 130 15.45 -17.06 -42.60
CA LEU D 130 15.31 -18.33 -43.30
C LEU D 130 16.53 -18.59 -44.17
N LYS D 131 17.02 -17.56 -44.84
CA LYS D 131 18.16 -17.74 -45.73
C LYS D 131 19.42 -18.02 -44.94
N LYS D 132 19.58 -17.40 -43.77
CA LYS D 132 20.74 -17.73 -42.93
C LYS D 132 20.70 -19.19 -42.50
N ALA D 133 19.52 -19.71 -42.17
CA ALA D 133 19.42 -21.12 -41.83
C ALA D 133 19.83 -22.00 -43.01
N ARG D 134 19.40 -21.64 -44.23
CA ARG D 134 19.82 -22.41 -45.41
C ARG D 134 21.34 -22.38 -45.56
N LYS D 135 21.96 -21.21 -45.33
CA LYS D 135 23.40 -21.14 -45.37
C LYS D 135 24.02 -22.05 -44.32
N ASN D 136 23.29 -22.36 -43.26
CA ASN D 136 23.76 -23.28 -42.25
C ASN D 136 23.22 -24.68 -42.44
N LYS D 137 22.76 -24.99 -43.65
CA LYS D 137 22.36 -26.34 -44.05
C LYS D 137 21.16 -26.83 -43.23
N MET D 138 20.23 -25.92 -42.96
CA MET D 138 18.95 -26.23 -42.33
C MET D 138 17.85 -25.62 -43.17
N THR D 139 16.77 -26.36 -43.33
CA THR D 139 15.62 -25.82 -44.01
C THR D 139 14.57 -25.44 -42.96
N PHE D 140 13.33 -25.22 -43.39
CA PHE D 140 12.34 -24.57 -42.55
C PHE D 140 10.94 -24.98 -42.97
N THR D 141 9.99 -24.72 -42.08
CA THR D 141 8.57 -24.67 -42.43
C THR D 141 7.99 -23.44 -41.75
N VAL D 142 7.41 -22.53 -42.54
CA VAL D 142 6.92 -21.24 -42.03
C VAL D 142 5.50 -21.44 -41.53
N ASP D 143 5.23 -20.88 -40.36
CA ASP D 143 3.89 -20.89 -39.78
C ASP D 143 3.54 -19.48 -39.35
N ILE D 144 2.38 -19.01 -39.78
CA ILE D 144 1.92 -17.66 -39.47
C ILE D 144 1.14 -17.71 -38.17
N LEU D 145 1.70 -17.09 -37.13
CA LEU D 145 1.01 -17.02 -35.84
C LEU D 145 -0.17 -16.06 -35.92
N GLY D 146 -1.22 -16.40 -35.19
CA GLY D 146 -2.38 -15.53 -35.10
C GLY D 146 -3.14 -15.84 -33.84
N GLU D 147 -4.05 -14.93 -33.50
CA GLU D 147 -4.96 -15.19 -32.41
C GLU D 147 -6.04 -16.15 -32.90
N ALA D 148 -6.91 -16.56 -31.98
CA ALA D 148 -7.97 -17.49 -32.37
C ALA D 148 -8.83 -16.85 -33.46
N THR D 149 -9.23 -17.67 -34.43
CA THR D 149 -10.15 -17.24 -35.47
C THR D 149 -11.56 -17.33 -34.92
N LEU D 150 -12.12 -16.19 -34.51
CA LEU D 150 -13.49 -16.16 -33.99
C LEU D 150 -14.49 -15.66 -35.01
N SER D 151 -14.05 -14.94 -36.04
CA SER D 151 -14.97 -14.35 -37.00
C SER D 151 -14.56 -14.76 -38.40
N GLU D 152 -15.52 -14.64 -39.32
CA GLU D 152 -15.25 -14.92 -40.74
C GLU D 152 -14.30 -13.90 -41.34
N LYS D 153 -14.32 -12.65 -40.86
CA LYS D 153 -13.29 -11.72 -41.31
C LYS D 153 -11.89 -12.25 -40.94
N GLU D 154 -11.73 -12.76 -39.72
CA GLU D 154 -10.43 -13.29 -39.36
C GLU D 154 -10.07 -14.53 -40.17
N ALA D 155 -11.06 -15.38 -40.48
CA ALA D 155 -10.81 -16.54 -41.33
C ALA D 155 -10.32 -16.14 -42.72
N GLN D 156 -10.98 -15.15 -43.33
CA GLN D 156 -10.60 -14.71 -44.67
C GLN D 156 -9.21 -14.08 -44.67
N ASP D 157 -8.90 -13.29 -43.62
CA ASP D 157 -7.57 -12.69 -43.51
C ASP D 157 -6.48 -13.76 -43.35
N TYR D 158 -6.74 -14.78 -42.56
CA TYR D 158 -5.76 -15.85 -42.39
C TYR D 158 -5.53 -16.57 -43.72
N SER D 159 -6.61 -16.82 -44.46
CA SER D 159 -6.51 -17.44 -45.78
C SER D 159 -5.68 -16.57 -46.73
N ASN D 160 -5.94 -15.27 -46.75
CA ASN D 160 -5.20 -14.39 -47.63
C ASN D 160 -3.72 -14.33 -47.27
N LYS D 161 -3.40 -14.30 -45.97
CA LYS D 161 -2.00 -14.30 -45.55
C LYS D 161 -1.27 -15.50 -46.13
N TYR D 162 -1.91 -16.68 -46.09
CA TYR D 162 -1.22 -17.87 -46.60
C TYR D 162 -1.09 -17.84 -48.11
N MET D 163 -2.13 -17.40 -48.83
CA MET D 163 -1.98 -17.31 -50.28
C MET D 163 -0.83 -16.40 -50.66
N GLU D 164 -0.71 -15.25 -49.98
CA GLU D 164 0.39 -14.34 -50.29
C GLU D 164 1.74 -14.92 -49.88
N LEU D 165 1.81 -15.58 -48.72
CA LEU D 165 3.06 -16.19 -48.27
C LEU D 165 3.57 -17.22 -49.27
N VAL D 166 2.71 -18.13 -49.71
CA VAL D 166 3.14 -19.18 -50.62
C VAL D 166 3.66 -18.57 -51.93
N THR D 167 2.91 -17.61 -52.48
CA THR D 167 3.29 -17.00 -53.75
C THR D 167 4.63 -16.29 -53.63
N TRP D 168 4.76 -15.45 -52.62
CA TRP D 168 5.93 -14.60 -52.47
C TRP D 168 7.17 -15.41 -52.12
N LEU D 169 7.06 -16.40 -51.22
CA LEU D 169 8.23 -17.21 -50.88
C LEU D 169 8.66 -18.08 -52.05
N ALA D 170 7.70 -18.70 -52.74
CA ALA D 170 8.03 -19.48 -53.93
C ALA D 170 8.75 -18.64 -54.97
N LYS D 171 8.29 -17.38 -55.16
CA LYS D 171 8.93 -16.49 -56.12
C LYS D 171 10.37 -16.19 -55.69
N ASP D 172 10.58 -15.86 -54.41
CA ASP D 172 11.94 -15.59 -53.97
C ASP D 172 12.81 -16.82 -54.10
N ALA D 173 12.26 -18.00 -53.80
CA ALA D 173 13.07 -19.21 -53.85
C ALA D 173 13.50 -19.59 -55.26
N GLU D 174 12.93 -18.95 -56.29
CA GLU D 174 13.38 -19.22 -57.65
C GLU D 174 14.86 -18.91 -57.82
N LYS D 175 15.39 -17.96 -57.05
CA LYS D 175 16.79 -17.57 -57.16
C LYS D 175 17.72 -18.30 -56.18
N TRP D 176 17.20 -19.22 -55.35
CA TRP D 176 18.02 -19.88 -54.34
C TRP D 176 18.88 -20.99 -54.96
N ASP D 177 20.15 -21.03 -54.55
CA ASP D 177 21.05 -22.10 -54.97
C ASP D 177 20.64 -23.41 -54.32
N GLU D 178 20.97 -24.52 -54.97
CA GLU D 178 20.58 -25.81 -54.42
C GLU D 178 21.54 -26.24 -53.32
N VAL D 179 20.98 -26.66 -52.20
CA VAL D 179 21.72 -27.17 -51.06
C VAL D 179 21.29 -28.61 -50.85
N PRO D 180 22.05 -29.58 -51.39
CA PRO D 180 21.52 -30.96 -51.48
C PRO D 180 21.12 -31.57 -50.13
N GLN D 181 21.81 -31.22 -49.04
CA GLN D 181 21.44 -31.79 -47.75
C GLN D 181 20.00 -31.46 -47.38
N ILE D 182 19.49 -30.31 -47.82
CA ILE D 182 18.13 -29.92 -47.47
C ILE D 182 17.17 -29.90 -48.65
N ASP D 183 17.65 -29.84 -49.89
CA ASP D 183 16.79 -29.71 -51.06
C ASP D 183 16.61 -31.02 -51.83
N ARG D 184 17.15 -32.12 -51.32
CA ARG D 184 17.04 -33.43 -51.95
C ARG D 184 16.85 -34.48 -50.88
N ASP D 185 16.13 -35.54 -51.23
CA ASP D 185 16.16 -36.74 -50.39
C ASP D 185 16.83 -37.87 -51.20
N HIS D 186 16.55 -39.12 -50.80
CA HIS D 186 17.16 -40.24 -51.50
C HIS D 186 16.51 -40.53 -52.85
N GLU D 187 15.37 -39.92 -53.15
CA GLU D 187 14.69 -40.19 -54.40
C GLU D 187 14.87 -39.08 -55.43
N GLY D 188 15.03 -37.84 -54.97
CA GLY D 188 15.14 -36.73 -55.91
C GLY D 188 14.97 -35.40 -55.22
N ALA D 189 14.51 -34.42 -55.99
CA ALA D 189 14.37 -33.07 -55.48
C ALA D 189 13.23 -32.97 -54.47
N LEU D 190 13.39 -32.05 -53.52
CA LEU D 190 12.40 -31.66 -52.54
C LEU D 190 12.00 -30.20 -52.71
N PRO D 191 10.81 -29.82 -52.24
CA PRO D 191 10.46 -28.39 -52.22
C PRO D 191 11.45 -27.60 -51.38
N LYS D 192 11.85 -26.44 -51.91
CA LYS D 192 12.65 -25.51 -51.12
C LYS D 192 11.84 -24.67 -50.16
N VAL D 193 10.51 -24.62 -50.35
CA VAL D 193 9.61 -23.80 -49.55
C VAL D 193 8.54 -24.72 -48.96
N ASN D 194 8.30 -24.56 -47.66
CA ASN D 194 7.48 -25.47 -46.86
C ASN D 194 6.66 -24.62 -45.91
N VAL D 195 5.33 -24.73 -45.94
CA VAL D 195 4.49 -23.95 -45.04
C VAL D 195 3.58 -24.88 -44.24
N SER D 196 3.31 -24.47 -43.00
CA SER D 196 2.41 -25.18 -42.10
C SER D 196 1.16 -24.33 -41.86
N VAL D 197 0.00 -24.99 -41.89
CA VAL D 197 -1.30 -24.32 -41.80
C VAL D 197 -2.10 -24.89 -40.64
N LYS D 198 -2.77 -24.02 -39.89
CA LYS D 198 -3.70 -24.44 -38.80
C LYS D 198 -5.12 -24.47 -39.34
N MET D 199 -5.74 -25.64 -39.28
CA MET D 199 -7.04 -25.85 -39.94
C MET D 199 -8.14 -24.94 -39.38
N THR D 200 -8.28 -24.90 -38.05
CA THR D 200 -9.34 -24.10 -37.43
C THR D 200 -9.13 -22.61 -37.65
N ALA D 201 -7.96 -22.18 -38.09
CA ALA D 201 -7.81 -20.77 -38.38
C ALA D 201 -8.57 -20.35 -39.63
N LEU D 202 -8.98 -21.31 -40.45
CA LEU D 202 -9.59 -21.01 -41.74
C LEU D 202 -11.11 -20.91 -41.67
N TYR D 203 -11.71 -21.23 -40.53
CA TYR D 203 -13.16 -21.24 -40.44
C TYR D 203 -13.55 -21.10 -38.97
N SER D 204 -14.45 -20.17 -38.68
CA SER D 204 -14.78 -19.87 -37.29
C SER D 204 -16.01 -20.58 -36.77
N GLN D 205 -16.77 -21.26 -37.63
CA GLN D 205 -18.03 -21.86 -37.16
C GLN D 205 -18.02 -23.39 -37.33
N ILE D 206 -16.92 -24.04 -36.98
CA ILE D 206 -16.92 -25.51 -36.95
C ILE D 206 -17.94 -26.00 -35.95
N LYS D 207 -18.74 -26.97 -36.35
CA LYS D 207 -19.82 -27.46 -35.50
C LYS D 207 -19.92 -28.96 -35.74
N ASP D 208 -19.52 -29.77 -34.75
CA ASP D 208 -19.43 -31.20 -35.04
C ASP D 208 -20.79 -31.83 -35.27
N ALA D 209 -21.86 -31.29 -34.69
CA ALA D 209 -23.20 -31.83 -34.99
C ALA D 209 -23.51 -31.71 -36.48
N ALA D 210 -22.97 -30.69 -37.14
CA ALA D 210 -23.07 -30.58 -38.60
C ALA D 210 -21.76 -31.03 -39.26
N TRP D 211 -21.41 -32.29 -38.99
CA TRP D 211 -20.08 -32.82 -39.33
C TRP D 211 -19.77 -32.67 -40.82
N ASP D 212 -20.65 -33.20 -41.67
CA ASP D 212 -20.40 -33.19 -43.10
C ASP D 212 -20.34 -31.77 -43.65
N GLU D 213 -21.22 -30.89 -43.17
CA GLU D 213 -21.19 -29.50 -43.62
C GLU D 213 -19.91 -28.81 -43.15
N SER D 214 -19.56 -28.97 -41.87
CA SER D 214 -18.32 -28.38 -41.37
C SER D 214 -17.11 -28.94 -42.12
N LYS D 215 -17.09 -30.26 -42.35
CA LYS D 215 -15.98 -30.86 -43.09
C LYS D 215 -15.89 -30.28 -44.51
N LYS D 216 -17.04 -30.09 -45.17
CA LYS D 216 -17.06 -29.54 -46.52
C LYS D 216 -16.45 -28.15 -46.56
N ILE D 217 -16.83 -27.30 -45.61
CA ILE D 217 -16.34 -25.92 -45.61
C ILE D 217 -14.84 -25.90 -45.36
N LEU D 218 -14.37 -26.71 -44.41
CA LEU D 218 -12.95 -26.77 -44.12
C LEU D 218 -12.15 -27.19 -45.35
N LYS D 219 -12.61 -28.24 -46.05
CA LYS D 219 -11.95 -28.64 -47.30
C LYS D 219 -12.02 -27.52 -48.31
N ASP D 220 -13.18 -26.85 -48.42
CA ASP D 220 -13.31 -25.75 -49.36
C ASP D 220 -12.35 -24.62 -49.05
N ARG D 221 -12.08 -24.36 -47.76
CA ARG D 221 -11.15 -23.29 -47.39
C ARG D 221 -9.69 -23.72 -47.56
N LEU D 222 -9.39 -25.00 -47.31
CA LEU D 222 -8.03 -25.50 -47.45
C LEU D 222 -7.61 -25.65 -48.91
N ARG D 223 -8.56 -26.06 -49.78
CA ARG D 223 -8.25 -26.43 -51.16
C ARG D 223 -7.46 -25.39 -51.94
N PRO D 224 -7.80 -24.10 -51.93
CA PRO D 224 -6.97 -23.13 -52.68
C PRO D 224 -5.53 -23.05 -52.19
N VAL D 225 -5.29 -23.27 -50.89
CA VAL D 225 -3.93 -23.29 -50.38
C VAL D 225 -3.19 -24.53 -50.87
N PHE D 226 -3.78 -25.71 -50.71
CA PHE D 226 -3.13 -26.92 -51.23
C PHE D 226 -2.91 -26.79 -52.74
N ARG D 227 -3.88 -26.21 -53.47
CA ARG D 227 -3.72 -26.07 -54.91
C ARG D 227 -2.59 -25.12 -55.27
N LEU D 228 -2.59 -23.92 -54.68
CA LEU D 228 -1.51 -22.98 -54.94
C LEU D 228 -0.15 -23.57 -54.57
N GLY D 229 -0.06 -24.24 -53.42
CA GLY D 229 1.19 -24.90 -53.07
C GLY D 229 1.61 -25.93 -54.11
N MET D 230 0.68 -26.78 -54.52
CA MET D 230 0.99 -27.79 -55.53
C MET D 230 1.51 -27.13 -56.79
N GLU D 231 0.84 -26.06 -57.24
CA GLU D 231 1.23 -25.42 -58.48
C GLU D 231 2.62 -24.81 -58.40
N LYS D 232 3.04 -24.35 -57.21
CA LYS D 232 4.35 -23.73 -57.08
C LYS D 232 5.44 -24.69 -56.67
N GLY D 233 5.15 -25.99 -56.52
CA GLY D 233 6.14 -26.92 -56.01
C GLY D 233 6.47 -26.72 -54.54
N VAL D 234 5.53 -26.18 -53.78
CA VAL D 234 5.71 -25.88 -52.36
C VAL D 234 5.15 -27.04 -51.55
N PHE D 235 5.82 -27.36 -50.44
CA PHE D 235 5.30 -28.32 -49.48
C PHE D 235 4.27 -27.65 -48.58
N VAL D 236 3.09 -28.25 -48.43
CA VAL D 236 2.04 -27.72 -47.57
C VAL D 236 1.74 -28.74 -46.49
N ASN D 237 1.96 -28.36 -45.23
CA ASN D 237 1.75 -29.25 -44.11
C ASN D 237 0.55 -28.78 -43.30
N LEU D 238 -0.34 -29.70 -42.97
CA LEU D 238 -1.49 -29.37 -42.13
C LEU D 238 -1.12 -29.73 -40.70
N ASP D 239 -1.13 -28.74 -39.81
CA ASP D 239 -0.83 -29.01 -38.40
C ASP D 239 -1.97 -29.81 -37.76
N MET D 240 -1.74 -30.30 -36.55
CA MET D 240 -2.79 -30.98 -35.79
C MET D 240 -3.02 -30.21 -34.50
N GLU D 241 -4.27 -29.83 -34.28
CA GLU D 241 -4.61 -29.03 -33.13
C GLU D 241 -5.17 -29.89 -32.00
N GLN D 242 -6.01 -29.28 -31.15
CA GLN D 242 -6.48 -29.98 -29.97
C GLN D 242 -7.36 -31.16 -30.36
N TYR D 243 -7.55 -32.08 -29.41
CA TYR D 243 -8.18 -33.36 -29.71
C TYR D 243 -9.60 -33.20 -30.24
N SER D 244 -10.30 -32.15 -29.83
CA SER D 244 -11.68 -31.95 -30.25
C SER D 244 -11.82 -31.77 -31.76
N VAL D 245 -10.73 -31.48 -32.47
CA VAL D 245 -10.82 -31.43 -33.93
C VAL D 245 -9.91 -32.47 -34.59
N LYS D 246 -9.37 -33.43 -33.82
CA LYS D 246 -8.38 -34.35 -34.38
C LYS D 246 -9.00 -35.27 -35.44
N HIS D 247 -10.13 -35.92 -35.12
CA HIS D 247 -10.75 -36.82 -36.10
C HIS D 247 -11.18 -36.04 -37.34
N LEU D 248 -11.78 -34.86 -37.14
CA LEU D 248 -12.21 -34.02 -38.26
C LEU D 248 -11.03 -33.59 -39.13
N THR D 249 -9.91 -33.19 -38.51
CA THR D 249 -8.75 -32.80 -39.29
C THR D 249 -8.28 -33.92 -40.21
N LEU D 250 -8.27 -35.16 -39.72
CA LEU D 250 -7.78 -36.26 -40.53
C LEU D 250 -8.71 -36.56 -41.70
N GLU D 251 -10.04 -36.52 -41.46
CA GLU D 251 -10.98 -36.69 -42.55
C GLU D 251 -10.85 -35.57 -43.58
N VAL D 252 -10.69 -34.33 -43.13
CA VAL D 252 -10.47 -33.23 -44.06
C VAL D 252 -9.24 -33.50 -44.92
N PHE D 253 -8.12 -33.84 -44.27
CA PHE D 253 -6.86 -34.02 -44.97
C PHE D 253 -6.93 -35.19 -45.96
N THR D 254 -7.39 -36.36 -45.50
CA THR D 254 -7.33 -37.50 -46.40
C THR D 254 -8.28 -37.34 -47.57
N GLU D 255 -9.48 -36.79 -47.33
CA GLU D 255 -10.39 -36.57 -48.46
C GLU D 255 -9.84 -35.55 -49.44
N LEU D 256 -9.20 -34.48 -48.94
CA LEU D 256 -8.71 -33.43 -49.84
C LEU D 256 -7.63 -33.97 -50.78
N ILE D 257 -6.59 -34.62 -50.23
CA ILE D 257 -5.48 -35.05 -51.07
C ILE D 257 -5.79 -36.30 -51.88
N ASN D 258 -6.96 -36.88 -51.70
CA ASN D 258 -7.44 -37.99 -52.51
C ASN D 258 -8.27 -37.53 -53.70
N GLU D 259 -8.55 -36.23 -53.81
CA GLU D 259 -9.30 -35.73 -54.94
C GLU D 259 -8.48 -35.83 -56.22
N PRO D 260 -9.13 -36.00 -57.37
CA PRO D 260 -8.39 -36.18 -58.63
C PRO D 260 -7.27 -35.18 -58.86
N GLU D 261 -7.49 -33.88 -58.63
CA GLU D 261 -6.42 -32.94 -58.93
C GLU D 261 -5.24 -33.01 -57.96
N PHE D 262 -5.39 -33.66 -56.82
CA PHE D 262 -4.33 -33.71 -55.80
C PHE D 262 -3.71 -35.09 -55.65
N LYS D 263 -4.29 -36.11 -56.27
CA LYS D 263 -4.03 -37.50 -55.91
C LYS D 263 -2.59 -37.92 -56.21
N ASN D 264 -1.85 -37.15 -57.03
CA ASN D 264 -0.50 -37.49 -57.45
C ASN D 264 0.59 -36.63 -56.81
N TYR D 265 0.26 -35.72 -55.89
CA TYR D 265 1.26 -34.84 -55.32
C TYR D 265 1.75 -35.40 -54.00
N LYS D 266 3.06 -35.52 -53.87
CA LYS D 266 3.66 -36.10 -52.69
C LYS D 266 3.85 -35.10 -51.56
N PHE D 267 3.86 -33.81 -51.84
CA PHE D 267 4.36 -32.86 -50.86
C PHE D 267 3.23 -32.19 -50.08
N PHE D 268 2.32 -33.02 -49.58
CA PHE D 268 1.37 -32.65 -48.54
C PHE D 268 1.70 -33.44 -47.28
N GLY D 269 1.53 -32.80 -46.13
CA GLY D 269 1.86 -33.42 -44.86
C GLY D 269 0.79 -33.17 -43.82
N ILE D 270 0.72 -34.10 -42.87
CA ILE D 270 -0.23 -34.05 -41.76
C ILE D 270 0.52 -34.41 -40.47
N VAL D 271 0.08 -33.83 -39.36
CA VAL D 271 0.69 -34.11 -38.06
C VAL D 271 -0.07 -35.23 -37.36
N ILE D 272 0.66 -36.15 -36.74
CA ILE D 272 0.09 -37.12 -35.79
C ILE D 272 0.81 -36.95 -34.45
N GLN D 273 0.04 -36.96 -33.35
CA GLN D 273 0.56 -36.69 -32.01
C GLN D 273 0.66 -38.00 -31.23
N ALA D 274 1.89 -38.44 -30.96
CA ALA D 274 2.11 -39.74 -30.34
C ALA D 274 1.65 -39.82 -28.90
N TYR D 275 1.35 -38.69 -28.25
CA TYR D 275 0.85 -38.76 -26.89
C TYR D 275 -0.64 -39.13 -26.83
N LEU D 276 -1.31 -39.33 -27.97
CA LEU D 276 -2.71 -39.75 -27.99
C LEU D 276 -2.83 -41.27 -27.95
N ARG D 277 -3.83 -41.76 -27.20
CA ARG D 277 -4.06 -43.20 -27.10
C ARG D 277 -4.46 -43.81 -28.44
N ASP D 278 -5.07 -43.03 -29.35
CA ASP D 278 -5.48 -43.60 -30.63
C ASP D 278 -4.50 -43.30 -31.77
N SER D 279 -3.29 -42.81 -31.47
CA SER D 279 -2.40 -42.36 -32.55
C SER D 279 -1.81 -43.52 -33.33
N PHE D 280 -1.49 -44.66 -32.68
CA PHE D 280 -0.99 -45.78 -33.47
C PHE D 280 -2.06 -46.26 -34.45
N GLU D 281 -3.34 -46.24 -34.02
CA GLU D 281 -4.44 -46.59 -34.92
C GLU D 281 -4.51 -45.62 -36.09
N ASP D 282 -4.34 -44.32 -35.83
CA ASP D 282 -4.34 -43.35 -36.93
C ASP D 282 -3.14 -43.55 -37.85
N VAL D 283 -1.97 -43.86 -37.30
CA VAL D 283 -0.81 -44.14 -38.13
C VAL D 283 -1.06 -45.36 -39.03
N LYS D 284 -1.65 -46.41 -38.47
CA LYS D 284 -1.97 -47.58 -39.27
C LYS D 284 -2.98 -47.24 -40.36
N SER D 285 -4.00 -46.47 -40.01
CA SER D 285 -5.03 -46.11 -40.98
C SER D 285 -4.48 -45.19 -42.08
N LEU D 286 -3.64 -44.21 -41.71
CA LEU D 286 -3.05 -43.34 -42.72
C LEU D 286 -2.12 -44.14 -43.64
N THR D 287 -1.43 -45.14 -43.10
CA THR D 287 -0.54 -45.95 -43.92
C THR D 287 -1.35 -46.78 -44.90
N GLU D 288 -2.40 -47.43 -44.42
CA GLU D 288 -3.28 -48.17 -45.32
C GLU D 288 -3.89 -47.21 -46.34
N PHE D 289 -4.30 -46.02 -45.90
CA PHE D 289 -4.84 -45.03 -46.81
C PHE D 289 -3.83 -44.60 -47.85
N ALA D 290 -2.57 -44.42 -47.44
CA ALA D 290 -1.52 -44.06 -48.39
C ALA D 290 -1.38 -45.12 -49.48
N GLN D 291 -1.54 -46.39 -49.11
CA GLN D 291 -1.46 -47.45 -50.11
C GLN D 291 -2.61 -47.34 -51.10
N LYS D 292 -3.84 -47.17 -50.60
CA LYS D 292 -4.99 -47.03 -51.50
C LYS D 292 -4.84 -45.80 -52.40
N ARG D 293 -4.30 -44.70 -51.87
CA ARG D 293 -4.11 -43.51 -52.68
C ARG D 293 -3.13 -43.78 -53.83
N GLY D 294 -2.11 -44.61 -53.58
CA GLY D 294 -1.17 -44.94 -54.63
C GLY D 294 -0.08 -43.90 -54.85
N THR D 295 0.00 -42.87 -54.00
CA THR D 295 1.01 -41.83 -54.06
C THR D 295 1.35 -41.47 -52.62
N PRO D 296 2.62 -41.40 -52.26
CA PRO D 296 2.95 -41.08 -50.88
C PRO D 296 2.51 -39.68 -50.47
N PHE D 297 2.30 -39.51 -49.16
CA PHE D 297 2.25 -38.21 -48.50
C PHE D 297 3.09 -38.31 -47.22
N TRP D 298 3.19 -37.19 -46.50
CA TRP D 298 4.06 -37.10 -45.35
C TRP D 298 3.30 -37.06 -44.03
N VAL D 299 3.88 -37.67 -43.00
CA VAL D 299 3.40 -37.59 -41.63
C VAL D 299 4.50 -36.96 -40.80
N ARG D 300 4.19 -35.83 -40.17
CA ARG D 300 5.09 -35.21 -39.20
C ARG D 300 4.74 -35.76 -37.82
N LEU D 301 5.62 -36.57 -37.26
CA LEU D 301 5.34 -37.24 -35.99
C LEU D 301 5.83 -36.34 -34.86
N VAL D 302 4.90 -35.89 -34.01
CA VAL D 302 5.22 -35.06 -32.84
C VAL D 302 4.73 -35.81 -31.61
N LYS D 303 5.05 -35.29 -30.43
CA LYS D 303 4.45 -35.91 -29.26
C LYS D 303 3.09 -35.28 -28.94
N GLY D 304 3.03 -33.96 -28.80
CA GLY D 304 1.75 -33.30 -28.62
C GLY D 304 1.89 -32.04 -27.76
N ALA D 305 1.20 -30.97 -28.17
CA ALA D 305 1.38 -29.67 -27.56
C ALA D 305 0.30 -29.30 -26.55
N TYR D 306 -0.74 -30.12 -26.36
CA TYR D 306 -1.90 -29.72 -25.55
C TYR D 306 -2.14 -30.60 -24.33
N TRP D 307 -1.08 -31.14 -23.71
CA TRP D 307 -1.27 -32.21 -22.72
C TRP D 307 -2.13 -31.76 -21.54
N ASP D 308 -1.72 -30.70 -20.83
CA ASP D 308 -2.50 -30.23 -19.68
C ASP D 308 -3.93 -29.94 -20.08
N TYR D 309 -4.11 -29.21 -21.19
CA TYR D 309 -5.46 -28.88 -21.66
C TYR D 309 -6.32 -30.12 -21.82
N GLU D 310 -5.77 -31.17 -22.45
CA GLU D 310 -6.58 -32.36 -22.72
C GLU D 310 -6.99 -33.05 -21.42
N THR D 311 -6.12 -33.08 -20.41
CA THR D 311 -6.51 -33.73 -19.15
C THR D 311 -7.60 -32.92 -18.46
N ILE D 312 -7.54 -31.59 -18.55
CA ILE D 312 -8.53 -30.74 -17.91
C ILE D 312 -9.87 -30.82 -18.65
N GLU D 313 -9.82 -30.69 -19.96
CA GLU D 313 -11.04 -30.74 -20.76
C GLU D 313 -11.78 -32.05 -20.54
N ALA D 314 -11.05 -33.18 -20.59
CA ALA D 314 -11.70 -34.47 -20.45
C ALA D 314 -12.39 -34.62 -19.08
N GLU D 315 -11.71 -34.21 -18.01
CA GLU D 315 -12.33 -34.32 -16.69
C GLU D 315 -13.51 -33.37 -16.54
N GLN D 316 -13.40 -32.16 -17.05
CA GLN D 316 -14.52 -31.24 -16.99
C GLN D 316 -15.74 -31.80 -17.71
N ARG D 317 -15.52 -32.51 -18.81
CA ARG D 317 -16.64 -33.03 -19.60
C ARG D 317 -17.09 -34.42 -19.19
N GLY D 318 -16.38 -35.09 -18.27
CA GLY D 318 -16.68 -36.50 -18.01
C GLY D 318 -16.40 -37.42 -19.18
N TRP D 319 -15.41 -37.11 -20.00
CA TRP D 319 -15.00 -37.92 -21.13
C TRP D 319 -13.69 -38.67 -20.85
N PRO D 320 -13.42 -39.77 -21.56
CA PRO D 320 -12.11 -40.45 -21.41
C PRO D 320 -10.97 -39.52 -21.74
N VAL D 321 -9.88 -39.63 -20.97
CA VAL D 321 -8.72 -38.77 -21.20
C VAL D 321 -7.99 -39.27 -22.46
N PRO D 322 -7.93 -38.48 -23.54
CA PRO D 322 -7.38 -39.02 -24.80
C PRO D 322 -5.87 -39.15 -24.82
N VAL D 323 -5.14 -38.49 -23.89
CA VAL D 323 -3.69 -38.56 -23.84
C VAL D 323 -3.26 -39.62 -22.83
N TYR D 324 -2.10 -40.24 -23.07
CA TYR D 324 -1.44 -40.95 -21.99
C TYR D 324 -1.10 -39.94 -20.91
N THR D 325 -1.09 -40.40 -19.65
CA THR D 325 -0.74 -39.53 -18.54
C THR D 325 0.52 -39.97 -17.83
N ASN D 326 1.22 -40.98 -18.34
CA ASN D 326 2.60 -41.29 -17.98
C ASN D 326 3.46 -40.93 -19.17
N LYS D 327 4.44 -40.04 -18.96
CA LYS D 327 5.19 -39.50 -20.09
C LYS D 327 5.99 -40.59 -20.82
N ALA D 328 6.45 -41.62 -20.09
CA ALA D 328 7.13 -42.73 -20.72
C ALA D 328 6.22 -43.46 -21.71
N GLU D 329 4.91 -43.46 -21.46
CA GLU D 329 3.98 -44.04 -22.43
C GLU D 329 4.07 -43.29 -23.75
N SER D 330 4.10 -41.96 -23.69
CA SER D 330 4.20 -41.15 -24.91
C SER D 330 5.51 -41.44 -25.64
N ASP D 331 6.62 -41.48 -24.89
CA ASP D 331 7.90 -41.78 -25.53
C ASP D 331 7.89 -43.17 -26.17
N ALA D 332 7.38 -44.17 -25.44
CA ALA D 332 7.33 -45.52 -26.01
C ALA D 332 6.42 -45.56 -27.22
N ASN D 333 5.25 -44.90 -27.14
CA ASN D 333 4.34 -44.91 -28.29
C ASN D 333 4.93 -44.13 -29.47
N TYR D 334 5.68 -43.05 -29.20
CA TYR D 334 6.36 -42.36 -30.29
C TYR D 334 7.30 -43.32 -31.04
N GLU D 335 8.13 -44.05 -30.30
CA GLU D 335 9.10 -44.92 -30.95
C GLU D 335 8.41 -46.05 -31.72
N LEU D 336 7.32 -46.59 -31.18
CA LEU D 336 6.55 -47.59 -31.91
C LEU D 336 6.01 -47.02 -33.22
N CYS D 337 5.38 -45.84 -33.15
CA CYS D 337 4.85 -45.19 -34.35
C CYS D 337 5.96 -44.90 -35.36
N ALA D 338 7.11 -44.42 -34.90
CA ALA D 338 8.24 -44.20 -35.79
C ALA D 338 8.65 -45.49 -36.48
N LYS D 339 8.71 -46.58 -35.71
CA LYS D 339 9.09 -47.87 -36.26
C LYS D 339 8.12 -48.31 -37.36
N TYR D 340 6.82 -48.18 -37.11
CA TYR D 340 5.82 -48.60 -38.10
C TYR D 340 5.95 -47.78 -39.37
N LEU D 341 6.03 -46.45 -39.25
CA LEU D 341 6.16 -45.62 -40.44
C LEU D 341 7.44 -45.96 -41.18
N LEU D 342 8.54 -46.18 -40.47
CA LEU D 342 9.77 -46.57 -41.15
C LEU D 342 9.59 -47.91 -41.87
N GLU D 343 8.93 -48.86 -41.20
CA GLU D 343 8.62 -50.16 -41.80
C GLU D 343 7.82 -50.01 -43.09
N ASN D 344 7.11 -48.90 -43.28
CA ASN D 344 6.29 -48.69 -44.47
C ASN D 344 6.69 -47.46 -45.28
N ILE D 345 7.99 -47.11 -45.25
CA ILE D 345 8.46 -45.87 -45.88
C ILE D 345 8.23 -45.88 -47.39
N LYS D 346 8.04 -47.06 -47.98
CA LYS D 346 7.71 -47.17 -49.39
C LYS D 346 6.41 -46.44 -49.73
N PHE D 347 5.45 -46.42 -48.80
CA PHE D 347 4.12 -45.85 -49.07
C PHE D 347 3.89 -44.49 -48.44
N ILE D 348 4.56 -44.19 -47.33
CA ILE D 348 4.24 -43.01 -46.52
C ILE D 348 5.56 -42.50 -45.93
N ARG D 349 5.70 -41.19 -45.80
CA ARG D 349 7.00 -40.62 -45.43
C ARG D 349 6.99 -39.96 -44.06
N PRO D 350 7.71 -40.48 -43.08
CA PRO D 350 7.77 -39.83 -41.76
C PRO D 350 8.80 -38.73 -41.71
N ALA D 351 8.47 -37.70 -40.92
CA ALA D 351 9.43 -36.70 -40.44
C ALA D 351 9.35 -36.67 -38.92
N PHE D 352 10.51 -36.65 -38.27
CA PHE D 352 10.55 -36.85 -36.83
C PHE D 352 10.78 -35.52 -36.13
N ALA D 353 9.73 -34.98 -35.51
CA ALA D 353 9.78 -33.72 -34.79
C ALA D 353 9.97 -33.98 -33.30
N SER D 354 11.17 -33.72 -32.79
CA SER D 354 11.50 -33.96 -31.39
C SER D 354 12.87 -33.36 -31.08
N HIS D 355 13.04 -32.86 -29.86
CA HIS D 355 14.32 -32.39 -29.34
C HIS D 355 15.00 -33.43 -28.43
N ASN D 356 14.41 -34.61 -28.31
CA ASN D 356 14.82 -35.63 -27.35
C ASN D 356 15.88 -36.54 -27.97
N VAL D 357 17.08 -36.56 -27.40
CA VAL D 357 18.18 -37.31 -28.00
C VAL D 357 17.86 -38.81 -28.01
N ARG D 358 17.23 -39.33 -26.96
CA ARG D 358 16.78 -40.73 -26.96
C ARG D 358 15.84 -41.01 -28.13
N THR D 359 14.77 -40.20 -28.27
CA THR D 359 13.81 -40.35 -29.37
C THR D 359 14.51 -40.31 -30.72
N LEU D 360 15.34 -39.30 -30.92
CA LEU D 360 16.05 -39.13 -32.19
C LEU D 360 16.94 -40.34 -32.47
N ALA D 361 17.70 -40.81 -31.47
CA ALA D 361 18.58 -41.95 -31.69
C ALA D 361 17.78 -43.21 -31.97
N ALA D 362 16.63 -43.38 -31.32
CA ALA D 362 15.77 -44.52 -31.62
C ALA D 362 15.31 -44.48 -33.06
N CYS D 363 14.91 -43.29 -33.54
CA CYS D 363 14.50 -43.17 -34.93
C CYS D 363 15.63 -43.57 -35.87
N MET D 364 16.86 -43.11 -35.59
CA MET D 364 17.98 -43.42 -36.47
C MET D 364 18.24 -44.92 -36.56
N LEU D 365 18.20 -45.62 -35.43
CA LEU D 365 18.55 -47.04 -35.45
C LEU D 365 17.48 -47.86 -36.17
N TYR D 366 16.20 -47.59 -35.90
CA TYR D 366 15.13 -48.26 -36.64
C TYR D 366 15.30 -48.05 -38.13
N ALA D 367 15.68 -46.83 -38.54
CA ALA D 367 15.92 -46.60 -39.97
C ALA D 367 17.10 -47.43 -40.47
N GLU D 368 18.18 -47.48 -39.71
CA GLU D 368 19.36 -48.20 -40.20
C GLU D 368 19.10 -49.70 -40.24
N LYS D 369 18.36 -50.22 -39.26
CA LYS D 369 18.04 -51.65 -39.27
C LYS D 369 17.13 -52.04 -40.43
N LEU D 370 16.39 -51.11 -40.99
CA LEU D 370 15.62 -51.37 -42.20
C LEU D 370 16.40 -51.04 -43.47
N ASN D 371 17.68 -50.72 -43.34
CA ASN D 371 18.54 -50.33 -44.47
C ASN D 371 18.00 -49.13 -45.23
N ILE D 372 17.32 -48.22 -44.52
CA ILE D 372 16.88 -46.96 -45.14
C ILE D 372 18.03 -45.98 -45.13
N PRO D 373 18.37 -45.35 -46.26
CA PRO D 373 19.48 -44.40 -46.25
C PRO D 373 19.11 -43.15 -45.48
N LYS D 374 20.13 -42.50 -44.91
CA LYS D 374 19.88 -41.33 -44.09
C LYS D 374 19.17 -40.22 -44.86
N GLU D 375 19.45 -40.06 -46.15
CA GLU D 375 18.82 -38.99 -46.91
C GLU D 375 17.31 -39.16 -47.03
N ALA D 376 16.77 -40.33 -46.73
CA ALA D 376 15.33 -40.49 -46.75
C ALA D 376 14.68 -39.84 -45.54
N LEU D 377 15.39 -39.72 -44.42
CA LEU D 377 14.84 -39.25 -43.16
C LEU D 377 14.76 -37.73 -43.12
N GLU D 378 13.98 -37.23 -42.16
CA GLU D 378 13.95 -35.81 -41.89
C GLU D 378 13.64 -35.60 -40.42
N PHE D 379 14.39 -34.70 -39.80
CA PHE D 379 14.18 -34.32 -38.41
C PHE D 379 13.73 -32.87 -38.33
N GLN D 380 12.93 -32.55 -37.30
CA GLN D 380 12.37 -31.22 -37.18
C GLN D 380 12.43 -30.76 -35.73
N MET D 381 12.74 -29.47 -35.56
CA MET D 381 12.85 -28.87 -34.25
C MET D 381 12.34 -27.44 -34.34
N LEU D 382 12.01 -26.87 -33.18
CA LEU D 382 11.52 -25.49 -33.12
C LEU D 382 12.67 -24.51 -33.33
N TYR D 383 12.40 -23.42 -34.06
CA TYR D 383 13.37 -22.33 -34.16
C TYR D 383 13.75 -21.84 -32.77
N GLY D 384 15.06 -21.65 -32.55
CA GLY D 384 15.54 -21.15 -31.28
C GLY D 384 15.67 -22.18 -30.19
N MET D 385 15.24 -23.41 -30.41
CA MET D 385 15.24 -24.50 -29.42
C MET D 385 16.40 -25.46 -29.70
N ALA D 386 17.08 -25.87 -28.63
CA ALA D 386 18.01 -27.02 -28.71
C ALA D 386 19.08 -26.84 -29.78
N GLU D 387 19.61 -25.61 -29.90
CA GLU D 387 20.64 -25.29 -30.89
C GLU D 387 21.81 -26.29 -30.92
N PRO D 388 22.38 -26.71 -29.80
CA PRO D 388 23.50 -27.69 -29.88
C PRO D 388 23.09 -29.03 -30.45
N ILE D 389 21.87 -29.49 -30.15
CA ILE D 389 21.40 -30.75 -30.70
C ILE D 389 21.15 -30.61 -32.20
N LYS D 390 20.43 -29.55 -32.57
CA LYS D 390 20.17 -29.22 -33.97
C LYS D 390 21.46 -29.24 -34.78
N LYS D 391 22.47 -28.52 -34.31
CA LYS D 391 23.73 -28.46 -35.03
C LYS D 391 24.38 -29.84 -35.14
N THR D 392 24.31 -30.66 -34.09
CA THR D 392 24.88 -32.01 -34.14
C THR D 392 24.22 -32.87 -35.22
N ILE D 393 22.88 -32.85 -35.27
CA ILE D 393 22.14 -33.61 -36.27
C ILE D 393 22.56 -33.19 -37.67
N VAL D 394 22.74 -31.88 -37.88
CA VAL D 394 23.16 -31.39 -39.19
C VAL D 394 24.57 -31.90 -39.51
N ASP D 395 25.49 -31.77 -38.53
CA ASP D 395 26.86 -32.22 -38.75
C ASP D 395 26.89 -33.70 -39.10
N MET D 396 25.95 -34.48 -38.55
CA MET D 396 25.92 -35.92 -38.82
C MET D 396 25.33 -36.25 -40.18
N GLY D 397 24.96 -35.26 -40.98
CA GLY D 397 24.52 -35.50 -42.32
C GLY D 397 23.03 -35.63 -42.50
N TYR D 398 22.24 -35.38 -41.47
CA TYR D 398 20.80 -35.54 -41.57
C TYR D 398 20.16 -34.23 -42.02
N ARG D 399 19.00 -34.36 -42.65
CA ARG D 399 18.21 -33.21 -43.06
C ARG D 399 17.40 -32.69 -41.87
N MET D 400 17.56 -31.40 -41.55
CA MET D 400 16.92 -30.75 -40.39
C MET D 400 16.04 -29.60 -40.87
N ARG D 401 14.79 -29.57 -40.42
CA ARG D 401 13.84 -28.51 -40.79
C ARG D 401 13.41 -27.76 -39.53
N GLU D 402 13.55 -26.44 -39.54
CA GLU D 402 13.20 -25.61 -38.39
C GLU D 402 11.76 -25.14 -38.51
N TYR D 403 10.96 -25.41 -37.48
CA TYR D 403 9.66 -24.78 -37.38
C TYR D 403 9.88 -23.30 -37.14
N ALA D 404 9.40 -22.46 -38.07
CA ALA D 404 9.76 -21.05 -38.15
C ALA D 404 8.53 -20.17 -37.98
N PRO D 405 8.17 -19.83 -36.76
CA PRO D 405 6.99 -18.98 -36.54
C PRO D 405 7.24 -17.57 -37.03
N VAL D 406 6.19 -16.97 -37.58
CA VAL D 406 6.20 -15.58 -38.03
C VAL D 406 4.93 -14.94 -37.47
N GLY D 407 5.03 -13.76 -36.87
CA GLY D 407 3.83 -13.09 -36.41
C GLY D 407 4.09 -11.99 -35.41
N GLU D 408 3.00 -11.31 -35.06
CA GLU D 408 2.98 -10.15 -34.17
C GLU D 408 3.16 -10.53 -32.70
N LEU D 409 3.39 -9.49 -31.89
CA LEU D 409 3.77 -9.68 -30.48
C LEU D 409 2.73 -10.46 -29.69
N ILE D 410 1.44 -10.16 -29.88
CA ILE D 410 0.43 -10.78 -29.03
C ILE D 410 0.35 -12.27 -29.34
N PRO D 411 0.15 -12.72 -30.59
CA PRO D 411 0.31 -14.17 -30.85
C PRO D 411 1.73 -14.67 -30.60
N GLY D 412 2.72 -13.81 -30.79
CA GLY D 412 4.09 -14.22 -30.50
C GLY D 412 4.37 -14.45 -29.03
N MET D 413 3.71 -13.69 -28.16
CA MET D 413 3.89 -13.89 -26.73
C MET D 413 3.13 -15.09 -26.20
N ALA D 414 2.00 -15.45 -26.83
CA ALA D 414 1.35 -16.71 -26.46
C ALA D 414 2.26 -17.88 -26.77
N TYR D 415 2.85 -17.88 -27.98
CA TYR D 415 3.76 -18.94 -28.35
C TYR D 415 4.90 -19.03 -27.36
N LEU D 416 5.47 -17.87 -26.97
CA LEU D 416 6.54 -17.87 -25.96
C LEU D 416 6.10 -18.53 -24.65
N VAL D 417 4.82 -18.40 -24.27
CA VAL D 417 4.36 -18.99 -23.02
C VAL D 417 4.33 -20.50 -23.12
N ARG D 418 3.92 -21.02 -24.28
CA ARG D 418 3.98 -22.45 -24.51
C ARG D 418 5.41 -22.97 -24.40
N ARG D 419 6.37 -22.23 -24.94
CA ARG D 419 7.76 -22.65 -24.81
C ARG D 419 8.17 -22.73 -23.35
N LEU D 420 7.81 -21.70 -22.58
CA LEU D 420 8.12 -21.67 -21.15
C LEU D 420 7.47 -22.86 -20.43
N LEU D 421 6.20 -23.15 -20.74
CA LEU D 421 5.51 -24.27 -20.09
C LEU D 421 6.15 -25.59 -20.45
N GLU D 422 6.47 -25.81 -21.72
CA GLU D 422 7.10 -27.07 -22.12
C GLU D 422 8.47 -27.23 -21.48
N ASN D 423 9.28 -26.17 -21.51
CA ASN D 423 10.66 -26.28 -21.08
C ASN D 423 10.79 -26.42 -19.56
N THR D 424 9.84 -25.90 -18.79
CA THR D 424 9.89 -26.04 -17.34
C THR D 424 9.07 -27.20 -16.83
N SER D 425 8.49 -28.01 -17.72
CA SER D 425 7.71 -29.16 -17.31
C SER D 425 8.60 -30.19 -16.60
N ASN D 426 8.04 -30.86 -15.59
CA ASN D 426 8.80 -31.87 -14.86
C ASN D 426 9.21 -33.03 -15.76
N GLU D 427 8.46 -33.30 -16.81
CA GLU D 427 8.75 -34.41 -17.71
C GLU D 427 9.61 -34.03 -18.91
N SER D 428 10.02 -32.77 -19.03
CA SER D 428 10.76 -32.30 -20.21
C SER D 428 12.13 -32.98 -20.30
N TRP D 429 12.43 -33.62 -21.43
CA TRP D 429 13.74 -34.23 -21.59
C TRP D 429 14.82 -33.17 -21.57
N LEU D 430 14.57 -32.01 -22.18
CA LEU D 430 15.56 -30.94 -22.21
C LEU D 430 15.87 -30.44 -20.80
N ARG D 431 14.84 -30.26 -19.99
CA ARG D 431 15.05 -29.88 -18.59
C ARG D 431 15.86 -30.93 -17.86
N GLY D 432 15.58 -32.21 -18.09
CA GLY D 432 16.37 -33.26 -17.45
C GLY D 432 17.83 -33.20 -17.85
N LYS D 433 18.11 -32.87 -19.10
CA LYS D 433 19.49 -32.79 -19.55
C LYS D 433 20.16 -31.51 -19.05
N PHE D 434 19.54 -30.36 -19.29
CA PHE D 434 20.27 -29.11 -19.11
C PHE D 434 20.03 -28.43 -17.76
N ALA D 435 19.15 -28.98 -16.92
CA ALA D 435 18.85 -28.32 -15.64
C ALA D 435 18.94 -29.27 -14.46
N ASP D 436 18.38 -30.46 -14.57
CA ASP D 436 18.36 -31.40 -13.45
C ASP D 436 19.57 -32.33 -13.41
N ASN D 437 20.51 -32.18 -14.36
CA ASN D 437 21.75 -32.96 -14.40
C ASN D 437 21.51 -34.45 -14.18
N LYS D 438 20.57 -35.01 -14.94
CA LYS D 438 20.33 -36.45 -14.92
C LYS D 438 21.42 -37.18 -15.67
N SER D 439 21.69 -38.42 -15.27
CA SER D 439 22.79 -39.17 -15.85
C SER D 439 22.49 -39.51 -17.31
N MET D 440 23.54 -39.85 -18.04
CA MET D 440 23.38 -40.24 -19.43
C MET D 440 22.58 -41.52 -19.56
N ALA D 441 22.75 -42.44 -18.62
CA ALA D 441 21.99 -43.68 -18.63
C ALA D 441 20.50 -43.39 -18.41
N GLU D 442 20.18 -42.46 -17.52
CA GLU D 442 18.76 -42.11 -17.33
C GLU D 442 18.17 -41.42 -18.56
N LEU D 443 18.95 -40.53 -19.20
CA LEU D 443 18.44 -39.80 -20.35
C LEU D 443 18.25 -40.70 -21.57
N LEU D 444 19.03 -41.76 -21.70
CA LEU D 444 19.01 -42.61 -22.88
C LEU D 444 18.32 -43.95 -22.63
N LYS D 445 17.66 -44.12 -21.47
CA LYS D 445 17.01 -45.39 -21.17
C LYS D 445 15.78 -45.59 -22.05
N ASP D 446 15.42 -46.86 -22.21
CA ASP D 446 14.24 -47.23 -22.99
C ASP D 446 13.00 -46.86 -22.19
N PRO D 447 12.11 -46.00 -22.72
CA PRO D 447 10.87 -45.69 -21.99
C PRO D 447 10.03 -46.93 -21.68
N ALA D 448 10.20 -48.01 -22.44
CA ALA D 448 9.50 -49.26 -22.16
C ALA D 448 10.01 -49.95 -20.90
N GLN D 449 11.19 -49.60 -20.40
CA GLN D 449 11.72 -50.21 -19.18
C GLN D 449 10.96 -49.68 -17.97
N GLY D 450 10.42 -50.60 -17.16
CA GLY D 450 9.66 -50.21 -15.98
C GLY D 450 8.38 -49.46 -16.26
N LEU D 451 7.80 -49.65 -17.45
CA LEU D 451 6.69 -48.84 -17.90
C LEU D 451 5.41 -49.17 -17.12
N THR D 452 4.81 -48.14 -16.48
CA THR D 452 3.53 -48.33 -15.82
C THR D 452 2.41 -47.75 -16.67
N PRO D 453 1.48 -48.57 -17.17
CA PRO D 453 0.40 -48.03 -18.00
C PRO D 453 -0.58 -47.21 -17.19
N THR D 454 -1.24 -46.27 -17.87
CA THR D 454 -2.33 -45.49 -17.33
C THR D 454 -3.64 -45.77 -18.05
N SER D 455 -4.74 -45.45 -17.37
CA SER D 455 -6.07 -45.66 -17.93
C SER D 455 -6.69 -44.35 -18.39
N PRO D 456 -7.44 -44.34 -19.50
CA PRO D 456 -8.17 -43.12 -19.87
C PRO D 456 -9.36 -42.80 -18.94
N VAL D 457 -9.74 -43.71 -18.04
CA VAL D 457 -10.93 -43.51 -17.20
C VAL D 457 -10.49 -42.96 -15.84
N ILE D 458 -11.01 -41.78 -15.50
CA ILE D 458 -10.74 -41.16 -14.19
C ILE D 458 -11.59 -41.85 -13.13
N PRO D 459 -11.00 -42.35 -12.05
CA PRO D 459 -11.81 -43.02 -11.04
C PRO D 459 -12.78 -42.07 -10.36
N LYS D 460 -14.01 -42.54 -10.18
CA LYS D 460 -15.01 -41.80 -9.43
C LYS D 460 -14.75 -41.99 -7.94
N LYS D 461 -14.58 -40.89 -7.22
CA LYS D 461 -14.46 -40.96 -5.76
C LYS D 461 -15.78 -41.44 -5.18
N PRO D 462 -15.77 -42.42 -4.28
CA PRO D 462 -17.03 -42.94 -3.74
C PRO D 462 -17.73 -41.88 -2.90
N GLY D 463 -19.06 -41.84 -3.02
CA GLY D 463 -19.87 -40.84 -2.35
C GLY D 463 -19.99 -39.50 -3.06
N LYS D 464 -19.12 -39.21 -4.03
CA LYS D 464 -19.13 -37.91 -4.69
C LYS D 464 -20.13 -37.90 -5.83
N PHE D 465 -20.82 -36.77 -5.98
CA PHE D 465 -21.73 -36.51 -7.08
C PHE D 465 -20.96 -36.16 -8.36
N TYR D 466 -21.41 -36.72 -9.49
CA TYR D 466 -20.87 -36.39 -10.81
C TYR D 466 -22.01 -36.03 -11.75
N ASN D 467 -21.78 -35.01 -12.56
CA ASN D 467 -22.77 -34.59 -13.54
C ASN D 467 -22.84 -35.58 -14.71
N GLU D 468 -24.01 -35.64 -15.31
CA GLU D 468 -24.19 -36.44 -16.52
C GLU D 468 -23.38 -35.83 -17.66
N PRO D 469 -22.54 -36.62 -18.34
CA PRO D 469 -21.80 -36.09 -19.49
C PRO D 469 -22.75 -35.74 -20.62
N LEU D 470 -22.41 -34.67 -21.35
CA LEU D 470 -23.18 -34.26 -22.51
C LEU D 470 -22.76 -35.09 -23.73
N LEU D 471 -23.61 -35.08 -24.75
CA LEU D 471 -23.30 -35.86 -25.95
C LEU D 471 -22.14 -35.25 -26.71
N ASP D 472 -21.36 -36.12 -27.32
CA ASP D 472 -20.32 -35.70 -28.26
C ASP D 472 -20.93 -35.93 -29.64
N PHE D 473 -21.44 -34.85 -30.25
CA PHE D 473 -22.06 -35.06 -31.55
C PHE D 473 -21.03 -35.28 -32.64
N ALA D 474 -19.75 -35.34 -32.29
CA ALA D 474 -18.75 -35.81 -33.23
C ALA D 474 -18.83 -37.31 -33.47
N VAL D 475 -19.55 -38.04 -32.62
CA VAL D 475 -19.73 -39.48 -32.83
C VAL D 475 -20.84 -39.67 -33.85
N LYS D 476 -20.50 -40.30 -34.99
CA LYS D 476 -21.45 -40.39 -36.09
C LYS D 476 -22.72 -41.13 -35.67
N ALA D 477 -22.57 -42.19 -34.88
CA ALA D 477 -23.74 -42.95 -34.45
C ALA D 477 -24.70 -42.09 -33.64
N ASP D 478 -24.18 -41.11 -32.90
CA ASP D 478 -25.07 -40.25 -32.13
C ASP D 478 -25.80 -39.25 -33.02
N ARG D 479 -25.11 -38.72 -34.05
CA ARG D 479 -25.81 -37.88 -35.02
C ARG D 479 -26.90 -38.66 -35.72
N GLU D 480 -26.63 -39.93 -36.06
CA GLU D 480 -27.64 -40.76 -36.71
C GLU D 480 -28.81 -41.02 -35.77
N LYS D 481 -28.53 -41.31 -34.50
CA LYS D 481 -29.64 -41.49 -33.56
C LYS D 481 -30.45 -40.20 -33.42
N MET D 482 -29.76 -39.05 -33.42
CA MET D 482 -30.45 -37.76 -33.28
C MET D 482 -31.39 -37.49 -34.45
N LEU D 483 -30.90 -37.72 -35.68
CA LEU D 483 -31.69 -37.54 -36.89
C LEU D 483 -32.85 -38.52 -36.96
N LYS D 484 -32.61 -39.76 -36.50
CA LYS D 484 -33.69 -40.73 -36.43
C LYS D 484 -34.76 -40.30 -35.43
N ALA D 485 -34.34 -39.83 -34.26
CA ALA D 485 -35.31 -39.41 -33.25
C ALA D 485 -36.12 -38.21 -33.74
N LEU D 486 -35.47 -37.28 -34.42
CA LEU D 486 -36.19 -36.15 -35.00
C LEU D 486 -37.18 -36.61 -36.06
N ALA D 487 -36.78 -37.56 -36.92
CA ALA D 487 -37.72 -38.05 -37.93
C ALA D 487 -38.92 -38.69 -37.27
N GLU D 488 -38.69 -39.48 -36.21
CA GLU D 488 -39.81 -40.13 -35.55
C GLU D 488 -40.71 -39.12 -34.85
N ALA D 489 -40.13 -38.08 -34.23
CA ALA D 489 -40.97 -37.06 -33.59
C ALA D 489 -41.83 -36.34 -34.62
N LYS D 490 -41.22 -35.91 -35.73
CA LYS D 490 -41.98 -35.18 -36.75
C LYS D 490 -43.14 -36.03 -37.26
N ALA D 491 -42.94 -37.33 -37.42
CA ALA D 491 -44.03 -38.19 -37.90
C ALA D 491 -45.12 -38.40 -36.85
N SER D 492 -44.84 -38.13 -35.58
CA SER D 492 -45.87 -38.29 -34.56
C SER D 492 -46.66 -37.00 -34.30
N LEU D 493 -46.32 -35.89 -34.95
CA LEU D 493 -47.02 -34.62 -34.71
C LEU D 493 -48.38 -34.61 -35.39
N PRO D 494 -49.41 -33.95 -34.78
CA PRO D 494 -49.29 -33.26 -33.49
C PRO D 494 -49.52 -34.21 -32.31
N VAL D 495 -48.84 -33.96 -31.20
CA VAL D 495 -49.00 -34.77 -30.00
C VAL D 495 -50.22 -34.28 -29.22
N ASN D 496 -51.20 -35.16 -29.01
CA ASN D 496 -52.35 -34.82 -28.18
C ASN D 496 -51.97 -35.02 -26.72
N VAL D 497 -52.06 -33.96 -25.94
CA VAL D 497 -51.66 -33.96 -24.54
C VAL D 497 -52.92 -33.90 -23.66
N ASN D 498 -53.00 -34.82 -22.71
CA ASN D 498 -54.12 -34.84 -21.78
C ASN D 498 -53.69 -34.37 -20.40
N ILE D 499 -54.68 -33.91 -19.63
CA ILE D 499 -54.54 -33.75 -18.19
C ILE D 499 -54.40 -35.13 -17.56
N VAL D 500 -53.55 -35.24 -16.54
CA VAL D 500 -53.33 -36.50 -15.83
C VAL D 500 -53.45 -36.24 -14.33
N ILE D 501 -54.52 -36.77 -13.73
CA ILE D 501 -54.77 -36.69 -12.29
C ILE D 501 -55.00 -38.11 -11.78
N ASN D 502 -54.34 -38.47 -10.67
CA ASN D 502 -54.45 -39.83 -10.12
C ASN D 502 -54.10 -40.88 -11.18
N ASN D 503 -53.11 -40.58 -12.01
CA ASN D 503 -52.62 -41.45 -13.09
C ASN D 503 -53.72 -41.79 -14.11
N LYS D 504 -54.77 -40.99 -14.18
CA LYS D 504 -55.84 -41.16 -15.17
C LYS D 504 -55.89 -39.94 -16.09
N GLU D 505 -55.97 -40.19 -17.39
CA GLU D 505 -55.98 -39.12 -18.39
C GLU D 505 -57.38 -38.51 -18.52
N LEU D 506 -57.44 -37.18 -18.60
CA LEU D 506 -58.70 -36.45 -18.68
C LEU D 506 -58.64 -35.44 -19.82
N GLN D 507 -59.82 -35.02 -20.28
CA GLN D 507 -59.96 -33.97 -21.27
C GLN D 507 -60.81 -32.85 -20.71
N SER D 508 -60.62 -31.65 -21.29
CA SER D 508 -61.42 -30.48 -20.95
C SER D 508 -62.24 -29.96 -22.11
N GLY D 509 -61.88 -30.28 -23.35
CA GLY D 509 -62.53 -29.70 -24.51
C GLY D 509 -61.98 -28.37 -24.95
N LYS D 510 -61.13 -27.74 -24.15
CA LYS D 510 -60.46 -26.49 -24.52
C LYS D 510 -59.04 -26.85 -24.92
N ILE D 511 -58.76 -26.80 -26.23
CA ILE D 511 -57.51 -27.27 -26.80
C ILE D 511 -56.68 -26.07 -27.22
N PHE D 512 -55.42 -26.04 -26.78
CA PHE D 512 -54.46 -25.03 -27.21
C PHE D 512 -53.49 -25.64 -28.22
N ASP D 513 -53.37 -24.98 -29.38
CA ASP D 513 -52.44 -25.42 -30.42
C ASP D 513 -51.09 -24.74 -30.20
N ARG D 514 -50.06 -25.56 -30.02
CA ARG D 514 -48.70 -25.07 -29.85
C ARG D 514 -47.92 -25.38 -31.13
N VAL D 515 -47.54 -24.33 -31.85
CA VAL D 515 -46.85 -24.48 -33.14
C VAL D 515 -45.35 -24.68 -32.91
N ASN D 516 -44.69 -25.20 -33.95
CA ASN D 516 -43.25 -25.29 -34.04
C ASN D 516 -42.70 -23.87 -34.22
N PRO D 517 -41.93 -23.33 -33.26
CA PRO D 517 -41.48 -21.94 -33.41
C PRO D 517 -40.46 -21.77 -34.52
N SER D 518 -39.82 -22.83 -34.99
CA SER D 518 -38.96 -22.72 -36.16
C SER D 518 -39.72 -22.77 -37.47
N GLN D 519 -40.99 -23.16 -37.42
CA GLN D 519 -41.81 -23.33 -38.63
C GLN D 519 -43.27 -23.28 -38.24
N SER D 520 -43.81 -22.06 -38.10
CA SER D 520 -44.99 -21.79 -37.29
C SER D 520 -46.31 -22.22 -37.91
N ASP D 521 -46.33 -22.74 -39.14
CA ASP D 521 -47.56 -23.32 -39.64
C ASP D 521 -47.69 -24.80 -39.30
N GLN D 522 -46.73 -25.34 -38.56
CA GLN D 522 -46.76 -26.74 -38.14
C GLN D 522 -47.16 -26.80 -36.66
N ILE D 523 -48.18 -27.58 -36.36
CA ILE D 523 -48.65 -27.73 -35.00
C ILE D 523 -47.92 -28.91 -34.37
N VAL D 524 -47.22 -28.66 -33.26
CA VAL D 524 -46.49 -29.71 -32.54
C VAL D 524 -47.36 -30.33 -31.45
N GLY D 525 -48.12 -29.52 -30.71
CA GLY D 525 -48.94 -30.03 -29.62
C GLY D 525 -50.38 -29.54 -29.67
N LYS D 526 -51.28 -30.41 -29.29
CA LYS D 526 -52.67 -30.08 -29.02
C LYS D 526 -52.90 -30.35 -27.53
N ILE D 527 -53.01 -29.26 -26.76
CA ILE D 527 -52.95 -29.33 -25.30
C ILE D 527 -54.35 -29.15 -24.72
N GLN D 528 -54.83 -30.16 -23.97
CA GLN D 528 -56.01 -29.98 -23.13
C GLN D 528 -55.72 -28.98 -22.02
N MET D 529 -56.48 -27.88 -21.99
CA MET D 529 -56.27 -26.82 -21.01
C MET D 529 -57.28 -26.99 -19.90
N ALA D 530 -56.80 -27.25 -18.68
CA ALA D 530 -57.66 -27.68 -17.60
C ALA D 530 -58.59 -26.57 -17.12
N THR D 531 -59.73 -26.98 -16.59
CA THR D 531 -60.66 -26.08 -15.93
C THR D 531 -60.29 -25.90 -14.46
N THR D 532 -60.90 -24.90 -13.82
CA THR D 532 -60.64 -24.75 -12.40
C THR D 532 -61.25 -25.88 -11.60
N GLU D 533 -62.35 -26.47 -12.08
CA GLU D 533 -62.89 -27.68 -11.44
C GLU D 533 -61.88 -28.81 -11.50
N GLN D 534 -61.15 -28.93 -12.62
CA GLN D 534 -60.10 -29.94 -12.71
C GLN D 534 -58.89 -29.60 -11.84
N ALA D 535 -58.56 -28.31 -11.71
CA ALA D 535 -57.52 -27.94 -10.75
C ALA D 535 -57.93 -28.33 -9.34
N GLU D 536 -59.21 -28.23 -9.02
CA GLU D 536 -59.68 -28.66 -7.71
C GLU D 536 -59.49 -30.17 -7.53
N GLN D 537 -59.79 -30.95 -8.57
CA GLN D 537 -59.55 -32.40 -8.52
C GLN D 537 -58.07 -32.71 -8.30
N ALA D 538 -57.19 -31.98 -8.98
CA ALA D 538 -55.76 -32.21 -8.78
C ALA D 538 -55.37 -31.89 -7.35
N MET D 539 -55.87 -30.78 -6.80
CA MET D 539 -55.56 -30.43 -5.41
C MET D 539 -56.05 -31.51 -4.45
N GLN D 540 -57.27 -32.02 -4.66
CA GLN D 540 -57.78 -33.09 -3.81
C GLN D 540 -56.97 -34.38 -3.94
N ALA D 541 -56.65 -34.76 -5.18
CA ALA D 541 -55.85 -35.97 -5.39
C ALA D 541 -54.47 -35.84 -4.73
N ALA D 542 -53.84 -34.67 -4.85
CA ALA D 542 -52.53 -34.49 -4.23
C ALA D 542 -52.63 -34.49 -2.71
N GLN D 543 -53.65 -33.83 -2.17
CA GLN D 543 -53.83 -33.82 -0.73
C GLN D 543 -54.09 -35.22 -0.20
N THR D 544 -54.97 -35.98 -0.88
CA THR D 544 -55.25 -37.35 -0.47
C THR D 544 -53.99 -38.20 -0.57
N ALA D 545 -53.25 -38.09 -1.66
CA ALA D 545 -52.03 -38.89 -1.80
C ALA D 545 -51.01 -38.55 -0.72
N TYR D 546 -50.98 -37.27 -0.29
CA TYR D 546 -49.96 -36.86 0.67
C TYR D 546 -50.06 -37.64 1.97
N LYS D 547 -51.28 -38.04 2.36
CA LYS D 547 -51.48 -38.73 3.63
C LYS D 547 -50.64 -40.00 3.70
N THR D 548 -50.42 -40.68 2.58
CA THR D 548 -49.58 -41.88 2.58
C THR D 548 -48.18 -41.64 2.03
N TRP D 549 -48.03 -40.76 1.03
CA TRP D 549 -46.71 -40.54 0.44
C TRP D 549 -45.72 -39.96 1.44
N LYS D 550 -46.18 -39.12 2.37
CA LYS D 550 -45.28 -38.55 3.38
C LYS D 550 -44.66 -39.62 4.29
N ASN D 551 -45.24 -40.82 4.35
CA ASN D 551 -44.71 -41.91 5.16
C ASN D 551 -43.97 -42.95 4.33
N VAL D 552 -43.91 -42.77 3.01
CA VAL D 552 -43.05 -43.66 2.21
C VAL D 552 -41.59 -43.42 2.59
N PRO D 553 -40.82 -44.46 2.91
CA PRO D 553 -39.43 -44.26 3.34
C PRO D 553 -38.62 -43.45 2.33
N CYS D 554 -37.71 -42.64 2.85
CA CYS D 554 -36.87 -41.82 1.98
C CYS D 554 -36.20 -42.67 0.92
N GLU D 555 -35.69 -43.84 1.31
CA GLU D 555 -34.97 -44.69 0.37
C GLU D 555 -35.85 -45.08 -0.82
N GLN D 556 -37.13 -45.34 -0.58
CA GLN D 556 -37.99 -45.70 -1.71
C GLN D 556 -38.32 -44.48 -2.56
N ARG D 557 -38.53 -43.32 -1.93
CA ARG D 557 -38.75 -42.11 -2.72
C ARG D 557 -37.53 -41.81 -3.57
N ALA D 558 -36.32 -41.93 -2.99
CA ALA D 558 -35.10 -41.69 -3.73
C ALA D 558 -34.93 -42.71 -4.84
N ALA D 559 -35.30 -43.97 -4.59
CA ALA D 559 -35.17 -44.99 -5.64
C ALA D 559 -36.09 -44.67 -6.82
N LEU D 560 -37.28 -44.13 -6.55
CA LEU D 560 -38.17 -43.72 -7.64
C LEU D 560 -37.56 -42.58 -8.46
N VAL D 561 -36.92 -41.61 -7.80
CA VAL D 561 -36.29 -40.52 -8.52
C VAL D 561 -35.11 -41.03 -9.34
N ASP D 562 -34.35 -41.98 -8.80
CA ASP D 562 -33.25 -42.55 -9.56
C ASP D 562 -33.77 -43.25 -10.81
N LYS D 563 -34.87 -44.00 -10.68
CA LYS D 563 -35.41 -44.68 -11.85
C LYS D 563 -35.89 -43.66 -12.88
N LEU D 564 -36.48 -42.55 -12.43
CA LEU D 564 -36.82 -41.50 -13.38
C LEU D 564 -35.58 -41.06 -14.16
N ALA D 565 -34.46 -40.87 -13.44
CA ALA D 565 -33.22 -40.49 -14.09
C ALA D 565 -32.75 -41.52 -15.11
N ASP D 566 -32.89 -42.81 -14.79
CA ASP D 566 -32.50 -43.86 -15.73
C ASP D 566 -33.36 -43.84 -16.98
N ILE D 567 -34.66 -43.57 -16.82
CA ILE D 567 -35.56 -43.48 -17.98
C ILE D 567 -35.17 -42.30 -18.87
N MET D 568 -34.87 -41.14 -18.26
CA MET D 568 -34.37 -40.01 -19.03
C MET D 568 -33.10 -40.40 -19.79
N THR D 569 -32.19 -41.13 -19.14
CA THR D 569 -30.96 -41.56 -19.81
C THR D 569 -31.26 -42.47 -21.00
N ARG D 570 -32.20 -43.40 -20.82
CA ARG D 570 -32.57 -44.31 -21.90
C ARG D 570 -33.17 -43.56 -23.09
N ASP D 571 -34.04 -42.59 -22.82
CA ASP D 571 -34.81 -41.92 -23.86
C ASP D 571 -34.18 -40.61 -24.29
N ARG D 572 -32.86 -40.47 -24.09
CA ARG D 572 -32.20 -39.19 -24.27
C ARG D 572 -32.51 -38.55 -25.63
N PHE D 573 -32.37 -39.31 -26.71
CA PHE D 573 -32.53 -38.70 -28.02
C PHE D 573 -33.98 -38.31 -28.28
N LYS D 574 -34.93 -39.14 -27.83
CA LYS D 574 -36.35 -38.78 -27.89
C LYS D 574 -36.62 -37.46 -27.16
N LEU D 575 -36.03 -37.29 -25.98
CA LEU D 575 -36.29 -36.10 -25.18
C LEU D 575 -35.66 -34.87 -25.82
N ILE D 576 -34.48 -35.02 -26.41
CA ILE D 576 -33.86 -33.91 -27.14
C ILE D 576 -34.75 -33.47 -28.29
N ALA D 577 -35.22 -34.43 -29.10
CA ALA D 577 -36.03 -34.09 -30.26
C ALA D 577 -37.27 -33.28 -29.88
N THR D 578 -37.92 -33.63 -28.77
CA THR D 578 -39.12 -32.88 -28.35
C THR D 578 -38.79 -31.41 -28.10
N GLN D 579 -37.67 -31.14 -27.42
CA GLN D 579 -37.30 -29.75 -27.14
C GLN D 579 -36.90 -29.01 -28.40
N VAL D 580 -36.24 -29.71 -29.32
CA VAL D 580 -35.83 -29.09 -30.56
C VAL D 580 -37.05 -28.58 -31.33
N LEU D 581 -38.10 -29.41 -31.41
CA LEU D 581 -39.26 -29.09 -32.23
C LEU D 581 -40.25 -28.18 -31.52
N GLU D 582 -40.54 -28.43 -30.23
CA GLU D 582 -41.58 -27.68 -29.55
C GLU D 582 -41.09 -26.32 -29.04
N VAL D 583 -39.84 -26.23 -28.60
CA VAL D 583 -39.32 -25.04 -27.96
C VAL D 583 -38.25 -24.33 -28.80
N GLY D 584 -37.79 -24.94 -29.89
CA GLY D 584 -36.75 -24.34 -30.68
C GLY D 584 -35.36 -24.41 -30.09
N LYS D 585 -35.12 -25.33 -29.15
CA LYS D 585 -33.77 -25.44 -28.59
C LYS D 585 -32.83 -26.10 -29.60
N PRO D 586 -31.70 -25.48 -29.94
CA PRO D 586 -30.71 -26.17 -30.76
C PRO D 586 -30.23 -27.44 -30.08
N TRP D 587 -29.74 -28.37 -30.90
CA TRP D 587 -29.34 -29.70 -30.42
C TRP D 587 -28.58 -29.67 -29.09
N ALA D 588 -27.47 -28.91 -29.05
CA ALA D 588 -26.63 -28.95 -27.85
C ALA D 588 -27.32 -28.32 -26.65
N GLU D 589 -28.11 -27.27 -26.88
CA GLU D 589 -28.88 -26.74 -25.77
C GLU D 589 -29.88 -27.79 -25.25
N ALA D 590 -30.57 -28.48 -26.16
CA ALA D 590 -31.52 -29.49 -25.72
C ALA D 590 -30.81 -30.62 -24.99
N ASP D 591 -29.67 -31.08 -25.50
CA ASP D 591 -28.92 -32.11 -24.80
C ASP D 591 -28.51 -31.64 -23.40
N GLY D 592 -28.04 -30.40 -23.30
CA GLY D 592 -27.72 -29.84 -21.99
C GLY D 592 -28.91 -29.82 -21.04
N ASP D 593 -30.10 -29.57 -21.58
CA ASP D 593 -31.32 -29.60 -20.76
C ASP D 593 -31.56 -30.99 -20.18
N ILE D 594 -31.41 -32.04 -21.01
CA ILE D 594 -31.59 -33.40 -20.53
C ILE D 594 -30.56 -33.75 -19.47
N GLY D 595 -29.30 -33.37 -19.70
CA GLY D 595 -28.28 -33.66 -18.71
C GLY D 595 -28.58 -33.01 -17.38
N GLU D 596 -29.01 -31.73 -17.43
CA GLU D 596 -29.38 -31.04 -16.22
C GLU D 596 -30.59 -31.69 -15.55
N ALA D 597 -31.57 -32.13 -16.35
CA ALA D 597 -32.71 -32.79 -15.74
C ALA D 597 -32.28 -34.07 -15.02
N ILE D 598 -31.40 -34.85 -15.66
CA ILE D 598 -30.86 -36.04 -14.99
C ILE D 598 -30.07 -35.65 -13.73
N ASP D 599 -29.30 -34.56 -13.81
CA ASP D 599 -28.49 -34.12 -12.69
C ASP D 599 -29.35 -33.75 -11.48
N PHE D 600 -30.44 -33.02 -11.70
CA PHE D 600 -31.35 -32.64 -10.59
C PHE D 600 -31.87 -33.89 -9.87
N CYS D 601 -32.34 -34.88 -10.64
CA CYS D 601 -32.82 -36.14 -10.09
C CYS D 601 -31.77 -36.77 -9.17
N ARG D 602 -30.57 -37.02 -9.71
CA ARG D 602 -29.58 -37.73 -8.94
C ARG D 602 -29.11 -36.89 -7.76
N TYR D 603 -28.97 -35.57 -7.96
CA TYR D 603 -28.49 -34.71 -6.90
C TYR D 603 -29.49 -34.64 -5.76
N TYR D 604 -30.77 -34.47 -6.06
CA TYR D 604 -31.73 -34.39 -4.98
C TYR D 604 -31.98 -35.75 -4.34
N ALA D 605 -31.90 -36.84 -5.10
CA ALA D 605 -32.01 -38.16 -4.50
C ALA D 605 -30.85 -38.41 -3.54
N ARG D 606 -29.66 -38.01 -3.97
CA ARG D 606 -28.48 -38.11 -3.12
C ARG D 606 -28.64 -37.27 -1.85
N HIS D 607 -29.13 -36.03 -1.99
CA HIS D 607 -29.25 -35.17 -0.83
C HIS D 607 -30.27 -35.72 0.16
N MET D 608 -31.41 -36.20 -0.33
CA MET D 608 -32.41 -36.76 0.56
C MET D 608 -31.87 -37.98 1.28
N ARG D 609 -31.02 -38.76 0.62
CA ARG D 609 -30.43 -39.89 1.32
C ARG D 609 -29.56 -39.43 2.47
N GLU D 610 -28.92 -38.25 2.34
CA GLU D 610 -28.20 -37.67 3.48
C GLU D 610 -29.16 -37.10 4.51
N LEU D 611 -30.13 -36.32 4.06
CA LEU D 611 -30.96 -35.60 5.02
C LEU D 611 -31.90 -36.51 5.77
N GLN D 612 -32.07 -37.77 5.35
CA GLN D 612 -32.95 -38.66 6.08
C GLN D 612 -32.38 -39.04 7.43
N LYS D 613 -31.07 -38.90 7.63
CA LYS D 613 -30.44 -39.40 8.85
C LYS D 613 -30.59 -38.38 9.99
N PRO D 614 -31.14 -38.77 11.13
CA PRO D 614 -31.31 -37.81 12.23
C PRO D 614 -29.97 -37.30 12.74
N LEU D 615 -29.88 -35.99 12.93
CA LEU D 615 -28.67 -35.34 13.38
C LEU D 615 -28.73 -35.20 14.90
N ARG D 616 -27.82 -35.87 15.58
CA ARG D 616 -27.73 -35.74 17.03
C ARG D 616 -27.29 -34.33 17.40
N VAL D 617 -28.04 -33.68 18.29
CA VAL D 617 -27.68 -32.35 18.73
C VAL D 617 -27.57 -32.35 20.25
N GLY D 618 -26.76 -31.44 20.78
CA GLY D 618 -26.57 -31.36 22.21
C GLY D 618 -25.60 -32.42 22.73
N GLY D 619 -25.98 -33.69 22.60
CA GLY D 619 -25.11 -34.77 23.00
C GLY D 619 -25.01 -34.99 24.50
N LEU D 620 -26.01 -34.56 25.25
CA LEU D 620 -25.96 -34.76 26.70
C LEU D 620 -26.35 -36.19 27.04
N PRO D 621 -25.75 -36.76 28.10
CA PRO D 621 -26.21 -38.07 28.58
C PRO D 621 -27.57 -37.94 29.24
N GLY D 622 -28.36 -39.01 29.14
CA GLY D 622 -29.68 -39.07 29.73
C GLY D 622 -30.76 -38.40 28.90
N GLU D 623 -30.43 -37.80 27.78
CA GLU D 623 -31.41 -37.18 26.92
C GLU D 623 -30.93 -37.29 25.48
N LEU D 624 -31.69 -38.02 24.66
CA LEU D 624 -31.48 -38.10 23.23
C LEU D 624 -32.22 -36.95 22.56
N SER D 625 -31.52 -36.22 21.70
CA SER D 625 -32.14 -35.12 20.99
C SER D 625 -31.67 -35.16 19.54
N HIS D 626 -32.61 -35.12 18.60
CA HIS D 626 -32.29 -35.20 17.19
C HIS D 626 -33.01 -34.11 16.40
N TYR D 627 -32.27 -33.53 15.45
CA TYR D 627 -32.77 -32.55 14.49
C TYR D 627 -33.07 -33.31 13.21
N ILE D 628 -34.31 -33.19 12.70
CA ILE D 628 -34.78 -33.96 11.57
C ILE D 628 -35.52 -33.04 10.60
N TYR D 629 -35.87 -33.58 9.44
CA TYR D 629 -36.65 -32.84 8.45
C TYR D 629 -37.98 -33.54 8.17
N LYS D 630 -39.02 -32.74 7.98
CA LYS D 630 -40.38 -33.19 7.64
C LYS D 630 -40.83 -32.63 6.31
N SER D 631 -41.74 -33.35 5.63
CA SER D 631 -42.38 -32.76 4.46
C SER D 631 -43.36 -31.68 4.90
N ARG D 632 -43.83 -30.88 3.94
CA ARG D 632 -44.77 -29.79 4.21
C ARG D 632 -46.20 -30.07 3.76
N GLY D 633 -46.40 -30.66 2.58
CA GLY D 633 -47.75 -30.90 2.05
C GLY D 633 -47.75 -30.82 0.52
N VAL D 634 -48.87 -30.33 -0.03
CA VAL D 634 -48.99 -30.24 -1.48
C VAL D 634 -48.15 -29.08 -2.00
N THR D 635 -47.34 -29.35 -3.02
CA THR D 635 -46.51 -28.36 -3.67
C THR D 635 -47.05 -28.02 -5.05
N ALA D 636 -47.29 -26.74 -5.29
CA ALA D 636 -47.67 -26.25 -6.61
C ALA D 636 -46.40 -25.86 -7.37
N VAL D 637 -46.24 -26.43 -8.55
CA VAL D 637 -45.05 -26.20 -9.37
C VAL D 637 -45.49 -25.45 -10.63
N ILE D 638 -45.01 -24.22 -10.79
CA ILE D 638 -45.38 -23.40 -11.94
C ILE D 638 -44.08 -23.12 -12.69
N ALA D 639 -43.88 -23.83 -13.83
CA ALA D 639 -42.57 -23.99 -14.46
C ALA D 639 -42.43 -23.18 -15.75
N PRO D 640 -41.20 -22.79 -16.12
CA PRO D 640 -41.01 -22.01 -17.35
C PRO D 640 -40.82 -22.88 -18.59
N TRP D 641 -40.68 -22.23 -19.75
CA TRP D 641 -40.50 -22.95 -21.01
C TRP D 641 -39.04 -23.02 -21.45
N ASN D 642 -38.15 -22.16 -20.93
CA ASN D 642 -36.84 -22.02 -21.58
C ASN D 642 -35.88 -23.15 -21.22
N PHE D 643 -36.04 -23.78 -20.07
CA PHE D 643 -35.38 -25.04 -19.77
C PHE D 643 -36.51 -26.02 -19.52
N PRO D 644 -37.13 -26.53 -20.58
CA PRO D 644 -38.48 -27.12 -20.45
C PRO D 644 -38.52 -28.44 -19.72
N LEU D 645 -37.43 -29.20 -19.68
CA LEU D 645 -37.43 -30.40 -18.88
C LEU D 645 -36.69 -30.23 -17.57
N ALA D 646 -35.53 -29.58 -17.60
CA ALA D 646 -34.63 -29.54 -16.45
C ALA D 646 -35.25 -28.83 -15.26
N ILE D 647 -35.73 -27.59 -15.46
CA ILE D 647 -36.19 -26.78 -14.34
C ILE D 647 -37.44 -27.40 -13.73
N LEU D 648 -38.41 -27.73 -14.58
CA LEU D 648 -39.61 -28.44 -14.16
C LEU D 648 -39.27 -29.71 -13.40
N ALA D 649 -38.35 -30.52 -13.94
CA ALA D 649 -37.96 -31.77 -13.29
C ALA D 649 -37.29 -31.50 -11.95
N GLY D 650 -36.46 -30.46 -11.87
CA GLY D 650 -35.80 -30.12 -10.62
C GLY D 650 -36.78 -29.77 -9.52
N MET D 651 -37.76 -28.93 -9.87
CA MET D 651 -38.82 -28.56 -8.93
C MET D 651 -39.62 -29.79 -8.50
N VAL D 652 -40.00 -30.62 -9.47
CA VAL D 652 -40.86 -31.76 -9.18
C VAL D 652 -40.11 -32.79 -8.36
N THR D 653 -38.88 -33.14 -8.75
CA THR D 653 -38.18 -34.19 -8.01
C THR D 653 -37.77 -33.70 -6.62
N ALA D 654 -37.40 -32.42 -6.48
CA ALA D 654 -37.07 -31.92 -5.15
C ALA D 654 -38.28 -32.02 -4.22
N ALA D 655 -39.44 -31.56 -4.68
CA ALA D 655 -40.64 -31.62 -3.86
C ALA D 655 -41.01 -33.07 -3.53
N ALA D 656 -41.05 -33.94 -4.53
CA ALA D 656 -41.53 -35.29 -4.32
C ALA D 656 -40.55 -36.08 -3.46
N VAL D 657 -39.25 -35.97 -3.73
CA VAL D 657 -38.31 -36.76 -2.95
C VAL D 657 -38.28 -36.33 -1.48
N ALA D 658 -38.59 -35.06 -1.20
CA ALA D 658 -38.72 -34.56 0.18
C ALA D 658 -40.02 -35.00 0.85
N GLY D 659 -40.85 -35.81 0.19
CA GLY D 659 -42.06 -36.30 0.81
C GLY D 659 -43.33 -35.51 0.55
N ASN D 660 -43.28 -34.47 -0.27
CA ASN D 660 -44.47 -33.73 -0.65
C ASN D 660 -45.09 -34.38 -1.89
N THR D 661 -46.37 -34.08 -2.11
CA THR D 661 -47.02 -34.37 -3.38
C THR D 661 -47.05 -33.07 -4.20
N VAL D 662 -47.38 -33.19 -5.49
CA VAL D 662 -47.13 -32.15 -6.47
C VAL D 662 -48.30 -32.02 -7.43
N VAL D 663 -48.72 -30.78 -7.68
CA VAL D 663 -49.53 -30.42 -8.84
C VAL D 663 -48.65 -29.54 -9.71
N MET D 664 -48.30 -30.01 -10.90
CA MET D 664 -47.43 -29.25 -11.79
C MET D 664 -48.27 -28.60 -12.88
N LYS D 665 -48.07 -27.30 -13.08
CA LYS D 665 -48.74 -26.51 -14.11
C LYS D 665 -47.67 -26.07 -15.09
N PRO D 666 -47.39 -26.84 -16.13
CA PRO D 666 -46.31 -26.50 -17.06
C PRO D 666 -46.66 -25.32 -17.96
N ALA D 667 -45.62 -24.70 -18.51
CA ALA D 667 -45.79 -23.58 -19.45
C ALA D 667 -46.47 -24.04 -20.73
N GLU D 668 -47.39 -23.22 -21.27
CA GLU D 668 -48.11 -23.64 -22.48
C GLU D 668 -47.20 -23.80 -23.68
N GLN D 669 -46.03 -23.15 -23.68
CA GLN D 669 -45.14 -23.28 -24.81
C GLN D 669 -44.39 -24.61 -24.81
N SER D 670 -44.38 -25.33 -23.69
CA SER D 670 -43.52 -26.49 -23.56
C SER D 670 -44.25 -27.63 -22.86
N THR D 671 -45.54 -27.75 -23.11
CA THR D 671 -46.32 -28.78 -22.42
C THR D 671 -46.10 -30.16 -23.03
N VAL D 672 -45.78 -30.23 -24.34
CA VAL D 672 -45.38 -31.52 -24.90
C VAL D 672 -44.14 -32.04 -24.20
N VAL D 673 -43.17 -31.16 -23.90
CA VAL D 673 -42.00 -31.60 -23.11
C VAL D 673 -42.46 -32.11 -21.75
N ALA D 674 -43.34 -31.35 -21.09
CA ALA D 674 -43.78 -31.73 -19.73
C ALA D 674 -44.59 -33.02 -19.76
N TRP D 675 -45.38 -33.22 -20.81
CA TRP D 675 -46.12 -34.46 -21.00
C TRP D 675 -45.17 -35.66 -21.03
N GLY D 676 -44.02 -35.50 -21.70
CA GLY D 676 -43.01 -36.55 -21.67
C GLY D 676 -42.49 -36.83 -20.27
N LEU D 677 -42.26 -35.77 -19.49
CA LEU D 677 -41.86 -35.97 -18.10
C LEU D 677 -42.92 -36.76 -17.32
N MET D 678 -44.19 -36.42 -17.51
CA MET D 678 -45.25 -37.11 -16.78
C MET D 678 -45.30 -38.58 -17.16
N LYS D 679 -45.08 -38.89 -18.45
CA LYS D 679 -45.09 -40.29 -18.87
C LYS D 679 -43.96 -41.08 -18.23
N MET D 680 -42.78 -40.47 -18.12
CA MET D 680 -41.65 -41.14 -17.47
C MET D 680 -41.91 -41.28 -15.97
N ILE D 681 -42.55 -40.29 -15.36
CA ILE D 681 -42.93 -40.39 -13.96
C ILE D 681 -43.86 -41.59 -13.74
N GLN D 682 -44.83 -41.75 -14.63
CA GLN D 682 -45.72 -42.91 -14.52
C GLN D 682 -44.96 -44.21 -14.74
N GLU D 683 -44.05 -44.25 -15.73
CA GLU D 683 -43.29 -45.47 -15.95
C GLU D 683 -42.38 -45.77 -14.77
N ALA D 684 -41.82 -44.74 -14.14
CA ALA D 684 -40.97 -44.98 -12.99
C ALA D 684 -41.77 -45.59 -11.85
N GLY D 685 -43.07 -45.33 -11.81
CA GLY D 685 -43.92 -45.96 -10.84
C GLY D 685 -44.33 -45.10 -9.67
N PHE D 686 -44.31 -43.78 -9.82
CA PHE D 686 -44.78 -42.95 -8.72
C PHE D 686 -46.25 -43.25 -8.45
N PRO D 687 -46.63 -43.49 -7.19
CA PRO D 687 -48.02 -43.86 -6.91
C PRO D 687 -48.98 -42.76 -7.34
N GLN D 688 -50.22 -43.16 -7.63
CA GLN D 688 -51.22 -42.25 -8.16
C GLN D 688 -51.43 -41.05 -7.25
N GLY D 689 -51.48 -39.87 -7.84
CA GLY D 689 -51.75 -38.66 -7.10
C GLY D 689 -50.54 -38.00 -6.48
N VAL D 690 -49.41 -38.71 -6.36
CA VAL D 690 -48.22 -38.09 -5.80
C VAL D 690 -47.77 -36.93 -6.70
N ILE D 691 -47.83 -37.13 -8.01
CA ILE D 691 -47.56 -36.09 -8.99
C ILE D 691 -48.73 -36.02 -9.96
N ASN D 692 -49.27 -34.81 -10.15
CA ASN D 692 -50.41 -34.58 -11.02
C ASN D 692 -50.08 -33.55 -12.07
N PHE D 693 -50.58 -33.77 -13.28
CA PHE D 693 -50.19 -33.04 -14.48
C PHE D 693 -51.34 -32.15 -14.91
N LEU D 694 -51.18 -30.83 -14.75
CA LEU D 694 -52.27 -29.87 -14.89
C LEU D 694 -51.90 -28.80 -15.92
N PRO D 695 -51.93 -29.13 -17.21
CA PRO D 695 -51.72 -28.09 -18.22
C PRO D 695 -52.87 -27.09 -18.25
N GLY D 696 -52.57 -25.87 -18.67
CA GLY D 696 -53.58 -24.84 -18.78
C GLY D 696 -52.96 -23.45 -18.68
N TYR D 697 -53.84 -22.46 -18.59
CA TYR D 697 -53.44 -21.07 -18.59
C TYR D 697 -53.08 -20.61 -17.19
N GLY D 698 -51.96 -19.90 -17.05
CA GLY D 698 -51.50 -19.47 -15.74
C GLY D 698 -52.52 -18.61 -15.01
N GLU D 699 -53.18 -17.70 -15.73
CA GLU D 699 -54.18 -16.84 -15.11
C GLU D 699 -55.41 -17.63 -14.68
N GLU D 700 -55.51 -18.89 -15.09
CA GLU D 700 -56.67 -19.74 -14.79
C GLU D 700 -56.33 -20.79 -13.74
N VAL D 701 -55.65 -21.87 -14.16
CA VAL D 701 -55.37 -22.94 -13.21
C VAL D 701 -54.12 -22.65 -12.38
N GLY D 702 -53.17 -21.86 -12.90
CA GLY D 702 -52.03 -21.46 -12.08
C GLY D 702 -52.45 -20.61 -10.90
N GLU D 703 -53.26 -19.58 -11.16
CA GLU D 703 -53.84 -18.79 -10.08
C GLU D 703 -54.61 -19.66 -9.10
N TYR D 704 -55.33 -20.67 -9.59
CA TYR D 704 -56.16 -21.49 -8.71
C TYR D 704 -55.32 -22.27 -7.72
N ILE D 705 -54.24 -22.93 -8.18
CA ILE D 705 -53.48 -23.75 -7.25
C ILE D 705 -52.61 -22.87 -6.35
N VAL D 706 -52.21 -21.70 -6.83
CA VAL D 706 -51.52 -20.73 -5.98
C VAL D 706 -52.43 -20.33 -4.82
N ASN D 707 -53.71 -20.11 -5.10
CA ASN D 707 -54.63 -19.62 -4.08
C ASN D 707 -55.22 -20.73 -3.21
N HIS D 708 -55.04 -22.00 -3.57
CA HIS D 708 -55.77 -23.06 -2.87
C HIS D 708 -55.28 -23.21 -1.42
N LYS D 709 -56.22 -23.59 -0.55
CA LYS D 709 -55.93 -23.70 0.88
C LYS D 709 -55.05 -24.88 1.22
N TYR D 710 -54.97 -25.90 0.35
CA TYR D 710 -54.10 -27.04 0.60
C TYR D 710 -52.65 -26.82 0.19
N THR D 711 -52.38 -25.84 -0.67
CA THR D 711 -51.03 -25.63 -1.19
C THR D 711 -50.13 -25.06 -0.10
N THR D 712 -49.08 -25.82 0.26
CA THR D 712 -48.17 -25.36 1.31
C THR D 712 -46.95 -24.65 0.72
N THR D 713 -46.52 -25.04 -0.47
CA THR D 713 -45.30 -24.55 -1.08
C THR D 713 -45.56 -24.26 -2.54
N ILE D 714 -45.08 -23.11 -3.01
CA ILE D 714 -45.18 -22.70 -4.40
C ILE D 714 -43.78 -22.51 -4.98
N ALA D 715 -43.47 -23.26 -6.02
CA ALA D 715 -42.24 -23.08 -6.78
C ALA D 715 -42.60 -22.45 -8.11
N PHE D 716 -42.11 -21.23 -8.35
CA PHE D 716 -42.38 -20.50 -9.59
C PHE D 716 -41.07 -19.95 -10.13
N THR D 717 -40.79 -20.25 -11.40
CA THR D 717 -39.68 -19.62 -12.10
C THR D 717 -40.23 -19.02 -13.40
N GLY D 718 -40.07 -17.71 -13.54
CA GLY D 718 -40.67 -16.97 -14.66
C GLY D 718 -40.42 -15.47 -14.50
N SER D 719 -41.41 -14.68 -14.94
CA SER D 719 -41.26 -13.23 -14.99
C SER D 719 -41.43 -12.58 -13.62
N LYS D 720 -40.84 -11.38 -13.50
CA LYS D 720 -40.94 -10.60 -12.28
C LYS D 720 -42.39 -10.27 -11.97
N ALA D 721 -43.15 -9.83 -12.98
CA ALA D 721 -44.54 -9.42 -12.73
C ALA D 721 -45.38 -10.57 -12.18
N VAL D 722 -45.24 -11.77 -12.75
CA VAL D 722 -46.03 -12.91 -12.24
C VAL D 722 -45.51 -13.33 -10.87
N GLY D 723 -44.19 -13.40 -10.68
CA GLY D 723 -43.64 -13.77 -9.39
C GLY D 723 -44.10 -12.86 -8.26
N LEU D 724 -44.08 -11.54 -8.49
CA LEU D 724 -44.57 -10.59 -7.49
C LEU D 724 -46.05 -10.81 -7.20
N HIS D 725 -46.83 -11.07 -8.25
CA HIS D 725 -48.25 -11.35 -8.04
C HIS D 725 -48.43 -12.59 -7.18
N ILE D 726 -47.67 -13.64 -7.45
CA ILE D 726 -47.79 -14.87 -6.66
C ILE D 726 -47.46 -14.63 -5.21
N MET D 727 -46.42 -13.84 -4.93
CA MET D 727 -46.03 -13.64 -3.54
C MET D 727 -47.11 -12.85 -2.79
N ASN D 728 -47.74 -11.90 -3.49
CA ASN D 728 -48.89 -11.22 -2.92
C ASN D 728 -49.99 -12.20 -2.55
N ARG D 729 -50.42 -13.03 -3.51
CA ARG D 729 -51.52 -13.97 -3.26
C ARG D 729 -51.14 -14.99 -2.19
N ALA D 730 -49.90 -15.50 -2.21
CA ALA D 730 -49.54 -16.56 -1.26
C ALA D 730 -49.56 -16.06 0.18
N ALA D 731 -49.35 -14.75 0.40
CA ALA D 731 -49.38 -14.28 1.77
C ALA D 731 -50.79 -14.28 2.35
N VAL D 732 -51.81 -14.39 1.52
CA VAL D 732 -53.19 -14.43 2.00
C VAL D 732 -53.46 -15.81 2.59
N VAL D 733 -54.02 -15.83 3.81
CA VAL D 733 -54.44 -17.07 4.47
C VAL D 733 -55.90 -17.34 4.16
N GLN D 734 -56.14 -18.37 3.35
CA GLN D 734 -57.48 -18.71 2.91
C GLN D 734 -58.32 -19.29 4.04
N PRO D 735 -59.65 -19.25 3.91
CA PRO D 735 -60.52 -19.98 4.84
C PRO D 735 -60.14 -21.46 4.91
N GLY D 736 -59.99 -21.98 6.13
CA GLY D 736 -59.62 -23.37 6.27
C GLY D 736 -58.14 -23.67 6.01
N GLN D 737 -57.34 -22.66 5.68
CA GLN D 737 -55.91 -22.85 5.53
C GLN D 737 -55.25 -22.77 6.90
N GLN D 738 -54.53 -23.82 7.30
CA GLN D 738 -53.90 -23.75 8.61
C GLN D 738 -52.39 -23.88 8.51
N HIS D 739 -51.79 -23.06 7.65
CA HIS D 739 -50.34 -23.02 7.51
C HIS D 739 -49.98 -21.72 6.79
N VAL D 740 -48.69 -21.42 6.79
CA VAL D 740 -48.16 -20.29 6.05
C VAL D 740 -47.53 -20.81 4.77
N LYS D 741 -47.88 -20.21 3.64
CA LYS D 741 -47.36 -20.63 2.35
C LYS D 741 -45.93 -20.15 2.18
N ARG D 742 -45.09 -20.99 1.57
CA ARG D 742 -43.71 -20.65 1.23
C ARG D 742 -43.57 -20.53 -0.27
N CYS D 743 -42.94 -19.46 -0.74
CA CYS D 743 -42.67 -19.25 -2.15
C CYS D 743 -41.19 -19.44 -2.42
N ILE D 744 -40.88 -20.26 -3.41
CA ILE D 744 -39.54 -20.48 -3.93
C ILE D 744 -39.54 -19.91 -5.34
N ILE D 745 -38.95 -18.72 -5.52
CA ILE D 745 -39.19 -17.84 -6.66
C ILE D 745 -37.88 -17.47 -7.33
N GLU D 746 -37.84 -17.59 -8.65
CA GLU D 746 -36.78 -17.04 -9.50
C GLU D 746 -37.43 -16.17 -10.58
N MET D 747 -36.92 -14.94 -10.76
CA MET D 747 -37.64 -13.95 -11.54
C MET D 747 -36.81 -13.26 -12.62
N GLY D 748 -35.64 -13.78 -12.98
CA GLY D 748 -34.91 -13.19 -14.09
C GLY D 748 -33.77 -12.27 -13.66
N GLY D 749 -33.08 -11.73 -14.69
CA GLY D 749 -31.92 -10.88 -14.46
C GLY D 749 -31.70 -9.91 -15.60
N LYS D 750 -30.77 -8.97 -15.37
CA LYS D 750 -30.26 -8.03 -16.38
C LYS D 750 -28.73 -8.09 -16.26
N ASN D 751 -28.15 -9.15 -16.79
CA ASN D 751 -26.81 -9.56 -16.37
C ASN D 751 -25.72 -8.94 -17.25
N ALA D 752 -24.63 -8.51 -16.61
CA ALA D 752 -23.56 -7.83 -17.30
C ALA D 752 -22.28 -8.65 -17.29
N VAL D 753 -21.48 -8.49 -18.33
CA VAL D 753 -20.08 -8.94 -18.36
C VAL D 753 -19.22 -7.69 -18.46
N ILE D 754 -18.24 -7.57 -17.57
CA ILE D 754 -17.31 -6.44 -17.58
C ILE D 754 -16.06 -6.86 -18.33
N ILE D 755 -15.62 -6.02 -19.27
CA ILE D 755 -14.42 -6.27 -20.07
C ILE D 755 -13.33 -5.32 -19.56
N ASP D 756 -12.38 -5.84 -18.78
CA ASP D 756 -11.26 -5.04 -18.30
C ASP D 756 -10.30 -4.74 -19.46
N ASN D 757 -9.47 -3.70 -19.27
CA ASN D 757 -8.58 -3.26 -20.34
C ASN D 757 -7.56 -4.32 -20.73
N ASP D 758 -7.13 -5.16 -19.79
CA ASP D 758 -6.11 -6.16 -20.07
C ASP D 758 -6.73 -7.53 -20.43
N ALA D 759 -8.02 -7.56 -20.77
CA ALA D 759 -8.71 -8.82 -21.01
C ALA D 759 -8.14 -9.59 -22.20
N ASP D 760 -8.12 -10.91 -22.07
CA ASP D 760 -7.83 -11.77 -23.22
C ASP D 760 -9.06 -11.77 -24.13
N LEU D 761 -8.93 -11.10 -25.28
CA LEU D 761 -10.09 -10.88 -26.14
C LEU D 761 -10.56 -12.14 -26.86
N ASP D 762 -9.66 -13.12 -27.10
CA ASP D 762 -10.11 -14.41 -27.60
C ASP D 762 -11.14 -15.01 -26.64
N GLU D 763 -10.80 -15.06 -25.34
CA GLU D 763 -11.69 -15.64 -24.35
C GLU D 763 -12.92 -14.78 -24.14
N ALA D 764 -12.72 -13.46 -24.02
CA ALA D 764 -13.83 -12.56 -23.68
C ALA D 764 -14.90 -12.54 -24.78
N VAL D 765 -14.48 -12.45 -26.04
CA VAL D 765 -15.46 -12.38 -27.14
C VAL D 765 -16.27 -13.67 -27.24
N ASP D 766 -15.57 -14.81 -27.24
CA ASP D 766 -16.25 -16.09 -27.32
C ASP D 766 -17.24 -16.26 -26.17
N GLY D 767 -16.80 -15.96 -24.95
CA GLY D 767 -17.68 -16.08 -23.80
C GLY D 767 -18.86 -15.14 -23.87
N VAL D 768 -18.64 -13.92 -24.34
CA VAL D 768 -19.73 -12.95 -24.41
C VAL D 768 -20.74 -13.38 -25.49
N ILE D 769 -20.26 -13.77 -26.67
CA ILE D 769 -21.15 -14.17 -27.76
C ILE D 769 -22.06 -15.31 -27.31
N TYR D 770 -21.50 -16.37 -26.72
CA TYR D 770 -22.34 -17.48 -26.29
C TYR D 770 -23.26 -17.07 -25.13
N SER D 771 -22.77 -16.25 -24.20
CA SER D 771 -23.65 -15.82 -23.09
C SER D 771 -24.82 -14.99 -23.58
N ALA D 772 -24.62 -14.20 -24.64
CA ALA D 772 -25.63 -13.28 -25.13
C ALA D 772 -26.61 -13.93 -26.11
N PHE D 773 -26.13 -14.82 -26.96
CA PHE D 773 -26.92 -15.32 -28.06
C PHE D 773 -27.22 -16.81 -27.97
N GLY D 774 -26.61 -17.53 -27.02
CA GLY D 774 -27.02 -18.89 -26.75
C GLY D 774 -28.50 -18.99 -26.43
N PHE D 775 -29.19 -19.93 -27.10
CA PHE D 775 -30.66 -20.02 -27.10
C PHE D 775 -31.31 -18.64 -27.34
N SER D 776 -30.69 -17.87 -28.23
CA SER D 776 -31.21 -16.56 -28.64
C SER D 776 -31.45 -15.66 -27.43
N GLY D 777 -30.61 -15.80 -26.41
CA GLY D 777 -30.72 -14.93 -25.25
C GLY D 777 -31.88 -15.21 -24.32
N GLN D 778 -32.59 -16.32 -24.50
CA GLN D 778 -33.78 -16.61 -23.68
C GLN D 778 -33.41 -17.37 -22.41
N LYS D 779 -32.51 -16.79 -21.63
CA LYS D 779 -32.09 -17.40 -20.37
C LYS D 779 -32.10 -16.33 -19.31
N CYS D 780 -32.50 -16.71 -18.09
CA CYS D 780 -32.43 -15.78 -16.98
C CYS D 780 -30.99 -15.36 -16.67
N SER D 781 -30.02 -16.18 -17.08
CA SER D 781 -28.61 -15.90 -16.87
C SER D 781 -27.97 -15.17 -18.05
N ALA D 782 -28.73 -14.89 -19.12
CA ALA D 782 -28.12 -14.40 -20.36
C ALA D 782 -27.43 -13.05 -20.16
N ALA D 783 -26.30 -12.88 -20.84
CA ALA D 783 -25.62 -11.59 -20.87
C ALA D 783 -26.38 -10.64 -21.79
N SER D 784 -27.01 -9.61 -21.22
CA SER D 784 -27.68 -8.59 -22.00
C SER D 784 -26.97 -7.25 -21.94
N ARG D 785 -25.96 -7.12 -21.08
CA ARG D 785 -25.16 -5.91 -20.92
C ARG D 785 -23.69 -6.29 -20.99
N VAL D 786 -22.93 -5.57 -21.80
CA VAL D 786 -21.49 -5.74 -21.84
C VAL D 786 -20.87 -4.39 -21.51
N ILE D 787 -20.17 -4.32 -20.40
CA ILE D 787 -19.63 -3.08 -19.86
C ILE D 787 -18.13 -3.07 -20.17
N VAL D 788 -17.70 -2.16 -21.03
CA VAL D 788 -16.38 -2.24 -21.64
C VAL D 788 -15.56 -1.02 -21.25
N LEU D 789 -14.38 -1.26 -20.67
CA LEU D 789 -13.53 -0.15 -20.26
C LEU D 789 -12.98 0.59 -21.49
N ASP D 790 -12.66 1.86 -21.29
CA ASP D 790 -12.49 2.78 -22.41
C ASP D 790 -11.31 2.40 -23.32
N GLU D 791 -10.16 2.05 -22.74
CA GLU D 791 -8.98 1.80 -23.56
C GLU D 791 -9.17 0.60 -24.52
N VAL D 792 -9.92 -0.41 -24.10
CA VAL D 792 -10.09 -1.62 -24.90
C VAL D 792 -11.39 -1.60 -25.72
N TYR D 793 -12.17 -0.52 -25.64
CA TYR D 793 -13.51 -0.52 -26.23
C TYR D 793 -13.48 -0.85 -27.73
N ASP D 794 -12.66 -0.14 -28.51
CA ASP D 794 -12.69 -0.32 -29.96
C ASP D 794 -12.22 -1.71 -30.37
N ARG D 795 -11.12 -2.19 -29.81
CA ARG D 795 -10.61 -3.51 -30.17
C ARG D 795 -11.64 -4.59 -29.84
N PHE D 796 -12.21 -4.53 -28.63
CA PHE D 796 -13.18 -5.55 -28.23
C PHE D 796 -14.46 -5.46 -29.06
N VAL D 797 -15.01 -4.24 -29.22
CA VAL D 797 -16.30 -4.14 -29.89
C VAL D 797 -16.20 -4.60 -31.34
N ASP D 798 -15.08 -4.27 -32.01
CA ASP D 798 -14.91 -4.69 -33.40
C ASP D 798 -14.93 -6.21 -33.55
N ARG D 799 -14.20 -6.91 -32.69
CA ARG D 799 -14.19 -8.37 -32.77
C ARG D 799 -15.54 -8.93 -32.40
N LEU D 800 -16.21 -8.29 -31.43
CA LEU D 800 -17.54 -8.73 -31.05
C LEU D 800 -18.47 -8.68 -32.24
N VAL D 801 -18.46 -7.54 -32.94
CA VAL D 801 -19.34 -7.33 -34.09
C VAL D 801 -19.01 -8.31 -35.21
N GLU D 802 -17.73 -8.45 -35.54
CA GLU D 802 -17.36 -9.39 -36.61
C GLU D 802 -17.72 -10.82 -36.24
N THR D 803 -17.57 -11.20 -34.95
CA THR D 803 -17.95 -12.54 -34.56
C THR D 803 -19.46 -12.73 -34.61
N ALA D 804 -20.22 -11.72 -34.19
CA ALA D 804 -21.68 -11.78 -34.30
C ALA D 804 -22.15 -11.88 -35.75
N LYS D 805 -21.45 -11.23 -36.68
CA LYS D 805 -21.76 -11.37 -38.10
C LYS D 805 -21.61 -12.81 -38.59
N SER D 806 -20.81 -13.62 -37.88
CA SER D 806 -20.44 -14.95 -38.35
C SER D 806 -21.37 -16.06 -37.86
N ILE D 807 -22.19 -15.84 -36.84
CA ILE D 807 -22.98 -16.96 -36.32
C ILE D 807 -24.23 -17.16 -37.17
N GLU D 808 -24.68 -18.41 -37.25
CA GLU D 808 -25.74 -18.80 -38.16
C GLU D 808 -27.07 -18.99 -37.42
N ILE D 809 -28.14 -18.50 -38.03
CA ILE D 809 -29.49 -18.63 -37.49
C ILE D 809 -30.25 -19.57 -38.40
N HIS D 810 -30.74 -20.67 -37.86
CA HIS D 810 -31.45 -21.68 -38.62
C HIS D 810 -32.59 -22.25 -37.79
N PRO D 811 -33.53 -22.94 -38.43
CA PRO D 811 -34.42 -23.84 -37.67
C PRO D 811 -33.61 -24.70 -36.72
N ALA D 812 -34.15 -24.93 -35.51
CA ALA D 812 -33.40 -25.63 -34.47
C ALA D 812 -33.06 -27.05 -34.90
N GLU D 813 -33.89 -27.62 -35.75
CA GLU D 813 -33.69 -28.97 -36.26
C GLU D 813 -32.39 -29.08 -37.04
N ASN D 814 -31.97 -27.99 -37.66
CA ASN D 814 -30.74 -27.99 -38.44
C ASN D 814 -29.54 -28.00 -37.50
N PRO D 815 -28.67 -29.01 -37.56
CA PRO D 815 -27.48 -29.04 -36.68
C PRO D 815 -26.54 -27.86 -36.87
N LYS D 816 -26.68 -27.08 -37.93
CA LYS D 816 -25.82 -25.92 -38.12
C LYS D 816 -26.32 -24.68 -37.35
N ALA D 817 -27.49 -24.74 -36.71
CA ALA D 817 -28.03 -23.56 -36.02
C ALA D 817 -27.15 -23.19 -34.83
N TYR D 818 -26.63 -21.95 -34.83
CA TYR D 818 -26.06 -21.40 -33.60
C TYR D 818 -27.16 -20.90 -32.69
N MET D 819 -28.04 -20.05 -33.21
CA MET D 819 -29.28 -19.72 -32.55
C MET D 819 -30.43 -20.09 -33.48
N GLY D 820 -31.56 -20.44 -32.88
CA GLY D 820 -32.80 -20.64 -33.60
C GLY D 820 -33.78 -19.53 -33.30
N PRO D 821 -35.09 -19.84 -33.31
CA PRO D 821 -36.11 -18.81 -33.07
C PRO D 821 -36.33 -18.56 -31.59
N VAL D 822 -37.05 -17.47 -31.30
CA VAL D 822 -37.55 -17.22 -29.95
C VAL D 822 -38.88 -17.97 -29.82
N VAL D 823 -39.48 -17.95 -28.63
CA VAL D 823 -40.38 -19.04 -28.25
C VAL D 823 -41.71 -18.99 -29.00
N ASP D 824 -42.31 -17.81 -29.16
CA ASP D 824 -43.65 -17.73 -29.73
C ASP D 824 -43.87 -16.35 -30.34
N LYS D 825 -45.06 -16.16 -30.94
CA LYS D 825 -45.32 -14.94 -31.68
C LYS D 825 -45.32 -13.70 -30.78
N GLU D 826 -45.88 -13.83 -29.58
CA GLU D 826 -45.89 -12.73 -28.61
C GLU D 826 -44.48 -12.24 -28.31
N ALA D 827 -43.58 -13.16 -27.96
CA ALA D 827 -42.21 -12.78 -27.65
C ALA D 827 -41.52 -12.19 -28.88
N TYR D 828 -41.75 -12.82 -30.04
CA TYR D 828 -41.21 -12.30 -31.30
C TYR D 828 -41.63 -10.84 -31.54
N ASP D 829 -42.94 -10.58 -31.46
CA ASP D 829 -43.40 -9.22 -31.69
C ASP D 829 -42.87 -8.26 -30.64
N ARG D 830 -42.88 -8.68 -29.37
CA ARG D 830 -42.35 -7.83 -28.30
C ARG D 830 -40.87 -7.49 -28.53
N ILE D 831 -40.07 -8.49 -28.90
CA ILE D 831 -38.62 -8.30 -29.06
C ILE D 831 -38.32 -7.40 -30.26
N LEU D 832 -39.00 -7.62 -31.39
CA LEU D 832 -38.80 -6.72 -32.52
C LEU D 832 -39.27 -5.29 -32.22
N GLY D 833 -40.32 -5.15 -31.40
CA GLY D 833 -40.73 -3.81 -30.98
C GLY D 833 -39.65 -3.14 -30.16
N THR D 834 -39.01 -3.91 -29.26
CA THR D 834 -37.88 -3.40 -28.49
C THR D 834 -36.71 -3.06 -29.39
N ILE D 835 -36.43 -3.91 -30.39
CA ILE D 835 -35.35 -3.61 -31.32
C ILE D 835 -35.63 -2.32 -32.10
N ALA D 836 -36.86 -2.16 -32.58
CA ALA D 836 -37.18 -0.95 -33.35
C ALA D 836 -37.09 0.30 -32.46
N GLU D 837 -37.57 0.21 -31.22
CA GLU D 837 -37.45 1.36 -30.32
C GLU D 837 -35.98 1.70 -30.04
N ALA D 838 -35.16 0.69 -29.77
CA ALA D 838 -33.77 0.97 -29.42
C ALA D 838 -33.01 1.56 -30.59
N GLU D 839 -33.39 1.22 -31.83
CA GLU D 839 -32.73 1.81 -32.99
C GLU D 839 -32.99 3.30 -33.08
N LYS D 840 -34.07 3.78 -32.47
CA LYS D 840 -34.34 5.22 -32.46
C LYS D 840 -33.54 5.95 -31.37
N ASN D 841 -33.01 5.24 -30.39
CA ASN D 841 -32.40 5.87 -29.23
C ASN D 841 -30.89 5.70 -29.14
N HIS D 842 -30.33 4.64 -29.72
CA HIS D 842 -28.93 4.29 -29.52
C HIS D 842 -28.31 3.85 -30.83
N LYS D 843 -26.99 3.97 -30.89
CA LYS D 843 -26.21 3.57 -32.06
C LYS D 843 -26.30 2.06 -32.28
N LEU D 844 -26.77 1.68 -33.48
CA LEU D 844 -26.87 0.27 -33.86
C LEU D 844 -25.53 -0.18 -34.40
N LEU D 845 -24.90 -1.15 -33.71
CA LEU D 845 -23.62 -1.67 -34.14
C LEU D 845 -23.74 -2.87 -35.07
N PHE D 846 -24.81 -3.65 -34.94
CA PHE D 846 -24.97 -4.87 -35.72
C PHE D 846 -26.40 -5.38 -35.55
N LYS D 847 -26.98 -5.84 -36.65
CA LYS D 847 -28.22 -6.60 -36.62
C LYS D 847 -28.10 -7.72 -37.65
N GLY D 848 -28.31 -8.96 -37.21
CA GLY D 848 -28.12 -10.07 -38.12
C GLY D 848 -29.29 -10.27 -39.07
N SER D 849 -29.04 -11.05 -40.11
CA SER D 849 -30.08 -11.50 -41.03
C SER D 849 -30.59 -12.87 -40.60
N VAL D 850 -31.89 -13.09 -40.84
CA VAL D 850 -32.56 -14.30 -40.35
C VAL D 850 -33.46 -14.84 -41.45
N PRO D 851 -33.69 -16.15 -41.42
CA PRO D 851 -34.62 -16.76 -42.38
C PRO D 851 -36.07 -16.45 -42.02
N GLY D 852 -36.98 -16.80 -42.94
CA GLY D 852 -38.40 -16.68 -42.68
C GLY D 852 -38.99 -17.98 -42.16
N GLY D 853 -40.32 -17.96 -41.99
CA GLY D 853 -41.08 -19.14 -41.63
C GLY D 853 -41.27 -19.38 -40.15
N GLY D 854 -40.58 -18.64 -39.29
CA GLY D 854 -40.73 -18.81 -37.87
C GLY D 854 -40.33 -17.56 -37.14
N PHE D 855 -40.26 -17.67 -35.81
CA PHE D 855 -40.07 -16.50 -34.94
C PHE D 855 -38.58 -16.18 -34.78
N PHE D 856 -37.92 -15.90 -35.90
CA PHE D 856 -36.46 -15.68 -35.89
C PHE D 856 -36.15 -14.22 -35.58
N ALA D 857 -35.89 -13.93 -34.32
CA ALA D 857 -35.44 -12.59 -33.98
C ALA D 857 -33.94 -12.47 -34.27
N PRO D 858 -33.49 -11.35 -34.82
CA PRO D 858 -32.08 -11.24 -35.23
C PRO D 858 -31.20 -10.92 -34.03
N PRO D 859 -29.97 -11.44 -33.99
CA PRO D 859 -29.04 -10.97 -32.95
C PRO D 859 -28.71 -9.52 -33.22
N THR D 860 -28.83 -8.69 -32.18
CA THR D 860 -28.75 -7.25 -32.32
C THR D 860 -27.84 -6.70 -31.22
N ILE D 861 -26.93 -5.79 -31.61
CA ILE D 861 -25.99 -5.15 -30.67
C ILE D 861 -26.06 -3.64 -30.81
N PHE D 862 -26.32 -2.95 -29.69
CA PHE D 862 -26.28 -1.49 -29.65
C PHE D 862 -25.03 -1.01 -28.90
N GLY D 863 -24.52 0.14 -29.30
CA GLY D 863 -23.29 0.67 -28.73
C GLY D 863 -23.46 1.97 -27.99
N ASP D 864 -22.54 2.28 -27.07
CA ASP D 864 -22.58 3.49 -26.25
C ASP D 864 -23.93 3.69 -25.60
N VAL D 865 -24.49 2.62 -25.08
CA VAL D 865 -25.77 2.70 -24.36
C VAL D 865 -25.50 3.28 -22.96
N PRO D 866 -26.26 4.28 -22.53
CA PRO D 866 -26.13 4.77 -21.15
C PRO D 866 -26.53 3.70 -20.14
N GLY D 867 -25.81 3.68 -19.01
CA GLY D 867 -26.04 2.65 -18.01
C GLY D 867 -27.44 2.68 -17.43
N ASP D 868 -28.07 3.84 -17.40
CA ASP D 868 -29.42 3.96 -16.89
C ASP D 868 -30.50 3.97 -17.98
N ALA D 869 -30.12 3.72 -19.23
CA ALA D 869 -31.12 3.67 -20.30
C ALA D 869 -32.05 2.48 -20.11
N LYS D 870 -33.29 2.63 -20.58
CA LYS D 870 -34.24 1.53 -20.44
C LYS D 870 -33.71 0.23 -21.04
N LEU D 871 -33.07 0.32 -22.22
CA LEU D 871 -32.51 -0.87 -22.86
C LEU D 871 -31.52 -1.59 -21.94
N ALA D 872 -30.85 -0.85 -21.06
CA ALA D 872 -29.84 -1.40 -20.16
C ALA D 872 -30.39 -1.75 -18.79
N GLN D 873 -31.72 -1.73 -18.61
CA GLN D 873 -32.37 -1.95 -17.33
C GLN D 873 -33.45 -3.03 -17.36
N ALA D 874 -34.30 -3.03 -18.38
CA ALA D 874 -35.40 -3.99 -18.45
C ALA D 874 -34.95 -5.29 -19.09
N GLU D 875 -35.40 -6.41 -18.52
CA GLU D 875 -35.05 -7.72 -19.07
C GLU D 875 -35.80 -7.97 -20.39
N ILE D 876 -35.07 -8.39 -21.42
CA ILE D 876 -35.67 -8.56 -22.74
C ILE D 876 -35.90 -10.04 -23.10
N PHE D 877 -35.07 -10.95 -22.63
CA PHE D 877 -35.24 -12.38 -22.93
C PHE D 877 -35.24 -12.62 -24.44
N GLY D 878 -34.34 -11.95 -25.14
CA GLY D 878 -34.17 -12.06 -26.56
C GLY D 878 -32.73 -11.75 -26.92
N PRO D 879 -32.37 -11.88 -28.23
CA PRO D 879 -30.97 -11.74 -28.66
C PRO D 879 -30.54 -10.29 -28.89
N VAL D 880 -30.57 -9.50 -27.81
CA VAL D 880 -30.36 -8.06 -27.85
C VAL D 880 -29.37 -7.67 -26.77
N VAL D 881 -28.25 -7.07 -27.18
CA VAL D 881 -27.12 -6.76 -26.31
C VAL D 881 -26.88 -5.26 -26.29
N ALA D 882 -26.62 -4.72 -25.08
CA ALA D 882 -26.23 -3.33 -24.90
C ALA D 882 -24.77 -3.27 -24.48
N VAL D 883 -23.95 -2.65 -25.32
CA VAL D 883 -22.55 -2.39 -25.00
C VAL D 883 -22.51 -1.02 -24.32
N ILE D 884 -21.95 -0.99 -23.11
CA ILE D 884 -21.91 0.21 -22.28
C ILE D 884 -20.44 0.57 -22.04
N ARG D 885 -20.12 1.85 -22.19
CA ARG D 885 -18.76 2.32 -22.01
C ARG D 885 -18.51 2.63 -20.54
N ALA D 886 -17.29 2.33 -20.07
CA ALA D 886 -16.90 2.64 -18.71
C ALA D 886 -15.50 3.26 -18.72
N LYS D 887 -15.31 4.34 -17.94
CA LYS D 887 -14.02 4.98 -17.84
C LYS D 887 -13.01 4.09 -17.13
N ASN D 888 -13.44 3.38 -16.10
CA ASN D 888 -12.54 2.57 -15.28
C ASN D 888 -13.38 1.53 -14.53
N LEU D 889 -12.71 0.72 -13.72
CA LEU D 889 -13.40 -0.35 -13.00
C LEU D 889 -14.43 0.19 -12.00
N ASP D 890 -14.15 1.33 -11.36
CA ASP D 890 -15.12 1.97 -10.47
C ASP D 890 -16.46 2.16 -11.17
N GLN D 891 -16.44 2.82 -12.33
CA GLN D 891 -17.68 3.09 -13.03
C GLN D 891 -18.30 1.81 -13.56
N ALA D 892 -17.46 0.86 -14.00
CA ALA D 892 -17.97 -0.40 -14.51
C ALA D 892 -18.77 -1.15 -13.46
N LEU D 893 -18.25 -1.20 -12.21
CA LEU D 893 -18.97 -1.86 -11.13
C LEU D 893 -20.24 -1.09 -10.76
N ASP D 894 -20.17 0.24 -10.69
CA ASP D 894 -21.38 1.03 -10.41
C ASP D 894 -22.47 0.73 -11.43
N ILE D 895 -22.12 0.76 -12.73
CA ILE D 895 -23.08 0.44 -13.77
C ILE D 895 -23.58 -0.99 -13.61
N ALA D 896 -22.67 -1.94 -13.38
CA ALA D 896 -23.10 -3.33 -13.28
C ALA D 896 -24.07 -3.53 -12.13
N ASN D 897 -23.87 -2.79 -11.02
CA ASN D 897 -24.70 -2.91 -9.83
C ASN D 897 -25.96 -2.06 -9.87
N SER D 898 -26.24 -1.36 -10.97
CA SER D 898 -27.26 -0.31 -10.98
C SER D 898 -28.64 -0.79 -11.40
N THR D 899 -28.87 -2.08 -11.57
CA THR D 899 -30.18 -2.56 -11.98
C THR D 899 -30.96 -3.10 -10.77
N GLU D 900 -32.21 -3.46 -11.06
CA GLU D 900 -33.15 -4.16 -10.19
C GLU D 900 -32.75 -5.61 -9.91
N TYR D 901 -31.78 -6.16 -10.63
CA TYR D 901 -31.54 -7.59 -10.60
C TYR D 901 -30.16 -7.92 -10.05
N ALA D 902 -30.01 -9.17 -9.62
CA ALA D 902 -28.75 -9.65 -9.02
C ALA D 902 -28.63 -11.15 -9.29
N LEU D 903 -28.67 -11.55 -10.57
CA LEU D 903 -28.65 -12.98 -10.85
C LEU D 903 -27.23 -13.43 -11.25
N THR D 904 -26.83 -13.22 -12.51
CA THR D 904 -25.48 -13.57 -12.95
C THR D 904 -24.70 -12.31 -13.33
N GLY D 905 -23.39 -12.46 -13.35
CA GLY D 905 -22.50 -11.40 -13.78
C GLY D 905 -21.10 -11.93 -13.92
N GLY D 906 -20.28 -11.20 -14.68
CA GLY D 906 -18.94 -11.67 -14.95
C GLY D 906 -17.97 -10.58 -15.33
N VAL D 907 -16.69 -10.91 -15.25
CA VAL D 907 -15.61 -10.03 -15.64
C VAL D 907 -14.59 -10.86 -16.41
N PHE D 908 -14.01 -10.26 -17.44
CA PHE D 908 -12.80 -10.76 -18.08
C PHE D 908 -11.66 -9.82 -17.72
N SER D 909 -10.67 -10.35 -17.01
CA SER D 909 -9.59 -9.52 -16.49
C SER D 909 -8.38 -10.39 -16.21
N ARG D 910 -7.20 -9.79 -16.33
CA ARG D 910 -5.96 -10.45 -15.95
C ARG D 910 -5.22 -9.61 -14.92
N SER D 911 -5.99 -8.88 -14.13
CA SER D 911 -5.50 -8.13 -12.98
C SER D 911 -5.96 -8.84 -11.71
N PRO D 912 -5.05 -9.39 -10.90
CA PRO D 912 -5.51 -10.03 -9.65
C PRO D 912 -6.32 -9.10 -8.76
N ALA D 913 -5.92 -7.82 -8.63
CA ALA D 913 -6.63 -6.91 -7.75
C ALA D 913 -8.00 -6.52 -8.33
N ASN D 914 -8.10 -6.35 -9.65
CA ASN D 914 -9.40 -6.07 -10.27
C ASN D 914 -10.33 -7.27 -10.13
N ILE D 915 -9.81 -8.48 -10.29
CA ILE D 915 -10.64 -9.67 -10.08
C ILE D 915 -11.16 -9.71 -8.64
N ASN D 916 -10.30 -9.38 -7.67
CA ASN D 916 -10.73 -9.40 -6.27
C ASN D 916 -11.80 -8.33 -6.00
N ARG D 917 -11.66 -7.15 -6.61
CA ARG D 917 -12.68 -6.13 -6.44
C ARG D 917 -14.02 -6.60 -6.96
N VAL D 918 -14.03 -7.24 -8.13
CA VAL D 918 -15.28 -7.74 -8.70
C VAL D 918 -15.86 -8.82 -7.79
N LYS D 919 -15.03 -9.74 -7.31
CA LYS D 919 -15.51 -10.76 -6.39
C LYS D 919 -16.19 -10.15 -5.17
N GLU D 920 -15.63 -9.05 -4.66
CA GLU D 920 -16.13 -8.43 -3.44
C GLU D 920 -17.23 -7.41 -3.66
N GLU D 921 -17.36 -6.84 -4.86
CA GLU D 921 -18.27 -5.72 -5.04
C GLU D 921 -19.37 -5.94 -6.05
N LEU D 922 -19.26 -6.92 -6.95
CA LEU D 922 -20.30 -7.16 -7.93
C LEU D 922 -21.46 -7.90 -7.26
N GLU D 923 -22.66 -7.30 -7.31
CA GLU D 923 -23.82 -7.81 -6.57
C GLU D 923 -24.62 -8.79 -7.45
N VAL D 924 -24.18 -10.06 -7.46
CA VAL D 924 -24.87 -11.12 -8.20
C VAL D 924 -24.78 -12.42 -7.39
N GLY D 925 -25.72 -13.32 -7.67
CA GLY D 925 -25.74 -14.61 -7.00
C GLY D 925 -24.82 -15.64 -7.63
N ASN D 926 -24.52 -15.48 -8.91
CA ASN D 926 -23.58 -16.36 -9.60
C ASN D 926 -22.56 -15.47 -10.29
N LEU D 927 -21.34 -15.46 -9.77
CA LEU D 927 -20.28 -14.61 -10.27
C LEU D 927 -19.30 -15.46 -11.07
N TYR D 928 -18.92 -14.98 -12.27
CA TYR D 928 -17.98 -15.70 -13.13
C TYR D 928 -16.78 -14.82 -13.44
N VAL D 929 -15.59 -15.43 -13.40
CA VAL D 929 -14.34 -14.75 -13.72
C VAL D 929 -13.72 -15.47 -14.91
N ASN D 930 -13.56 -14.74 -16.02
CA ASN D 930 -12.85 -15.20 -17.21
C ASN D 930 -13.52 -16.41 -17.86
N ARG D 931 -14.85 -16.43 -17.85
CA ARG D 931 -15.62 -17.39 -18.64
C ARG D 931 -17.02 -16.82 -18.81
N GLY D 932 -17.82 -17.49 -19.64
CA GLY D 932 -19.20 -17.08 -19.83
C GLY D 932 -20.04 -17.21 -18.57
N ILE D 933 -21.20 -16.56 -18.59
CA ILE D 933 -22.03 -16.44 -17.39
C ILE D 933 -23.32 -17.25 -17.51
N THR D 934 -23.41 -18.14 -18.49
CA THR D 934 -24.52 -19.07 -18.58
C THR D 934 -24.02 -20.48 -18.34
N GLY D 935 -24.88 -21.46 -18.54
CA GLY D 935 -24.48 -22.84 -18.43
C GLY D 935 -24.22 -23.32 -17.02
N ALA D 936 -24.87 -22.74 -16.02
CA ALA D 936 -24.68 -23.25 -14.67
C ALA D 936 -25.10 -24.71 -14.58
N MET D 937 -24.27 -25.52 -13.92
CA MET D 937 -24.54 -26.93 -13.76
C MET D 937 -24.82 -27.26 -12.30
N VAL D 938 -25.66 -28.27 -12.10
CA VAL D 938 -25.93 -28.78 -10.77
C VAL D 938 -24.61 -29.09 -10.06
N ASP D 939 -24.55 -28.73 -8.77
CA ASP D 939 -23.40 -28.95 -7.90
C ASP D 939 -22.23 -28.02 -8.21
N ARG D 940 -21.87 -27.89 -9.49
CA ARG D 940 -20.74 -27.04 -9.89
C ARG D 940 -21.04 -25.55 -9.68
N HIS D 941 -22.22 -25.09 -10.05
CA HIS D 941 -22.56 -23.67 -9.97
C HIS D 941 -23.99 -23.50 -9.49
N PRO D 942 -24.25 -23.72 -8.21
CA PRO D 942 -25.62 -23.59 -7.70
C PRO D 942 -26.21 -22.24 -8.08
N PHE D 943 -27.43 -22.28 -8.61
CA PHE D 943 -27.93 -21.19 -9.44
C PHE D 943 -29.07 -20.45 -8.77
N GLY D 944 -28.95 -19.14 -8.70
CA GLY D 944 -29.98 -18.28 -8.12
C GLY D 944 -29.36 -17.03 -7.55
N GLY D 945 -30.19 -16.01 -7.40
CA GLY D 945 -29.73 -14.71 -6.98
C GLY D 945 -30.76 -13.92 -6.18
N PHE D 946 -30.49 -12.63 -5.99
CA PHE D 946 -31.30 -11.81 -5.08
C PHE D 946 -31.74 -10.52 -5.76
N LYS D 947 -31.96 -9.47 -4.95
CA LYS D 947 -32.72 -8.32 -5.42
C LYS D 947 -34.00 -8.86 -6.07
N MET D 948 -34.38 -8.35 -7.24
CA MET D 948 -35.62 -8.80 -7.87
C MET D 948 -35.42 -10.05 -8.73
N SER D 949 -34.27 -10.71 -8.60
CA SER D 949 -34.04 -11.96 -9.30
C SER D 949 -34.63 -13.17 -8.59
N GLY D 950 -35.08 -13.02 -7.35
CA GLY D 950 -35.80 -14.10 -6.71
C GLY D 950 -35.62 -14.08 -5.20
N ILE D 951 -36.12 -15.14 -4.57
CA ILE D 951 -35.90 -15.35 -3.15
C ILE D 951 -36.01 -16.84 -2.87
N GLY D 952 -35.04 -17.36 -2.11
CA GLY D 952 -35.12 -18.71 -1.61
C GLY D 952 -34.85 -19.82 -2.60
N SER D 953 -34.37 -19.50 -3.81
CA SER D 953 -34.15 -20.49 -4.87
C SER D 953 -32.67 -20.50 -5.23
N LYS D 954 -31.94 -21.47 -4.70
CA LYS D 954 -30.54 -21.69 -5.09
C LYS D 954 -30.43 -23.15 -5.57
N THR D 955 -30.85 -23.38 -6.82
CA THR D 955 -31.02 -24.76 -7.31
C THR D 955 -29.67 -25.47 -7.46
N GLY D 956 -29.70 -26.79 -7.32
CA GLY D 956 -28.50 -27.60 -7.49
C GLY D 956 -27.41 -27.36 -6.47
N GLY D 957 -27.78 -26.86 -5.29
CA GLY D 957 -26.86 -26.61 -4.21
C GLY D 957 -27.36 -27.16 -2.90
N PRO D 958 -26.53 -27.09 -1.86
CA PRO D 958 -26.82 -27.84 -0.63
C PRO D 958 -27.90 -27.22 0.27
N ASP D 959 -28.51 -26.10 -0.09
CA ASP D 959 -29.62 -25.55 0.70
C ASP D 959 -30.99 -25.76 0.06
N TYR D 960 -31.04 -26.18 -1.20
CA TYR D 960 -32.28 -26.06 -1.97
C TYR D 960 -33.36 -27.03 -1.47
N LEU D 961 -33.00 -28.29 -1.27
CA LEU D 961 -33.97 -29.32 -0.89
C LEU D 961 -34.65 -28.97 0.42
N LYS D 962 -33.93 -28.33 1.35
CA LYS D 962 -34.50 -27.95 2.63
C LYS D 962 -35.64 -26.95 2.48
N GLN D 963 -35.66 -26.18 1.38
CA GLN D 963 -36.79 -25.27 1.15
C GLN D 963 -38.12 -26.01 1.03
N TYR D 964 -38.11 -27.28 0.66
CA TYR D 964 -39.33 -28.04 0.55
C TYR D 964 -39.70 -28.77 1.83
N MET D 965 -39.05 -28.46 2.95
CA MET D 965 -39.23 -29.22 4.18
C MET D 965 -39.39 -28.27 5.37
N GLU D 966 -39.79 -28.85 6.51
CA GLU D 966 -39.80 -28.19 7.82
C GLU D 966 -38.80 -28.88 8.72
N PRO D 967 -37.94 -28.13 9.41
CA PRO D 967 -37.09 -28.74 10.44
C PRO D 967 -37.88 -29.03 11.70
N ALA D 968 -37.49 -30.09 12.40
CA ALA D 968 -38.13 -30.48 13.64
C ALA D 968 -37.09 -31.09 14.56
N CYS D 969 -37.46 -31.17 15.84
CA CYS D 969 -36.58 -31.68 16.87
C CYS D 969 -37.37 -32.70 17.68
N VAL D 970 -36.76 -33.87 17.92
CA VAL D 970 -37.33 -34.90 18.79
C VAL D 970 -36.39 -35.08 19.96
N THR D 971 -36.90 -34.88 21.18
CA THR D 971 -36.14 -34.91 22.42
C THR D 971 -36.77 -35.94 23.34
N GLU D 972 -35.97 -36.93 23.75
CA GLU D 972 -36.45 -38.03 24.59
C GLU D 972 -35.56 -38.15 25.83
N ASN D 973 -36.18 -38.02 27.00
CA ASN D 973 -35.51 -38.32 28.26
C ASN D 973 -35.33 -39.83 28.38
N THR D 974 -34.08 -40.28 28.50
CA THR D 974 -33.80 -41.70 28.65
C THR D 974 -33.44 -42.09 30.08
N LEU D 975 -33.46 -41.14 31.02
CA LEU D 975 -33.09 -41.42 32.40
C LEU D 975 -34.32 -41.90 33.17
N ARG D 976 -34.27 -43.12 33.69
CA ARG D 976 -35.38 -43.70 34.44
C ARG D 976 -34.81 -44.43 35.64
N ARG D 977 -35.35 -44.13 36.82
CA ARG D 977 -34.92 -44.80 38.05
C ARG D 977 -33.41 -44.70 38.25
N GLY D 978 -32.86 -43.53 37.94
CA GLY D 978 -31.45 -43.25 38.15
C GLY D 978 -30.49 -43.86 37.17
N PHE D 979 -30.95 -44.37 36.03
CA PHE D 979 -30.04 -44.91 35.02
C PHE D 979 -30.56 -44.60 33.62
N ALA D 980 -29.63 -44.35 32.72
CA ALA D 980 -29.92 -44.10 31.33
C ALA D 980 -28.95 -44.93 30.50
N PRO D 981 -29.38 -45.48 29.37
CA PRO D 981 -28.46 -46.24 28.53
C PRO D 981 -27.40 -45.36 27.91
N ALA D 982 -26.19 -45.91 27.76
CA ALA D 982 -25.16 -45.20 27.04
C ALA D 982 -25.40 -45.30 25.53
N GLU D 983 -24.97 -44.28 24.81
CA GLU D 983 -25.02 -44.33 23.35
C GLU D 983 -23.64 -44.69 22.78
#